data_7OVC
#
_entry.id   7OVC
#
_cell.length_a   1.000
_cell.length_b   1.000
_cell.length_c   1.000
_cell.angle_alpha   90.00
_cell.angle_beta   90.00
_cell.angle_gamma   90.00
#
_symmetry.space_group_name_H-M   'P 1'
#
loop_
_entity.id
_entity.type
_entity.pdbx_description
1 polymer 'Ubiquitin-fold modifier-conjugating enzyme 1'
2 polymer 'Ubiquitin-like modifier-activating enzyme 5'
#
loop_
_entity_poly.entity_id
_entity_poly.type
_entity_poly.pdbx_seq_one_letter_code
_entity_poly.pdbx_strand_id
1 'polypeptide(L)'
;MADEATRRVVSEIPVLKTNAGPRDRELWVQRLKEEYQSLIRYVENNKNADNDWFRLESNKEGTRWFGKCWYIHDLLKYEF
DIEFDIPITYPTTAPEIAVPELDGKTAKMYRGGKICLTDHFKPLWARNVPKFGLAHLMALGLGPWLAVEIPDLIQKGVIQ
HKEKCNQ
;
A
2 'polypeptide(L)' GMSVTELTVEDSGESLEDLMAKMKNMW B
#
# COMPACT_ATOMS: atom_id res chain seq x y z
N MET A 1 1.44 16.91 12.96
CA MET A 1 2.37 16.50 11.90
C MET A 1 1.69 15.45 11.00
N ALA A 2 0.68 15.85 10.21
CA ALA A 2 -0.03 14.92 9.32
C ALA A 2 0.27 15.26 7.86
N ASP A 3 0.06 16.53 7.51
CA ASP A 3 0.28 17.06 6.16
C ASP A 3 1.75 16.89 5.75
N GLU A 4 2.68 17.03 6.70
CA GLU A 4 4.11 16.88 6.44
C GLU A 4 4.48 15.41 6.20
N ALA A 5 3.86 14.47 6.92
CA ALA A 5 4.13 13.05 6.74
C ALA A 5 3.70 12.70 5.32
N THR A 6 2.50 13.18 4.94
CA THR A 6 1.90 12.97 3.64
C THR A 6 2.86 13.51 2.55
N ARG A 7 3.34 14.75 2.70
CA ARG A 7 4.23 15.35 1.71
C ARG A 7 5.54 14.56 1.59
N ARG A 8 6.14 14.13 2.71
CA ARG A 8 7.39 13.39 2.69
C ARG A 8 7.23 12.09 1.93
N VAL A 9 6.17 11.36 2.25
CA VAL A 9 5.90 10.09 1.61
C VAL A 9 5.84 10.30 0.10
N VAL A 10 5.07 11.26 -0.41
CA VAL A 10 5.03 11.46 -1.85
C VAL A 10 6.41 11.95 -2.36
N SER A 11 7.14 12.73 -1.55
CA SER A 11 8.46 13.23 -1.90
C SER A 11 9.49 12.09 -1.99
N GLU A 12 9.25 10.91 -1.40
CA GLU A 12 10.19 9.80 -1.51
C GLU A 12 9.70 8.71 -2.50
N ILE A 13 8.38 8.58 -2.72
CA ILE A 13 7.80 7.60 -3.64
C ILE A 13 7.89 8.15 -5.08
N PRO A 14 8.49 7.42 -6.04
CA PRO A 14 8.60 7.91 -7.40
C PRO A 14 7.23 7.93 -8.09
N VAL A 15 6.95 8.97 -8.89
CA VAL A 15 5.66 9.10 -9.55
C VAL A 15 5.56 8.37 -10.89
N LEU A 16 4.36 7.88 -11.14
CA LEU A 16 3.94 7.14 -12.33
C LEU A 16 3.44 8.13 -13.39
N LYS A 17 2.84 7.62 -14.47
CA LYS A 17 2.29 8.38 -15.58
C LYS A 17 0.99 7.72 -16.05
N THR A 18 1.01 6.42 -16.39
CA THR A 18 -0.16 5.70 -16.86
C THR A 18 -1.22 5.56 -15.76
N ASN A 19 -2.51 5.50 -16.13
CA ASN A 19 -3.62 5.32 -15.19
C ASN A 19 -4.65 4.29 -15.66
N ALA A 20 -4.24 3.44 -16.60
CA ALA A 20 -5.10 2.42 -17.22
C ALA A 20 -5.72 1.41 -16.24
N GLY A 21 -6.66 0.62 -16.76
CA GLY A 21 -7.37 -0.42 -16.03
C GLY A 21 -7.02 -1.82 -16.55
N PRO A 22 -7.34 -2.89 -15.80
CA PRO A 22 -7.04 -4.25 -16.21
C PRO A 22 -7.87 -4.74 -17.40
N ARG A 23 -8.92 -4.00 -17.77
CA ARG A 23 -9.78 -4.34 -18.90
C ARG A 23 -8.95 -4.60 -20.16
N ASP A 24 -7.93 -3.77 -20.41
CA ASP A 24 -7.08 -3.93 -21.60
C ASP A 24 -5.79 -4.60 -21.20
N ARG A 25 -5.55 -5.80 -21.74
CA ARG A 25 -4.38 -6.64 -21.50
C ARG A 25 -3.08 -5.85 -21.58
N GLU A 26 -2.82 -5.22 -22.72
CA GLU A 26 -1.62 -4.43 -22.98
C GLU A 26 -1.51 -3.18 -22.11
N LEU A 27 -2.58 -2.37 -22.08
CA LEU A 27 -2.60 -1.13 -21.29
C LEU A 27 -2.29 -1.46 -19.84
N TRP A 28 -2.84 -2.58 -19.36
CA TRP A 28 -2.62 -3.07 -18.02
C TRP A 28 -1.15 -3.37 -17.83
N VAL A 29 -0.51 -4.13 -18.72
CA VAL A 29 0.92 -4.44 -18.60
C VAL A 29 1.68 -3.13 -18.40
N GLN A 30 1.41 -2.09 -19.20
CA GLN A 30 2.10 -0.80 -19.06
C GLN A 30 1.88 -0.19 -17.67
N ARG A 31 0.63 0.07 -17.30
CA ARG A 31 0.25 0.63 -16.01
C ARG A 31 0.87 -0.16 -14.86
N LEU A 32 0.65 -1.47 -14.86
CA LEU A 32 1.13 -2.41 -13.85
C LEU A 32 2.64 -2.32 -13.68
N LYS A 33 3.32 -2.21 -14.81
CA LYS A 33 4.78 -2.09 -14.88
C LYS A 33 5.23 -0.86 -14.10
N GLU A 34 4.66 0.31 -14.39
CA GLU A 34 5.09 1.51 -13.67
C GLU A 34 4.80 1.36 -12.18
N GLU A 35 3.66 0.78 -11.83
CA GLU A 35 3.27 0.57 -10.45
C GLU A 35 4.29 -0.31 -9.75
N TYR A 36 4.67 -1.43 -10.35
CA TYR A 36 5.65 -2.31 -9.77
C TYR A 36 6.95 -1.55 -9.56
N GLN A 37 7.49 -0.91 -10.59
CA GLN A 37 8.74 -0.15 -10.46
C GLN A 37 8.69 0.86 -9.32
N SER A 38 7.61 1.63 -9.21
CA SER A 38 7.47 2.60 -8.13
C SER A 38 7.42 1.94 -6.76
N LEU A 39 6.61 0.89 -6.62
CA LEU A 39 6.45 0.17 -5.36
C LEU A 39 7.75 -0.55 -4.99
N ILE A 40 8.40 -1.28 -5.91
CA ILE A 40 9.65 -1.98 -5.67
C ILE A 40 10.66 -0.95 -5.17
N ARG A 41 10.82 0.18 -5.87
CA ARG A 41 11.77 1.23 -5.44
C ARG A 41 11.44 1.62 -4.00
N TYR A 42 10.18 1.90 -3.70
CA TYR A 42 9.75 2.28 -2.36
C TYR A 42 10.11 1.21 -1.32
N VAL A 43 9.71 -0.06 -1.51
CA VAL A 43 10.02 -1.10 -0.53
C VAL A 43 11.51 -1.38 -0.45
N GLU A 44 12.25 -1.32 -1.57
CA GLU A 44 13.70 -1.56 -1.58
C GLU A 44 14.32 -0.57 -0.60
N ASN A 45 14.03 0.72 -0.78
CA ASN A 45 14.50 1.83 0.05
C ASN A 45 14.08 1.67 1.50
N ASN A 46 12.79 1.45 1.70
CA ASN A 46 12.19 1.32 3.02
C ASN A 46 12.78 0.15 3.82
N LYS A 47 12.79 -1.04 3.23
CA LYS A 47 13.32 -2.26 3.83
C LYS A 47 14.83 -2.14 4.02
N ASN A 48 15.58 -1.56 3.07
CA ASN A 48 17.03 -1.40 3.18
C ASN A 48 17.36 -0.50 4.37
N ALA A 49 16.52 0.50 4.64
CA ALA A 49 16.70 1.44 5.73
C ALA A 49 16.24 0.82 7.06
N ASP A 50 15.99 -0.49 7.08
CA ASP A 50 15.53 -1.26 8.23
C ASP A 50 14.32 -0.57 8.83
N ASN A 51 13.41 -0.13 7.96
CA ASN A 51 12.18 0.58 8.32
C ASN A 51 10.94 -0.17 7.78
N ASP A 52 11.10 -1.45 7.44
CA ASP A 52 10.01 -2.27 6.93
C ASP A 52 8.85 -2.34 7.94
N TRP A 53 7.64 -2.26 7.41
CA TRP A 53 6.39 -2.32 8.17
C TRP A 53 5.33 -3.13 7.41
N PHE A 54 5.47 -3.26 6.08
CA PHE A 54 4.58 -3.99 5.19
C PHE A 54 5.40 -4.78 4.17
N ARG A 55 4.75 -5.73 3.51
CA ARG A 55 5.26 -6.64 2.47
C ARG A 55 4.07 -6.87 1.54
N LEU A 56 4.18 -6.62 0.23
CA LEU A 56 3.08 -6.80 -0.72
C LEU A 56 3.53 -7.46 -2.02
N GLU A 57 2.85 -8.52 -2.44
CA GLU A 57 3.10 -9.30 -3.67
C GLU A 57 1.77 -9.51 -4.41
N SER A 58 1.79 -9.83 -5.70
CA SER A 58 0.55 -10.01 -6.49
C SER A 58 0.68 -11.16 -7.48
N ASN A 59 -0.45 -11.59 -8.04
CA ASN A 59 -0.48 -12.68 -9.03
C ASN A 59 0.14 -12.18 -10.34
N LYS A 60 0.44 -13.09 -11.28
CA LYS A 60 1.02 -12.77 -12.58
C LYS A 60 0.09 -11.87 -13.41
N GLU A 61 -1.18 -11.82 -13.06
CA GLU A 61 -2.23 -11.04 -13.74
C GLU A 61 -2.39 -9.65 -13.09
N GLY A 62 -1.83 -9.45 -11.90
CA GLY A 62 -1.86 -8.21 -11.14
C GLY A 62 -3.28 -7.76 -10.77
N THR A 63 -4.25 -8.66 -10.79
CA THR A 63 -5.64 -8.42 -10.46
C THR A 63 -5.83 -8.37 -8.95
N ARG A 64 -5.31 -9.39 -8.27
CA ARG A 64 -5.39 -9.54 -6.83
C ARG A 64 -3.99 -9.33 -6.27
N TRP A 65 -3.97 -8.63 -5.15
CA TRP A 65 -2.81 -8.24 -4.38
C TRP A 65 -2.98 -8.77 -2.97
N PHE A 66 -1.89 -9.26 -2.38
CA PHE A 66 -1.88 -9.79 -1.02
C PHE A 66 -0.56 -9.42 -0.37
N GLY A 67 -0.50 -9.52 0.94
CA GLY A 67 0.69 -9.17 1.68
C GLY A 67 0.43 -9.30 3.16
N LYS A 68 1.38 -8.82 3.96
CA LYS A 68 1.31 -8.84 5.41
C LYS A 68 2.04 -7.59 5.91
N CYS A 69 1.82 -7.22 7.17
CA CYS A 69 2.42 -6.07 7.81
C CYS A 69 2.70 -6.43 9.27
N TRP A 70 3.74 -5.82 9.84
CA TRP A 70 4.13 -6.05 11.23
C TRP A 70 4.38 -4.70 11.85
N TYR A 71 4.01 -4.54 13.11
CA TYR A 71 4.20 -3.28 13.82
C TYR A 71 4.85 -3.63 15.15
N ILE A 72 5.57 -2.67 15.73
CA ILE A 72 6.30 -2.82 16.97
C ILE A 72 5.97 -1.65 17.88
N HIS A 73 5.67 -1.94 19.15
CA HIS A 73 5.37 -0.93 20.14
C HIS A 73 5.47 -1.57 21.52
N ASP A 74 5.91 -0.81 22.52
CA ASP A 74 6.08 -1.22 23.91
C ASP A 74 6.91 -2.49 24.04
N LEU A 75 7.88 -2.65 23.13
CA LEU A 75 8.82 -3.76 23.01
C LEU A 75 8.11 -5.04 22.55
N LEU A 76 6.88 -4.96 22.03
CA LEU A 76 6.09 -6.09 21.56
C LEU A 76 6.03 -6.01 20.03
N LYS A 77 5.76 -7.15 19.41
CA LYS A 77 5.67 -7.34 17.97
C LYS A 77 4.34 -7.95 17.59
N TYR A 78 3.70 -7.42 16.54
CA TYR A 78 2.42 -7.91 16.02
C TYR A 78 2.52 -8.09 14.52
N GLU A 79 1.60 -8.89 13.95
CA GLU A 79 1.51 -9.19 12.53
C GLU A 79 0.04 -9.15 12.09
N PHE A 80 -0.20 -8.76 10.84
CA PHE A 80 -1.49 -8.67 10.19
C PHE A 80 -1.35 -9.06 8.71
N ASP A 81 -2.41 -9.65 8.15
CA ASP A 81 -2.48 -10.09 6.76
C ASP A 81 -3.38 -9.15 5.96
N ILE A 82 -3.16 -9.00 4.65
CA ILE A 82 -3.96 -8.15 3.77
C ILE A 82 -4.14 -8.80 2.41
N GLU A 83 -5.32 -8.63 1.81
CA GLU A 83 -5.65 -9.16 0.49
C GLU A 83 -6.78 -8.35 -0.13
N PHE A 84 -6.56 -7.78 -1.32
CA PHE A 84 -7.53 -7.00 -2.07
C PHE A 84 -7.43 -7.30 -3.57
N ASP A 85 -8.44 -6.88 -4.33
CA ASP A 85 -8.56 -7.05 -5.77
C ASP A 85 -8.91 -5.68 -6.38
N ILE A 86 -8.31 -5.37 -7.53
CA ILE A 86 -8.52 -4.10 -8.23
C ILE A 86 -9.81 -4.14 -9.08
N PRO A 87 -10.65 -3.10 -9.00
CA PRO A 87 -11.87 -3.04 -9.79
C PRO A 87 -11.51 -2.92 -11.27
N ILE A 88 -12.32 -3.50 -12.13
CA ILE A 88 -12.08 -3.46 -13.57
C ILE A 88 -12.14 -2.04 -14.13
N THR A 89 -12.93 -1.16 -13.51
CA THR A 89 -13.05 0.22 -13.94
C THR A 89 -11.96 1.12 -13.37
N TYR A 90 -11.32 0.73 -12.25
CA TYR A 90 -10.27 1.51 -11.57
C TYR A 90 -10.64 3.01 -11.55
N PRO A 91 -11.69 3.40 -10.81
CA PRO A 91 -12.16 4.77 -10.74
C PRO A 91 -11.23 5.70 -9.97
N THR A 92 -11.53 7.00 -9.99
CA THR A 92 -10.80 8.06 -9.30
C THR A 92 -10.81 7.84 -7.78
N THR A 93 -11.84 7.16 -7.28
CA THR A 93 -12.04 6.81 -5.89
C THR A 93 -11.13 5.60 -5.66
N ALA A 94 -10.22 5.72 -4.70
CA ALA A 94 -9.24 4.70 -4.33
C ALA A 94 -9.84 3.29 -4.13
N PRO A 95 -9.01 2.23 -4.24
CA PRO A 95 -9.45 0.84 -4.03
C PRO A 95 -9.69 0.62 -2.51
N GLU A 96 -10.15 -0.56 -2.11
CA GLU A 96 -10.42 -0.90 -0.72
C GLU A 96 -9.60 -2.12 -0.30
N ILE A 97 -8.89 -2.04 0.81
CA ILE A 97 -8.07 -3.13 1.36
C ILE A 97 -8.94 -3.84 2.42
N ALA A 98 -8.69 -5.14 2.62
CA ALA A 98 -9.35 -5.99 3.59
C ALA A 98 -8.23 -6.63 4.41
N VAL A 99 -8.49 -6.88 5.70
CA VAL A 99 -7.53 -7.47 6.62
C VAL A 99 -8.26 -8.64 7.30
N PRO A 100 -8.01 -9.91 6.93
CA PRO A 100 -8.69 -11.02 7.57
C PRO A 100 -8.26 -11.17 9.03
N GLU A 101 -7.03 -10.77 9.39
CA GLU A 101 -6.53 -10.88 10.75
C GLU A 101 -7.40 -10.07 11.73
N LEU A 102 -7.94 -8.94 11.28
CA LEU A 102 -8.77 -8.04 12.06
C LEU A 102 -10.25 -8.15 11.70
N ASP A 103 -10.64 -9.05 10.79
CA ASP A 103 -12.03 -9.24 10.39
C ASP A 103 -12.76 -9.73 11.63
N GLY A 104 -13.50 -8.86 12.31
CA GLY A 104 -14.24 -9.15 13.53
C GLY A 104 -13.72 -8.31 14.69
N LYS A 105 -12.42 -7.95 14.72
CA LYS A 105 -11.86 -7.11 15.79
C LYS A 105 -12.42 -5.71 15.54
N THR A 106 -12.10 -5.11 14.39
CA THR A 106 -12.61 -3.78 14.07
C THR A 106 -14.08 -3.96 13.70
N ALA A 107 -14.93 -3.00 14.07
CA ALA A 107 -16.35 -3.03 13.80
C ALA A 107 -16.62 -3.02 12.29
N LYS A 108 -17.78 -3.58 11.88
CA LYS A 108 -18.15 -3.60 10.48
C LYS A 108 -18.45 -2.16 10.08
N MET A 109 -17.52 -1.52 9.37
CA MET A 109 -17.65 -0.15 8.89
C MET A 109 -18.67 -0.12 7.75
N TYR A 110 -19.02 1.08 7.28
CA TYR A 110 -19.97 1.29 6.19
C TYR A 110 -19.53 0.51 4.94
N ARG A 111 -20.49 0.16 4.07
CA ARG A 111 -20.21 -0.60 2.85
C ARG A 111 -19.48 0.29 1.85
N GLY A 112 -18.16 0.19 1.92
CA GLY A 112 -17.19 0.90 1.12
C GLY A 112 -16.19 1.55 2.06
N GLY A 113 -15.10 0.84 2.33
CA GLY A 113 -14.00 1.27 3.19
C GLY A 113 -13.98 0.61 4.56
N LYS A 114 -13.98 -0.73 4.64
CA LYS A 114 -13.96 -1.42 5.93
C LYS A 114 -12.72 -1.08 6.80
N ILE A 115 -11.56 -0.81 6.20
CA ILE A 115 -10.32 -0.43 6.90
C ILE A 115 -9.65 0.77 6.21
N CYS A 116 -10.27 1.27 5.15
CA CYS A 116 -9.79 2.41 4.37
C CYS A 116 -10.15 3.63 5.20
N LEU A 117 -9.25 4.15 6.05
CA LEU A 117 -9.57 5.34 6.82
C LEU A 117 -9.92 6.43 5.81
N THR A 118 -10.85 7.33 6.14
CA THR A 118 -11.24 8.38 5.21
C THR A 118 -10.94 9.79 5.71
N ASP A 119 -10.72 9.94 7.03
CA ASP A 119 -10.41 11.16 7.78
C ASP A 119 -9.68 12.20 6.92
N HIS A 120 -8.43 11.90 6.56
CA HIS A 120 -7.62 12.78 5.73
C HIS A 120 -7.30 12.12 4.38
N PHE A 121 -7.27 10.77 4.34
CA PHE A 121 -6.96 10.03 3.13
C PHE A 121 -7.96 10.28 2.00
N LYS A 122 -9.27 10.22 2.26
CA LYS A 122 -10.27 10.45 1.21
C LYS A 122 -10.13 11.84 0.58
N PRO A 123 -10.15 12.95 1.35
CA PRO A 123 -10.00 14.26 0.75
C PRO A 123 -8.64 14.41 0.07
N LEU A 124 -7.56 13.85 0.64
CA LEU A 124 -6.21 13.89 0.09
C LEU A 124 -6.18 13.23 -1.29
N TRP A 125 -6.72 12.01 -1.39
CA TRP A 125 -6.74 11.26 -2.64
C TRP A 125 -7.63 11.97 -3.65
N ALA A 126 -8.87 12.31 -3.28
CA ALA A 126 -9.78 12.98 -4.20
C ALA A 126 -9.19 14.30 -4.72
N ARG A 127 -8.56 15.13 -3.87
CA ARG A 127 -7.96 16.38 -4.33
C ARG A 127 -6.78 16.11 -5.24
N ASN A 128 -5.96 15.10 -4.94
CA ASN A 128 -4.80 14.74 -5.75
C ASN A 128 -4.70 13.24 -6.03
N VAL A 129 -5.06 12.88 -7.26
CA VAL A 129 -5.01 11.52 -7.80
C VAL A 129 -4.58 11.72 -9.26
N PRO A 130 -3.38 12.31 -9.49
CA PRO A 130 -2.89 12.53 -10.84
C PRO A 130 -2.45 11.22 -11.48
N LYS A 131 -1.50 10.56 -10.81
CA LYS A 131 -0.87 9.29 -11.16
C LYS A 131 -0.68 8.38 -9.94
N PHE A 132 -1.28 8.73 -8.80
CA PHE A 132 -1.20 7.95 -7.57
C PHE A 132 -1.60 6.51 -7.87
N GLY A 133 -0.85 5.55 -7.31
CA GLY A 133 -1.07 4.12 -7.46
C GLY A 133 -1.02 3.46 -6.09
N LEU A 134 -0.95 2.12 -6.08
CA LEU A 134 -0.91 1.32 -4.86
C LEU A 134 0.20 1.71 -3.87
N ALA A 135 1.40 2.12 -4.32
CA ALA A 135 2.46 2.53 -3.39
C ALA A 135 1.95 3.70 -2.55
N HIS A 136 1.41 4.72 -3.22
CA HIS A 136 0.86 5.91 -2.59
C HIS A 136 -0.32 5.55 -1.68
N LEU A 137 -1.20 4.65 -2.13
CA LEU A 137 -2.37 4.18 -1.38
C LEU A 137 -1.93 3.61 -0.04
N MET A 138 -1.03 2.64 -0.04
CA MET A 138 -0.58 2.00 1.17
C MET A 138 0.15 2.97 2.09
N ALA A 139 1.10 3.74 1.57
CA ALA A 139 1.86 4.67 2.39
C ALA A 139 1.04 5.85 2.96
N LEU A 140 -0.09 6.21 2.34
CA LEU A 140 -0.94 7.32 2.80
C LEU A 140 -2.29 6.84 3.31
N GLY A 141 -2.54 5.53 3.34
CA GLY A 141 -3.79 4.95 3.80
C GLY A 141 -3.54 3.83 4.80
N LEU A 142 -2.94 2.74 4.35
CA LEU A 142 -2.63 1.60 5.22
C LEU A 142 -1.66 1.99 6.34
N GLY A 143 -0.62 2.76 6.01
CA GLY A 143 0.42 3.23 6.92
C GLY A 143 -0.17 4.04 8.07
N PRO A 144 -0.86 5.16 7.80
CA PRO A 144 -1.46 5.99 8.84
C PRO A 144 -2.51 5.19 9.61
N TRP A 145 -3.36 4.40 8.94
CA TRP A 145 -4.38 3.58 9.59
C TRP A 145 -3.72 2.74 10.68
N LEU A 146 -2.68 1.97 10.33
CA LEU A 146 -1.98 1.13 11.32
C LEU A 146 -1.34 1.99 12.41
N ALA A 147 -0.75 3.14 12.06
CA ALA A 147 -0.13 4.02 13.05
C ALA A 147 -1.14 4.69 13.99
N VAL A 148 -2.42 4.72 13.62
CA VAL A 148 -3.52 5.29 14.39
C VAL A 148 -4.20 4.20 15.21
N GLU A 149 -4.39 3.02 14.62
CA GLU A 149 -5.05 1.89 15.24
C GLU A 149 -4.15 1.17 16.23
N ILE A 150 -2.86 0.96 16.00
CA ILE A 150 -2.02 0.25 16.97
C ILE A 150 -2.12 0.89 18.37
N PRO A 151 -1.84 2.19 18.57
CA PRO A 151 -1.91 2.78 19.90
C PRO A 151 -3.32 2.74 20.47
N ASP A 152 -4.33 3.07 19.66
CA ASP A 152 -5.71 3.09 20.14
C ASP A 152 -6.23 1.70 20.49
N LEU A 153 -6.05 0.70 19.62
CA LEU A 153 -6.51 -0.67 19.86
C LEU A 153 -5.79 -1.29 21.04
N ILE A 154 -4.54 -0.89 21.30
CA ILE A 154 -3.79 -1.42 22.42
C ILE A 154 -4.38 -0.80 23.71
N GLN A 155 -4.50 0.53 23.79
CA GLN A 155 -5.06 1.17 24.99
C GLN A 155 -6.51 0.76 25.23
N LYS A 156 -7.30 0.56 24.16
CA LYS A 156 -8.70 0.16 24.26
C LYS A 156 -8.80 -1.31 24.66
N GLY A 157 -7.87 -2.17 24.24
CA GLY A 157 -7.89 -3.58 24.60
C GLY A 157 -8.56 -4.45 23.54
N VAL A 158 -7.99 -4.51 22.34
CA VAL A 158 -8.50 -5.33 21.24
C VAL A 158 -7.35 -6.22 20.76
N ILE A 159 -6.16 -5.66 20.54
CA ILE A 159 -4.97 -6.39 20.07
C ILE A 159 -4.10 -6.71 21.28
N GLN A 160 -3.21 -7.69 21.09
CA GLN A 160 -2.21 -8.21 22.02
C GLN A 160 -1.03 -8.64 21.14
N HIS A 161 0.08 -9.08 21.76
CA HIS A 161 1.26 -9.56 21.05
C HIS A 161 1.19 -11.08 20.94
N LYS A 162 1.88 -11.65 19.95
CA LYS A 162 1.84 -13.10 19.72
C LYS A 162 3.10 -13.86 20.15
N GLU A 163 4.16 -13.23 20.67
CA GLU A 163 5.35 -14.00 21.08
C GLU A 163 4.94 -15.09 22.07
N LYS A 164 4.13 -14.70 23.07
CA LYS A 164 3.61 -15.52 24.15
C LYS A 164 2.75 -16.70 23.67
N CYS A 165 2.26 -16.67 22.42
CA CYS A 165 1.46 -17.76 21.85
C CYS A 165 2.41 -18.90 21.44
N ASN A 166 3.69 -18.60 21.22
CA ASN A 166 4.68 -19.58 20.83
C ASN A 166 5.90 -19.59 21.75
N GLN A 167 7.02 -18.96 21.37
CA GLN A 167 8.24 -18.90 22.16
C GLN A 167 8.57 -17.44 22.39
N GLY B 1 3.69 19.63 -20.46
CA GLY B 1 4.30 20.37 -19.36
C GLY B 1 5.30 19.48 -18.65
N MET B 2 6.59 19.75 -18.81
CA MET B 2 7.63 18.96 -18.18
C MET B 2 7.57 19.09 -16.66
N SER B 3 8.06 18.05 -15.99
CA SER B 3 8.15 17.91 -14.55
C SER B 3 9.47 17.18 -14.35
N VAL B 4 10.57 17.89 -14.58
CA VAL B 4 11.93 17.37 -14.46
C VAL B 4 12.31 17.21 -12.99
N THR B 5 11.92 18.16 -12.15
CA THR B 5 12.23 18.16 -10.72
C THR B 5 11.42 17.13 -9.93
N GLU B 6 10.25 16.71 -10.43
CA GLU B 6 9.43 15.72 -9.74
C GLU B 6 10.05 14.32 -9.89
N LEU B 7 9.84 13.42 -8.92
CA LEU B 7 10.38 12.06 -9.01
C LEU B 7 9.74 11.34 -10.21
N THR B 8 10.29 10.21 -10.66
CA THR B 8 9.76 9.42 -11.77
C THR B 8 10.19 7.96 -11.58
N VAL B 9 9.28 7.03 -11.88
CA VAL B 9 9.46 5.58 -11.81
C VAL B 9 10.79 5.12 -12.43
N GLU B 10 11.33 4.01 -11.93
CA GLU B 10 12.58 3.40 -12.37
C GLU B 10 12.47 2.65 -13.69
N ASP B 11 11.63 3.15 -14.60
CA ASP B 11 11.37 2.59 -15.92
C ASP B 11 12.62 2.63 -16.81
N SER B 12 13.28 1.48 -16.92
CA SER B 12 14.47 1.30 -17.74
C SER B 12 14.26 0.06 -18.62
N GLY B 13 13.11 -0.01 -19.30
CA GLY B 13 12.76 -1.12 -20.20
C GLY B 13 12.65 -2.49 -19.55
N GLU B 14 12.30 -2.57 -18.26
CA GLU B 14 12.14 -3.86 -17.57
C GLU B 14 10.86 -4.51 -18.09
N SER B 15 10.69 -5.82 -17.88
CA SER B 15 9.50 -6.55 -18.29
C SER B 15 8.66 -6.86 -17.04
N LEU B 16 7.35 -6.87 -17.20
CA LEU B 16 6.38 -7.14 -16.13
C LEU B 16 6.68 -8.39 -15.31
N GLU B 17 6.96 -9.50 -15.98
CA GLU B 17 7.25 -10.76 -15.32
C GLU B 17 8.45 -10.64 -14.40
N ASP B 18 9.48 -9.92 -14.84
CA ASP B 18 10.69 -9.70 -14.06
C ASP B 18 10.35 -8.82 -12.86
N LEU B 19 9.60 -7.73 -13.09
CA LEU B 19 9.18 -6.79 -12.07
C LEU B 19 8.48 -7.54 -10.93
N MET B 20 7.38 -8.22 -11.22
CA MET B 20 6.65 -8.97 -10.22
C MET B 20 7.48 -10.10 -9.61
N ALA B 21 8.42 -10.71 -10.36
CA ALA B 21 9.27 -11.78 -9.86
C ALA B 21 10.19 -11.21 -8.78
N LYS B 22 10.93 -10.12 -9.04
CA LYS B 22 11.78 -9.57 -8.00
C LYS B 22 10.94 -9.11 -6.83
N MET B 23 9.74 -8.58 -7.08
CA MET B 23 8.85 -8.10 -6.03
C MET B 23 8.45 -9.21 -5.05
N LYS B 24 7.86 -10.31 -5.51
CA LYS B 24 7.44 -11.39 -4.62
C LYS B 24 8.63 -12.06 -3.96
N ASN B 25 9.74 -12.19 -4.69
CA ASN B 25 10.95 -12.80 -4.20
C ASN B 25 11.60 -11.98 -3.08
N MET B 26 11.47 -10.64 -3.08
CA MET B 26 12.10 -9.79 -2.07
C MET B 26 11.58 -10.00 -0.66
N TRP B 27 10.34 -10.49 -0.49
CA TRP B 27 9.74 -10.72 0.82
C TRP B 27 9.73 -9.38 1.56
N MET A 1 1.85 17.92 11.62
CA MET A 1 2.06 16.55 12.08
C MET A 1 1.71 15.50 11.03
N ALA A 2 0.51 15.54 10.42
CA ALA A 2 0.11 14.55 9.43
C ALA A 2 0.46 14.93 7.99
N ASP A 3 0.05 16.12 7.54
CA ASP A 3 0.33 16.56 6.17
C ASP A 3 1.82 16.63 5.87
N GLU A 4 2.65 16.96 6.86
CA GLU A 4 4.11 17.02 6.70
C GLU A 4 4.66 15.63 6.36
N ALA A 5 4.06 14.59 6.94
CA ALA A 5 4.44 13.20 6.72
C ALA A 5 3.96 12.83 5.32
N THR A 6 2.72 13.15 4.97
CA THR A 6 2.12 12.88 3.67
C THR A 6 3.01 13.47 2.57
N ARG A 7 3.39 14.75 2.67
CA ARG A 7 4.24 15.36 1.65
C ARG A 7 5.58 14.62 1.59
N ARG A 8 6.22 14.34 2.72
CA ARG A 8 7.51 13.65 2.76
C ARG A 8 7.44 12.30 2.06
N VAL A 9 6.42 11.52 2.39
CA VAL A 9 6.23 10.20 1.82
C VAL A 9 6.17 10.30 0.30
N VAL A 10 5.33 11.18 -0.28
CA VAL A 10 5.32 11.26 -1.74
C VAL A 10 6.64 11.88 -2.23
N SER A 11 7.31 12.73 -1.44
CA SER A 11 8.58 13.36 -1.80
C SER A 11 9.69 12.31 -1.93
N GLU A 12 9.60 11.15 -1.25
CA GLU A 12 10.65 10.13 -1.38
C GLU A 12 10.28 9.07 -2.46
N ILE A 13 8.98 8.90 -2.76
CA ILE A 13 8.46 7.90 -3.71
C ILE A 13 8.47 8.30 -5.20
N PRO A 14 9.06 7.48 -6.10
CA PRO A 14 9.08 7.76 -7.54
C PRO A 14 7.65 7.61 -8.09
N VAL A 15 7.17 8.62 -8.82
CA VAL A 15 5.81 8.64 -9.39
C VAL A 15 5.72 8.08 -10.81
N LEU A 16 4.48 7.76 -11.21
CA LEU A 16 4.04 7.18 -12.48
C LEU A 16 3.44 8.21 -13.44
N LYS A 17 2.93 7.75 -14.59
CA LYS A 17 2.31 8.57 -15.64
C LYS A 17 1.03 7.96 -16.21
N THR A 18 0.91 6.63 -16.29
CA THR A 18 -0.29 5.96 -16.84
C THR A 18 -1.36 5.76 -15.75
N ASN A 19 -2.65 5.68 -16.12
CA ASN A 19 -3.80 5.46 -15.22
C ASN A 19 -4.77 4.41 -15.76
N ALA A 20 -4.29 3.50 -16.61
CA ALA A 20 -5.12 2.46 -17.20
C ALA A 20 -5.68 1.44 -16.18
N GLY A 21 -6.59 0.60 -16.66
CA GLY A 21 -7.25 -0.44 -15.90
C GLY A 21 -6.87 -1.85 -16.36
N PRO A 22 -7.25 -2.87 -15.57
CA PRO A 22 -6.95 -4.27 -15.86
C PRO A 22 -7.73 -4.84 -17.05
N ARG A 23 -8.79 -4.15 -17.48
CA ARG A 23 -9.64 -4.55 -18.61
C ARG A 23 -8.83 -4.81 -19.87
N ASP A 24 -7.84 -3.97 -20.18
CA ASP A 24 -7.02 -4.16 -21.38
C ASP A 24 -5.63 -4.64 -21.01
N ARG A 25 -5.29 -5.87 -21.39
CA ARG A 25 -4.01 -6.52 -21.13
C ARG A 25 -2.83 -5.60 -21.35
N GLU A 26 -2.72 -5.08 -22.57
CA GLU A 26 -1.65 -4.19 -23.02
C GLU A 26 -1.44 -2.98 -22.09
N LEU A 27 -2.54 -2.25 -21.85
CA LEU A 27 -2.59 -1.08 -21.02
C LEU A 27 -2.25 -1.44 -19.59
N TRP A 28 -2.70 -2.62 -19.16
CA TRP A 28 -2.45 -3.14 -17.85
C TRP A 28 -0.97 -3.35 -17.71
N VAL A 29 -0.29 -4.08 -18.61
CA VAL A 29 1.15 -4.31 -18.52
C VAL A 29 1.83 -2.94 -18.35
N GLN A 30 1.48 -1.92 -19.14
CA GLN A 30 2.11 -0.61 -19.01
C GLN A 30 1.95 -0.03 -17.59
N ARG A 31 0.71 0.18 -17.16
CA ARG A 31 0.39 0.74 -15.86
C ARG A 31 1.01 -0.09 -14.74
N LEU A 32 0.77 -1.39 -14.73
CA LEU A 32 1.25 -2.34 -13.74
C LEU A 32 2.77 -2.27 -13.62
N LYS A 33 3.45 -2.17 -14.76
CA LYS A 33 4.91 -2.07 -14.84
C LYS A 33 5.32 -0.84 -14.05
N GLU A 34 4.72 0.32 -14.31
CA GLU A 34 5.09 1.53 -13.56
C GLU A 34 4.81 1.36 -12.07
N GLU A 35 3.65 0.79 -11.71
CA GLU A 35 3.28 0.58 -10.31
C GLU A 35 4.30 -0.29 -9.60
N TYR A 36 4.80 -1.33 -10.27
CA TYR A 36 5.79 -2.22 -9.70
C TYR A 36 7.07 -1.43 -9.51
N GLN A 37 7.58 -0.74 -10.54
CA GLN A 37 8.81 0.04 -10.44
C GLN A 37 8.70 0.96 -9.21
N SER A 38 7.62 1.73 -9.11
CA SER A 38 7.34 2.66 -8.01
C SER A 38 7.34 1.98 -6.64
N LEU A 39 6.46 0.97 -6.48
CA LEU A 39 6.28 0.23 -5.24
C LEU A 39 7.54 -0.52 -4.80
N ILE A 40 8.18 -1.28 -5.69
CA ILE A 40 9.39 -2.05 -5.41
C ILE A 40 10.44 -1.09 -4.87
N ARG A 41 10.70 0.02 -5.57
CA ARG A 41 11.70 0.99 -5.14
C ARG A 41 11.41 1.44 -3.72
N TYR A 42 10.16 1.80 -3.43
CA TYR A 42 9.77 2.25 -2.10
C TYR A 42 10.08 1.19 -1.04
N VAL A 43 9.56 -0.04 -1.18
CA VAL A 43 9.83 -1.06 -0.16
C VAL A 43 11.29 -1.46 -0.11
N GLU A 44 12.00 -1.46 -1.23
CA GLU A 44 13.41 -1.82 -1.27
C GLU A 44 14.17 -0.84 -0.39
N ASN A 45 14.02 0.46 -0.63
CA ASN A 45 14.73 1.46 0.15
C ASN A 45 14.34 1.38 1.62
N ASN A 46 13.04 1.29 1.90
CA ASN A 46 12.51 1.22 3.25
C ASN A 46 13.10 0.02 4.00
N LYS A 47 13.03 -1.18 3.42
CA LYS A 47 13.58 -2.41 4.00
C LYS A 47 15.10 -2.28 4.18
N ASN A 48 15.80 -1.68 3.21
CA ASN A 48 17.25 -1.49 3.26
C ASN A 48 17.64 -0.59 4.44
N ALA A 49 16.79 0.39 4.75
CA ALA A 49 16.99 1.35 5.82
C ALA A 49 16.48 0.80 7.14
N ASP A 50 16.17 -0.51 7.21
CA ASP A 50 15.69 -1.20 8.39
C ASP A 50 14.41 -0.55 8.94
N ASN A 51 13.48 -0.23 8.04
CA ASN A 51 12.19 0.38 8.38
C ASN A 51 11.04 -0.50 7.87
N ASP A 52 11.32 -1.79 7.66
CA ASP A 52 10.38 -2.80 7.20
C ASP A 52 9.12 -2.82 8.09
N TRP A 53 7.95 -2.57 7.49
CA TRP A 53 6.68 -2.57 8.20
C TRP A 53 5.58 -3.30 7.43
N PHE A 54 5.64 -3.37 6.10
CA PHE A 54 4.64 -4.05 5.26
C PHE A 54 5.31 -4.83 4.13
N ARG A 55 4.59 -5.73 3.48
CA ARG A 55 5.05 -6.56 2.37
C ARG A 55 3.82 -6.76 1.50
N LEU A 56 3.95 -6.65 0.19
CA LEU A 56 2.84 -6.81 -0.75
C LEU A 56 3.31 -7.47 -2.04
N GLU A 57 2.51 -8.35 -2.62
CA GLU A 57 2.79 -9.05 -3.88
C GLU A 57 1.49 -9.34 -4.61
N SER A 58 1.60 -9.86 -5.84
CA SER A 58 0.45 -10.22 -6.69
C SER A 58 0.82 -11.39 -7.60
N ASN A 59 -0.18 -11.94 -8.32
CA ASN A 59 0.04 -13.05 -9.26
C ASN A 59 0.58 -12.45 -10.55
N LYS A 60 0.94 -13.30 -11.52
CA LYS A 60 1.47 -12.86 -12.83
C LYS A 60 0.53 -11.93 -13.59
N GLU A 61 -0.75 -11.93 -13.25
CA GLU A 61 -1.80 -11.11 -13.86
C GLU A 61 -2.02 -9.78 -13.13
N GLY A 62 -1.53 -9.67 -11.89
CA GLY A 62 -1.69 -8.48 -11.05
C GLY A 62 -3.13 -8.14 -10.71
N THR A 63 -4.07 -9.09 -10.87
CA THR A 63 -5.47 -8.84 -10.59
C THR A 63 -5.76 -8.83 -9.08
N ARG A 64 -5.19 -9.76 -8.30
CA ARG A 64 -5.39 -9.81 -6.84
C ARG A 64 -4.06 -9.50 -6.18
N TRP A 65 -4.10 -8.74 -5.09
CA TRP A 65 -2.97 -8.30 -4.29
C TRP A 65 -3.11 -8.74 -2.85
N PHE A 66 -2.03 -9.18 -2.23
CA PHE A 66 -2.03 -9.65 -0.85
C PHE A 66 -0.64 -9.48 -0.25
N GLY A 67 -0.55 -9.62 1.07
CA GLY A 67 0.69 -9.47 1.79
C GLY A 67 0.41 -9.36 3.28
N LYS A 68 1.36 -8.81 4.04
CA LYS A 68 1.26 -8.64 5.49
C LYS A 68 1.95 -7.39 5.94
N CYS A 69 1.74 -7.02 7.19
CA CYS A 69 2.35 -5.87 7.82
C CYS A 69 2.60 -6.21 9.28
N TRP A 70 3.46 -5.43 9.92
CA TRP A 70 3.88 -5.58 11.29
C TRP A 70 3.99 -4.20 11.91
N TYR A 71 3.93 -4.14 13.24
CA TYR A 71 4.06 -2.89 13.96
C TYR A 71 4.70 -3.19 15.30
N ILE A 72 5.44 -2.23 15.84
CA ILE A 72 6.15 -2.41 17.10
C ILE A 72 5.77 -1.31 18.08
N HIS A 73 5.30 -1.68 19.27
CA HIS A 73 4.94 -0.74 20.31
C HIS A 73 5.11 -1.48 21.65
N ASP A 74 5.52 -0.77 22.69
CA ASP A 74 5.72 -1.30 24.04
C ASP A 74 6.46 -2.64 24.12
N LEU A 75 7.49 -2.81 23.29
CA LEU A 75 8.33 -4.01 23.17
C LEU A 75 7.61 -5.21 22.55
N LEU A 76 6.41 -5.04 22.00
CA LEU A 76 5.59 -6.06 21.38
C LEU A 76 5.62 -5.85 19.87
N LYS A 77 5.88 -6.92 19.14
CA LYS A 77 5.96 -6.98 17.69
C LYS A 77 4.66 -7.61 17.18
N TYR A 78 3.72 -6.83 16.68
CA TYR A 78 2.46 -7.36 16.17
C TYR A 78 2.57 -7.65 14.67
N GLU A 79 1.64 -8.44 14.16
CA GLU A 79 1.54 -8.86 12.76
C GLU A 79 0.08 -8.87 12.31
N PHE A 80 -0.17 -8.44 11.06
CA PHE A 80 -1.49 -8.38 10.42
C PHE A 80 -1.39 -8.77 8.93
N ASP A 81 -2.49 -9.24 8.34
CA ASP A 81 -2.58 -9.66 6.94
C ASP A 81 -3.33 -8.63 6.10
N ILE A 82 -3.18 -8.67 4.76
CA ILE A 82 -3.86 -7.77 3.84
C ILE A 82 -4.21 -8.50 2.54
N GLU A 83 -5.36 -8.23 1.93
CA GLU A 83 -5.82 -8.84 0.68
C GLU A 83 -6.86 -7.95 0.00
N PHE A 84 -6.59 -7.47 -1.23
CA PHE A 84 -7.54 -6.68 -2.01
C PHE A 84 -7.48 -7.03 -3.50
N ASP A 85 -8.45 -6.56 -4.27
CA ASP A 85 -8.54 -6.81 -5.71
C ASP A 85 -8.73 -5.48 -6.44
N ILE A 86 -8.17 -5.33 -7.63
CA ILE A 86 -8.32 -4.09 -8.39
C ILE A 86 -9.62 -4.17 -9.19
N PRO A 87 -10.54 -3.19 -9.06
CA PRO A 87 -11.79 -3.19 -9.81
C PRO A 87 -11.53 -3.05 -11.30
N ILE A 88 -12.42 -3.62 -12.12
CA ILE A 88 -12.28 -3.56 -13.58
C ILE A 88 -12.36 -2.11 -14.08
N THR A 89 -13.11 -1.25 -13.41
CA THR A 89 -13.28 0.14 -13.79
C THR A 89 -12.15 1.05 -13.28
N TYR A 90 -11.51 0.69 -12.15
CA TYR A 90 -10.45 1.46 -11.50
C TYR A 90 -10.79 2.98 -11.52
N PRO A 91 -11.84 3.39 -10.80
CA PRO A 91 -12.28 4.78 -10.74
C PRO A 91 -11.29 5.67 -9.99
N THR A 92 -11.53 6.98 -10.02
CA THR A 92 -10.69 7.96 -9.34
C THR A 92 -10.75 7.72 -7.81
N THR A 93 -11.79 7.05 -7.31
CA THR A 93 -12.01 6.70 -5.91
C THR A 93 -11.01 5.58 -5.59
N ALA A 94 -10.26 5.71 -4.49
CA ALA A 94 -9.27 4.73 -4.10
C ALA A 94 -9.83 3.30 -3.93
N PRO A 95 -9.02 2.25 -4.23
CA PRO A 95 -9.42 0.85 -4.08
C PRO A 95 -9.62 0.53 -2.59
N GLU A 96 -10.13 -0.66 -2.26
CA GLU A 96 -10.43 -1.02 -0.87
C GLU A 96 -9.63 -2.20 -0.27
N ILE A 97 -8.67 -1.91 0.62
CA ILE A 97 -7.87 -2.94 1.28
C ILE A 97 -8.78 -3.72 2.27
N ALA A 98 -8.46 -4.99 2.55
CA ALA A 98 -9.16 -5.87 3.49
C ALA A 98 -8.08 -6.47 4.38
N VAL A 99 -8.44 -6.82 5.61
CA VAL A 99 -7.55 -7.39 6.62
C VAL A 99 -8.28 -8.57 7.27
N PRO A 100 -7.95 -9.85 6.95
CA PRO A 100 -8.62 -11.00 7.55
C PRO A 100 -8.29 -11.14 9.04
N GLU A 101 -7.05 -10.87 9.47
CA GLU A 101 -6.60 -10.99 10.85
C GLU A 101 -7.41 -10.06 11.78
N LEU A 102 -7.85 -8.89 11.31
CA LEU A 102 -8.64 -7.91 12.07
C LEU A 102 -10.12 -7.93 11.66
N ASP A 103 -10.53 -8.84 10.77
CA ASP A 103 -11.90 -8.97 10.32
C ASP A 103 -12.68 -9.49 11.52
N GLY A 104 -13.43 -8.63 12.20
CA GLY A 104 -14.23 -8.95 13.37
C GLY A 104 -13.76 -8.18 14.59
N LYS A 105 -12.44 -7.91 14.71
CA LYS A 105 -11.89 -7.15 15.83
C LYS A 105 -12.49 -5.75 15.81
N THR A 106 -12.35 -5.04 14.69
CA THR A 106 -12.90 -3.69 14.56
C THR A 106 -14.40 -3.79 14.29
N ALA A 107 -15.13 -2.68 14.48
CA ALA A 107 -16.56 -2.60 14.26
C ALA A 107 -16.80 -2.66 12.75
N LYS A 108 -17.48 -3.69 12.24
CA LYS A 108 -17.76 -3.87 10.81
C LYS A 108 -18.52 -2.63 10.27
N MET A 109 -17.81 -1.74 9.59
CA MET A 109 -18.35 -0.50 9.04
C MET A 109 -19.08 -0.74 7.71
N TYR A 110 -19.75 0.30 7.18
CA TYR A 110 -20.49 0.28 5.91
C TYR A 110 -19.64 -0.18 4.74
N ARG A 111 -20.27 -0.57 3.62
CA ARG A 111 -19.56 -1.04 2.43
C ARG A 111 -18.78 0.08 1.77
N GLY A 112 -17.46 0.06 1.91
CA GLY A 112 -16.55 1.02 1.34
C GLY A 112 -15.71 1.66 2.44
N GLY A 113 -14.54 1.09 2.70
CA GLY A 113 -13.60 1.55 3.69
C GLY A 113 -13.59 0.73 4.97
N LYS A 114 -13.65 -0.61 4.89
CA LYS A 114 -13.66 -1.44 6.10
C LYS A 114 -12.42 -1.19 6.97
N ILE A 115 -11.28 -0.83 6.38
CA ILE A 115 -10.02 -0.49 7.06
C ILE A 115 -9.44 0.78 6.43
N CYS A 116 -9.91 1.16 5.23
CA CYS A 116 -9.45 2.33 4.51
C CYS A 116 -9.96 3.58 5.21
N LEU A 117 -9.14 4.17 6.09
CA LEU A 117 -9.47 5.39 6.81
C LEU A 117 -9.89 6.47 5.80
N THR A 118 -10.68 7.44 6.24
CA THR A 118 -11.19 8.50 5.39
C THR A 118 -10.99 9.90 5.94
N ASP A 119 -10.91 10.06 7.27
CA ASP A 119 -10.74 11.32 8.01
C ASP A 119 -9.85 12.33 7.27
N HIS A 120 -8.66 11.92 6.81
CA HIS A 120 -7.74 12.77 6.05
C HIS A 120 -7.45 12.19 4.65
N PHE A 121 -7.46 10.86 4.51
CA PHE A 121 -7.18 10.19 3.25
C PHE A 121 -8.25 10.45 2.19
N LYS A 122 -9.53 10.54 2.55
CA LYS A 122 -10.61 10.78 1.60
C LYS A 122 -10.43 12.12 0.89
N PRO A 123 -10.33 13.28 1.57
CA PRO A 123 -10.13 14.56 0.90
C PRO A 123 -8.77 14.56 0.18
N LEU A 124 -7.71 14.01 0.78
CA LEU A 124 -6.38 13.95 0.20
C LEU A 124 -6.39 13.26 -1.17
N TRP A 125 -6.91 12.02 -1.21
CA TRP A 125 -6.95 11.27 -2.46
C TRP A 125 -7.95 11.89 -3.43
N ALA A 126 -9.07 12.42 -2.91
CA ALA A 126 -10.10 13.02 -3.76
C ALA A 126 -9.64 14.32 -4.43
N ARG A 127 -8.77 15.10 -3.77
CA ARG A 127 -8.28 16.37 -4.30
C ARG A 127 -7.05 16.18 -5.17
N ASN A 128 -6.22 15.18 -4.89
CA ASN A 128 -5.03 14.95 -5.70
C ASN A 128 -4.72 13.45 -5.89
N VAL A 129 -4.95 12.98 -7.11
CA VAL A 129 -4.70 11.61 -7.57
C VAL A 129 -4.22 11.73 -9.03
N PRO A 130 -3.19 12.56 -9.35
CA PRO A 130 -2.72 12.71 -10.74
C PRO A 130 -2.09 11.43 -11.25
N LYS A 131 -1.14 10.86 -10.50
CA LYS A 131 -0.41 9.64 -10.82
C LYS A 131 -0.28 8.68 -9.63
N PHE A 132 -1.02 8.94 -8.55
CA PHE A 132 -0.99 8.09 -7.37
C PHE A 132 -1.36 6.68 -7.80
N GLY A 133 -0.64 5.70 -7.27
CA GLY A 133 -0.83 4.28 -7.52
C GLY A 133 -0.87 3.54 -6.20
N LEU A 134 -0.89 2.22 -6.26
CA LEU A 134 -0.94 1.33 -5.11
C LEU A 134 0.10 1.63 -4.03
N ALA A 135 1.31 2.08 -4.39
CA ALA A 135 2.34 2.44 -3.42
C ALA A 135 1.76 3.58 -2.56
N HIS A 136 1.32 4.66 -3.21
CA HIS A 136 0.73 5.82 -2.56
C HIS A 136 -0.46 5.43 -1.68
N LEU A 137 -1.27 4.44 -2.11
CA LEU A 137 -2.40 3.97 -1.31
C LEU A 137 -1.91 3.43 0.02
N MET A 138 -0.96 2.50 0.01
CA MET A 138 -0.47 1.92 1.25
C MET A 138 0.27 2.94 2.12
N ALA A 139 1.17 3.72 1.52
CA ALA A 139 1.95 4.71 2.24
C ALA A 139 1.15 5.88 2.83
N LEU A 140 -0.01 6.20 2.27
CA LEU A 140 -0.86 7.32 2.73
C LEU A 140 -2.20 6.84 3.29
N GLY A 141 -2.46 5.52 3.31
CA GLY A 141 -3.70 4.95 3.81
C GLY A 141 -3.42 3.90 4.86
N LEU A 142 -2.79 2.78 4.48
CA LEU A 142 -2.45 1.69 5.41
C LEU A 142 -1.50 2.19 6.51
N GLY A 143 -0.53 3.03 6.12
CA GLY A 143 0.47 3.58 7.01
C GLY A 143 -0.12 4.39 8.18
N PRO A 144 -0.86 5.47 7.90
CA PRO A 144 -1.45 6.31 8.94
C PRO A 144 -2.51 5.54 9.73
N TRP A 145 -3.31 4.71 9.05
CA TRP A 145 -4.33 3.90 9.69
C TRP A 145 -3.68 3.10 10.80
N LEU A 146 -2.69 2.25 10.48
CA LEU A 146 -2.02 1.44 11.51
C LEU A 146 -1.34 2.31 12.56
N ALA A 147 -0.72 3.42 12.17
CA ALA A 147 -0.04 4.31 13.09
C ALA A 147 -0.97 4.89 14.16
N VAL A 148 -2.27 5.06 13.88
CA VAL A 148 -3.24 5.61 14.83
C VAL A 148 -4.10 4.51 15.45
N GLU A 149 -4.30 3.39 14.76
CA GLU A 149 -5.10 2.27 15.24
C GLU A 149 -4.34 1.42 16.25
N ILE A 150 -3.02 1.32 16.17
CA ILE A 150 -2.24 0.53 17.12
C ILE A 150 -2.47 1.02 18.56
N PRO A 151 -2.24 2.31 18.92
CA PRO A 151 -2.45 2.75 20.29
C PRO A 151 -3.91 2.61 20.71
N ASP A 152 -4.86 2.88 19.81
CA ASP A 152 -6.27 2.79 20.14
C ASP A 152 -6.67 1.36 20.46
N LEU A 153 -6.41 0.39 19.57
CA LEU A 153 -6.80 -0.99 19.83
C LEU A 153 -6.09 -1.55 21.03
N ILE A 154 -4.87 -1.09 21.34
CA ILE A 154 -4.13 -1.56 22.50
C ILE A 154 -4.87 -1.06 23.74
N GLN A 155 -5.14 0.25 23.83
CA GLN A 155 -5.81 0.80 25.01
C GLN A 155 -7.22 0.24 25.15
N LYS A 156 -7.91 0.03 24.02
CA LYS A 156 -9.26 -0.50 24.02
C LYS A 156 -9.24 -1.97 24.44
N GLY A 157 -8.13 -2.68 24.20
CA GLY A 157 -7.94 -4.09 24.55
C GLY A 157 -8.41 -5.04 23.44
N VAL A 158 -8.41 -4.60 22.19
CA VAL A 158 -8.83 -5.43 21.06
C VAL A 158 -7.70 -6.34 20.60
N ILE A 159 -6.44 -5.88 20.59
CA ILE A 159 -5.29 -6.65 20.11
C ILE A 159 -4.53 -7.30 21.27
N GLN A 160 -3.85 -8.41 20.95
CA GLN A 160 -3.02 -9.21 21.83
C GLN A 160 -1.74 -9.55 21.08
N HIS A 161 -0.62 -9.77 21.79
CA HIS A 161 0.64 -10.12 21.16
C HIS A 161 0.56 -11.57 20.68
N LYS A 162 1.12 -11.85 19.51
CA LYS A 162 1.10 -13.16 18.87
C LYS A 162 2.47 -13.83 18.88
N GLU A 163 3.58 -13.07 18.87
CA GLU A 163 4.93 -13.64 18.87
C GLU A 163 5.18 -14.38 20.19
N LYS A 164 4.91 -13.74 21.35
CA LYS A 164 5.10 -14.36 22.66
C LYS A 164 4.17 -15.57 22.87
N CYS A 165 3.26 -15.88 21.94
CA CYS A 165 2.39 -17.02 22.10
C CYS A 165 3.26 -18.27 22.13
N ASN A 166 4.15 -18.45 21.13
CA ASN A 166 5.02 -19.61 21.01
C ASN A 166 6.51 -19.33 20.86
N GLN A 167 6.90 -18.12 20.45
CA GLN A 167 8.26 -17.68 20.18
C GLN A 167 8.72 -18.35 18.90
N GLY B 1 7.16 15.05 -23.55
CA GLY B 1 7.42 15.68 -22.25
C GLY B 1 7.91 14.67 -21.23
N MET B 2 8.53 15.12 -20.14
CA MET B 2 9.05 14.25 -19.09
C MET B 2 8.87 14.88 -17.71
N SER B 3 8.85 14.01 -16.69
CA SER B 3 8.72 14.42 -15.30
C SER B 3 10.10 14.90 -14.86
N VAL B 4 10.19 16.17 -14.49
CA VAL B 4 11.42 16.81 -14.02
C VAL B 4 11.15 17.59 -12.73
N THR B 5 9.90 17.98 -12.51
CA THR B 5 9.43 18.73 -11.37
C THR B 5 9.39 17.87 -10.10
N GLU B 6 9.18 16.57 -10.25
CA GLU B 6 9.12 15.57 -9.21
C GLU B 6 9.96 14.34 -9.60
N LEU B 7 9.88 13.30 -8.78
CA LEU B 7 10.56 12.02 -8.96
C LEU B 7 9.99 11.25 -10.16
N THR B 8 10.52 10.09 -10.52
CA THR B 8 10.02 9.29 -11.65
C THR B 8 10.40 7.83 -11.48
N VAL B 9 9.51 6.92 -11.89
CA VAL B 9 9.67 5.47 -11.86
C VAL B 9 10.96 5.05 -12.58
N GLU B 10 11.47 3.84 -12.32
CA GLU B 10 12.69 3.34 -12.96
C GLU B 10 12.36 2.75 -14.34
N ASP B 11 11.64 3.51 -15.15
CA ASP B 11 11.22 3.10 -16.48
C ASP B 11 12.45 3.01 -17.41
N SER B 12 13.15 1.89 -17.37
CA SER B 12 14.35 1.60 -18.16
C SER B 12 14.26 0.23 -18.86
N GLY B 13 13.24 0.05 -19.70
CA GLY B 13 13.02 -1.18 -20.47
C GLY B 13 12.79 -2.44 -19.64
N GLU B 14 12.32 -2.32 -18.39
CA GLU B 14 12.08 -3.48 -17.53
C GLU B 14 10.91 -4.31 -18.04
N SER B 15 10.79 -5.55 -17.58
CA SER B 15 9.73 -6.46 -17.95
C SER B 15 8.86 -6.72 -16.72
N LEU B 16 7.55 -6.90 -16.93
CA LEU B 16 6.56 -7.12 -15.89
C LEU B 16 6.87 -8.37 -15.07
N GLU B 17 7.18 -9.47 -15.75
CA GLU B 17 7.49 -10.72 -15.08
C GLU B 17 8.71 -10.60 -14.18
N ASP B 18 9.67 -9.76 -14.58
CA ASP B 18 10.90 -9.51 -13.85
C ASP B 18 10.54 -8.72 -12.59
N LEU B 19 9.79 -7.63 -12.79
CA LEU B 19 9.31 -6.72 -11.76
C LEU B 19 8.59 -7.52 -10.67
N MET B 20 7.54 -8.25 -11.04
CA MET B 20 6.79 -9.04 -10.08
C MET B 20 7.60 -10.17 -9.47
N ALA B 21 8.57 -10.76 -10.21
CA ALA B 21 9.40 -11.82 -9.68
C ALA B 21 10.23 -11.24 -8.54
N LYS B 22 10.98 -10.15 -8.77
CA LYS B 22 11.77 -9.58 -7.69
C LYS B 22 10.86 -9.12 -6.56
N MET B 23 9.67 -8.59 -6.88
CA MET B 23 8.76 -8.11 -5.85
C MET B 23 8.38 -9.24 -4.89
N LYS B 24 7.83 -10.35 -5.39
CA LYS B 24 7.43 -11.46 -4.52
C LYS B 24 8.65 -12.09 -3.87
N ASN B 25 9.72 -12.26 -4.63
CA ASN B 25 10.95 -12.87 -4.15
C ASN B 25 11.64 -12.07 -3.04
N MET B 26 11.38 -10.76 -2.89
CA MET B 26 11.99 -9.95 -1.84
C MET B 26 11.51 -10.31 -0.43
N TRP B 27 10.55 -11.22 -0.31
CA TRP B 27 9.97 -11.71 0.92
C TRP B 27 11.06 -12.40 1.74
N MET A 1 1.08 16.70 13.46
CA MET A 1 2.09 16.56 12.41
C MET A 1 1.59 15.52 11.41
N ALA A 2 0.64 15.87 10.54
CA ALA A 2 0.08 14.94 9.56
C ALA A 2 0.41 15.31 8.11
N ASP A 3 0.11 16.55 7.74
CA ASP A 3 0.29 17.14 6.42
C ASP A 3 1.74 17.03 5.95
N GLU A 4 2.66 17.37 6.86
CA GLU A 4 4.10 17.33 6.65
C GLU A 4 4.54 15.90 6.29
N ALA A 5 3.98 14.90 6.97
CA ALA A 5 4.30 13.50 6.72
C ALA A 5 3.86 13.11 5.32
N THR A 6 2.62 13.42 4.95
CA THR A 6 2.08 13.11 3.63
C THR A 6 2.97 13.69 2.54
N ARG A 7 3.28 14.99 2.59
CA ARG A 7 4.13 15.57 1.55
C ARG A 7 5.52 14.94 1.52
N ARG A 8 6.13 14.64 2.67
CA ARG A 8 7.46 14.02 2.70
C ARG A 8 7.42 12.67 2.01
N VAL A 9 6.49 11.82 2.43
CA VAL A 9 6.34 10.48 1.91
C VAL A 9 6.14 10.54 0.39
N VAL A 10 5.25 11.41 -0.13
CA VAL A 10 5.08 11.47 -1.58
C VAL A 10 6.33 12.07 -2.22
N SER A 11 6.99 13.06 -1.61
CA SER A 11 8.19 13.67 -2.16
C SER A 11 9.37 12.70 -2.22
N GLU A 12 9.40 11.61 -1.45
CA GLU A 12 10.50 10.65 -1.55
C GLU A 12 10.19 9.45 -2.46
N ILE A 13 8.91 9.15 -2.67
CA ILE A 13 8.43 8.03 -3.47
C ILE A 13 8.38 8.40 -4.96
N PRO A 14 8.81 7.51 -5.87
CA PRO A 14 8.79 7.76 -7.31
C PRO A 14 7.34 7.77 -7.82
N VAL A 15 7.02 8.62 -8.79
CA VAL A 15 5.66 8.71 -9.33
C VAL A 15 5.54 7.99 -10.68
N LEU A 16 4.32 7.58 -10.99
CA LEU A 16 3.95 6.88 -12.22
C LEU A 16 3.49 7.90 -13.27
N LYS A 17 2.97 7.45 -14.40
CA LYS A 17 2.46 8.28 -15.49
C LYS A 17 1.13 7.71 -15.98
N THR A 18 1.09 6.43 -16.35
CA THR A 18 -0.12 5.76 -16.86
C THR A 18 -1.20 5.71 -15.76
N ASN A 19 -2.47 5.68 -16.12
CA ASN A 19 -3.63 5.59 -15.22
C ASN A 19 -4.65 4.55 -15.71
N ALA A 20 -4.24 3.54 -16.47
CA ALA A 20 -5.15 2.52 -17.00
C ALA A 20 -5.65 1.49 -15.97
N GLY A 21 -6.60 0.65 -16.40
CA GLY A 21 -7.24 -0.43 -15.64
C GLY A 21 -6.92 -1.80 -16.23
N PRO A 22 -7.24 -2.90 -15.51
CA PRO A 22 -6.98 -4.28 -15.95
C PRO A 22 -7.86 -4.73 -17.12
N ARG A 23 -8.90 -3.98 -17.46
CA ARG A 23 -9.80 -4.30 -18.58
C ARG A 23 -9.04 -4.42 -19.90
N ASP A 24 -7.95 -3.66 -20.07
CA ASP A 24 -7.14 -3.71 -21.28
C ASP A 24 -5.85 -4.43 -20.98
N ARG A 25 -5.61 -5.61 -21.54
CA ARG A 25 -4.42 -6.44 -21.34
C ARG A 25 -3.13 -5.63 -21.45
N GLU A 26 -2.87 -5.12 -22.63
CA GLU A 26 -1.69 -4.31 -22.95
C GLU A 26 -1.55 -3.09 -22.05
N LEU A 27 -2.61 -2.30 -21.91
CA LEU A 27 -2.59 -1.11 -21.06
C LEU A 27 -2.25 -1.49 -19.62
N TRP A 28 -2.77 -2.64 -19.17
CA TRP A 28 -2.53 -3.18 -17.85
C TRP A 28 -1.04 -3.45 -17.71
N VAL A 29 -0.39 -4.16 -18.64
CA VAL A 29 1.05 -4.43 -18.51
C VAL A 29 1.78 -3.09 -18.33
N GLN A 30 1.47 -2.06 -19.12
CA GLN A 30 2.13 -0.76 -19.00
C GLN A 30 1.92 -0.19 -17.59
N ARG A 31 0.67 0.02 -17.17
CA ARG A 31 0.35 0.55 -15.86
C ARG A 31 1.00 -0.27 -14.75
N LEU A 32 0.79 -1.58 -14.74
CA LEU A 32 1.31 -2.54 -13.76
C LEU A 32 2.83 -2.43 -13.65
N LYS A 33 3.49 -2.30 -14.79
CA LYS A 33 4.95 -2.15 -14.87
C LYS A 33 5.34 -0.92 -14.07
N GLU A 34 4.66 0.21 -14.26
CA GLU A 34 4.99 1.41 -13.49
C GLU A 34 4.67 1.23 -12.01
N GLU A 35 3.55 0.59 -11.68
CA GLU A 35 3.12 0.33 -10.30
C GLU A 35 4.22 -0.38 -9.56
N TYR A 36 4.66 -1.51 -10.12
CA TYR A 36 5.71 -2.30 -9.53
C TYR A 36 6.98 -1.47 -9.41
N GLN A 37 7.46 -0.80 -10.48
CA GLN A 37 8.68 -0.01 -10.39
C GLN A 37 8.63 0.95 -9.19
N SER A 38 7.55 1.73 -9.07
CA SER A 38 7.39 2.66 -7.97
C SER A 38 7.30 1.99 -6.60
N LEU A 39 6.43 0.98 -6.46
CA LEU A 39 6.23 0.27 -5.20
C LEU A 39 7.53 -0.38 -4.76
N ILE A 40 8.18 -1.14 -5.64
CA ILE A 40 9.44 -1.83 -5.38
C ILE A 40 10.48 -0.80 -4.97
N ARG A 41 10.70 0.27 -5.73
CA ARG A 41 11.69 1.28 -5.37
C ARG A 41 11.42 1.79 -3.96
N TYR A 42 10.17 2.11 -3.63
CA TYR A 42 9.80 2.59 -2.32
C TYR A 42 10.20 1.55 -1.26
N VAL A 43 9.74 0.30 -1.39
CA VAL A 43 10.08 -0.71 -0.39
C VAL A 43 11.57 -1.05 -0.38
N GLU A 44 12.28 -0.95 -1.50
CA GLU A 44 13.72 -1.24 -1.56
C GLU A 44 14.40 -0.22 -0.65
N ASN A 45 14.16 1.08 -0.84
CA ASN A 45 14.76 2.14 -0.03
C ASN A 45 14.38 1.97 1.44
N ASN A 46 13.08 1.82 1.71
CA ASN A 46 12.51 1.66 3.04
C ASN A 46 13.14 0.47 3.79
N LYS A 47 13.18 -0.70 3.15
CA LYS A 47 13.75 -1.92 3.71
C LYS A 47 15.26 -1.80 3.89
N ASN A 48 15.99 -1.27 2.90
CA ASN A 48 17.45 -1.11 2.99
C ASN A 48 17.80 -0.19 4.16
N ALA A 49 16.93 0.76 4.50
CA ALA A 49 17.08 1.69 5.60
C ALA A 49 16.62 1.07 6.92
N ASP A 50 16.32 -0.24 6.95
CA ASP A 50 15.84 -1.01 8.10
C ASP A 50 14.49 -0.49 8.61
N ASN A 51 13.75 0.22 7.75
CA ASN A 51 12.45 0.80 8.07
C ASN A 51 11.32 -0.10 7.58
N ASP A 52 11.64 -1.36 7.21
CA ASP A 52 10.68 -2.34 6.75
C ASP A 52 9.54 -2.46 7.76
N TRP A 53 8.29 -2.48 7.26
CA TRP A 53 7.09 -2.58 8.08
C TRP A 53 5.95 -3.37 7.42
N PHE A 54 5.88 -3.42 6.08
CA PHE A 54 4.81 -4.09 5.32
C PHE A 54 5.34 -4.91 4.12
N ARG A 55 4.67 -5.99 3.75
CA ARG A 55 4.98 -6.88 2.61
C ARG A 55 3.70 -7.02 1.81
N LEU A 56 3.77 -6.90 0.48
CA LEU A 56 2.65 -7.03 -0.44
C LEU A 56 3.18 -7.72 -1.70
N GLU A 57 2.47 -8.70 -2.24
CA GLU A 57 2.85 -9.44 -3.45
C GLU A 57 1.61 -9.72 -4.29
N SER A 58 1.83 -10.12 -5.54
CA SER A 58 0.77 -10.43 -6.49
C SER A 58 1.18 -11.49 -7.52
N ASN A 59 0.18 -12.18 -8.06
CA ASN A 59 0.28 -13.22 -9.07
C ASN A 59 0.69 -12.60 -10.42
N LYS A 60 0.98 -13.43 -11.42
CA LYS A 60 1.39 -12.99 -12.76
C LYS A 60 0.37 -12.11 -13.48
N GLU A 61 -0.89 -12.16 -13.07
CA GLU A 61 -1.98 -11.39 -13.67
C GLU A 61 -2.07 -9.99 -13.04
N GLY A 62 -1.67 -9.85 -11.77
CA GLY A 62 -1.72 -8.60 -11.02
C GLY A 62 -3.18 -8.28 -10.64
N THR A 63 -4.05 -9.29 -10.60
CA THR A 63 -5.48 -9.20 -10.29
C THR A 63 -5.82 -9.28 -8.81
N ARG A 64 -5.00 -9.94 -8.01
CA ARG A 64 -5.18 -10.09 -6.57
C ARG A 64 -3.88 -9.67 -5.90
N TRP A 65 -3.91 -8.82 -4.89
CA TRP A 65 -2.71 -8.36 -4.17
C TRP A 65 -2.96 -8.62 -2.70
N PHE A 66 -2.02 -9.29 -2.04
CA PHE A 66 -2.13 -9.62 -0.63
C PHE A 66 -0.77 -9.61 0.04
N GLY A 67 -0.74 -9.70 1.36
CA GLY A 67 0.51 -9.69 2.11
C GLY A 67 0.27 -9.57 3.61
N LYS A 68 1.27 -9.10 4.36
CA LYS A 68 1.20 -8.93 5.82
C LYS A 68 1.97 -7.68 6.22
N CYS A 69 1.58 -7.08 7.34
CA CYS A 69 2.19 -5.89 7.90
C CYS A 69 2.45 -6.12 9.39
N TRP A 70 3.56 -5.57 9.89
CA TRP A 70 4.00 -5.69 11.28
C TRP A 70 4.21 -4.32 11.89
N TYR A 71 4.01 -4.18 13.19
CA TYR A 71 4.21 -2.93 13.91
C TYR A 71 4.78 -3.33 15.27
N ILE A 72 5.81 -2.62 15.73
CA ILE A 72 6.46 -2.88 17.00
C ILE A 72 6.28 -1.64 17.85
N HIS A 73 5.80 -1.84 19.08
CA HIS A 73 5.55 -0.81 20.06
C HIS A 73 5.50 -1.48 21.42
N ASP A 74 6.01 -0.82 22.45
CA ASP A 74 6.03 -1.30 23.84
C ASP A 74 6.65 -2.71 23.97
N LEU A 75 7.62 -3.03 23.09
CA LEU A 75 8.38 -4.28 22.98
C LEU A 75 7.52 -5.44 22.44
N LEU A 76 6.29 -5.15 22.02
CA LEU A 76 5.35 -6.11 21.49
C LEU A 76 5.27 -5.89 19.99
N LYS A 77 5.29 -7.00 19.27
CA LYS A 77 5.27 -7.12 17.82
C LYS A 77 3.92 -7.68 17.38
N TYR A 78 3.16 -6.88 16.67
CA TYR A 78 1.85 -7.27 16.15
C TYR A 78 2.05 -7.55 14.67
N GLU A 79 1.20 -8.39 14.11
CA GLU A 79 1.24 -8.80 12.72
C GLU A 79 -0.20 -8.99 12.23
N PHE A 80 -0.51 -8.51 11.03
CA PHE A 80 -1.83 -8.60 10.41
C PHE A 80 -1.70 -8.86 8.92
N ASP A 81 -2.69 -9.56 8.34
CA ASP A 81 -2.75 -9.93 6.92
C ASP A 81 -3.52 -8.87 6.16
N ILE A 82 -3.25 -8.70 4.87
CA ILE A 82 -3.92 -7.74 4.00
C ILE A 82 -4.28 -8.44 2.71
N GLU A 83 -5.44 -8.10 2.13
CA GLU A 83 -5.93 -8.72 0.91
C GLU A 83 -6.87 -7.75 0.20
N PHE A 84 -6.52 -7.29 -1.01
CA PHE A 84 -7.34 -6.41 -1.83
C PHE A 84 -7.25 -6.79 -3.30
N ASP A 85 -8.24 -6.42 -4.10
CA ASP A 85 -8.29 -6.69 -5.55
C ASP A 85 -8.63 -5.37 -6.23
N ILE A 86 -7.91 -5.04 -7.31
CA ILE A 86 -8.13 -3.80 -8.03
C ILE A 86 -9.44 -3.90 -8.83
N PRO A 87 -10.35 -2.91 -8.73
CA PRO A 87 -11.59 -2.93 -9.48
C PRO A 87 -11.26 -2.83 -10.97
N ILE A 88 -12.08 -3.46 -11.81
CA ILE A 88 -11.86 -3.44 -13.25
C ILE A 88 -11.88 -2.03 -13.85
N THR A 89 -12.63 -1.12 -13.24
CA THR A 89 -12.79 0.25 -13.67
C THR A 89 -11.65 1.15 -13.19
N TYR A 90 -11.13 0.91 -11.98
CA TYR A 90 -10.09 1.71 -11.36
C TYR A 90 -10.52 3.20 -11.39
N PRO A 91 -11.57 3.55 -10.64
CA PRO A 91 -12.12 4.91 -10.58
C PRO A 91 -11.14 5.90 -9.93
N THR A 92 -11.51 7.17 -9.95
CA THR A 92 -10.72 8.25 -9.35
C THR A 92 -10.60 7.96 -7.84
N THR A 93 -11.62 7.36 -7.23
CA THR A 93 -11.68 6.98 -5.83
C THR A 93 -10.74 5.78 -5.63
N ALA A 94 -9.87 5.89 -4.62
CA ALA A 94 -8.89 4.87 -4.25
C ALA A 94 -9.51 3.49 -4.03
N PRO A 95 -8.74 2.40 -4.20
CA PRO A 95 -9.23 1.04 -4.01
C PRO A 95 -9.40 0.82 -2.49
N GLU A 96 -10.13 -0.23 -2.12
CA GLU A 96 -10.42 -0.56 -0.74
C GLU A 96 -9.65 -1.79 -0.24
N ILE A 97 -8.75 -1.60 0.73
CA ILE A 97 -7.94 -2.65 1.36
C ILE A 97 -8.80 -3.37 2.42
N ALA A 98 -8.51 -4.64 2.70
CA ALA A 98 -9.19 -5.45 3.70
C ALA A 98 -8.12 -6.19 4.53
N VAL A 99 -8.45 -6.57 5.76
CA VAL A 99 -7.58 -7.30 6.70
C VAL A 99 -8.42 -8.41 7.35
N PRO A 100 -8.27 -9.69 6.96
CA PRO A 100 -9.03 -10.79 7.54
C PRO A 100 -8.75 -11.01 9.02
N GLU A 101 -7.52 -10.74 9.46
CA GLU A 101 -7.10 -10.91 10.86
C GLU A 101 -7.92 -10.04 11.82
N LEU A 102 -8.37 -8.86 11.37
CA LEU A 102 -9.16 -7.92 12.17
C LEU A 102 -10.65 -8.04 11.88
N ASP A 103 -11.05 -8.92 10.96
CA ASP A 103 -12.46 -9.11 10.62
C ASP A 103 -13.17 -9.69 11.83
N GLY A 104 -13.92 -8.86 12.53
CA GLY A 104 -14.68 -9.20 13.73
C GLY A 104 -14.21 -8.38 14.93
N LYS A 105 -12.96 -7.90 14.96
CA LYS A 105 -12.48 -7.08 16.07
C LYS A 105 -13.14 -5.73 15.92
N THR A 106 -12.87 -5.04 14.82
CA THR A 106 -13.45 -3.75 14.54
C THR A 106 -14.94 -3.93 14.17
N ALA A 107 -15.68 -2.82 14.11
CA ALA A 107 -17.08 -2.81 13.76
C ALA A 107 -17.26 -3.24 12.30
N LYS A 108 -18.37 -3.92 11.99
CA LYS A 108 -18.59 -4.35 10.61
C LYS A 108 -19.15 -3.15 9.86
N MET A 109 -18.30 -2.45 9.13
CA MET A 109 -18.68 -1.28 8.34
C MET A 109 -19.30 -1.72 7.00
N TYR A 110 -19.72 -0.72 6.23
CA TYR A 110 -20.32 -0.80 4.90
C TYR A 110 -19.38 -1.53 3.94
N ARG A 111 -19.90 -1.97 2.77
CA ARG A 111 -19.05 -2.65 1.80
C ARG A 111 -18.11 -1.60 1.21
N GLY A 112 -16.92 -1.50 1.80
CA GLY A 112 -15.85 -0.59 1.47
C GLY A 112 -15.40 0.10 2.75
N GLY A 113 -14.28 0.82 2.65
CA GLY A 113 -13.64 1.60 3.70
C GLY A 113 -13.53 1.01 5.11
N LYS A 114 -13.70 -0.30 5.37
CA LYS A 114 -13.60 -0.80 6.75
C LYS A 114 -12.23 -0.53 7.40
N ILE A 115 -11.14 -0.55 6.63
CA ILE A 115 -9.79 -0.28 7.13
C ILE A 115 -9.06 0.73 6.21
N CYS A 116 -9.67 1.05 5.07
CA CYS A 116 -9.13 2.02 4.13
C CYS A 116 -9.64 3.33 4.75
N LEU A 117 -8.89 3.88 5.70
CA LEU A 117 -9.26 5.11 6.40
C LEU A 117 -9.60 6.18 5.36
N THR A 118 -10.53 7.05 5.73
CA THR A 118 -11.00 8.11 4.85
C THR A 118 -10.80 9.51 5.42
N ASP A 119 -10.67 9.65 6.75
CA ASP A 119 -10.48 10.88 7.51
C ASP A 119 -9.75 11.97 6.72
N HIS A 120 -8.46 11.79 6.44
CA HIS A 120 -7.68 12.76 5.65
C HIS A 120 -7.29 12.17 4.29
N PHE A 121 -7.23 10.84 4.20
CA PHE A 121 -6.87 10.12 3.01
C PHE A 121 -7.87 10.35 1.88
N LYS A 122 -9.18 10.33 2.15
CA LYS A 122 -10.20 10.52 1.13
C LYS A 122 -10.02 11.88 0.46
N PRO A 123 -10.05 13.03 1.15
CA PRO A 123 -9.86 14.32 0.50
C PRO A 123 -8.45 14.42 -0.10
N LEU A 124 -7.42 13.81 0.51
CA LEU A 124 -6.06 13.85 -0.03
C LEU A 124 -6.06 13.20 -1.41
N TRP A 125 -6.58 11.98 -1.48
CA TRP A 125 -6.63 11.22 -2.73
C TRP A 125 -7.53 11.92 -3.74
N ALA A 126 -8.77 12.23 -3.36
CA ALA A 126 -9.73 12.89 -4.24
C ALA A 126 -9.18 14.22 -4.79
N ARG A 127 -8.55 15.06 -3.96
CA ARG A 127 -8.00 16.33 -4.43
C ARG A 127 -6.80 16.11 -5.34
N ASN A 128 -5.99 15.08 -5.09
CA ASN A 128 -4.81 14.80 -5.92
C ASN A 128 -4.59 13.31 -6.21
N VAL A 129 -4.94 12.92 -7.44
CA VAL A 129 -4.80 11.57 -7.98
C VAL A 129 -4.40 11.73 -9.46
N PRO A 130 -3.28 12.42 -9.78
CA PRO A 130 -2.88 12.61 -11.17
C PRO A 130 -2.32 11.32 -11.78
N LYS A 131 -1.41 10.67 -11.05
CA LYS A 131 -0.74 9.43 -11.41
C LYS A 131 -0.60 8.48 -10.21
N PHE A 132 -1.28 8.77 -9.08
CA PHE A 132 -1.21 7.96 -7.87
C PHE A 132 -1.36 6.47 -8.18
N GLY A 133 -0.52 5.68 -7.51
CA GLY A 133 -0.44 4.24 -7.61
C GLY A 133 -0.39 3.60 -6.24
N LEU A 134 -0.28 2.27 -6.21
CA LEU A 134 -0.21 1.45 -5.00
C LEU A 134 0.94 1.89 -4.10
N ALA A 135 2.01 2.46 -4.68
CA ALA A 135 3.14 2.95 -3.89
C ALA A 135 2.61 3.98 -2.87
N HIS A 136 1.76 4.90 -3.36
CA HIS A 136 1.13 5.95 -2.59
C HIS A 136 0.00 5.41 -1.70
N LEU A 137 -0.77 4.43 -2.18
CA LEU A 137 -1.89 3.85 -1.43
C LEU A 137 -1.51 3.30 -0.05
N MET A 138 -0.57 2.37 0.04
CA MET A 138 -0.21 1.82 1.34
C MET A 138 0.54 2.85 2.18
N ALA A 139 1.38 3.67 1.56
CA ALA A 139 2.15 4.68 2.27
C ALA A 139 1.26 5.76 2.91
N LEU A 140 0.15 6.16 2.27
CA LEU A 140 -0.75 7.19 2.80
C LEU A 140 -2.05 6.64 3.38
N GLY A 141 -2.27 5.34 3.34
CA GLY A 141 -3.48 4.72 3.87
C GLY A 141 -3.14 3.70 4.95
N LEU A 142 -2.48 2.61 4.56
CA LEU A 142 -2.08 1.55 5.49
C LEU A 142 -1.21 2.08 6.62
N GLY A 143 -0.22 2.92 6.30
CA GLY A 143 0.71 3.48 7.26
C GLY A 143 0.02 4.31 8.35
N PRO A 144 -0.70 5.40 8.00
CA PRO A 144 -1.38 6.22 8.98
C PRO A 144 -2.47 5.44 9.72
N TRP A 145 -3.27 4.61 9.03
CA TRP A 145 -4.32 3.82 9.65
C TRP A 145 -3.69 3.03 10.81
N LEU A 146 -2.66 2.24 10.53
CA LEU A 146 -1.99 1.46 11.58
C LEU A 146 -1.34 2.36 12.62
N ALA A 147 -0.74 3.50 12.24
CA ALA A 147 -0.10 4.40 13.18
C ALA A 147 -1.06 4.95 14.23
N VAL A 148 -2.36 5.10 13.91
CA VAL A 148 -3.35 5.60 14.87
C VAL A 148 -4.16 4.45 15.50
N GLU A 149 -4.37 3.35 14.77
CA GLU A 149 -5.13 2.21 15.26
C GLU A 149 -4.30 1.37 16.22
N ILE A 150 -2.97 1.27 16.07
CA ILE A 150 -2.15 0.49 17.00
C ILE A 150 -2.36 1.04 18.42
N PRO A 151 -2.12 2.32 18.70
CA PRO A 151 -2.31 2.85 20.05
C PRO A 151 -3.77 2.80 20.52
N ASP A 152 -4.76 2.87 19.63
CA ASP A 152 -6.18 2.82 20.01
C ASP A 152 -6.58 1.41 20.41
N LEU A 153 -6.26 0.42 19.58
CA LEU A 153 -6.63 -0.96 19.86
C LEU A 153 -5.84 -1.48 21.07
N ILE A 154 -4.63 -0.95 21.31
CA ILE A 154 -3.82 -1.36 22.44
C ILE A 154 -4.45 -0.77 23.70
N GLN A 155 -4.74 0.54 23.74
CA GLN A 155 -5.34 1.14 24.94
C GLN A 155 -6.67 0.46 25.26
N LYS A 156 -7.47 0.17 24.23
CA LYS A 156 -8.75 -0.51 24.39
C LYS A 156 -8.57 -1.97 24.79
N GLY A 157 -7.43 -2.56 24.42
CA GLY A 157 -7.03 -3.92 24.72
C GLY A 157 -7.57 -5.00 23.80
N VAL A 158 -8.18 -4.66 22.66
CA VAL A 158 -8.75 -5.63 21.73
C VAL A 158 -7.69 -6.53 21.08
N ILE A 159 -6.50 -6.04 20.75
CA ILE A 159 -5.47 -6.87 20.11
C ILE A 159 -4.49 -7.35 21.18
N GLN A 160 -4.00 -8.57 21.01
CA GLN A 160 -3.04 -9.25 21.87
C GLN A 160 -1.85 -9.65 21.00
N HIS A 161 -0.67 -9.67 21.61
CA HIS A 161 0.59 -10.00 20.97
C HIS A 161 0.58 -11.38 20.31
N LYS A 162 0.63 -11.36 18.98
CA LYS A 162 0.60 -12.55 18.13
C LYS A 162 1.90 -13.35 18.21
N GLU A 163 3.05 -12.69 18.15
CA GLU A 163 4.38 -13.29 18.16
C GLU A 163 4.61 -14.36 19.24
N LYS A 164 4.50 -14.05 20.54
CA LYS A 164 4.71 -15.04 21.61
C LYS A 164 3.42 -15.77 22.01
N CYS A 165 2.36 -15.72 21.19
CA CYS A 165 1.11 -16.38 21.52
C CYS A 165 1.22 -17.90 21.58
N ASN A 166 1.77 -18.53 20.53
CA ASN A 166 1.88 -19.98 20.43
C ASN A 166 3.31 -20.51 20.28
N GLN A 167 4.15 -19.84 19.49
CA GLN A 167 5.53 -20.28 19.28
C GLN A 167 6.39 -19.89 20.46
N GLY B 1 1.97 15.98 -20.58
CA GLY B 1 2.46 16.49 -19.30
C GLY B 1 3.79 15.87 -18.96
N MET B 2 4.90 16.51 -19.33
CA MET B 2 6.24 16.01 -19.04
C MET B 2 6.54 16.14 -17.54
N SER B 3 7.63 15.56 -17.05
CA SER B 3 8.03 15.60 -15.65
C SER B 3 9.51 15.95 -15.52
N VAL B 4 9.85 16.78 -14.52
CA VAL B 4 11.22 17.20 -14.26
C VAL B 4 11.55 17.05 -12.77
N THR B 5 11.08 17.97 -11.92
CA THR B 5 11.35 17.95 -10.49
C THR B 5 10.56 16.89 -9.75
N GLU B 6 9.34 16.60 -10.19
CA GLU B 6 8.53 15.57 -9.55
C GLU B 6 9.26 14.26 -9.83
N LEU B 7 9.23 13.34 -8.87
CA LEU B 7 9.88 12.05 -9.00
C LEU B 7 9.33 11.26 -10.17
N THR B 8 9.89 10.10 -10.46
CA THR B 8 9.47 9.26 -11.55
C THR B 8 9.95 7.81 -11.33
N VAL B 9 9.16 6.86 -11.81
CA VAL B 9 9.41 5.43 -11.78
C VAL B 9 10.77 5.08 -12.37
N GLU B 10 11.33 3.94 -11.95
CA GLU B 10 12.62 3.38 -12.39
C GLU B 10 12.42 2.69 -13.75
N ASP B 11 11.58 3.28 -14.59
CA ASP B 11 11.22 2.78 -15.89
C ASP B 11 12.39 2.70 -16.88
N SER B 12 13.10 1.57 -16.84
CA SER B 12 14.26 1.27 -17.67
C SER B 12 13.98 0.05 -18.58
N GLY B 13 12.86 0.09 -19.32
CA GLY B 13 12.43 -0.96 -20.24
C GLY B 13 12.42 -2.39 -19.67
N GLU B 14 12.11 -2.54 -18.39
CA GLU B 14 12.05 -3.81 -17.68
C GLU B 14 10.90 -4.67 -18.19
N SER B 15 10.81 -5.89 -17.67
CA SER B 15 9.80 -6.88 -17.98
C SER B 15 8.90 -7.01 -16.76
N LEU B 16 7.60 -7.14 -16.98
CA LEU B 16 6.61 -7.27 -15.92
C LEU B 16 6.91 -8.46 -15.01
N GLU B 17 7.22 -9.59 -15.64
CA GLU B 17 7.54 -10.82 -14.94
C GLU B 17 8.74 -10.65 -14.01
N ASP B 18 9.70 -9.83 -14.44
CA ASP B 18 10.92 -9.54 -13.68
C ASP B 18 10.57 -8.72 -12.44
N LEU B 19 9.72 -7.70 -12.62
CA LEU B 19 9.24 -6.81 -11.57
C LEU B 19 8.52 -7.60 -10.49
N MET B 20 7.43 -8.29 -10.84
CA MET B 20 6.66 -9.08 -9.87
C MET B 20 7.51 -10.19 -9.24
N ALA B 21 8.49 -10.74 -9.98
CA ALA B 21 9.37 -11.78 -9.47
C ALA B 21 10.20 -11.20 -8.32
N LYS B 22 10.83 -10.03 -8.53
CA LYS B 22 11.63 -9.42 -7.47
C LYS B 22 10.73 -8.93 -6.34
N MET B 23 9.53 -8.43 -6.65
CA MET B 23 8.61 -7.93 -5.62
C MET B 23 8.34 -9.02 -4.58
N LYS B 24 7.90 -10.20 -5.00
CA LYS B 24 7.61 -11.29 -4.07
C LYS B 24 8.90 -11.81 -3.41
N ASN B 25 10.01 -11.85 -4.15
CA ASN B 25 11.30 -12.33 -3.61
C ASN B 25 11.80 -11.48 -2.45
N MET B 26 11.62 -10.16 -2.50
CA MET B 26 12.10 -9.25 -1.47
C MET B 26 11.49 -9.44 -0.07
N TRP B 27 10.43 -10.25 0.05
CA TRP B 27 9.75 -10.56 1.29
C TRP B 27 9.37 -9.29 2.05
N MET A 1 1.26 18.69 11.04
CA MET A 1 1.20 17.38 11.74
C MET A 1 1.18 16.22 10.74
N ALA A 2 0.13 16.08 9.93
CA ALA A 2 0.01 15.02 8.95
C ALA A 2 0.57 15.47 7.60
N ASP A 3 0.34 16.73 7.24
CA ASP A 3 0.75 17.38 5.99
C ASP A 3 2.24 17.29 5.71
N GLU A 4 3.04 17.27 6.76
CA GLU A 4 4.50 17.17 6.71
C GLU A 4 4.91 15.74 6.35
N ALA A 5 4.24 14.75 6.92
CA ALA A 5 4.50 13.34 6.67
C ALA A 5 3.98 13.03 5.27
N THR A 6 2.77 13.49 4.93
CA THR A 6 2.17 13.29 3.63
C THR A 6 3.11 13.86 2.58
N ARG A 7 3.54 15.13 2.70
CA ARG A 7 4.44 15.71 1.72
C ARG A 7 5.77 14.97 1.65
N ARG A 8 6.31 14.46 2.77
CA ARG A 8 7.57 13.72 2.74
C ARG A 8 7.39 12.41 1.98
N VAL A 9 6.40 11.61 2.38
CA VAL A 9 6.16 10.33 1.76
C VAL A 9 5.94 10.52 0.24
N VAL A 10 5.14 11.50 -0.20
CA VAL A 10 4.94 11.69 -1.62
C VAL A 10 6.21 12.25 -2.29
N SER A 11 7.00 13.07 -1.59
CA SER A 11 8.25 13.64 -2.11
C SER A 11 9.34 12.58 -2.22
N GLU A 12 9.25 11.43 -1.54
CA GLU A 12 10.27 10.40 -1.65
C GLU A 12 9.84 9.26 -2.59
N ILE A 13 8.54 9.15 -2.90
CA ILE A 13 7.98 8.10 -3.74
C ILE A 13 8.04 8.45 -5.24
N PRO A 14 8.74 7.66 -6.10
CA PRO A 14 8.81 7.94 -7.53
C PRO A 14 7.42 7.82 -8.13
N VAL A 15 7.00 8.81 -8.91
CA VAL A 15 5.67 8.86 -9.50
C VAL A 15 5.58 8.33 -10.94
N LEU A 16 4.43 7.72 -11.21
CA LEU A 16 3.98 7.11 -12.44
C LEU A 16 3.43 8.16 -13.42
N LYS A 17 2.89 7.70 -14.55
CA LYS A 17 2.30 8.49 -15.61
C LYS A 17 0.94 7.90 -16.03
N THR A 18 0.87 6.61 -16.39
CA THR A 18 -0.35 5.95 -16.83
C THR A 18 -1.39 5.80 -15.71
N ASN A 19 -2.69 5.77 -16.05
CA ASN A 19 -3.83 5.62 -15.13
C ASN A 19 -4.86 4.60 -15.66
N ALA A 20 -4.42 3.63 -16.48
CA ALA A 20 -5.27 2.60 -17.07
C ALA A 20 -5.84 1.58 -16.07
N GLY A 21 -6.72 0.72 -16.58
CA GLY A 21 -7.41 -0.36 -15.86
C GLY A 21 -7.01 -1.75 -16.37
N PRO A 22 -7.34 -2.82 -15.63
CA PRO A 22 -7.01 -4.19 -16.02
C PRO A 22 -7.79 -4.72 -17.24
N ARG A 23 -8.90 -4.08 -17.61
CA ARG A 23 -9.72 -4.52 -18.74
C ARG A 23 -8.97 -4.68 -20.04
N ASP A 24 -8.02 -3.79 -20.34
CA ASP A 24 -7.23 -3.91 -21.58
C ASP A 24 -5.87 -4.50 -21.24
N ARG A 25 -5.52 -5.62 -21.86
CA ARG A 25 -4.27 -6.35 -21.66
C ARG A 25 -3.05 -5.44 -21.71
N GLU A 26 -2.85 -4.83 -22.89
CA GLU A 26 -1.72 -3.95 -23.15
C GLU A 26 -1.60 -2.80 -22.16
N LEU A 27 -2.69 -2.07 -21.99
CA LEU A 27 -2.79 -0.93 -21.09
C LEU A 27 -2.46 -1.36 -19.68
N TRP A 28 -2.95 -2.53 -19.28
CA TRP A 28 -2.69 -3.06 -17.96
C TRP A 28 -1.20 -3.31 -17.77
N VAL A 29 -0.54 -4.03 -18.68
CA VAL A 29 0.89 -4.29 -18.55
C VAL A 29 1.62 -2.96 -18.36
N GLN A 30 1.29 -1.92 -19.12
CA GLN A 30 1.92 -0.62 -18.99
C GLN A 30 1.71 -0.06 -17.57
N ARG A 31 0.45 0.15 -17.16
CA ARG A 31 0.12 0.68 -15.84
C ARG A 31 0.78 -0.14 -14.74
N LEU A 32 0.56 -1.45 -14.73
CA LEU A 32 1.08 -2.40 -13.76
C LEU A 32 2.59 -2.30 -13.66
N LYS A 33 3.26 -2.17 -14.80
CA LYS A 33 4.72 -2.02 -14.88
C LYS A 33 5.13 -0.80 -14.08
N GLU A 34 4.54 0.37 -14.32
CA GLU A 34 4.94 1.54 -13.54
C GLU A 34 4.62 1.36 -12.06
N GLU A 35 3.48 0.74 -11.75
CA GLU A 35 3.03 0.48 -10.38
C GLU A 35 4.06 -0.39 -9.66
N TYR A 36 4.65 -1.36 -10.37
CA TYR A 36 5.66 -2.22 -9.79
C TYR A 36 6.90 -1.37 -9.56
N GLN A 37 7.47 -0.76 -10.62
CA GLN A 37 8.67 0.08 -10.54
C GLN A 37 8.59 1.05 -9.35
N SER A 38 7.51 1.82 -9.27
CA SER A 38 7.28 2.79 -8.19
C SER A 38 7.28 2.13 -6.80
N LEU A 39 6.36 1.19 -6.56
CA LEU A 39 6.22 0.51 -5.28
C LEU A 39 7.54 -0.16 -4.89
N ILE A 40 8.13 -0.95 -5.78
CA ILE A 40 9.39 -1.63 -5.56
C ILE A 40 10.43 -0.61 -5.11
N ARG A 41 10.62 0.51 -5.81
CA ARG A 41 11.61 1.51 -5.39
C ARG A 41 11.32 2.01 -3.97
N TYR A 42 10.04 2.22 -3.63
CA TYR A 42 9.65 2.66 -2.29
C TYR A 42 10.11 1.61 -1.28
N VAL A 43 9.69 0.33 -1.43
CA VAL A 43 10.08 -0.72 -0.50
C VAL A 43 11.58 -1.00 -0.53
N GLU A 44 12.26 -0.87 -1.67
CA GLU A 44 13.69 -1.11 -1.79
C GLU A 44 14.42 -0.17 -0.83
N ASN A 45 14.17 1.15 -0.92
CA ASN A 45 14.83 2.11 -0.03
C ASN A 45 14.39 1.89 1.41
N ASN A 46 13.08 1.72 1.63
CA ASN A 46 12.48 1.51 2.94
C ASN A 46 13.10 0.33 3.67
N LYS A 47 13.15 -0.84 3.03
CA LYS A 47 13.71 -2.06 3.60
C LYS A 47 15.22 -1.92 3.76
N ASN A 48 15.92 -1.33 2.79
CA ASN A 48 17.37 -1.16 2.94
C ASN A 48 17.64 -0.26 4.15
N ALA A 49 16.74 0.68 4.44
CA ALA A 49 16.81 1.59 5.57
C ALA A 49 16.27 0.90 6.84
N ASP A 50 16.04 -0.42 6.80
CA ASP A 50 15.51 -1.27 7.86
C ASP A 50 14.17 -0.78 8.41
N ASN A 51 13.45 0.03 7.64
CA ASN A 51 12.14 0.58 8.00
C ASN A 51 11.04 -0.40 7.57
N ASP A 52 11.39 -1.68 7.42
CA ASP A 52 10.46 -2.74 7.04
C ASP A 52 9.26 -2.74 7.98
N TRP A 53 8.05 -2.70 7.42
CA TRP A 53 6.82 -2.72 8.22
C TRP A 53 5.71 -3.47 7.49
N PHE A 54 5.71 -3.44 6.17
CA PHE A 54 4.74 -4.06 5.29
C PHE A 54 5.45 -4.83 4.17
N ARG A 55 4.78 -5.84 3.62
CA ARG A 55 5.23 -6.70 2.53
C ARG A 55 4.03 -6.94 1.64
N LEU A 56 4.15 -6.79 0.33
CA LEU A 56 3.03 -6.98 -0.59
C LEU A 56 3.52 -7.61 -1.90
N GLU A 57 2.73 -8.51 -2.46
CA GLU A 57 3.00 -9.22 -3.70
C GLU A 57 1.67 -9.47 -4.43
N SER A 58 1.72 -9.92 -5.69
CA SER A 58 0.51 -10.16 -6.48
C SER A 58 0.71 -11.29 -7.48
N ASN A 59 -0.39 -11.74 -8.08
CA ASN A 59 -0.39 -12.78 -9.08
C ASN A 59 0.26 -12.25 -10.35
N LYS A 60 0.57 -13.15 -11.28
CA LYS A 60 1.17 -12.82 -12.58
C LYS A 60 0.28 -11.89 -13.40
N GLU A 61 -1.00 -11.80 -13.06
CA GLU A 61 -2.02 -10.99 -13.71
C GLU A 61 -2.20 -9.61 -13.06
N GLY A 62 -1.69 -9.45 -11.84
CA GLY A 62 -1.79 -8.21 -11.06
C GLY A 62 -3.24 -7.85 -10.71
N THR A 63 -4.15 -8.82 -10.75
CA THR A 63 -5.58 -8.65 -10.48
C THR A 63 -5.91 -8.67 -8.98
N ARG A 64 -5.25 -9.57 -8.25
CA ARG A 64 -5.41 -9.75 -6.81
C ARG A 64 -4.02 -9.54 -6.23
N TRP A 65 -3.98 -8.76 -5.16
CA TRP A 65 -2.79 -8.40 -4.41
C TRP A 65 -2.99 -8.88 -2.98
N PHE A 66 -1.94 -9.38 -2.35
CA PHE A 66 -1.94 -9.88 -0.99
C PHE A 66 -0.60 -9.58 -0.34
N GLY A 67 -0.53 -9.70 0.98
CA GLY A 67 0.69 -9.43 1.72
C GLY A 67 0.41 -9.46 3.21
N LYS A 68 1.30 -8.87 3.99
CA LYS A 68 1.21 -8.80 5.44
C LYS A 68 1.83 -7.49 5.90
N CYS A 69 1.58 -7.15 7.16
CA CYS A 69 2.09 -5.99 7.83
C CYS A 69 2.41 -6.42 9.26
N TRP A 70 3.41 -5.77 9.85
CA TRP A 70 3.87 -6.02 11.20
C TRP A 70 4.07 -4.69 11.89
N TYR A 71 4.20 -4.73 13.22
CA TYR A 71 4.44 -3.54 14.02
C TYR A 71 5.05 -3.99 15.34
N ILE A 72 6.00 -3.23 15.89
CA ILE A 72 6.67 -3.50 17.14
C ILE A 72 6.47 -2.26 18.01
N HIS A 73 5.96 -2.44 19.23
CA HIS A 73 5.73 -1.36 20.17
C HIS A 73 5.79 -1.97 21.58
N ASP A 74 6.29 -1.22 22.56
CA ASP A 74 6.45 -1.63 23.97
C ASP A 74 7.07 -3.03 24.15
N LEU A 75 8.08 -3.34 23.31
CA LEU A 75 8.83 -4.61 23.30
C LEU A 75 8.00 -5.78 22.78
N LEU A 76 6.79 -5.53 22.28
CA LEU A 76 5.89 -6.54 21.75
C LEU A 76 5.86 -6.38 20.24
N LYS A 77 5.45 -7.45 19.56
CA LYS A 77 5.35 -7.52 18.10
C LYS A 77 3.98 -8.06 17.71
N TYR A 78 3.41 -7.46 16.67
CA TYR A 78 2.12 -7.83 16.09
C TYR A 78 2.32 -8.07 14.60
N GLU A 79 1.36 -8.78 14.02
CA GLU A 79 1.29 -9.17 12.63
C GLU A 79 -0.17 -9.19 12.19
N PHE A 80 -0.43 -8.76 10.96
CA PHE A 80 -1.74 -8.71 10.33
C PHE A 80 -1.57 -9.11 8.86
N ASP A 81 -2.57 -9.78 8.28
CA ASP A 81 -2.56 -10.23 6.87
C ASP A 81 -3.43 -9.29 6.03
N ILE A 82 -3.29 -9.24 4.71
CA ILE A 82 -4.07 -8.35 3.84
C ILE A 82 -4.25 -8.94 2.45
N GLU A 83 -5.40 -8.66 1.84
CA GLU A 83 -5.74 -9.09 0.48
C GLU A 83 -6.80 -8.15 -0.10
N PHE A 84 -6.58 -7.60 -1.29
CA PHE A 84 -7.52 -6.71 -1.99
C PHE A 84 -7.52 -7.01 -3.49
N ASP A 85 -8.54 -6.57 -4.23
CA ASP A 85 -8.67 -6.79 -5.68
C ASP A 85 -8.89 -5.46 -6.41
N ILE A 86 -8.25 -5.28 -7.57
CA ILE A 86 -8.44 -4.05 -8.35
C ILE A 86 -9.75 -4.18 -9.13
N PRO A 87 -10.68 -3.22 -8.99
CA PRO A 87 -11.95 -3.27 -9.70
C PRO A 87 -11.78 -3.03 -11.20
N ILE A 88 -12.65 -3.66 -11.99
CA ILE A 88 -12.65 -3.53 -13.45
C ILE A 88 -13.01 -2.11 -13.90
N THR A 89 -13.63 -1.30 -13.04
CA THR A 89 -13.97 0.08 -13.40
C THR A 89 -12.82 1.02 -13.04
N TYR A 90 -12.07 0.74 -11.97
CA TYR A 90 -10.96 1.53 -11.45
C TYR A 90 -11.28 3.04 -11.52
N PRO A 91 -12.26 3.49 -10.72
CA PRO A 91 -12.69 4.88 -10.66
C PRO A 91 -11.64 5.75 -9.99
N THR A 92 -11.87 7.07 -9.97
CA THR A 92 -10.96 8.01 -9.32
C THR A 92 -10.96 7.76 -7.79
N THR A 93 -11.97 7.06 -7.27
CA THR A 93 -12.13 6.68 -5.87
C THR A 93 -11.12 5.57 -5.59
N ALA A 94 -10.36 5.73 -4.50
CA ALA A 94 -9.36 4.76 -4.10
C ALA A 94 -9.93 3.34 -3.94
N PRO A 95 -9.12 2.29 -4.20
CA PRO A 95 -9.53 0.91 -4.04
C PRO A 95 -9.74 0.65 -2.53
N GLU A 96 -10.22 -0.53 -2.14
CA GLU A 96 -10.49 -0.86 -0.73
C GLU A 96 -9.64 -2.04 -0.25
N ILE A 97 -8.90 -1.85 0.84
CA ILE A 97 -8.06 -2.86 1.47
C ILE A 97 -8.93 -3.62 2.49
N ALA A 98 -8.59 -4.89 2.73
CA ALA A 98 -9.25 -5.77 3.69
C ALA A 98 -8.15 -6.50 4.44
N VAL A 99 -8.36 -6.72 5.74
CA VAL A 99 -7.42 -7.39 6.64
C VAL A 99 -8.24 -8.45 7.38
N PRO A 100 -8.13 -9.74 7.04
CA PRO A 100 -8.89 -10.79 7.70
C PRO A 100 -8.55 -10.93 9.19
N GLU A 101 -7.31 -10.64 9.59
CA GLU A 101 -6.85 -10.74 10.97
C GLU A 101 -7.66 -9.83 11.91
N LEU A 102 -8.10 -8.65 11.42
CA LEU A 102 -8.85 -7.67 12.21
C LEU A 102 -10.35 -7.67 11.86
N ASP A 103 -10.81 -8.62 11.03
CA ASP A 103 -12.20 -8.72 10.62
C ASP A 103 -13.06 -9.11 11.83
N GLY A 104 -13.65 -8.12 12.49
CA GLY A 104 -14.49 -8.26 13.67
C GLY A 104 -13.91 -7.65 14.94
N LYS A 105 -12.61 -7.31 14.97
CA LYS A 105 -12.01 -6.71 16.17
C LYS A 105 -12.56 -5.31 16.43
N THR A 106 -12.89 -4.58 15.38
CA THR A 106 -13.46 -3.24 15.40
C THR A 106 -14.89 -3.33 14.83
N ALA A 107 -15.70 -2.29 15.05
CA ALA A 107 -17.08 -2.18 14.58
C ALA A 107 -17.06 -2.22 13.04
N LYS A 108 -17.51 -3.31 12.44
CA LYS A 108 -17.53 -3.47 11.00
C LYS A 108 -18.60 -2.56 10.39
N MET A 109 -18.14 -1.49 9.77
CA MET A 109 -18.98 -0.50 9.12
C MET A 109 -19.59 -1.07 7.83
N TYR A 110 -20.42 -0.26 7.17
CA TYR A 110 -21.07 -0.63 5.92
C TYR A 110 -20.01 -0.92 4.84
N ARG A 111 -20.43 -1.60 3.77
CA ARG A 111 -19.58 -1.98 2.65
C ARG A 111 -19.06 -0.75 1.91
N GLY A 112 -17.77 -0.45 2.04
CA GLY A 112 -17.10 0.66 1.38
C GLY A 112 -16.18 1.39 2.35
N GLY A 113 -14.92 0.97 2.35
CA GLY A 113 -13.87 1.51 3.19
C GLY A 113 -13.92 0.88 4.57
N LYS A 114 -13.99 -0.46 4.63
CA LYS A 114 -14.08 -1.17 5.92
C LYS A 114 -12.95 -0.88 6.90
N ILE A 115 -11.74 -0.60 6.42
CA ILE A 115 -10.55 -0.26 7.23
C ILE A 115 -9.82 0.94 6.61
N CYS A 116 -10.23 1.34 5.39
CA CYS A 116 -9.67 2.45 4.65
C CYS A 116 -10.03 3.74 5.39
N LEU A 117 -9.14 4.23 6.25
CA LEU A 117 -9.35 5.46 7.01
C LEU A 117 -9.76 6.59 6.04
N THR A 118 -10.53 7.57 6.51
CA THR A 118 -11.00 8.65 5.64
C THR A 118 -10.85 10.10 6.12
N ASP A 119 -10.65 10.36 7.40
CA ASP A 119 -10.54 11.71 7.99
C ASP A 119 -9.70 12.71 7.19
N HIS A 120 -8.50 12.29 6.76
CA HIS A 120 -7.58 13.08 5.96
C HIS A 120 -7.30 12.37 4.63
N PHE A 121 -7.32 11.03 4.61
CA PHE A 121 -7.06 10.26 3.40
C PHE A 121 -8.12 10.48 2.32
N LYS A 122 -9.41 10.45 2.64
CA LYS A 122 -10.48 10.64 1.65
C LYS A 122 -10.31 11.96 0.90
N PRO A 123 -10.23 13.13 1.57
CA PRO A 123 -10.06 14.38 0.86
C PRO A 123 -8.67 14.44 0.20
N LEU A 124 -7.61 13.84 0.79
CA LEU A 124 -6.27 13.83 0.23
C LEU A 124 -6.27 13.13 -1.14
N TRP A 125 -6.86 11.94 -1.21
CA TRP A 125 -6.94 11.19 -2.45
C TRP A 125 -7.86 11.92 -3.43
N ALA A 126 -9.07 12.28 -2.99
CA ALA A 126 -10.03 12.97 -3.84
C ALA A 126 -9.46 14.27 -4.44
N ARG A 127 -8.71 15.07 -3.66
CA ARG A 127 -8.14 16.31 -4.15
C ARG A 127 -6.98 16.07 -5.10
N ASN A 128 -6.12 15.09 -4.83
CA ASN A 128 -4.97 14.80 -5.68
C ASN A 128 -4.79 13.32 -5.97
N VAL A 129 -5.05 12.95 -7.21
CA VAL A 129 -4.91 11.60 -7.72
C VAL A 129 -4.46 11.73 -9.19
N PRO A 130 -3.36 12.46 -9.49
CA PRO A 130 -2.92 12.63 -10.88
C PRO A 130 -2.35 11.33 -11.44
N LYS A 131 -1.48 10.68 -10.67
CA LYS A 131 -0.81 9.41 -10.96
C LYS A 131 -0.72 8.53 -9.71
N PHE A 132 -1.43 8.92 -8.63
CA PHE A 132 -1.43 8.19 -7.37
C PHE A 132 -1.88 6.76 -7.66
N GLY A 133 -0.99 5.81 -7.44
CA GLY A 133 -1.25 4.41 -7.66
C GLY A 133 -1.34 3.65 -6.35
N LEU A 134 -1.26 2.34 -6.47
CA LEU A 134 -1.33 1.37 -5.39
C LEU A 134 -0.28 1.60 -4.31
N ALA A 135 0.94 2.03 -4.64
CA ALA A 135 1.99 2.31 -3.66
C ALA A 135 1.52 3.43 -2.73
N HIS A 136 1.05 4.52 -3.35
CA HIS A 136 0.55 5.72 -2.68
C HIS A 136 -0.60 5.37 -1.74
N LEU A 137 -1.52 4.48 -2.17
CA LEU A 137 -2.65 4.07 -1.35
C LEU A 137 -2.19 3.57 0.01
N MET A 138 -1.23 2.65 0.01
CA MET A 138 -0.71 2.07 1.24
C MET A 138 0.15 3.05 2.03
N ALA A 139 1.07 3.75 1.38
CA ALA A 139 1.95 4.70 2.07
C ALA A 139 1.21 5.86 2.73
N LEU A 140 0.00 6.23 2.28
CA LEU A 140 -0.79 7.31 2.87
C LEU A 140 -2.09 6.81 3.46
N GLY A 141 -2.33 5.48 3.45
CA GLY A 141 -3.55 4.89 3.98
C GLY A 141 -3.22 3.85 5.04
N LEU A 142 -2.58 2.75 4.63
CA LEU A 142 -2.20 1.67 5.54
C LEU A 142 -1.26 2.15 6.64
N GLY A 143 -0.32 3.04 6.29
CA GLY A 143 0.68 3.58 7.21
C GLY A 143 0.04 4.34 8.38
N PRO A 144 -0.73 5.42 8.13
CA PRO A 144 -1.36 6.18 9.19
C PRO A 144 -2.43 5.36 9.92
N TRP A 145 -3.18 4.52 9.19
CA TRP A 145 -4.20 3.67 9.78
C TRP A 145 -3.55 2.87 10.90
N LEU A 146 -2.46 2.13 10.63
CA LEU A 146 -1.79 1.37 11.68
C LEU A 146 -1.10 2.29 12.70
N ALA A 147 -0.69 3.49 12.28
CA ALA A 147 -0.05 4.46 13.17
C ALA A 147 -1.04 4.91 14.25
N VAL A 148 -2.35 4.82 14.01
CA VAL A 148 -3.40 5.21 14.95
C VAL A 148 -4.16 3.99 15.51
N GLU A 149 -4.27 2.88 14.77
CA GLU A 149 -5.00 1.70 15.23
C GLU A 149 -4.17 0.92 16.24
N ILE A 150 -2.83 0.85 16.12
CA ILE A 150 -2.04 0.10 17.11
C ILE A 150 -2.26 0.75 18.49
N PRO A 151 -2.00 2.07 18.71
CA PRO A 151 -2.23 2.65 20.03
C PRO A 151 -3.69 2.56 20.44
N ASP A 152 -4.65 2.65 19.51
CA ASP A 152 -6.07 2.58 19.85
C ASP A 152 -6.47 1.19 20.33
N LEU A 153 -6.16 0.15 19.56
CA LEU A 153 -6.50 -1.23 19.89
C LEU A 153 -5.73 -1.64 21.16
N ILE A 154 -4.55 -1.08 21.42
CA ILE A 154 -3.76 -1.37 22.62
C ILE A 154 -4.44 -0.69 23.82
N GLN A 155 -4.76 0.60 23.74
CA GLN A 155 -5.41 1.31 24.86
C GLN A 155 -6.76 0.66 25.16
N LYS A 156 -7.48 0.21 24.12
CA LYS A 156 -8.76 -0.43 24.30
C LYS A 156 -8.59 -1.87 24.81
N GLY A 157 -7.51 -2.54 24.43
CA GLY A 157 -7.15 -3.89 24.83
C GLY A 157 -7.87 -4.91 23.96
N VAL A 158 -7.57 -4.92 22.66
CA VAL A 158 -8.17 -5.82 21.67
C VAL A 158 -7.10 -6.70 21.00
N ILE A 159 -5.91 -6.17 20.72
CA ILE A 159 -4.83 -6.94 20.10
C ILE A 159 -3.88 -7.35 21.22
N GLN A 160 -3.30 -8.55 21.07
CA GLN A 160 -2.34 -9.13 21.98
C GLN A 160 -1.19 -9.63 21.10
N HIS A 161 0.04 -9.56 21.61
CA HIS A 161 1.22 -9.98 20.91
C HIS A 161 1.18 -11.48 20.64
N LYS A 162 1.62 -11.90 19.46
CA LYS A 162 1.60 -13.32 19.13
C LYS A 162 2.67 -14.13 19.86
N GLU A 163 3.68 -13.49 20.45
CA GLU A 163 4.76 -14.18 21.14
C GLU A 163 4.26 -15.12 22.24
N LYS A 164 3.26 -14.72 23.05
CA LYS A 164 2.76 -15.63 24.09
C LYS A 164 2.16 -16.90 23.48
N CYS A 165 1.79 -16.89 22.21
CA CYS A 165 1.22 -18.02 21.48
C CYS A 165 2.32 -18.74 20.67
N ASN A 166 3.58 -18.30 20.75
CA ASN A 166 4.72 -18.85 20.03
C ASN A 166 5.82 -19.35 20.97
N GLN A 167 6.44 -18.48 21.76
CA GLN A 167 7.51 -18.77 22.71
C GLN A 167 7.50 -17.72 23.80
N GLY B 1 13.45 8.76 -22.08
CA GLY B 1 12.57 9.53 -21.19
C GLY B 1 13.26 9.75 -19.87
N MET B 2 13.29 11.00 -19.40
CA MET B 2 13.87 11.39 -18.11
C MET B 2 12.86 12.28 -17.39
N SER B 3 13.16 12.69 -16.15
CA SER B 3 12.28 13.54 -15.36
C SER B 3 12.05 14.90 -16.03
N VAL B 4 11.15 15.70 -15.44
CA VAL B 4 10.78 17.02 -15.89
C VAL B 4 11.03 17.95 -14.70
N THR B 5 10.42 17.67 -13.54
CA THR B 5 10.59 18.46 -12.33
C THR B 5 10.48 17.53 -11.10
N GLU B 6 9.32 16.89 -10.94
CA GLU B 6 9.03 15.97 -9.84
C GLU B 6 9.71 14.61 -10.08
N LEU B 7 9.50 13.67 -9.16
CA LEU B 7 10.06 12.32 -9.23
C LEU B 7 9.58 11.54 -10.46
N THR B 8 10.14 10.36 -10.71
CA THR B 8 9.75 9.51 -11.84
C THR B 8 10.15 8.05 -11.59
N VAL B 9 9.28 7.11 -11.98
CA VAL B 9 9.50 5.67 -11.88
C VAL B 9 10.81 5.25 -12.57
N GLU B 10 11.35 4.08 -12.21
CA GLU B 10 12.57 3.48 -12.77
C GLU B 10 12.24 2.84 -14.12
N ASP B 11 11.63 3.62 -15.02
CA ASP B 11 11.24 3.16 -16.33
C ASP B 11 12.44 3.06 -17.28
N SER B 12 13.04 1.87 -17.32
CA SER B 12 14.20 1.56 -18.15
C SER B 12 14.03 0.27 -18.94
N GLY B 13 12.91 0.13 -19.68
CA GLY B 13 12.64 -1.05 -20.51
C GLY B 13 12.41 -2.36 -19.76
N GLU B 14 12.18 -2.33 -18.45
CA GLU B 14 11.94 -3.54 -17.67
C GLU B 14 10.67 -4.21 -18.19
N SER B 15 10.56 -5.52 -17.99
CA SER B 15 9.41 -6.32 -18.39
C SER B 15 8.69 -6.75 -17.13
N LEU B 16 7.36 -6.70 -17.17
CA LEU B 16 6.43 -7.04 -16.11
C LEU B 16 6.79 -8.28 -15.30
N GLU B 17 7.11 -9.38 -15.98
CA GLU B 17 7.47 -10.62 -15.30
C GLU B 17 8.66 -10.42 -14.38
N ASP B 18 9.70 -9.70 -14.81
CA ASP B 18 10.87 -9.46 -13.98
C ASP B 18 10.52 -8.53 -12.84
N LEU B 19 9.68 -7.52 -13.09
CA LEU B 19 9.24 -6.57 -12.09
C LEU B 19 8.54 -7.31 -10.95
N MET B 20 7.47 -8.05 -11.25
CA MET B 20 6.75 -8.80 -10.24
C MET B 20 7.66 -9.87 -9.62
N ALA B 21 8.62 -10.43 -10.35
CA ALA B 21 9.54 -11.43 -9.82
C ALA B 21 10.37 -10.82 -8.71
N LYS B 22 11.05 -9.69 -8.96
CA LYS B 22 11.86 -9.06 -7.92
C LYS B 22 10.98 -8.58 -6.77
N MET B 23 9.75 -8.14 -7.07
CA MET B 23 8.84 -7.67 -6.03
C MET B 23 8.54 -8.77 -5.02
N LYS B 24 8.02 -9.91 -5.48
CA LYS B 24 7.69 -11.01 -4.57
C LYS B 24 8.94 -11.60 -3.93
N ASN B 25 10.02 -11.75 -4.71
CA ASN B 25 11.28 -12.32 -4.23
C ASN B 25 11.97 -11.49 -3.16
N MET B 26 11.74 -10.17 -3.08
CA MET B 26 12.41 -9.37 -2.04
C MET B 26 12.06 -9.82 -0.62
N TRP B 27 10.92 -10.49 -0.46
CA TRP B 27 10.31 -11.05 0.75
C TRP B 27 10.75 -10.33 2.00
N MET A 1 2.45 17.18 12.70
CA MET A 1 1.24 17.17 11.83
C MET A 1 1.29 15.97 10.89
N ALA A 2 0.16 15.64 10.25
CA ALA A 2 0.11 14.52 9.32
C ALA A 2 0.44 14.98 7.89
N ASP A 3 0.21 16.25 7.58
CA ASP A 3 0.50 16.83 6.26
C ASP A 3 1.97 16.69 5.93
N GLU A 4 2.85 16.92 6.90
CA GLU A 4 4.30 16.81 6.71
C GLU A 4 4.69 15.35 6.46
N ALA A 5 4.04 14.38 7.10
CA ALA A 5 4.34 12.97 6.87
C ALA A 5 3.92 12.66 5.44
N THR A 6 2.68 13.04 5.09
CA THR A 6 2.08 12.85 3.78
C THR A 6 3.01 13.44 2.71
N ARG A 7 3.55 14.66 2.92
CA ARG A 7 4.45 15.31 1.98
C ARG A 7 5.78 14.56 1.88
N ARG A 8 6.39 14.12 2.98
CA ARG A 8 7.65 13.37 2.96
C ARG A 8 7.47 12.09 2.17
N VAL A 9 6.42 11.33 2.51
CA VAL A 9 6.12 10.07 1.88
C VAL A 9 6.00 10.26 0.36
N VAL A 10 5.22 11.23 -0.12
CA VAL A 10 5.10 11.43 -1.56
C VAL A 10 6.42 11.96 -2.16
N SER A 11 7.20 12.73 -1.39
CA SER A 11 8.48 13.32 -1.78
C SER A 11 9.59 12.27 -1.92
N GLU A 12 9.46 11.10 -1.28
CA GLU A 12 10.48 10.06 -1.41
C GLU A 12 10.04 8.94 -2.38
N ILE A 13 8.74 8.80 -2.61
CA ILE A 13 8.18 7.78 -3.48
C ILE A 13 8.26 8.24 -4.95
N PRO A 14 8.84 7.43 -5.86
CA PRO A 14 8.95 7.78 -7.27
C PRO A 14 7.56 7.81 -7.93
N VAL A 15 7.36 8.71 -8.90
CA VAL A 15 6.06 8.84 -9.56
C VAL A 15 5.99 8.06 -10.87
N LEU A 16 4.79 7.54 -11.12
CA LEU A 16 4.41 6.76 -12.27
C LEU A 16 3.99 7.72 -13.38
N LYS A 17 3.50 7.19 -14.51
CA LYS A 17 3.04 7.98 -15.64
C LYS A 17 1.70 7.41 -16.10
N THR A 18 1.67 6.15 -16.54
CA THR A 18 0.40 5.54 -16.98
C THR A 18 -0.55 5.40 -15.78
N ASN A 19 -1.87 5.48 -16.00
CA ASN A 19 -2.93 5.33 -14.99
C ASN A 19 -4.08 4.41 -15.46
N ALA A 20 -3.82 3.55 -16.45
CA ALA A 20 -4.79 2.64 -17.04
C ALA A 20 -5.34 1.57 -16.08
N GLY A 21 -6.37 0.86 -16.52
CA GLY A 21 -7.04 -0.21 -15.80
C GLY A 21 -6.72 -1.58 -16.37
N PRO A 22 -7.09 -2.65 -15.64
CA PRO A 22 -6.87 -4.03 -16.05
C PRO A 22 -7.75 -4.48 -17.20
N ARG A 23 -8.81 -3.72 -17.54
CA ARG A 23 -9.73 -4.05 -18.64
C ARG A 23 -8.95 -4.33 -19.91
N ASP A 24 -7.86 -3.61 -20.18
CA ASP A 24 -7.06 -3.84 -21.38
C ASP A 24 -5.77 -4.54 -20.99
N ARG A 25 -5.58 -5.77 -21.49
CA ARG A 25 -4.43 -6.64 -21.26
C ARG A 25 -3.10 -5.90 -21.34
N GLU A 26 -2.89 -5.26 -22.48
CA GLU A 26 -1.68 -4.51 -22.80
C GLU A 26 -1.52 -3.21 -22.03
N LEU A 27 -2.59 -2.42 -21.96
CA LEU A 27 -2.58 -1.15 -21.23
C LEU A 27 -2.23 -1.44 -19.77
N TRP A 28 -2.76 -2.55 -19.25
CA TRP A 28 -2.54 -3.04 -17.92
C TRP A 28 -1.08 -3.34 -17.72
N VAL A 29 -0.45 -4.18 -18.56
CA VAL A 29 0.97 -4.48 -18.42
C VAL A 29 1.76 -3.18 -18.29
N GLN A 30 1.49 -2.18 -19.12
CA GLN A 30 2.21 -0.91 -19.02
C GLN A 30 2.01 -0.26 -17.62
N ARG A 31 0.75 -0.03 -17.21
CA ARG A 31 0.44 0.55 -15.91
C ARG A 31 1.10 -0.26 -14.78
N LEU A 32 0.86 -1.56 -14.76
CA LEU A 32 1.36 -2.54 -13.80
C LEU A 32 2.86 -2.43 -13.67
N LYS A 33 3.53 -2.25 -14.80
CA LYS A 33 4.97 -2.08 -14.86
C LYS A 33 5.35 -0.84 -14.05
N GLU A 34 4.71 0.31 -14.31
CA GLU A 34 5.04 1.54 -13.54
C GLU A 34 4.78 1.32 -12.04
N GLU A 35 3.66 0.66 -11.73
CA GLU A 35 3.22 0.33 -10.38
C GLU A 35 4.30 -0.48 -9.67
N TYR A 36 4.81 -1.53 -10.30
CA TYR A 36 5.85 -2.36 -9.73
C TYR A 36 7.13 -1.55 -9.54
N GLN A 37 7.63 -0.86 -10.57
CA GLN A 37 8.86 -0.08 -10.47
C GLN A 37 8.84 0.81 -9.23
N SER A 38 7.77 1.61 -9.08
CA SER A 38 7.62 2.51 -7.95
C SER A 38 7.54 1.79 -6.59
N LEU A 39 6.66 0.80 -6.48
CA LEU A 39 6.47 0.06 -5.23
C LEU A 39 7.74 -0.68 -4.83
N ILE A 40 8.37 -1.45 -5.73
CA ILE A 40 9.58 -2.21 -5.46
C ILE A 40 10.64 -1.23 -4.96
N ARG A 41 10.92 -0.15 -5.70
CA ARG A 41 11.92 0.84 -5.29
C ARG A 41 11.64 1.32 -3.87
N TYR A 42 10.38 1.62 -3.55
CA TYR A 42 10.03 2.08 -2.22
C TYR A 42 10.33 0.99 -1.18
N VAL A 43 9.84 -0.25 -1.32
CA VAL A 43 10.13 -1.27 -0.31
C VAL A 43 11.62 -1.57 -0.23
N GLU A 44 12.34 -1.53 -1.35
CA GLU A 44 13.78 -1.78 -1.40
C GLU A 44 14.47 -0.77 -0.49
N ASN A 45 14.23 0.53 -0.71
CA ASN A 45 14.85 1.58 0.10
C ASN A 45 14.37 1.54 1.55
N ASN A 46 13.06 1.39 1.75
CA ASN A 46 12.41 1.32 3.05
C ASN A 46 13.02 0.21 3.90
N LYS A 47 13.08 -1.01 3.36
CA LYS A 47 13.68 -2.18 4.02
C LYS A 47 15.20 -2.00 4.15
N ASN A 48 15.88 -1.40 3.18
CA ASN A 48 17.33 -1.20 3.25
C ASN A 48 17.68 -0.34 4.46
N ALA A 49 16.83 0.64 4.78
CA ALA A 49 16.98 1.55 5.90
C ALA A 49 16.34 0.94 7.17
N ASP A 50 15.94 -0.32 7.09
CA ASP A 50 15.28 -1.16 8.08
C ASP A 50 14.09 -0.46 8.75
N ASN A 51 13.33 0.24 7.90
CA ASN A 51 12.11 0.94 8.29
C ASN A 51 10.91 0.12 7.81
N ASP A 52 11.12 -1.19 7.64
CA ASP A 52 10.10 -2.12 7.20
C ASP A 52 8.95 -2.15 8.18
N TRP A 53 7.76 -2.38 7.63
CA TRP A 53 6.53 -2.45 8.39
C TRP A 53 5.46 -3.25 7.65
N PHE A 54 5.51 -3.31 6.31
CA PHE A 54 4.57 -4.01 5.45
C PHE A 54 5.31 -4.76 4.33
N ARG A 55 4.58 -5.64 3.63
CA ARG A 55 5.00 -6.48 2.52
C ARG A 55 3.76 -6.67 1.64
N LEU A 56 3.92 -6.70 0.31
CA LEU A 56 2.84 -6.88 -0.66
C LEU A 56 3.41 -7.38 -1.99
N GLU A 57 2.73 -8.31 -2.65
CA GLU A 57 3.09 -8.90 -3.94
C GLU A 57 1.80 -9.30 -4.68
N SER A 58 1.91 -9.76 -5.94
CA SER A 58 0.75 -10.16 -6.74
C SER A 58 1.10 -11.24 -7.75
N ASN A 59 0.06 -11.89 -8.28
CA ASN A 59 0.18 -12.94 -9.28
C ASN A 59 0.61 -12.33 -10.61
N LYS A 60 0.89 -13.19 -11.60
CA LYS A 60 1.33 -12.81 -12.95
C LYS A 60 0.38 -11.88 -13.67
N GLU A 61 -0.87 -11.80 -13.25
CA GLU A 61 -1.92 -10.95 -13.85
C GLU A 61 -2.05 -9.61 -13.11
N GLY A 62 -1.50 -9.51 -11.90
CA GLY A 62 -1.54 -8.30 -11.08
C GLY A 62 -2.96 -7.89 -10.68
N THR A 63 -3.93 -8.80 -10.79
CA THR A 63 -5.32 -8.59 -10.46
C THR A 63 -5.56 -8.50 -8.96
N ARG A 64 -4.98 -9.46 -8.21
CA ARG A 64 -5.10 -9.57 -6.77
C ARG A 64 -3.75 -9.25 -6.14
N TRP A 65 -3.73 -8.49 -5.07
CA TRP A 65 -2.54 -8.10 -4.34
C TRP A 65 -2.73 -8.56 -2.91
N PHE A 66 -1.71 -9.21 -2.35
CA PHE A 66 -1.74 -9.71 -1.00
C PHE A 66 -0.38 -9.54 -0.36
N GLY A 67 -0.32 -9.64 0.96
CA GLY A 67 0.90 -9.49 1.72
C GLY A 67 0.57 -9.47 3.19
N LYS A 68 1.44 -8.85 4.00
CA LYS A 68 1.27 -8.76 5.45
C LYS A 68 1.87 -7.47 5.96
N CYS A 69 1.64 -7.18 7.24
CA CYS A 69 2.14 -6.02 7.95
C CYS A 69 2.51 -6.47 9.35
N TRP A 70 3.48 -5.79 9.96
CA TRP A 70 3.99 -6.07 11.29
C TRP A 70 4.32 -4.74 11.95
N TYR A 71 4.22 -4.68 13.27
CA TYR A 71 4.55 -3.46 14.00
C TYR A 71 5.09 -3.82 15.37
N ILE A 72 5.76 -2.86 16.00
CA ILE A 72 6.38 -3.02 17.30
C ILE A 72 6.03 -1.81 18.17
N HIS A 73 5.61 -2.06 19.42
CA HIS A 73 5.26 -1.01 20.36
C HIS A 73 5.34 -1.59 21.77
N ASP A 74 5.78 -0.78 22.73
CA ASP A 74 5.91 -1.10 24.16
C ASP A 74 6.69 -2.40 24.45
N LEU A 75 7.60 -2.76 23.53
CA LEU A 75 8.48 -3.94 23.53
C LEU A 75 7.77 -5.21 23.08
N LEU A 76 6.61 -5.08 22.42
CA LEU A 76 5.80 -6.17 21.90
C LEU A 76 5.78 -6.08 20.37
N LYS A 77 5.49 -7.19 19.71
CA LYS A 77 5.41 -7.32 18.26
C LYS A 77 4.09 -7.94 17.83
N TYR A 78 3.55 -7.44 16.72
CA TYR A 78 2.29 -7.92 16.11
C TYR A 78 2.45 -8.11 14.61
N GLU A 79 1.54 -8.87 14.00
CA GLU A 79 1.45 -9.19 12.56
C GLU A 79 -0.01 -9.32 12.16
N PHE A 80 -0.33 -8.87 10.93
CA PHE A 80 -1.65 -8.93 10.33
C PHE A 80 -1.45 -9.26 8.84
N ASP A 81 -2.42 -9.93 8.22
CA ASP A 81 -2.39 -10.35 6.81
C ASP A 81 -3.32 -9.46 5.99
N ILE A 82 -3.04 -9.22 4.71
CA ILE A 82 -3.85 -8.38 3.84
C ILE A 82 -4.01 -9.01 2.45
N GLU A 83 -5.18 -8.82 1.83
CA GLU A 83 -5.50 -9.34 0.51
C GLU A 83 -6.67 -8.55 -0.09
N PHE A 84 -6.44 -7.92 -1.24
CA PHE A 84 -7.42 -7.14 -2.00
C PHE A 84 -7.25 -7.37 -3.51
N ASP A 85 -8.22 -6.93 -4.31
CA ASP A 85 -8.18 -7.05 -5.77
C ASP A 85 -8.61 -5.73 -6.39
N ILE A 86 -7.99 -5.38 -7.51
CA ILE A 86 -8.26 -4.14 -8.22
C ILE A 86 -9.51 -4.31 -9.07
N PRO A 87 -10.47 -3.37 -9.01
CA PRO A 87 -11.68 -3.45 -9.81
C PRO A 87 -11.31 -3.24 -11.26
N ILE A 88 -12.11 -3.82 -12.17
CA ILE A 88 -11.85 -3.68 -13.59
C ILE A 88 -11.92 -2.22 -14.04
N THR A 89 -12.81 -1.44 -13.42
CA THR A 89 -13.04 -0.05 -13.71
C THR A 89 -11.89 0.82 -13.20
N TYR A 90 -11.30 0.49 -12.04
CA TYR A 90 -10.21 1.22 -11.38
C TYR A 90 -10.49 2.74 -11.50
N PRO A 91 -11.56 3.24 -10.84
CA PRO A 91 -11.96 4.64 -10.90
C PRO A 91 -11.07 5.56 -10.05
N THR A 92 -11.31 6.86 -10.19
CA THR A 92 -10.64 7.95 -9.48
C THR A 92 -10.68 7.73 -7.96
N THR A 93 -11.72 7.05 -7.48
CA THR A 93 -11.95 6.71 -6.10
C THR A 93 -11.04 5.52 -5.79
N ALA A 94 -10.11 5.71 -4.85
CA ALA A 94 -9.13 4.70 -4.42
C ALA A 94 -9.76 3.32 -4.10
N PRO A 95 -8.98 2.22 -4.20
CA PRO A 95 -9.42 0.86 -3.92
C PRO A 95 -9.59 0.66 -2.40
N GLU A 96 -9.96 -0.56 -1.99
CA GLU A 96 -10.18 -0.89 -0.59
C GLU A 96 -9.40 -2.14 -0.16
N ILE A 97 -8.50 -2.01 0.82
CA ILE A 97 -7.70 -3.11 1.36
C ILE A 97 -8.56 -3.81 2.42
N ALA A 98 -8.33 -5.10 2.65
CA ALA A 98 -9.02 -5.94 3.62
C ALA A 98 -7.95 -6.67 4.44
N VAL A 99 -8.30 -7.06 5.67
CA VAL A 99 -7.43 -7.74 6.61
C VAL A 99 -8.28 -8.74 7.42
N PRO A 100 -8.22 -10.06 7.14
CA PRO A 100 -9.02 -11.04 7.86
C PRO A 100 -8.58 -11.21 9.32
N GLU A 101 -7.31 -10.95 9.65
CA GLU A 101 -6.80 -11.11 11.01
C GLU A 101 -7.59 -10.21 11.98
N LEU A 102 -7.93 -9.00 11.55
CA LEU A 102 -8.67 -8.01 12.33
C LEU A 102 -10.15 -8.01 11.96
N ASP A 103 -10.56 -8.78 10.95
CA ASP A 103 -11.95 -8.84 10.52
C ASP A 103 -12.75 -9.44 11.66
N GLY A 104 -13.54 -8.63 12.34
CA GLY A 104 -14.36 -9.03 13.47
C GLY A 104 -13.90 -8.39 14.77
N LYS A 105 -12.68 -7.83 14.86
CA LYS A 105 -12.25 -7.18 16.11
C LYS A 105 -12.97 -5.84 16.16
N THR A 106 -12.70 -4.97 15.20
CA THR A 106 -13.35 -3.67 15.16
C THR A 106 -14.81 -3.84 14.74
N ALA A 107 -15.60 -2.77 14.87
CA ALA A 107 -17.01 -2.74 14.54
C ALA A 107 -17.25 -2.96 13.04
N LYS A 108 -18.42 -3.49 12.68
CA LYS A 108 -18.74 -3.69 11.28
C LYS A 108 -19.12 -2.32 10.75
N MET A 109 -18.18 -1.66 10.06
CA MET A 109 -18.43 -0.35 9.49
C MET A 109 -19.35 -0.50 8.28
N TYR A 110 -19.89 0.60 7.80
CA TYR A 110 -20.79 0.65 6.64
C TYR A 110 -20.07 -0.01 5.45
N ARG A 111 -20.81 -0.59 4.51
CA ARG A 111 -20.17 -1.25 3.37
C ARG A 111 -19.34 -0.28 2.54
N GLY A 112 -18.06 -0.60 2.35
CA GLY A 112 -17.13 0.20 1.58
C GLY A 112 -15.99 0.73 2.42
N GLY A 113 -14.81 0.12 2.31
CA GLY A 113 -13.62 0.55 3.01
C GLY A 113 -13.62 0.31 4.51
N LYS A 114 -13.77 -0.93 4.98
CA LYS A 114 -13.80 -1.25 6.41
C LYS A 114 -12.54 -0.77 7.14
N ILE A 115 -11.38 -0.74 6.46
CA ILE A 115 -10.12 -0.29 7.05
C ILE A 115 -9.50 0.87 6.25
N CYS A 116 -10.18 1.32 5.20
CA CYS A 116 -9.74 2.42 4.37
C CYS A 116 -10.05 3.69 5.15
N LEU A 117 -9.10 4.24 5.92
CA LEU A 117 -9.37 5.48 6.63
C LEU A 117 -9.80 6.50 5.56
N THR A 118 -10.81 7.32 5.83
CA THR A 118 -11.32 8.28 4.86
C THR A 118 -11.01 9.73 5.20
N ASP A 119 -10.98 10.08 6.49
CA ASP A 119 -10.74 11.41 7.08
C ASP A 119 -9.89 12.33 6.20
N HIS A 120 -8.60 12.06 6.07
CA HIS A 120 -7.70 12.88 5.26
C HIS A 120 -7.38 12.22 3.92
N PHE A 121 -7.50 10.90 3.82
CA PHE A 121 -7.19 10.15 2.62
C PHE A 121 -8.13 10.48 1.46
N LYS A 122 -9.45 10.55 1.69
CA LYS A 122 -10.44 10.86 0.65
C LYS A 122 -10.11 12.17 -0.07
N PRO A 123 -10.02 13.32 0.62
CA PRO A 123 -9.73 14.58 -0.04
C PRO A 123 -8.32 14.56 -0.65
N LEU A 124 -7.32 14.00 0.04
CA LEU A 124 -5.96 13.93 -0.47
C LEU A 124 -5.95 13.26 -1.84
N TRP A 125 -6.50 12.05 -1.90
CA TRP A 125 -6.54 11.27 -3.14
C TRP A 125 -7.43 11.93 -4.19
N ALA A 126 -8.63 12.40 -3.81
CA ALA A 126 -9.54 13.02 -4.77
C ALA A 126 -8.95 14.28 -5.42
N ARG A 127 -8.44 15.20 -4.60
CA ARG A 127 -7.86 16.45 -5.09
C ARG A 127 -6.64 16.20 -5.96
N ASN A 128 -5.75 15.28 -5.56
CA ASN A 128 -4.55 15.01 -6.33
C ASN A 128 -4.40 13.52 -6.62
N VAL A 129 -4.60 13.15 -7.88
CA VAL A 129 -4.49 11.80 -8.41
C VAL A 129 -3.87 11.99 -9.80
N PRO A 130 -2.64 12.53 -9.88
CA PRO A 130 -1.98 12.75 -11.16
C PRO A 130 -1.59 11.40 -11.76
N LYS A 131 -0.83 10.61 -11.00
CA LYS A 131 -0.35 9.29 -11.38
C LYS A 131 -0.39 8.23 -10.27
N PHE A 132 -0.87 8.60 -9.08
CA PHE A 132 -0.97 7.75 -7.88
C PHE A 132 -1.41 6.32 -8.18
N GLY A 133 -0.74 5.37 -7.53
CA GLY A 133 -0.97 3.94 -7.63
C GLY A 133 -1.01 3.34 -6.24
N LEU A 134 -0.87 2.02 -6.18
CA LEU A 134 -0.92 1.32 -4.90
C LEU A 134 0.22 1.72 -3.97
N ALA A 135 1.42 2.06 -4.45
CA ALA A 135 2.50 2.50 -3.55
C ALA A 135 1.95 3.66 -2.70
N HIS A 136 1.36 4.64 -3.38
CA HIS A 136 0.79 5.81 -2.73
C HIS A 136 -0.37 5.40 -1.82
N LEU A 137 -1.16 4.39 -2.20
CA LEU A 137 -2.29 3.89 -1.42
C LEU A 137 -1.83 3.35 -0.07
N MET A 138 -0.92 2.37 -0.02
CA MET A 138 -0.51 1.84 1.27
C MET A 138 0.25 2.88 2.08
N ALA A 139 1.18 3.64 1.49
CA ALA A 139 1.94 4.62 2.25
C ALA A 139 1.08 5.77 2.81
N LEU A 140 -0.07 6.09 2.22
CA LEU A 140 -0.95 7.17 2.72
C LEU A 140 -2.30 6.63 3.20
N GLY A 141 -2.48 5.32 3.26
CA GLY A 141 -3.72 4.69 3.69
C GLY A 141 -3.45 3.62 4.73
N LEU A 142 -2.76 2.55 4.31
CA LEU A 142 -2.43 1.43 5.19
C LEU A 142 -1.53 1.91 6.35
N GLY A 143 -0.55 2.77 6.04
CA GLY A 143 0.41 3.31 6.98
C GLY A 143 -0.23 4.12 8.09
N PRO A 144 -0.96 5.21 7.79
CA PRO A 144 -1.59 6.01 8.83
C PRO A 144 -2.62 5.20 9.62
N TRP A 145 -3.43 4.37 8.93
CA TRP A 145 -4.43 3.54 9.57
C TRP A 145 -3.75 2.72 10.67
N LEU A 146 -2.72 1.94 10.34
CA LEU A 146 -2.02 1.13 11.34
C LEU A 146 -1.26 1.99 12.36
N ALA A 147 -0.78 3.17 11.97
CA ALA A 147 -0.06 4.05 12.87
C ALA A 147 -0.96 4.59 13.99
N VAL A 148 -2.27 4.72 13.75
CA VAL A 148 -3.21 5.21 14.77
C VAL A 148 -3.99 4.05 15.40
N GLU A 149 -4.23 2.95 14.68
CA GLU A 149 -4.99 1.83 15.20
C GLU A 149 -4.17 0.99 16.17
N ILE A 150 -2.86 0.79 15.99
CA ILE A 150 -2.10 -0.03 16.94
C ILE A 150 -2.23 0.51 18.37
N PRO A 151 -1.88 1.78 18.67
CA PRO A 151 -2.01 2.26 20.04
C PRO A 151 -3.47 2.34 20.48
N ASP A 152 -4.39 2.70 19.59
CA ASP A 152 -5.81 2.81 19.93
C ASP A 152 -6.38 1.47 20.36
N LEU A 153 -6.23 0.43 19.54
CA LEU A 153 -6.76 -0.90 19.82
C LEU A 153 -6.09 -1.49 21.07
N ILE A 154 -4.79 -1.22 21.27
CA ILE A 154 -4.07 -1.70 22.44
C ILE A 154 -4.69 -1.05 23.68
N GLN A 155 -4.80 0.28 23.71
CA GLN A 155 -5.37 0.98 24.86
C GLN A 155 -6.84 0.61 25.07
N LYS A 156 -7.61 0.46 23.99
CA LYS A 156 -9.02 0.10 24.05
C LYS A 156 -9.20 -1.31 24.59
N GLY A 157 -8.22 -2.20 24.42
CA GLY A 157 -8.28 -3.56 24.93
C GLY A 157 -8.88 -4.52 23.91
N VAL A 158 -8.33 -4.50 22.69
CA VAL A 158 -8.77 -5.37 21.61
C VAL A 158 -7.59 -6.14 21.02
N ILE A 159 -6.42 -5.52 20.84
CA ILE A 159 -5.24 -6.17 20.27
C ILE A 159 -4.29 -6.58 21.40
N GLN A 160 -3.57 -7.66 21.16
CA GLN A 160 -2.57 -8.29 22.01
C GLN A 160 -1.42 -8.76 21.12
N HIS A 161 -0.28 -9.14 21.71
CA HIS A 161 0.88 -9.62 20.96
C HIS A 161 0.89 -11.15 20.90
N LYS A 162 1.53 -11.73 19.87
CA LYS A 162 1.61 -13.18 19.67
C LYS A 162 2.99 -13.80 19.93
N GLU A 163 4.01 -12.99 20.24
CA GLU A 163 5.36 -13.51 20.49
C GLU A 163 5.35 -14.61 21.54
N LYS A 164 4.83 -14.29 22.73
CA LYS A 164 4.76 -15.23 23.85
C LYS A 164 3.70 -16.31 23.65
N CYS A 165 2.94 -16.28 22.55
CA CYS A 165 1.92 -17.27 22.24
C CYS A 165 2.60 -18.36 21.41
N ASN A 166 3.22 -17.99 20.29
CA ASN A 166 3.90 -18.92 19.37
C ASN A 166 5.34 -18.49 19.13
N GLN A 167 5.60 -17.63 18.15
CA GLN A 167 6.92 -17.13 17.78
C GLN A 167 6.77 -15.66 17.41
N GLY B 1 2.10 17.15 -19.62
CA GLY B 1 3.27 16.63 -18.91
C GLY B 1 4.07 17.79 -18.40
N MET B 2 5.24 18.07 -19.01
CA MET B 2 6.15 19.16 -18.63
C MET B 2 6.34 19.18 -17.11
N SER B 3 6.58 18.01 -16.53
CA SER B 3 6.79 17.82 -15.10
C SER B 3 7.93 16.82 -14.99
N VAL B 4 9.15 17.34 -14.84
CA VAL B 4 10.38 16.58 -14.73
C VAL B 4 11.07 16.80 -13.37
N THR B 5 10.73 17.87 -12.65
CA THR B 5 11.31 18.19 -11.35
C THR B 5 10.91 17.16 -10.29
N GLU B 6 9.69 16.62 -10.35
CA GLU B 6 9.19 15.62 -9.41
C GLU B 6 9.97 14.30 -9.61
N LEU B 7 9.92 13.37 -8.64
CA LEU B 7 10.61 12.08 -8.77
C LEU B 7 9.97 11.28 -9.91
N THR B 8 10.57 10.16 -10.35
CA THR B 8 10.04 9.31 -11.42
C THR B 8 10.44 7.85 -11.17
N VAL B 9 9.64 6.90 -11.64
CA VAL B 9 9.88 5.46 -11.51
C VAL B 9 11.23 5.07 -12.13
N GLU B 10 11.70 3.89 -11.78
CA GLU B 10 12.94 3.30 -12.26
C GLU B 10 12.73 2.73 -13.68
N ASP B 11 11.99 3.43 -14.54
CA ASP B 11 11.69 2.99 -15.91
C ASP B 11 12.96 2.97 -16.78
N SER B 12 13.69 1.86 -16.69
CA SER B 12 14.93 1.61 -17.41
C SER B 12 14.81 0.33 -18.25
N GLY B 13 13.79 0.26 -19.09
CA GLY B 13 13.56 -0.88 -19.98
C GLY B 13 13.24 -2.21 -19.33
N GLU B 14 12.99 -2.28 -18.01
CA GLU B 14 12.66 -3.54 -17.33
C GLU B 14 11.32 -4.05 -17.87
N SER B 15 11.05 -5.35 -17.77
CA SER B 15 9.85 -6.01 -18.23
C SER B 15 8.99 -6.43 -17.04
N LEU B 16 7.70 -6.66 -17.26
CA LEU B 16 6.73 -7.04 -16.24
C LEU B 16 7.07 -8.31 -15.45
N GLU B 17 7.39 -9.39 -16.15
CA GLU B 17 7.72 -10.66 -15.50
C GLU B 17 8.87 -10.49 -14.53
N ASP B 18 9.89 -9.76 -14.95
CA ASP B 18 11.07 -9.49 -14.16
C ASP B 18 10.65 -8.71 -12.93
N LEU B 19 9.90 -7.61 -13.12
CA LEU B 19 9.40 -6.74 -12.06
C LEU B 19 8.69 -7.54 -10.98
N MET B 20 7.62 -8.25 -11.33
CA MET B 20 6.87 -9.02 -10.36
C MET B 20 7.66 -10.18 -9.77
N ALA B 21 8.57 -10.80 -10.54
CA ALA B 21 9.38 -11.91 -10.05
C ALA B 21 10.25 -11.41 -8.90
N LYS B 22 10.95 -10.27 -9.08
CA LYS B 22 11.77 -9.78 -7.99
C LYS B 22 10.90 -9.35 -6.81
N MET B 23 9.73 -8.73 -7.05
CA MET B 23 8.86 -8.26 -5.97
C MET B 23 8.52 -9.39 -4.98
N LYS B 24 8.00 -10.50 -5.51
CA LYS B 24 7.65 -11.64 -4.68
C LYS B 24 8.90 -12.32 -4.13
N ASN B 25 9.97 -12.43 -4.92
CA ASN B 25 11.24 -13.05 -4.49
C ASN B 25 11.82 -12.36 -3.26
N MET B 26 11.60 -11.05 -3.06
CA MET B 26 12.14 -10.32 -1.89
C MET B 26 11.70 -10.96 -0.57
N TRP B 27 10.59 -11.69 -0.62
CA TRP B 27 10.04 -12.42 0.52
C TRP B 27 10.84 -13.70 0.69
N MET A 1 1.14 17.51 11.88
CA MET A 1 1.76 16.29 12.40
C MET A 1 1.75 15.20 11.33
N ALA A 2 0.59 14.86 10.75
CA ALA A 2 0.52 13.85 9.72
C ALA A 2 0.69 14.48 8.33
N ASP A 3 0.35 15.77 8.17
CA ASP A 3 0.46 16.48 6.90
C ASP A 3 1.92 16.61 6.46
N GLU A 4 2.83 16.92 7.38
CA GLU A 4 4.24 17.04 7.05
C GLU A 4 4.79 15.67 6.62
N ALA A 5 4.36 14.60 7.30
CA ALA A 5 4.76 13.24 6.98
C ALA A 5 4.17 12.86 5.62
N THR A 6 2.93 13.26 5.33
CA THR A 6 2.23 13.01 4.09
C THR A 6 3.05 13.58 2.93
N ARG A 7 3.43 14.87 2.99
CA ARG A 7 4.22 15.44 1.90
C ARG A 7 5.56 14.73 1.80
N ARG A 8 6.24 14.40 2.91
CA ARG A 8 7.52 13.69 2.88
C ARG A 8 7.36 12.35 2.15
N VAL A 9 6.33 11.60 2.52
CA VAL A 9 6.06 10.29 1.95
C VAL A 9 5.94 10.41 0.43
N VAL A 10 5.18 11.37 -0.08
CA VAL A 10 5.06 11.53 -1.54
C VAL A 10 6.37 12.12 -2.10
N SER A 11 7.11 12.93 -1.35
CA SER A 11 8.38 13.54 -1.75
C SER A 11 9.48 12.49 -1.89
N GLU A 12 9.32 11.31 -1.30
CA GLU A 12 10.34 10.25 -1.40
C GLU A 12 9.90 9.06 -2.29
N ILE A 13 8.65 9.05 -2.71
CA ILE A 13 8.04 8.00 -3.55
C ILE A 13 7.87 8.50 -5.00
N PRO A 14 8.43 7.80 -6.02
CA PRO A 14 8.33 8.19 -7.43
C PRO A 14 6.92 8.17 -8.04
N VAL A 15 6.67 9.11 -8.96
CA VAL A 15 5.40 9.29 -9.66
C VAL A 15 5.30 8.47 -10.94
N LEU A 16 4.07 8.14 -11.31
CA LEU A 16 3.74 7.35 -12.49
C LEU A 16 3.30 8.29 -13.61
N LYS A 17 2.87 7.71 -14.73
CA LYS A 17 2.45 8.44 -15.91
C LYS A 17 1.10 7.90 -16.40
N THR A 18 1.04 6.66 -16.87
CA THR A 18 -0.20 6.03 -17.37
C THR A 18 -1.15 5.74 -16.20
N ASN A 19 -2.47 5.71 -16.45
CA ASN A 19 -3.54 5.44 -15.47
C ASN A 19 -4.60 4.43 -15.97
N ALA A 20 -4.25 3.58 -16.92
CA ALA A 20 -5.14 2.58 -17.51
C ALA A 20 -5.59 1.46 -16.56
N GLY A 21 -6.48 0.58 -17.04
CA GLY A 21 -7.03 -0.56 -16.34
C GLY A 21 -6.64 -1.91 -16.95
N PRO A 22 -6.93 -3.04 -16.26
CA PRO A 22 -6.65 -4.41 -16.69
C PRO A 22 -7.50 -4.83 -17.89
N ARG A 23 -8.56 -4.08 -18.19
CA ARG A 23 -9.46 -4.31 -19.30
C ARG A 23 -8.70 -4.49 -20.61
N ASP A 24 -7.65 -3.70 -20.81
CA ASP A 24 -6.81 -3.74 -22.00
C ASP A 24 -5.48 -4.37 -21.61
N ARG A 25 -5.18 -5.56 -22.14
CA ARG A 25 -3.96 -6.32 -21.84
C ARG A 25 -2.72 -5.45 -21.88
N GLU A 26 -2.48 -4.88 -23.05
CA GLU A 26 -1.33 -4.02 -23.33
C GLU A 26 -1.24 -2.81 -22.39
N LEU A 27 -2.34 -2.06 -22.26
CA LEU A 27 -2.39 -0.88 -21.41
C LEU A 27 -2.13 -1.28 -19.96
N TRP A 28 -2.60 -2.44 -19.53
CA TRP A 28 -2.40 -2.93 -18.18
C TRP A 28 -0.92 -3.14 -17.95
N VAL A 29 -0.25 -3.86 -18.86
CA VAL A 29 1.17 -4.13 -18.75
C VAL A 29 1.90 -2.79 -18.56
N GLN A 30 1.56 -1.74 -19.31
CA GLN A 30 2.24 -0.46 -19.12
C GLN A 30 1.91 0.15 -17.74
N ARG A 31 0.63 0.33 -17.40
CA ARG A 31 0.23 0.91 -16.12
C ARG A 31 0.85 0.14 -14.96
N LEU A 32 0.65 -1.16 -14.91
CA LEU A 32 1.19 -1.99 -13.83
C LEU A 32 2.70 -1.85 -13.76
N LYS A 33 3.39 -1.73 -14.90
CA LYS A 33 4.85 -1.56 -14.91
C LYS A 33 5.16 -0.30 -14.10
N GLU A 34 4.41 0.77 -14.30
CA GLU A 34 4.63 2.01 -13.55
C GLU A 34 4.35 1.77 -12.06
N GLU A 35 3.22 1.14 -11.72
CA GLU A 35 2.87 0.85 -10.32
C GLU A 35 3.93 0.01 -9.64
N TYR A 36 4.46 -0.99 -10.34
CA TYR A 36 5.50 -1.87 -9.84
C TYR A 36 6.76 -1.04 -9.61
N GLN A 37 7.34 -0.42 -10.65
CA GLN A 37 8.56 0.37 -10.49
C GLN A 37 8.43 1.33 -9.30
N SER A 38 7.31 2.06 -9.21
CA SER A 38 7.02 3.01 -8.14
C SER A 38 7.14 2.35 -6.76
N LEU A 39 6.31 1.31 -6.54
CA LEU A 39 6.28 0.59 -5.28
C LEU A 39 7.62 -0.09 -5.00
N ILE A 40 8.23 -0.78 -5.96
CA ILE A 40 9.50 -1.46 -5.81
C ILE A 40 10.54 -0.44 -5.33
N ARG A 41 10.67 0.72 -5.97
CA ARG A 41 11.63 1.75 -5.54
C ARG A 41 11.39 2.06 -4.06
N TYR A 42 10.13 2.33 -3.70
CA TYR A 42 9.78 2.62 -2.32
C TYR A 42 10.20 1.47 -1.40
N VAL A 43 9.76 0.22 -1.62
CA VAL A 43 10.13 -0.88 -0.73
C VAL A 43 11.63 -1.19 -0.75
N GLU A 44 12.31 -1.06 -1.88
CA GLU A 44 13.76 -1.32 -1.99
C GLU A 44 14.48 -0.37 -1.01
N ASN A 45 14.19 0.93 -1.07
CA ASN A 45 14.80 1.93 -0.21
C ASN A 45 14.34 1.77 1.24
N ASN A 46 13.04 1.62 1.45
CA ASN A 46 12.41 1.47 2.75
C ASN A 46 12.99 0.27 3.51
N LYS A 47 13.04 -0.90 2.87
CA LYS A 47 13.58 -2.12 3.46
C LYS A 47 15.06 -1.95 3.74
N ASN A 48 15.85 -1.36 2.83
CA ASN A 48 17.28 -1.17 3.05
C ASN A 48 17.52 -0.34 4.31
N ALA A 49 16.65 0.65 4.54
CA ALA A 49 16.69 1.55 5.68
C ALA A 49 16.09 0.91 6.94
N ASP A 50 15.89 -0.41 6.95
CA ASP A 50 15.32 -1.18 8.05
C ASP A 50 13.99 -0.61 8.54
N ASN A 51 13.21 -0.11 7.59
CA ASN A 51 11.89 0.46 7.82
C ASN A 51 10.84 -0.51 7.24
N ASP A 52 11.20 -1.75 6.91
CA ASP A 52 10.29 -2.74 6.36
C ASP A 52 9.16 -3.05 7.36
N TRP A 53 8.04 -2.37 7.20
CA TRP A 53 6.87 -2.51 8.05
C TRP A 53 5.79 -3.33 7.34
N PHE A 54 5.81 -3.37 6.01
CA PHE A 54 4.87 -4.07 5.16
C PHE A 54 5.60 -4.81 4.04
N ARG A 55 4.90 -5.76 3.40
CA ARG A 55 5.36 -6.58 2.29
C ARG A 55 4.15 -6.77 1.39
N LEU A 56 4.32 -6.64 0.08
CA LEU A 56 3.25 -6.79 -0.88
C LEU A 56 3.75 -7.51 -2.13
N GLU A 57 2.98 -8.47 -2.63
CA GLU A 57 3.28 -9.26 -3.82
C GLU A 57 1.95 -9.54 -4.54
N SER A 58 2.03 -10.15 -5.73
CA SER A 58 0.86 -10.50 -6.54
C SER A 58 1.15 -11.72 -7.40
N ASN A 59 0.12 -12.13 -8.13
CA ASN A 59 0.16 -13.22 -9.09
C ASN A 59 0.71 -12.62 -10.40
N LYS A 60 1.04 -13.44 -11.38
CA LYS A 60 1.59 -12.99 -12.67
C LYS A 60 0.61 -12.14 -13.47
N GLU A 61 -0.69 -12.21 -13.16
CA GLU A 61 -1.71 -11.42 -13.85
C GLU A 61 -1.86 -10.01 -13.26
N GLY A 62 -1.37 -9.79 -12.05
CA GLY A 62 -1.42 -8.52 -11.34
C GLY A 62 -2.80 -8.03 -10.96
N THR A 63 -3.80 -8.91 -10.97
CA THR A 63 -5.18 -8.55 -10.62
C THR A 63 -5.41 -8.63 -9.12
N ARG A 64 -4.86 -9.65 -8.44
CA ARG A 64 -5.02 -9.85 -7.00
C ARG A 64 -3.66 -9.63 -6.37
N TRP A 65 -3.65 -8.83 -5.30
CA TRP A 65 -2.47 -8.47 -4.54
C TRP A 65 -2.67 -8.91 -3.11
N PHE A 66 -1.62 -9.44 -2.50
CA PHE A 66 -1.62 -9.95 -1.13
C PHE A 66 -0.27 -9.70 -0.52
N GLY A 67 -0.25 -9.62 0.80
CA GLY A 67 0.95 -9.34 1.56
C GLY A 67 0.67 -9.45 3.04
N LYS A 68 1.62 -8.99 3.85
CA LYS A 68 1.53 -9.00 5.31
C LYS A 68 2.34 -7.81 5.85
N CYS A 69 2.07 -7.42 7.08
CA CYS A 69 2.77 -6.34 7.76
C CYS A 69 3.17 -6.77 9.16
N TRP A 70 4.13 -6.06 9.75
CA TRP A 70 4.67 -6.30 11.07
C TRP A 70 4.92 -4.95 11.72
N TYR A 71 4.55 -4.80 12.97
CA TYR A 71 4.72 -3.57 13.73
C TYR A 71 5.29 -3.95 15.09
N ILE A 72 6.20 -3.13 15.63
CA ILE A 72 6.85 -3.40 16.90
C ILE A 72 6.61 -2.23 17.85
N HIS A 73 6.08 -2.51 19.03
CA HIS A 73 5.81 -1.52 20.06
C HIS A 73 5.83 -2.24 21.41
N ASP A 74 6.34 -1.57 22.43
CA ASP A 74 6.44 -2.02 23.82
C ASP A 74 7.01 -3.43 23.99
N LEU A 75 7.98 -3.78 23.12
CA LEU A 75 8.67 -5.05 23.07
C LEU A 75 7.77 -6.21 22.65
N LEU A 76 6.76 -5.89 21.83
CA LEU A 76 5.80 -6.81 21.26
C LEU A 76 5.90 -6.63 19.74
N LYS A 77 5.93 -7.73 18.98
CA LYS A 77 6.02 -7.74 17.51
C LYS A 77 4.75 -8.34 16.97
N TYR A 78 3.80 -7.50 16.58
CA TYR A 78 2.52 -7.96 16.02
C TYR A 78 2.69 -8.19 14.53
N GLU A 79 1.77 -8.93 13.93
CA GLU A 79 1.73 -9.28 12.52
C GLU A 79 0.27 -9.38 12.07
N PHE A 80 0.00 -8.91 10.86
CA PHE A 80 -1.31 -8.92 10.21
C PHE A 80 -1.15 -9.23 8.73
N ASP A 81 -2.18 -9.73 8.06
CA ASP A 81 -2.20 -10.05 6.64
C ASP A 81 -3.01 -9.01 5.87
N ILE A 82 -2.92 -8.98 4.53
CA ILE A 82 -3.67 -8.03 3.69
C ILE A 82 -3.92 -8.68 2.33
N GLU A 83 -5.12 -8.60 1.78
CA GLU A 83 -5.44 -9.17 0.47
C GLU A 83 -6.54 -8.35 -0.20
N PHE A 84 -6.25 -7.82 -1.39
CA PHE A 84 -7.17 -7.02 -2.20
C PHE A 84 -7.05 -7.34 -3.69
N ASP A 85 -8.00 -6.86 -4.49
CA ASP A 85 -8.02 -7.03 -5.93
C ASP A 85 -8.37 -5.68 -6.55
N ILE A 86 -7.81 -5.43 -7.75
CA ILE A 86 -8.05 -4.18 -8.44
C ILE A 86 -9.34 -4.22 -9.27
N PRO A 87 -10.25 -3.24 -9.16
CA PRO A 87 -11.47 -3.25 -9.97
C PRO A 87 -11.08 -3.01 -11.42
N ILE A 88 -11.78 -3.64 -12.35
CA ILE A 88 -11.49 -3.50 -13.78
C ILE A 88 -11.68 -2.05 -14.29
N THR A 89 -12.44 -1.25 -13.55
CA THR A 89 -12.76 0.13 -13.86
C THR A 89 -11.72 1.13 -13.35
N TYR A 90 -11.12 0.90 -12.17
CA TYR A 90 -10.13 1.79 -11.53
C TYR A 90 -10.65 3.25 -11.59
N PRO A 91 -11.74 3.57 -10.88
CA PRO A 91 -12.29 4.91 -10.86
C PRO A 91 -11.34 5.80 -10.06
N THR A 92 -11.61 7.10 -10.05
CA THR A 92 -10.77 8.02 -9.31
C THR A 92 -10.73 7.67 -7.82
N THR A 93 -11.79 7.05 -7.28
CA THR A 93 -11.86 6.64 -5.89
C THR A 93 -10.94 5.41 -5.74
N ALA A 94 -10.02 5.50 -4.77
CA ALA A 94 -9.03 4.50 -4.41
C ALA A 94 -9.60 3.08 -4.22
N PRO A 95 -8.78 2.03 -4.41
CA PRO A 95 -9.19 0.63 -4.23
C PRO A 95 -9.41 0.38 -2.72
N GLU A 96 -9.88 -0.80 -2.34
CA GLU A 96 -10.15 -1.17 -0.94
C GLU A 96 -9.26 -2.32 -0.49
N ILE A 97 -8.65 -2.21 0.69
CA ILE A 97 -7.81 -3.25 1.30
C ILE A 97 -8.71 -4.00 2.28
N ALA A 98 -8.48 -5.29 2.50
CA ALA A 98 -9.21 -6.12 3.44
C ALA A 98 -8.21 -6.85 4.33
N VAL A 99 -8.57 -7.10 5.58
CA VAL A 99 -7.73 -7.77 6.56
C VAL A 99 -8.61 -8.75 7.35
N PRO A 100 -8.54 -10.06 7.09
CA PRO A 100 -9.34 -11.06 7.80
C PRO A 100 -8.85 -11.21 9.24
N GLU A 101 -7.56 -10.98 9.51
CA GLU A 101 -6.96 -11.08 10.85
C GLU A 101 -7.63 -10.09 11.82
N LEU A 102 -8.16 -8.98 11.27
CA LEU A 102 -8.82 -7.91 12.00
C LEU A 102 -10.34 -7.92 11.86
N ASP A 103 -10.95 -8.91 11.19
CA ASP A 103 -12.40 -8.95 11.07
C ASP A 103 -12.95 -8.94 12.50
N GLY A 104 -13.80 -7.96 12.81
CA GLY A 104 -14.39 -7.83 14.14
C GLY A 104 -13.51 -6.97 15.04
N LYS A 105 -12.17 -7.14 15.03
CA LYS A 105 -11.30 -6.32 15.88
C LYS A 105 -11.60 -4.85 15.59
N THR A 106 -11.49 -4.46 14.32
CA THR A 106 -11.76 -3.11 13.89
C THR A 106 -13.29 -2.98 13.74
N ALA A 107 -13.88 -1.86 14.19
CA ALA A 107 -15.30 -1.57 14.12
C ALA A 107 -15.81 -1.86 12.71
N LYS A 108 -16.83 -2.71 12.56
CA LYS A 108 -17.34 -3.05 11.23
C LYS A 108 -18.24 -1.95 10.68
N MET A 109 -17.67 -1.14 9.79
CA MET A 109 -18.33 -0.05 9.12
C MET A 109 -19.12 -0.58 7.91
N TYR A 110 -19.81 0.33 7.22
CA TYR A 110 -20.60 0.05 6.03
C TYR A 110 -19.66 -0.41 4.89
N ARG A 111 -20.21 -1.05 3.85
CA ARG A 111 -19.44 -1.54 2.71
C ARG A 111 -18.70 -0.39 2.03
N GLY A 112 -17.37 -0.43 2.01
CA GLY A 112 -16.52 0.56 1.38
C GLY A 112 -15.40 1.05 2.29
N GLY A 113 -14.24 0.41 2.22
CA GLY A 113 -13.07 0.77 3.01
C GLY A 113 -13.22 0.39 4.48
N LYS A 114 -13.42 -0.90 4.81
CA LYS A 114 -13.57 -1.30 6.21
C LYS A 114 -12.35 -0.93 7.06
N ILE A 115 -11.17 -0.94 6.45
CA ILE A 115 -9.90 -0.58 7.07
C ILE A 115 -9.19 0.48 6.23
N CYS A 116 -9.63 0.67 4.97
CA CYS A 116 -9.09 1.68 4.08
C CYS A 116 -9.78 2.94 4.60
N LEU A 117 -9.13 3.57 5.59
CA LEU A 117 -9.56 4.76 6.30
C LEU A 117 -10.07 5.85 5.34
N THR A 118 -10.86 6.78 5.88
CA THR A 118 -11.45 7.85 5.08
C THR A 118 -11.25 9.25 5.65
N ASP A 119 -11.22 9.43 6.98
CA ASP A 119 -11.07 10.72 7.66
C ASP A 119 -10.23 11.76 6.89
N HIS A 120 -8.92 11.50 6.69
CA HIS A 120 -8.06 12.42 5.95
C HIS A 120 -7.65 11.86 4.59
N PHE A 121 -7.72 10.52 4.40
CA PHE A 121 -7.36 9.87 3.15
C PHE A 121 -8.38 10.13 2.05
N LYS A 122 -9.68 10.11 2.35
CA LYS A 122 -10.71 10.35 1.35
C LYS A 122 -10.48 11.73 0.73
N PRO A 123 -10.41 12.85 1.47
CA PRO A 123 -10.18 14.16 0.86
C PRO A 123 -8.78 14.25 0.26
N LEU A 124 -7.74 13.66 0.89
CA LEU A 124 -6.38 13.70 0.38
C LEU A 124 -6.28 13.04 -0.98
N TRP A 125 -6.78 11.82 -1.10
CA TRP A 125 -6.75 11.09 -2.37
C TRP A 125 -7.68 11.77 -3.36
N ALA A 126 -8.87 12.19 -2.92
CA ALA A 126 -9.83 12.83 -3.81
C ALA A 126 -9.25 14.09 -4.45
N ARG A 127 -8.64 14.97 -3.64
CA ARG A 127 -8.06 16.21 -4.12
C ARG A 127 -6.84 15.97 -4.99
N ASN A 128 -5.97 15.00 -4.66
CA ASN A 128 -4.79 14.72 -5.44
C ASN A 128 -4.66 13.25 -5.82
N VAL A 129 -5.00 12.96 -7.06
CA VAL A 129 -4.95 11.63 -7.66
C VAL A 129 -4.62 11.79 -9.16
N PRO A 130 -3.54 12.51 -9.53
CA PRO A 130 -3.17 12.70 -10.93
C PRO A 130 -2.68 11.40 -11.56
N LYS A 131 -1.67 10.78 -10.92
CA LYS A 131 -0.99 9.55 -11.30
C LYS A 131 -0.77 8.61 -10.12
N PHE A 132 -1.40 8.87 -8.98
CA PHE A 132 -1.26 8.05 -7.79
C PHE A 132 -1.53 6.57 -8.13
N GLY A 133 -0.72 5.72 -7.51
CA GLY A 133 -0.75 4.28 -7.63
C GLY A 133 -0.71 3.65 -6.26
N LEU A 134 -0.67 2.32 -6.25
CA LEU A 134 -0.64 1.49 -5.06
C LEU A 134 0.44 1.86 -4.03
N ALA A 135 1.57 2.46 -4.42
CA ALA A 135 2.61 2.84 -3.45
C ALA A 135 2.07 3.97 -2.56
N HIS A 136 1.57 5.03 -3.20
CA HIS A 136 1.00 6.20 -2.53
C HIS A 136 -0.17 5.75 -1.66
N LEU A 137 -1.02 4.87 -2.19
CA LEU A 137 -2.18 4.32 -1.49
C LEU A 137 -1.76 3.70 -0.16
N MET A 138 -0.76 2.83 -0.17
CA MET A 138 -0.27 2.16 1.03
C MET A 138 0.34 3.13 2.02
N ALA A 139 1.28 3.94 1.58
CA ALA A 139 1.98 4.89 2.42
C ALA A 139 1.07 5.99 2.98
N LEU A 140 -0.05 6.32 2.33
CA LEU A 140 -0.98 7.36 2.78
C LEU A 140 -2.25 6.75 3.38
N GLY A 141 -2.44 5.43 3.39
CA GLY A 141 -3.63 4.82 3.95
C GLY A 141 -3.29 3.74 4.97
N LEU A 142 -2.69 2.65 4.52
CA LEU A 142 -2.28 1.52 5.37
C LEU A 142 -1.31 1.99 6.46
N GLY A 143 -0.34 2.83 6.11
CA GLY A 143 0.68 3.35 7.02
C GLY A 143 0.06 4.15 8.18
N PRO A 144 -0.66 5.25 7.92
CA PRO A 144 -1.29 6.06 8.97
C PRO A 144 -2.36 5.27 9.74
N TRP A 145 -3.11 4.40 9.07
CA TRP A 145 -4.14 3.57 9.69
C TRP A 145 -3.49 2.78 10.82
N LEU A 146 -2.47 1.98 10.50
CA LEU A 146 -1.77 1.18 11.50
C LEU A 146 -1.08 2.07 12.53
N ALA A 147 -0.58 3.25 12.11
CA ALA A 147 0.09 4.17 13.01
C ALA A 147 -0.79 4.59 14.18
N VAL A 148 -2.09 4.85 13.95
CA VAL A 148 -2.99 5.25 15.04
C VAL A 148 -3.78 4.06 15.61
N GLU A 149 -4.00 3.00 14.83
CA GLU A 149 -4.77 1.85 15.30
C GLU A 149 -3.92 0.99 16.24
N ILE A 150 -2.60 0.90 16.08
CA ILE A 150 -1.80 0.09 17.01
C ILE A 150 -1.92 0.67 18.43
N PRO A 151 -1.61 1.96 18.70
CA PRO A 151 -1.73 2.48 20.06
C PRO A 151 -3.17 2.46 20.55
N ASP A 152 -4.13 2.75 19.68
CA ASP A 152 -5.56 2.79 20.01
C ASP A 152 -6.11 1.42 20.37
N LEU A 153 -5.93 0.39 19.53
CA LEU A 153 -6.43 -0.95 19.79
C LEU A 153 -5.73 -1.56 21.01
N ILE A 154 -4.45 -1.21 21.24
CA ILE A 154 -3.73 -1.73 22.39
C ILE A 154 -4.36 -1.13 23.65
N GLN A 155 -4.50 0.20 23.73
CA GLN A 155 -5.09 0.83 24.91
C GLN A 155 -6.55 0.42 25.10
N LYS A 156 -7.30 0.22 24.01
CA LYS A 156 -8.70 -0.19 24.05
C LYS A 156 -8.79 -1.64 24.53
N GLY A 157 -7.76 -2.44 24.30
CA GLY A 157 -7.68 -3.83 24.72
C GLY A 157 -8.27 -4.78 23.71
N VAL A 158 -7.82 -4.73 22.45
CA VAL A 158 -8.31 -5.60 21.37
C VAL A 158 -7.17 -6.39 20.71
N ILE A 159 -5.94 -5.85 20.70
CA ILE A 159 -4.78 -6.50 20.10
C ILE A 159 -3.83 -6.93 21.19
N GLN A 160 -3.27 -8.12 21.00
CA GLN A 160 -2.32 -8.76 21.88
C GLN A 160 -1.22 -9.38 21.02
N HIS A 161 -0.05 -9.58 21.63
CA HIS A 161 1.11 -10.15 20.98
C HIS A 161 0.90 -11.66 20.86
N LYS A 162 1.05 -12.20 19.66
CA LYS A 162 0.86 -13.63 19.38
C LYS A 162 1.67 -14.53 20.33
N GLU A 163 2.95 -14.25 20.52
CA GLU A 163 3.79 -15.04 21.41
C GLU A 163 3.25 -14.92 22.84
N LYS A 164 3.28 -13.70 23.40
CA LYS A 164 2.83 -13.48 24.78
C LYS A 164 1.32 -13.67 25.01
N CYS A 165 0.57 -14.11 24.00
CA CYS A 165 -0.87 -14.35 24.00
C CYS A 165 -1.28 -15.24 25.19
N ASN A 166 -0.74 -16.45 25.27
CA ASN A 166 -1.03 -17.40 26.35
C ASN A 166 0.27 -17.85 27.01
N GLN A 167 1.25 -18.29 26.22
CA GLN A 167 2.55 -18.76 26.66
C GLN A 167 3.57 -18.55 25.55
N GLY B 1 3.88 15.15 -22.77
CA GLY B 1 4.25 15.96 -21.62
C GLY B 1 4.76 15.05 -20.52
N MET B 2 5.81 15.43 -19.79
CA MET B 2 6.38 14.58 -18.74
C MET B 2 6.68 15.31 -17.45
N SER B 3 6.85 14.54 -16.38
CA SER B 3 7.18 15.01 -15.05
C SER B 3 8.70 15.16 -14.99
N VAL B 4 9.16 16.40 -14.83
CA VAL B 4 10.58 16.74 -14.75
C VAL B 4 10.88 17.64 -13.54
N THR B 5 9.86 18.02 -12.78
CA THR B 5 9.95 18.88 -11.60
C THR B 5 9.79 18.12 -10.29
N GLU B 6 9.40 16.85 -10.36
CA GLU B 6 9.18 15.93 -9.27
C GLU B 6 9.86 14.59 -9.62
N LEU B 7 9.76 13.58 -8.75
CA LEU B 7 10.32 12.24 -8.95
C LEU B 7 9.65 11.56 -10.17
N THR B 8 10.11 10.38 -10.60
CA THR B 8 9.57 9.62 -11.72
C THR B 8 9.94 8.15 -11.54
N VAL B 9 9.06 7.24 -11.96
CA VAL B 9 9.28 5.80 -11.85
C VAL B 9 10.58 5.37 -12.53
N GLU B 10 11.16 4.31 -11.99
CA GLU B 10 12.41 3.71 -12.40
C GLU B 10 12.29 2.89 -13.70
N ASP B 11 11.45 3.31 -14.66
CA ASP B 11 11.30 2.60 -15.93
C ASP B 11 12.59 2.68 -16.74
N SER B 12 13.45 1.69 -16.54
CA SER B 12 14.74 1.52 -17.15
C SER B 12 14.68 0.36 -18.16
N GLY B 13 13.66 0.35 -19.01
CA GLY B 13 13.46 -0.68 -20.02
C GLY B 13 13.08 -2.05 -19.44
N GLU B 14 12.78 -2.13 -18.15
CA GLU B 14 12.39 -3.38 -17.50
C GLU B 14 11.00 -3.76 -18.01
N SER B 15 10.66 -5.05 -17.92
CA SER B 15 9.37 -5.57 -18.34
C SER B 15 8.65 -6.17 -17.13
N LEU B 16 7.32 -6.17 -17.19
CA LEU B 16 6.39 -6.64 -16.16
C LEU B 16 6.77 -7.91 -15.41
N GLU B 17 7.11 -8.97 -16.12
CA GLU B 17 7.45 -10.24 -15.51
C GLU B 17 8.63 -10.10 -14.56
N ASP B 18 9.64 -9.36 -14.98
CA ASP B 18 10.84 -9.13 -14.19
C ASP B 18 10.49 -8.25 -13.00
N LEU B 19 9.67 -7.21 -13.22
CA LEU B 19 9.22 -6.28 -12.17
C LEU B 19 8.54 -7.08 -11.06
N MET B 20 7.51 -7.85 -11.37
CA MET B 20 6.82 -8.66 -10.38
C MET B 20 7.71 -9.76 -9.80
N ALA B 21 8.65 -10.31 -10.59
CA ALA B 21 9.55 -11.35 -10.12
C ALA B 21 10.40 -10.78 -9.00
N LYS B 22 11.07 -9.63 -9.21
CA LYS B 22 11.87 -9.05 -8.15
C LYS B 22 10.98 -8.64 -6.99
N MET B 23 9.78 -8.11 -7.25
CA MET B 23 8.88 -7.68 -6.18
C MET B 23 8.57 -8.82 -5.21
N LYS B 24 8.11 -9.97 -5.70
CA LYS B 24 7.80 -11.07 -4.81
C LYS B 24 9.06 -11.70 -4.21
N ASN B 25 10.13 -11.83 -5.00
CA ASN B 25 11.39 -12.41 -4.55
C ASN B 25 12.09 -11.56 -3.49
N MET B 26 11.82 -10.25 -3.40
CA MET B 26 12.44 -9.37 -2.40
C MET B 26 11.85 -9.58 -1.00
N TRP B 27 10.84 -10.46 -0.87
CA TRP B 27 10.14 -10.73 0.37
C TRP B 27 9.63 -9.37 0.90
N MET A 1 1.63 17.19 13.03
CA MET A 1 0.65 17.20 11.92
C MET A 1 0.76 15.89 11.14
N ALA A 2 -0.28 15.50 10.40
CA ALA A 2 -0.25 14.27 9.60
C ALA A 2 0.20 14.60 8.17
N ASP A 3 -0.15 15.79 7.67
CA ASP A 3 0.17 16.26 6.32
C ASP A 3 1.67 16.33 6.06
N GLU A 4 2.47 16.66 7.08
CA GLU A 4 3.92 16.77 6.95
C GLU A 4 4.54 15.42 6.57
N ALA A 5 4.02 14.34 7.17
CA ALA A 5 4.49 13.00 6.90
C ALA A 5 4.01 12.62 5.49
N THR A 6 2.74 12.92 5.17
CA THR A 6 2.15 12.65 3.86
C THR A 6 3.01 13.29 2.77
N ARG A 7 3.32 14.58 2.87
CA ARG A 7 4.12 15.23 1.84
C ARG A 7 5.51 14.61 1.79
N ARG A 8 6.19 14.34 2.92
CA ARG A 8 7.52 13.73 2.87
C ARG A 8 7.44 12.40 2.13
N VAL A 9 6.49 11.55 2.53
CA VAL A 9 6.31 10.24 1.95
C VAL A 9 6.12 10.38 0.43
N VAL A 10 5.22 11.25 -0.05
CA VAL A 10 5.04 11.37 -1.49
C VAL A 10 6.26 12.04 -2.13
N SER A 11 6.95 12.96 -1.45
CA SER A 11 8.14 13.64 -1.94
C SER A 11 9.35 12.72 -2.05
N GLU A 12 9.37 11.57 -1.37
CA GLU A 12 10.48 10.62 -1.48
C GLU A 12 10.13 9.49 -2.47
N ILE A 13 8.85 9.37 -2.82
CA ILE A 13 8.27 8.37 -3.70
C ILE A 13 8.22 8.82 -5.18
N PRO A 14 8.57 7.94 -6.14
CA PRO A 14 8.55 8.23 -7.58
C PRO A 14 7.10 8.46 -8.07
N VAL A 15 6.90 8.91 -9.32
CA VAL A 15 5.53 9.13 -9.85
C VAL A 15 5.29 8.39 -11.16
N LEU A 16 4.08 7.87 -11.33
CA LEU A 16 3.60 7.15 -12.50
C LEU A 16 3.17 8.16 -13.56
N LYS A 17 2.61 7.68 -14.67
CA LYS A 17 2.11 8.47 -15.78
C LYS A 17 0.84 7.83 -16.32
N THR A 18 0.84 6.51 -16.57
CA THR A 18 -0.34 5.79 -17.08
C THR A 18 -1.32 5.54 -15.93
N ASN A 19 -2.63 5.48 -16.23
CA ASN A 19 -3.73 5.25 -15.28
C ASN A 19 -4.73 4.21 -15.78
N ALA A 20 -4.34 3.41 -16.77
CA ALA A 20 -5.17 2.38 -17.40
C ALA A 20 -5.71 1.30 -16.46
N GLY A 21 -6.65 0.50 -16.97
CA GLY A 21 -7.29 -0.61 -16.27
C GLY A 21 -6.93 -1.97 -16.88
N PRO A 22 -7.25 -3.09 -16.18
CA PRO A 22 -7.01 -4.46 -16.61
C PRO A 22 -7.87 -4.87 -17.79
N ARG A 23 -8.92 -4.09 -18.09
CA ARG A 23 -9.82 -4.32 -19.21
C ARG A 23 -9.03 -4.49 -20.52
N ASP A 24 -7.94 -3.74 -20.70
CA ASP A 24 -7.08 -3.81 -21.87
C ASP A 24 -5.78 -4.49 -21.50
N ARG A 25 -5.40 -5.56 -22.20
CA ARG A 25 -4.19 -6.34 -21.94
C ARG A 25 -2.94 -5.45 -21.96
N GLU A 26 -2.56 -4.99 -23.13
CA GLU A 26 -1.39 -4.14 -23.34
C GLU A 26 -1.30 -2.94 -22.40
N LEU A 27 -2.40 -2.21 -22.26
CA LEU A 27 -2.49 -1.04 -21.39
C LEU A 27 -2.24 -1.44 -19.94
N TRP A 28 -2.75 -2.60 -19.53
CA TRP A 28 -2.58 -3.11 -18.19
C TRP A 28 -1.11 -3.35 -17.96
N VAL A 29 -0.42 -4.07 -18.86
CA VAL A 29 1.01 -4.33 -18.68
C VAL A 29 1.73 -2.99 -18.46
N GLN A 30 1.45 -1.96 -19.27
CA GLN A 30 2.12 -0.68 -19.09
C GLN A 30 1.80 -0.07 -17.70
N ARG A 31 0.52 0.11 -17.34
CA ARG A 31 0.15 0.66 -16.04
C ARG A 31 0.76 -0.15 -14.89
N LEU A 32 0.55 -1.45 -14.89
CA LEU A 32 1.03 -2.42 -13.92
C LEU A 32 2.54 -2.27 -13.74
N LYS A 33 3.26 -2.11 -14.85
CA LYS A 33 4.72 -1.91 -14.87
C LYS A 33 5.08 -0.65 -14.09
N GLU A 34 4.37 0.46 -14.33
CA GLU A 34 4.63 1.71 -13.62
C GLU A 34 4.43 1.48 -12.11
N GLU A 35 3.33 0.84 -11.74
CA GLU A 35 2.98 0.53 -10.35
C GLU A 35 4.06 -0.34 -9.71
N TYR A 36 4.60 -1.31 -10.45
CA TYR A 36 5.65 -2.17 -9.92
C TYR A 36 6.90 -1.34 -9.70
N GLN A 37 7.43 -0.67 -10.73
CA GLN A 37 8.64 0.15 -10.60
C GLN A 37 8.48 1.07 -9.37
N SER A 38 7.35 1.76 -9.30
CA SER A 38 6.98 2.68 -8.23
C SER A 38 7.06 2.04 -6.84
N LEU A 39 6.23 1.03 -6.61
CA LEU A 39 6.11 0.34 -5.34
C LEU A 39 7.39 -0.37 -4.95
N ILE A 40 7.99 -1.13 -5.85
CA ILE A 40 9.24 -1.84 -5.59
C ILE A 40 10.27 -0.83 -5.12
N ARG A 41 10.47 0.29 -5.84
CA ARG A 41 11.45 1.32 -5.45
C ARG A 41 11.19 1.78 -4.02
N TYR A 42 9.95 2.15 -3.69
CA TYR A 42 9.61 2.60 -2.35
C TYR A 42 9.96 1.51 -1.32
N VAL A 43 9.53 0.27 -1.54
CA VAL A 43 9.80 -0.84 -0.64
C VAL A 43 11.31 -1.15 -0.56
N GLU A 44 12.05 -1.04 -1.66
CA GLU A 44 13.49 -1.29 -1.75
C GLU A 44 14.19 -0.35 -0.78
N ASN A 45 13.94 0.95 -0.88
CA ASN A 45 14.56 1.93 -0.01
C ASN A 45 14.07 1.80 1.43
N ASN A 46 12.76 1.71 1.63
CA ASN A 46 12.11 1.57 2.94
C ASN A 46 12.69 0.39 3.73
N LYS A 47 12.80 -0.79 3.13
CA LYS A 47 13.34 -1.96 3.78
C LYS A 47 14.85 -1.84 3.96
N ASN A 48 15.58 -1.29 2.97
CA ASN A 48 17.03 -1.14 3.10
C ASN A 48 17.33 -0.26 4.32
N ALA A 49 16.46 0.72 4.59
CA ALA A 49 16.53 1.66 5.70
C ALA A 49 16.04 1.05 7.03
N ASP A 50 15.75 -0.25 7.04
CA ASP A 50 15.25 -1.04 8.17
C ASP A 50 13.89 -0.57 8.66
N ASN A 51 13.10 0.08 7.78
CA ASN A 51 11.76 0.59 8.08
C ASN A 51 10.71 -0.44 7.64
N ASP A 52 11.10 -1.72 7.62
CA ASP A 52 10.27 -2.86 7.25
C ASP A 52 8.98 -2.86 8.08
N TRP A 53 7.86 -2.57 7.43
CA TRP A 53 6.56 -2.54 8.10
C TRP A 53 5.50 -3.30 7.31
N PHE A 54 5.60 -3.39 5.98
CA PHE A 54 4.65 -4.08 5.12
C PHE A 54 5.39 -4.91 4.06
N ARG A 55 4.70 -5.90 3.49
CA ARG A 55 5.12 -6.84 2.46
C ARG A 55 3.93 -6.95 1.52
N LEU A 56 4.14 -7.00 0.20
CA LEU A 56 3.03 -7.05 -0.76
C LEU A 56 3.42 -7.77 -2.05
N GLU A 57 2.66 -8.78 -2.48
CA GLU A 57 2.90 -9.54 -3.72
C GLU A 57 1.61 -9.75 -4.51
N SER A 58 1.71 -10.08 -5.80
CA SER A 58 0.56 -10.30 -6.68
C SER A 58 0.78 -11.45 -7.67
N ASN A 59 -0.29 -11.89 -8.35
CA ASN A 59 -0.28 -12.96 -9.35
C ASN A 59 0.34 -12.44 -10.65
N LYS A 60 0.59 -13.29 -11.66
CA LYS A 60 1.16 -12.81 -12.94
C LYS A 60 0.17 -11.89 -13.66
N GLU A 61 -1.12 -11.98 -13.31
CA GLU A 61 -2.18 -11.14 -13.90
C GLU A 61 -2.24 -9.76 -13.24
N GLY A 62 -1.71 -9.62 -12.01
CA GLY A 62 -1.72 -8.37 -11.27
C GLY A 62 -3.12 -7.87 -10.91
N THR A 63 -4.17 -8.70 -11.01
CA THR A 63 -5.53 -8.28 -10.69
C THR A 63 -5.82 -8.36 -9.18
N ARG A 64 -5.27 -9.37 -8.48
CA ARG A 64 -5.46 -9.51 -7.04
C ARG A 64 -4.10 -9.34 -6.38
N TRP A 65 -4.13 -8.68 -5.23
CA TRP A 65 -2.98 -8.35 -4.43
C TRP A 65 -3.21 -8.84 -3.01
N PHE A 66 -2.14 -9.24 -2.35
CA PHE A 66 -2.16 -9.74 -0.98
C PHE A 66 -0.79 -9.46 -0.36
N GLY A 67 -0.68 -9.56 0.96
CA GLY A 67 0.55 -9.31 1.66
C GLY A 67 0.33 -9.35 3.16
N LYS A 68 1.30 -8.87 3.92
CA LYS A 68 1.23 -8.84 5.39
C LYS A 68 2.00 -7.63 5.90
N CYS A 69 1.79 -7.24 7.15
CA CYS A 69 2.48 -6.14 7.79
C CYS A 69 2.86 -6.55 9.21
N TRP A 70 3.82 -5.83 9.78
CA TRP A 70 4.33 -6.04 11.13
C TRP A 70 4.59 -4.68 11.76
N TYR A 71 4.24 -4.54 13.03
CA TYR A 71 4.42 -3.31 13.78
C TYR A 71 5.02 -3.66 15.13
N ILE A 72 5.76 -2.70 15.72
CA ILE A 72 6.42 -2.84 17.00
C ILE A 72 5.99 -1.67 17.88
N HIS A 73 5.62 -1.96 19.12
CA HIS A 73 5.20 -0.97 20.11
C HIS A 73 5.39 -1.62 21.46
N ASP A 74 5.96 -0.89 22.43
CA ASP A 74 6.23 -1.36 23.79
C ASP A 74 7.07 -2.64 23.80
N LEU A 75 7.95 -2.80 22.81
CA LEU A 75 8.84 -3.97 22.63
C LEU A 75 8.06 -5.22 22.21
N LEU A 76 6.76 -5.11 21.95
CA LEU A 76 5.91 -6.20 21.54
C LEU A 76 5.85 -6.14 20.02
N LYS A 77 5.83 -7.29 19.38
CA LYS A 77 5.78 -7.44 17.92
C LYS A 77 4.45 -8.02 17.50
N TYR A 78 3.80 -7.41 16.49
CA TYR A 78 2.52 -7.90 15.97
C TYR A 78 2.61 -8.10 14.46
N GLU A 79 1.78 -9.00 13.92
CA GLU A 79 1.69 -9.33 12.50
C GLU A 79 0.20 -9.30 12.09
N PHE A 80 -0.11 -8.82 10.89
CA PHE A 80 -1.45 -8.77 10.32
C PHE A 80 -1.37 -9.15 8.85
N ASP A 81 -2.44 -9.67 8.26
CA ASP A 81 -2.55 -10.09 6.85
C ASP A 81 -3.40 -9.10 6.02
N ILE A 82 -3.25 -9.00 4.69
CA ILE A 82 -4.04 -8.08 3.85
C ILE A 82 -4.32 -8.66 2.46
N GLU A 83 -5.51 -8.46 1.90
CA GLU A 83 -5.88 -8.94 0.56
C GLU A 83 -6.94 -8.03 -0.05
N PHE A 84 -6.66 -7.46 -1.23
CA PHE A 84 -7.58 -6.59 -1.96
C PHE A 84 -7.51 -6.85 -3.47
N ASP A 85 -8.52 -6.44 -4.26
CA ASP A 85 -8.54 -6.60 -5.71
C ASP A 85 -8.88 -5.29 -6.40
N ILE A 86 -8.28 -5.07 -7.57
CA ILE A 86 -8.49 -3.86 -8.34
C ILE A 86 -9.79 -3.94 -9.14
N PRO A 87 -10.67 -2.91 -9.09
CA PRO A 87 -11.89 -2.91 -9.86
C PRO A 87 -11.56 -2.71 -11.33
N ILE A 88 -12.30 -3.35 -12.22
CA ILE A 88 -12.09 -3.23 -13.67
C ILE A 88 -12.39 -1.80 -14.15
N THR A 89 -13.20 -1.05 -13.39
CA THR A 89 -13.59 0.31 -13.70
C THR A 89 -12.54 1.36 -13.27
N TYR A 90 -11.78 1.11 -12.20
CA TYR A 90 -10.75 1.99 -11.61
C TYR A 90 -11.17 3.47 -11.61
N PRO A 91 -12.19 3.84 -10.83
CA PRO A 91 -12.67 5.23 -10.77
C PRO A 91 -11.68 6.09 -10.01
N THR A 92 -11.92 7.40 -10.01
CA THR A 92 -11.09 8.38 -9.32
C THR A 92 -10.95 8.01 -7.83
N THR A 93 -12.00 7.45 -7.23
CA THR A 93 -12.02 7.05 -5.83
C THR A 93 -11.23 5.76 -5.65
N ALA A 94 -10.31 5.77 -4.68
CA ALA A 94 -9.41 4.69 -4.28
C ALA A 94 -10.10 3.32 -4.08
N PRO A 95 -9.34 2.20 -4.21
CA PRO A 95 -9.82 0.83 -4.02
C PRO A 95 -10.16 0.59 -2.51
N GLU A 96 -10.44 -0.64 -2.07
CA GLU A 96 -10.76 -0.97 -0.67
C GLU A 96 -9.90 -2.14 -0.19
N ILE A 97 -9.28 -2.02 1.00
CA ILE A 97 -8.43 -3.05 1.63
C ILE A 97 -9.25 -3.82 2.66
N ALA A 98 -8.87 -5.08 2.89
CA ALA A 98 -9.45 -5.99 3.86
C ALA A 98 -8.29 -6.63 4.62
N VAL A 99 -8.48 -6.87 5.91
CA VAL A 99 -7.54 -7.46 6.85
C VAL A 99 -8.31 -8.61 7.53
N PRO A 100 -8.09 -9.89 7.19
CA PRO A 100 -8.79 -11.00 7.82
C PRO A 100 -8.35 -11.17 9.28
N GLU A 101 -7.11 -10.81 9.60
CA GLU A 101 -6.54 -10.91 10.95
C GLU A 101 -7.40 -10.09 11.95
N LEU A 102 -8.04 -9.02 11.49
CA LEU A 102 -8.90 -8.13 12.27
C LEU A 102 -10.40 -8.33 12.02
N ASP A 103 -10.84 -9.34 11.28
CA ASP A 103 -12.27 -9.54 11.01
C ASP A 103 -13.05 -9.84 12.29
N GLY A 104 -13.71 -8.82 12.83
CA GLY A 104 -14.51 -8.86 14.04
C GLY A 104 -13.82 -8.14 15.20
N LYS A 105 -12.50 -7.97 15.16
CA LYS A 105 -11.78 -7.25 16.22
C LYS A 105 -12.16 -5.78 16.16
N THR A 106 -12.46 -5.27 14.97
CA THR A 106 -12.82 -3.88 14.76
C THR A 106 -14.29 -3.79 14.36
N ALA A 107 -14.92 -2.62 14.58
CA ALA A 107 -16.31 -2.37 14.25
C ALA A 107 -16.53 -2.41 12.74
N LYS A 108 -17.66 -2.97 12.31
CA LYS A 108 -18.02 -3.07 10.90
C LYS A 108 -18.59 -1.74 10.43
N MET A 109 -17.80 -0.95 9.73
CA MET A 109 -18.23 0.31 9.18
C MET A 109 -19.12 0.00 7.96
N TYR A 110 -19.74 1.03 7.40
CA TYR A 110 -20.60 0.88 6.22
C TYR A 110 -19.78 0.28 5.07
N ARG A 111 -20.47 -0.26 4.06
CA ARG A 111 -19.82 -0.90 2.92
C ARG A 111 -19.01 0.12 2.11
N GLY A 112 -17.71 -0.12 1.98
CA GLY A 112 -16.76 0.68 1.23
C GLY A 112 -15.78 1.42 2.14
N GLY A 113 -14.64 0.78 2.41
CA GLY A 113 -13.56 1.28 3.23
C GLY A 113 -13.58 0.71 4.64
N LYS A 114 -13.71 -0.62 4.80
CA LYS A 114 -13.75 -1.19 6.16
C LYS A 114 -12.51 -0.85 7.01
N ILE A 115 -11.34 -0.74 6.39
CA ILE A 115 -10.06 -0.36 7.04
C ILE A 115 -9.40 0.74 6.22
N CYS A 116 -9.88 0.98 5.00
CA CYS A 116 -9.37 2.02 4.14
C CYS A 116 -10.01 3.29 4.69
N LEU A 117 -9.42 3.82 5.76
CA LEU A 117 -9.82 5.01 6.50
C LEU A 117 -10.19 6.15 5.55
N THR A 118 -11.01 7.08 6.03
CA THR A 118 -11.48 8.18 5.19
C THR A 118 -11.23 9.58 5.73
N ASP A 119 -11.19 9.79 7.06
CA ASP A 119 -10.99 11.08 7.74
C ASP A 119 -10.15 12.07 6.94
N HIS A 120 -8.85 11.80 6.76
CA HIS A 120 -7.94 12.64 6.01
C HIS A 120 -7.50 11.98 4.69
N PHE A 121 -7.61 10.65 4.59
CA PHE A 121 -7.24 9.93 3.38
C PHE A 121 -8.19 10.22 2.23
N LYS A 122 -9.51 10.20 2.48
CA LYS A 122 -10.52 10.44 1.47
C LYS A 122 -10.32 11.83 0.83
N PRO A 123 -10.25 12.95 1.57
CA PRO A 123 -10.04 14.25 0.95
C PRO A 123 -8.65 14.30 0.29
N LEU A 124 -7.62 13.69 0.88
CA LEU A 124 -6.27 13.69 0.29
C LEU A 124 -6.30 13.03 -1.10
N TRP A 125 -6.89 11.84 -1.21
CA TRP A 125 -6.97 11.12 -2.48
C TRP A 125 -7.98 11.79 -3.42
N ALA A 126 -9.02 12.43 -2.88
CA ALA A 126 -10.02 13.10 -3.71
C ALA A 126 -9.40 14.32 -4.40
N ARG A 127 -8.74 15.17 -3.61
CA ARG A 127 -8.10 16.39 -4.09
C ARG A 127 -6.91 16.12 -4.98
N ASN A 128 -6.09 15.10 -4.68
CA ASN A 128 -4.91 14.80 -5.49
C ASN A 128 -4.79 13.32 -5.81
N VAL A 129 -5.03 13.01 -7.07
CA VAL A 129 -4.94 11.68 -7.66
C VAL A 129 -4.60 11.89 -9.16
N PRO A 130 -3.51 12.62 -9.48
CA PRO A 130 -3.13 12.86 -10.87
C PRO A 130 -2.64 11.56 -11.53
N LYS A 131 -1.73 10.89 -10.85
CA LYS A 131 -1.08 9.63 -11.23
C LYS A 131 -0.92 8.67 -10.03
N PHE A 132 -1.55 8.96 -8.89
CA PHE A 132 -1.47 8.14 -7.68
C PHE A 132 -1.86 6.70 -8.01
N GLY A 133 -1.13 5.76 -7.42
CA GLY A 133 -1.32 4.34 -7.56
C GLY A 133 -1.30 3.65 -6.20
N LEU A 134 -1.27 2.32 -6.22
CA LEU A 134 -1.27 1.45 -5.03
C LEU A 134 -0.09 1.70 -4.09
N ALA A 135 1.05 2.17 -4.60
CA ALA A 135 2.19 2.45 -3.76
C ALA A 135 1.80 3.57 -2.79
N HIS A 136 1.30 4.67 -3.35
CA HIS A 136 0.85 5.85 -2.61
C HIS A 136 -0.30 5.46 -1.68
N LEU A 137 -1.21 4.59 -2.15
CA LEU A 137 -2.36 4.09 -1.38
C LEU A 137 -1.92 3.45 -0.07
N MET A 138 -0.94 2.56 -0.10
CA MET A 138 -0.46 1.90 1.11
C MET A 138 0.28 2.89 2.01
N ALA A 139 1.15 3.71 1.40
CA ALA A 139 1.95 4.69 2.11
C ALA A 139 1.12 5.78 2.80
N LEU A 140 -0.04 6.16 2.24
CA LEU A 140 -0.92 7.19 2.77
C LEU A 140 -2.19 6.63 3.41
N GLY A 141 -2.48 5.34 3.28
CA GLY A 141 -3.69 4.77 3.84
C GLY A 141 -3.37 3.71 4.88
N LEU A 142 -2.77 2.60 4.46
CA LEU A 142 -2.42 1.49 5.34
C LEU A 142 -1.47 1.92 6.47
N GLY A 143 -0.47 2.75 6.14
CA GLY A 143 0.54 3.23 7.10
C GLY A 143 -0.06 4.04 8.26
N PRO A 144 -0.73 5.17 7.99
CA PRO A 144 -1.32 5.99 9.05
C PRO A 144 -2.41 5.24 9.82
N TRP A 145 -3.20 4.40 9.12
CA TRP A 145 -4.24 3.62 9.75
C TRP A 145 -3.59 2.81 10.88
N LEU A 146 -2.58 2.00 10.57
CA LEU A 146 -1.87 1.18 11.56
C LEU A 146 -1.19 2.05 12.62
N ALA A 147 -0.57 3.15 12.20
CA ALA A 147 0.12 4.07 13.10
C ALA A 147 -0.78 4.57 14.22
N VAL A 148 -2.08 4.72 13.96
CA VAL A 148 -3.05 5.20 14.94
C VAL A 148 -3.92 4.08 15.51
N GLU A 149 -4.18 2.98 14.81
CA GLU A 149 -5.02 1.91 15.35
C GLU A 149 -4.26 1.04 16.36
N ILE A 150 -2.94 0.87 16.21
CA ILE A 150 -2.15 0.07 17.14
C ILE A 150 -2.35 0.62 18.57
N PRO A 151 -2.08 1.91 18.88
CA PRO A 151 -2.27 2.42 20.23
C PRO A 151 -3.74 2.44 20.66
N ASP A 152 -4.71 2.59 19.75
CA ASP A 152 -6.13 2.60 20.11
C ASP A 152 -6.56 1.21 20.55
N LEU A 153 -6.28 0.18 19.75
CA LEU A 153 -6.70 -1.16 20.12
C LEU A 153 -5.94 -1.65 21.35
N ILE A 154 -4.68 -1.25 21.53
CA ILE A 154 -3.88 -1.66 22.69
C ILE A 154 -4.45 -1.01 23.95
N GLN A 155 -4.70 0.31 23.96
CA GLN A 155 -5.23 0.97 25.13
C GLN A 155 -6.63 0.47 25.49
N LYS A 156 -7.40 0.04 24.48
CA LYS A 156 -8.75 -0.47 24.64
C LYS A 156 -8.78 -1.92 25.11
N GLY A 157 -7.75 -2.70 24.82
CA GLY A 157 -7.64 -4.10 25.23
C GLY A 157 -8.08 -5.08 24.16
N VAL A 158 -7.71 -4.84 22.89
CA VAL A 158 -8.06 -5.71 21.77
C VAL A 158 -6.84 -6.34 21.08
N ILE A 159 -5.61 -5.84 21.19
CA ILE A 159 -4.43 -6.43 20.53
C ILE A 159 -3.38 -6.88 21.54
N GLN A 160 -3.10 -8.19 21.52
CA GLN A 160 -2.12 -8.87 22.35
C GLN A 160 -1.16 -9.57 21.39
N HIS A 161 0.14 -9.52 21.68
CA HIS A 161 1.15 -10.12 20.82
C HIS A 161 1.12 -11.65 20.84
N LYS A 162 1.31 -12.25 19.66
CA LYS A 162 1.34 -13.70 19.47
C LYS A 162 2.64 -14.32 19.98
N GLU A 163 3.64 -13.54 20.40
CA GLU A 163 4.92 -14.05 20.85
C GLU A 163 4.80 -15.09 21.97
N LYS A 164 4.40 -14.66 23.19
CA LYS A 164 4.24 -15.55 24.34
C LYS A 164 3.25 -16.69 24.09
N CYS A 165 2.40 -16.60 23.06
CA CYS A 165 1.44 -17.63 22.73
C CYS A 165 2.15 -18.90 22.28
N ASN A 166 3.27 -18.79 21.54
CA ASN A 166 3.98 -19.97 21.03
C ASN A 166 5.47 -20.05 21.35
N GLN A 167 6.16 -18.92 21.44
CA GLN A 167 7.56 -18.80 21.73
C GLN A 167 7.67 -17.76 22.83
N GLY B 1 12.93 10.50 -22.39
CA GLY B 1 12.34 10.39 -21.06
C GLY B 1 13.37 10.77 -20.01
N MET B 2 13.10 11.79 -19.20
CA MET B 2 13.95 12.28 -18.11
C MET B 2 13.04 13.10 -17.19
N SER B 3 13.46 13.30 -15.94
CA SER B 3 12.68 14.05 -14.95
C SER B 3 12.35 15.45 -15.48
N VAL B 4 11.19 15.97 -15.10
CA VAL B 4 10.68 17.27 -15.52
C VAL B 4 10.75 18.25 -14.35
N THR B 5 10.01 18.02 -13.27
CA THR B 5 9.95 18.88 -12.08
C THR B 5 9.74 18.12 -10.77
N GLU B 6 9.29 16.86 -10.83
CA GLU B 6 9.03 16.00 -9.68
C GLU B 6 9.67 14.62 -9.92
N LEU B 7 9.65 13.71 -8.93
CA LEU B 7 10.21 12.35 -9.05
C LEU B 7 9.52 11.57 -10.19
N THR B 8 10.01 10.39 -10.59
CA THR B 8 9.44 9.57 -11.65
C THR B 8 9.87 8.10 -11.48
N VAL B 9 9.02 7.16 -11.91
CA VAL B 9 9.26 5.73 -11.83
C VAL B 9 10.59 5.36 -12.48
N GLU B 10 11.14 4.23 -12.08
CA GLU B 10 12.41 3.67 -12.55
C GLU B 10 12.21 2.91 -13.87
N ASP B 11 11.29 3.39 -14.72
CA ASP B 11 10.95 2.81 -16.00
C ASP B 11 12.13 2.84 -16.97
N SER B 12 12.96 1.79 -16.91
CA SER B 12 14.16 1.60 -17.69
C SER B 12 14.13 0.30 -18.52
N GLY B 13 13.17 0.21 -19.44
CA GLY B 13 12.98 -0.92 -20.35
C GLY B 13 12.69 -2.29 -19.74
N GLU B 14 12.62 -2.42 -18.41
CA GLU B 14 12.34 -3.67 -17.69
C GLU B 14 11.00 -4.26 -18.12
N SER B 15 10.86 -5.57 -18.04
CA SER B 15 9.67 -6.34 -18.36
C SER B 15 8.87 -6.55 -17.08
N LEU B 16 7.54 -6.59 -17.23
CA LEU B 16 6.59 -6.79 -16.14
C LEU B 16 6.89 -8.06 -15.35
N GLU B 17 7.22 -9.13 -16.07
CA GLU B 17 7.54 -10.42 -15.48
C GLU B 17 8.71 -10.30 -14.51
N ASP B 18 9.75 -9.58 -14.89
CA ASP B 18 10.94 -9.38 -14.09
C ASP B 18 10.62 -8.48 -12.90
N LEU B 19 9.81 -7.43 -13.12
CA LEU B 19 9.38 -6.49 -12.10
C LEU B 19 8.65 -7.27 -11.00
N MET B 20 7.56 -7.97 -11.34
CA MET B 20 6.83 -8.76 -10.35
C MET B 20 7.68 -9.88 -9.76
N ALA B 21 8.66 -10.43 -10.49
CA ALA B 21 9.54 -11.48 -9.99
C ALA B 21 10.41 -10.90 -8.88
N LYS B 22 11.10 -9.77 -9.12
CA LYS B 22 11.91 -9.21 -8.04
C LYS B 22 11.02 -8.76 -6.89
N MET B 23 9.79 -8.29 -7.17
CA MET B 23 8.88 -7.83 -6.13
C MET B 23 8.56 -8.96 -5.15
N LYS B 24 8.02 -10.09 -5.63
CA LYS B 24 7.68 -11.19 -4.72
C LYS B 24 8.94 -11.76 -4.07
N ASN B 25 10.05 -11.82 -4.80
CA ASN B 25 11.31 -12.34 -4.30
C ASN B 25 11.95 -11.47 -3.22
N MET B 26 11.62 -10.18 -3.12
CA MET B 26 12.19 -9.29 -2.10
C MET B 26 11.69 -9.59 -0.68
N TRP B 27 10.82 -10.60 -0.54
CA TRP B 27 10.18 -11.13 0.66
C TRP B 27 9.88 -10.04 1.67
N MET A 1 1.75 17.52 11.52
CA MET A 1 1.91 16.10 11.89
C MET A 1 1.65 15.15 10.72
N ALA A 2 0.46 15.14 10.10
CA ALA A 2 0.19 14.24 8.99
C ALA A 2 0.54 14.90 7.64
N ASP A 3 0.48 16.23 7.56
CA ASP A 3 0.77 16.97 6.31
C ASP A 3 2.24 16.75 5.92
N GLU A 4 3.14 16.92 6.89
CA GLU A 4 4.57 16.75 6.73
C GLU A 4 4.89 15.30 6.29
N ALA A 5 4.17 14.32 6.84
CA ALA A 5 4.34 12.92 6.52
C ALA A 5 3.85 12.68 5.09
N THR A 6 2.70 13.25 4.73
CA THR A 6 2.10 13.14 3.40
C THR A 6 3.07 13.65 2.34
N ARG A 7 3.57 14.88 2.52
CA ARG A 7 4.51 15.43 1.55
C ARG A 7 5.81 14.64 1.55
N ARG A 8 6.26 14.12 2.68
CA ARG A 8 7.50 13.34 2.74
C ARG A 8 7.34 12.11 1.87
N VAL A 9 6.26 11.37 2.11
CA VAL A 9 5.95 10.15 1.39
C VAL A 9 5.93 10.40 -0.12
N VAL A 10 5.20 11.41 -0.61
CA VAL A 10 5.15 11.66 -2.05
C VAL A 10 6.50 12.20 -2.57
N SER A 11 7.26 12.89 -1.74
CA SER A 11 8.56 13.44 -2.12
C SER A 11 9.63 12.33 -2.17
N GLU A 12 9.42 11.17 -1.53
CA GLU A 12 10.38 10.07 -1.58
C GLU A 12 9.93 9.01 -2.61
N ILE A 13 8.62 8.84 -2.83
CA ILE A 13 8.03 7.87 -3.75
C ILE A 13 8.12 8.36 -5.22
N PRO A 14 8.77 7.62 -6.14
CA PRO A 14 8.84 8.02 -7.53
C PRO A 14 7.44 7.87 -8.13
N VAL A 15 6.99 8.88 -8.87
CA VAL A 15 5.65 8.89 -9.45
C VAL A 15 5.58 8.32 -10.87
N LEU A 16 4.41 7.76 -11.15
CA LEU A 16 3.96 7.10 -12.36
C LEU A 16 3.42 8.15 -13.35
N LYS A 17 2.84 7.73 -14.47
CA LYS A 17 2.26 8.61 -15.48
C LYS A 17 0.95 8.07 -16.03
N THR A 18 0.89 6.84 -16.54
CA THR A 18 -0.35 6.26 -17.06
C THR A 18 -1.27 5.96 -15.88
N ASN A 19 -2.60 6.02 -16.05
CA ASN A 19 -3.55 5.70 -14.98
C ASN A 19 -4.67 4.81 -15.54
N ALA A 20 -4.32 3.87 -16.44
CA ALA A 20 -5.26 2.96 -17.08
C ALA A 20 -5.80 1.91 -16.11
N GLY A 21 -6.69 1.04 -16.60
CA GLY A 21 -7.30 -0.03 -15.82
C GLY A 21 -6.89 -1.40 -16.30
N PRO A 22 -7.26 -2.46 -15.55
CA PRO A 22 -6.92 -3.84 -15.86
C PRO A 22 -7.72 -4.45 -17.01
N ARG A 23 -8.79 -3.78 -17.44
CA ARG A 23 -9.61 -4.26 -18.54
C ARG A 23 -8.82 -4.43 -19.82
N ASP A 24 -7.91 -3.52 -20.14
CA ASP A 24 -7.13 -3.63 -21.38
C ASP A 24 -5.79 -4.29 -21.12
N ARG A 25 -5.55 -5.44 -21.73
CA ARG A 25 -4.32 -6.21 -21.62
C ARG A 25 -3.08 -5.34 -21.72
N GLU A 26 -2.90 -4.64 -22.83
CA GLU A 26 -1.76 -3.79 -23.12
C GLU A 26 -1.64 -2.60 -22.16
N LEU A 27 -2.73 -1.84 -21.98
CA LEU A 27 -2.75 -0.68 -21.10
C LEU A 27 -2.39 -1.12 -19.68
N TRP A 28 -2.86 -2.30 -19.28
CA TRP A 28 -2.57 -2.85 -17.98
C TRP A 28 -1.06 -3.04 -17.88
N VAL A 29 -0.40 -3.72 -18.83
CA VAL A 29 1.06 -3.90 -18.76
C VAL A 29 1.72 -2.53 -18.55
N GLN A 30 1.31 -1.47 -19.25
CA GLN A 30 1.92 -0.15 -19.05
C GLN A 30 1.75 0.33 -17.61
N ARG A 31 0.49 0.48 -17.18
CA ARG A 31 0.17 0.93 -15.84
C ARG A 31 0.88 0.10 -14.79
N LEU A 32 0.69 -1.22 -14.84
CA LEU A 32 1.24 -2.22 -13.94
C LEU A 32 2.76 -2.13 -13.85
N LYS A 33 3.40 -1.93 -14.99
CA LYS A 33 4.84 -1.78 -15.09
C LYS A 33 5.26 -0.61 -14.23
N GLU A 34 4.67 0.58 -14.42
CA GLU A 34 5.07 1.71 -13.59
C GLU A 34 4.73 1.48 -12.12
N GLU A 35 3.61 0.80 -11.84
CA GLU A 35 3.14 0.48 -10.49
C GLU A 35 4.20 -0.34 -9.77
N TYR A 36 4.71 -1.38 -10.43
CA TYR A 36 5.74 -2.22 -9.85
C TYR A 36 6.99 -1.40 -9.64
N GLN A 37 7.47 -0.71 -10.68
CA GLN A 37 8.69 0.10 -10.59
C GLN A 37 8.65 1.04 -9.40
N SER A 38 7.58 1.83 -9.28
CA SER A 38 7.42 2.78 -8.18
C SER A 38 7.39 2.09 -6.81
N LEU A 39 6.53 1.07 -6.65
CA LEU A 39 6.41 0.38 -5.38
C LEU A 39 7.70 -0.34 -5.00
N ILE A 40 8.35 -1.07 -5.91
CA ILE A 40 9.60 -1.77 -5.62
C ILE A 40 10.60 -0.72 -5.11
N ARG A 41 10.71 0.43 -5.78
CA ARG A 41 11.62 1.50 -5.38
C ARG A 41 11.35 1.97 -3.95
N TYR A 42 10.08 2.15 -3.60
CA TYR A 42 9.65 2.57 -2.27
C TYR A 42 10.05 1.50 -1.25
N VAL A 43 9.63 0.23 -1.41
CA VAL A 43 10.01 -0.80 -0.43
C VAL A 43 11.52 -1.00 -0.37
N GLU A 44 12.22 -0.87 -1.50
CA GLU A 44 13.67 -1.03 -1.56
C GLU A 44 14.31 -0.05 -0.58
N ASN A 45 14.00 1.25 -0.70
CA ASN A 45 14.59 2.25 0.19
C ASN A 45 14.14 2.04 1.64
N ASN A 46 12.85 1.76 1.83
CA ASN A 46 12.26 1.54 3.14
C ASN A 46 12.94 0.39 3.87
N LYS A 47 13.04 -0.78 3.25
CA LYS A 47 13.68 -1.97 3.81
C LYS A 47 15.19 -1.82 3.90
N ASN A 48 15.84 -1.24 2.88
CA ASN A 48 17.30 -1.05 2.91
C ASN A 48 17.69 -0.10 4.04
N ALA A 49 16.81 0.81 4.45
CA ALA A 49 17.04 1.74 5.55
C ALA A 49 16.61 1.08 6.88
N ASP A 50 16.25 -0.20 6.84
CA ASP A 50 15.81 -1.05 7.95
C ASP A 50 14.51 -0.52 8.60
N ASN A 51 13.70 0.21 7.83
CA ASN A 51 12.42 0.78 8.26
C ASN A 51 11.25 -0.10 7.80
N ASP A 52 11.52 -1.37 7.43
CA ASP A 52 10.54 -2.33 6.95
C ASP A 52 9.33 -2.43 7.86
N TRP A 53 8.13 -2.33 7.29
CA TRP A 53 6.88 -2.42 8.02
C TRP A 53 5.77 -3.09 7.20
N PHE A 54 5.82 -3.09 5.86
CA PHE A 54 4.81 -3.69 5.00
C PHE A 54 5.45 -4.45 3.84
N ARG A 55 4.74 -5.43 3.29
CA ARG A 55 5.20 -6.24 2.17
C ARG A 55 3.99 -6.49 1.30
N LEU A 56 4.10 -6.29 -0.02
CA LEU A 56 3.02 -6.49 -0.97
C LEU A 56 3.56 -7.19 -2.22
N GLU A 57 2.93 -8.29 -2.62
CA GLU A 57 3.27 -9.07 -3.79
C GLU A 57 1.98 -9.30 -4.58
N SER A 58 2.07 -9.79 -5.82
CA SER A 58 0.87 -10.00 -6.62
C SER A 58 1.06 -11.14 -7.61
N ASN A 59 -0.05 -11.68 -8.14
CA ASN A 59 -0.04 -12.77 -9.12
C ASN A 59 0.50 -12.24 -10.45
N LYS A 60 0.81 -13.15 -11.37
CA LYS A 60 1.32 -12.83 -12.71
C LYS A 60 0.40 -11.94 -13.53
N GLU A 61 -0.87 -11.89 -13.14
CA GLU A 61 -1.93 -11.13 -13.80
C GLU A 61 -2.13 -9.74 -13.20
N GLY A 62 -1.65 -9.52 -11.97
CA GLY A 62 -1.80 -8.25 -11.25
C GLY A 62 -3.26 -7.91 -10.96
N THR A 63 -4.13 -8.90 -10.92
CA THR A 63 -5.55 -8.77 -10.67
C THR A 63 -5.85 -8.71 -9.17
N ARG A 64 -5.23 -9.62 -8.41
CA ARG A 64 -5.38 -9.74 -6.98
C ARG A 64 -4.00 -9.52 -6.40
N TRP A 65 -3.93 -8.69 -5.38
CA TRP A 65 -2.73 -8.31 -4.67
C TRP A 65 -2.87 -8.76 -3.22
N PHE A 66 -1.75 -9.10 -2.58
CA PHE A 66 -1.78 -9.55 -1.19
C PHE A 66 -0.46 -9.24 -0.53
N GLY A 67 -0.44 -9.32 0.79
CA GLY A 67 0.75 -9.03 1.55
C GLY A 67 0.49 -9.13 3.04
N LYS A 68 1.39 -8.55 3.82
CA LYS A 68 1.31 -8.51 5.27
C LYS A 68 2.00 -7.23 5.73
N CYS A 69 1.74 -6.83 6.96
CA CYS A 69 2.31 -5.66 7.59
C CYS A 69 2.62 -6.02 9.03
N TRP A 70 3.59 -5.31 9.61
CA TRP A 70 4.07 -5.50 10.96
C TRP A 70 4.20 -4.15 11.66
N TYR A 71 4.18 -4.18 12.97
CA TYR A 71 4.32 -2.98 13.79
C TYR A 71 5.00 -3.37 15.09
N ILE A 72 5.69 -2.42 15.71
CA ILE A 72 6.41 -2.61 16.96
C ILE A 72 6.06 -1.43 17.86
N HIS A 73 5.73 -1.70 19.12
CA HIS A 73 5.39 -0.68 20.10
C HIS A 73 5.51 -1.33 21.47
N ASP A 74 6.08 -0.61 22.44
CA ASP A 74 6.29 -1.02 23.84
C ASP A 74 6.83 -2.45 23.98
N LEU A 75 7.88 -2.77 23.22
CA LEU A 75 8.59 -4.06 23.17
C LEU A 75 7.75 -5.23 22.68
N LEU A 76 6.62 -4.99 22.05
CA LEU A 76 5.76 -6.03 21.51
C LEU A 76 5.81 -5.88 20.00
N LYS A 77 5.65 -6.99 19.30
CA LYS A 77 5.66 -7.08 17.86
C LYS A 77 4.34 -7.68 17.42
N TYR A 78 3.74 -7.12 16.37
CA TYR A 78 2.48 -7.59 15.82
C TYR A 78 2.62 -7.76 14.31
N GLU A 79 1.76 -8.57 13.72
CA GLU A 79 1.70 -8.89 12.29
C GLU A 79 0.23 -8.97 11.88
N PHE A 80 -0.10 -8.46 10.70
CA PHE A 80 -1.45 -8.49 10.13
C PHE A 80 -1.32 -8.83 8.65
N ASP A 81 -2.35 -9.44 8.08
CA ASP A 81 -2.40 -9.83 6.67
C ASP A 81 -3.30 -8.89 5.88
N ILE A 82 -3.18 -8.94 4.55
CA ILE A 82 -3.96 -8.10 3.63
C ILE A 82 -4.10 -8.80 2.27
N GLU A 83 -5.27 -8.69 1.64
CA GLU A 83 -5.59 -9.25 0.32
C GLU A 83 -6.71 -8.40 -0.27
N PHE A 84 -6.45 -7.78 -1.42
CA PHE A 84 -7.41 -6.95 -2.14
C PHE A 84 -7.29 -7.15 -3.65
N ASP A 85 -8.35 -6.79 -4.37
CA ASP A 85 -8.45 -6.88 -5.82
C ASP A 85 -8.66 -5.48 -6.37
N ILE A 86 -8.19 -5.27 -7.59
CA ILE A 86 -8.37 -3.99 -8.27
C ILE A 86 -9.62 -4.14 -9.12
N PRO A 87 -10.63 -3.26 -8.96
CA PRO A 87 -11.84 -3.37 -9.74
C PRO A 87 -11.56 -3.12 -11.21
N ILE A 88 -12.33 -3.79 -12.07
CA ILE A 88 -12.22 -3.67 -13.52
C ILE A 88 -12.47 -2.23 -13.97
N THR A 89 -13.35 -1.51 -13.27
CA THR A 89 -13.70 -0.14 -13.55
C THR A 89 -12.55 0.80 -13.15
N TYR A 90 -11.89 0.52 -12.01
CA TYR A 90 -10.80 1.30 -11.44
C TYR A 90 -11.07 2.81 -11.60
N PRO A 91 -12.09 3.36 -10.93
CA PRO A 91 -12.42 4.77 -11.01
C PRO A 91 -11.39 5.59 -10.23
N THR A 92 -11.50 6.90 -10.34
CA THR A 92 -10.66 7.90 -9.69
C THR A 92 -10.66 7.73 -8.15
N THR A 93 -11.67 7.08 -7.60
CA THR A 93 -11.86 6.79 -6.19
C THR A 93 -10.88 5.69 -5.78
N ALA A 94 -10.15 5.90 -4.68
CA ALA A 94 -9.19 4.92 -4.19
C ALA A 94 -9.79 3.52 -4.00
N PRO A 95 -9.05 2.43 -4.23
CA PRO A 95 -9.53 1.05 -4.04
C PRO A 95 -9.69 0.78 -2.53
N GLU A 96 -10.08 -0.43 -2.17
CA GLU A 96 -10.28 -0.84 -0.79
C GLU A 96 -9.39 -2.00 -0.43
N ILE A 97 -8.65 -1.88 0.67
CA ILE A 97 -7.79 -2.90 1.21
C ILE A 97 -8.63 -3.57 2.30
N ALA A 98 -8.47 -4.87 2.50
CA ALA A 98 -9.18 -5.64 3.52
C ALA A 98 -8.15 -6.39 4.34
N VAL A 99 -8.54 -6.79 5.55
CA VAL A 99 -7.70 -7.51 6.49
C VAL A 99 -8.60 -8.43 7.33
N PRO A 100 -8.57 -9.75 7.12
CA PRO A 100 -9.34 -10.71 7.87
C PRO A 100 -8.85 -10.80 9.32
N GLU A 101 -7.57 -10.54 9.59
CA GLU A 101 -6.98 -10.61 10.93
C GLU A 101 -7.67 -9.62 11.90
N LEU A 102 -8.20 -8.50 11.40
CA LEU A 102 -8.91 -7.48 12.17
C LEU A 102 -10.42 -7.53 11.95
N ASP A 103 -10.93 -8.40 11.06
CA ASP A 103 -12.35 -8.51 10.74
C ASP A 103 -13.22 -8.90 11.94
N GLY A 104 -13.80 -7.87 12.57
CA GLY A 104 -14.66 -7.98 13.73
C GLY A 104 -13.93 -7.71 15.04
N LYS A 105 -12.59 -7.69 15.02
CA LYS A 105 -11.81 -7.39 16.21
C LYS A 105 -12.22 -5.97 16.60
N THR A 106 -12.13 -5.08 15.63
CA THR A 106 -12.47 -3.67 15.68
C THR A 106 -13.98 -3.50 15.49
N ALA A 107 -14.46 -2.26 15.57
CA ALA A 107 -15.86 -1.93 15.38
C ALA A 107 -16.36 -2.49 14.03
N LYS A 108 -17.66 -2.77 13.94
CA LYS A 108 -18.23 -3.29 12.71
C LYS A 108 -18.34 -2.15 11.71
N MET A 109 -17.45 -2.07 10.73
CA MET A 109 -17.48 -1.02 9.71
C MET A 109 -18.50 -1.38 8.64
N TYR A 110 -18.90 -0.38 7.85
CA TYR A 110 -19.84 -0.50 6.75
C TYR A 110 -19.13 -1.19 5.58
N ARG A 111 -19.88 -1.75 4.63
CA ARG A 111 -19.29 -2.39 3.46
C ARG A 111 -18.99 -1.28 2.47
N GLY A 112 -17.72 -0.89 2.42
CA GLY A 112 -17.19 0.17 1.58
C GLY A 112 -16.24 0.98 2.44
N GLY A 113 -14.96 0.61 2.40
CA GLY A 113 -13.87 1.22 3.12
C GLY A 113 -13.74 0.71 4.55
N LYS A 114 -13.73 -0.62 4.77
CA LYS A 114 -13.63 -1.18 6.13
C LYS A 114 -12.39 -0.75 6.90
N ILE A 115 -11.27 -0.48 6.24
CA ILE A 115 -10.01 -0.02 6.86
C ILE A 115 -9.45 1.16 6.05
N CYS A 116 -10.30 1.75 5.19
CA CYS A 116 -9.91 2.87 4.39
C CYS A 116 -10.23 4.05 5.30
N LEU A 117 -9.27 4.52 6.09
CA LEU A 117 -9.49 5.65 6.96
C LEU A 117 -9.87 6.77 6.01
N THR A 118 -10.98 7.47 6.21
CA THR A 118 -11.37 8.53 5.28
C THR A 118 -11.07 9.94 5.80
N ASP A 119 -10.81 10.07 7.11
CA ASP A 119 -10.50 11.28 7.87
C ASP A 119 -9.73 12.33 7.08
N HIS A 120 -8.51 12.00 6.63
CA HIS A 120 -7.65 12.88 5.84
C HIS A 120 -7.30 12.26 4.48
N PHE A 121 -7.33 10.93 4.37
CA PHE A 121 -7.01 10.24 3.13
C PHE A 121 -8.08 10.48 2.06
N LYS A 122 -9.38 10.47 2.40
CA LYS A 122 -10.42 10.71 1.41
C LYS A 122 -10.25 12.08 0.75
N PRO A 123 -10.19 13.21 1.49
CA PRO A 123 -10.01 14.50 0.86
C PRO A 123 -8.66 14.54 0.13
N LEU A 124 -7.59 13.93 0.67
CA LEU A 124 -6.27 13.92 0.03
C LEU A 124 -6.35 13.24 -1.34
N TRP A 125 -6.92 12.03 -1.40
CA TRP A 125 -7.04 11.28 -2.64
C TRP A 125 -8.07 11.92 -3.58
N ALA A 126 -9.09 12.57 -3.05
CA ALA A 126 -10.10 13.23 -3.87
C ALA A 126 -9.56 14.53 -4.49
N ARG A 127 -8.82 15.35 -3.72
CA ARG A 127 -8.25 16.63 -4.17
C ARG A 127 -7.09 16.43 -5.13
N ASN A 128 -6.32 15.37 -4.94
CA ASN A 128 -5.18 15.08 -5.80
C ASN A 128 -5.19 13.60 -6.14
N VAL A 129 -5.22 13.30 -7.43
CA VAL A 129 -5.19 11.94 -7.97
C VAL A 129 -4.65 12.03 -9.41
N PRO A 130 -3.44 12.58 -9.59
CA PRO A 130 -2.86 12.74 -10.92
C PRO A 130 -2.48 11.37 -11.51
N LYS A 131 -1.59 10.66 -10.81
CA LYS A 131 -1.04 9.35 -11.18
C LYS A 131 -0.95 8.41 -9.97
N PHE A 132 -1.56 8.78 -8.83
CA PHE A 132 -1.54 7.99 -7.60
C PHE A 132 -1.91 6.54 -7.91
N GLY A 133 -1.14 5.64 -7.31
CA GLY A 133 -1.28 4.21 -7.45
C GLY A 133 -1.27 3.50 -6.11
N LEU A 134 -1.07 2.18 -6.11
CA LEU A 134 -1.09 1.40 -4.87
C LEU A 134 0.02 1.81 -3.90
N ALA A 135 1.22 2.22 -4.35
CA ALA A 135 2.26 2.66 -3.42
C ALA A 135 1.75 3.83 -2.58
N HIS A 136 1.17 4.83 -3.26
CA HIS A 136 0.60 6.01 -2.63
C HIS A 136 -0.54 5.63 -1.69
N LEU A 137 -1.43 4.73 -2.13
CA LEU A 137 -2.57 4.25 -1.34
C LEU A 137 -2.09 3.67 -0.02
N MET A 138 -1.09 2.80 -0.06
CA MET A 138 -0.54 2.14 1.10
C MET A 138 0.21 3.13 2.01
N ALA A 139 1.14 3.90 1.46
CA ALA A 139 1.94 4.85 2.24
C ALA A 139 1.11 5.99 2.86
N LEU A 140 -0.01 6.37 2.23
CA LEU A 140 -0.88 7.46 2.70
C LEU A 140 -2.16 6.92 3.33
N GLY A 141 -2.40 5.61 3.34
CA GLY A 141 -3.60 5.00 3.91
C GLY A 141 -3.23 3.92 4.92
N LEU A 142 -2.62 2.83 4.47
CA LEU A 142 -2.21 1.69 5.31
C LEU A 142 -1.29 2.14 6.45
N GLY A 143 -0.29 2.98 6.14
CA GLY A 143 0.67 3.48 7.11
C GLY A 143 0.02 4.27 8.24
N PRO A 144 -0.69 5.39 7.95
CA PRO A 144 -1.33 6.19 8.99
C PRO A 144 -2.42 5.39 9.72
N TRP A 145 -3.21 4.56 9.00
CA TRP A 145 -4.24 3.73 9.59
C TRP A 145 -3.62 2.93 10.73
N LEU A 146 -2.56 2.16 10.44
CA LEU A 146 -1.89 1.35 11.47
C LEU A 146 -1.24 2.24 12.52
N ALA A 147 -0.66 3.38 12.14
CA ALA A 147 -0.03 4.29 13.08
C ALA A 147 -1.01 4.86 14.11
N VAL A 148 -2.31 4.91 13.80
CA VAL A 148 -3.36 5.42 14.69
C VAL A 148 -4.09 4.26 15.38
N GLU A 149 -4.29 3.14 14.70
CA GLU A 149 -4.99 1.98 15.22
C GLU A 149 -4.14 1.15 16.18
N ILE A 150 -2.82 1.05 16.01
CA ILE A 150 -2.00 0.27 16.94
C ILE A 150 -2.14 0.84 18.35
N PRO A 151 -1.85 2.12 18.63
CA PRO A 151 -1.98 2.64 19.98
C PRO A 151 -3.43 2.60 20.43
N ASP A 152 -4.41 2.83 19.54
CA ASP A 152 -5.82 2.81 19.90
C ASP A 152 -6.28 1.44 20.37
N LEU A 153 -6.06 0.40 19.56
CA LEU A 153 -6.48 -0.94 19.89
C LEU A 153 -5.73 -1.48 21.10
N ILE A 154 -4.49 -1.06 21.31
CA ILE A 154 -3.72 -1.48 22.46
C ILE A 154 -4.30 -0.81 23.70
N GLN A 155 -4.45 0.52 23.70
CA GLN A 155 -5.01 1.23 24.85
C GLN A 155 -6.43 0.74 25.17
N LYS A 156 -7.25 0.56 24.15
CA LYS A 156 -8.63 0.08 24.27
C LYS A 156 -8.70 -1.37 24.73
N GLY A 157 -7.67 -2.17 24.42
CA GLY A 157 -7.59 -3.56 24.81
C GLY A 157 -8.35 -4.47 23.86
N VAL A 158 -7.94 -4.48 22.60
CA VAL A 158 -8.54 -5.29 21.54
C VAL A 158 -7.49 -6.20 20.92
N ILE A 159 -6.21 -5.84 20.99
CA ILE A 159 -5.10 -6.60 20.43
C ILE A 159 -4.28 -7.24 21.55
N GLN A 160 -3.52 -8.25 21.14
CA GLN A 160 -2.60 -9.03 21.91
C GLN A 160 -1.54 -9.50 20.91
N HIS A 161 -0.27 -9.46 21.31
CA HIS A 161 0.81 -9.91 20.46
C HIS A 161 0.67 -11.44 20.36
N LYS A 162 1.14 -12.03 19.26
CA LYS A 162 1.05 -13.48 19.05
C LYS A 162 2.24 -14.24 19.64
N GLU A 163 3.24 -13.57 20.21
CA GLU A 163 4.43 -14.17 20.78
C GLU A 163 4.13 -15.26 21.81
N LYS A 164 3.09 -15.10 22.62
CA LYS A 164 2.72 -16.09 23.64
C LYS A 164 1.74 -17.15 23.13
N CYS A 165 1.18 -17.00 21.92
CA CYS A 165 0.22 -17.93 21.33
C CYS A 165 0.85 -19.27 20.90
N ASN A 166 2.04 -19.63 21.38
CA ASN A 166 2.75 -20.86 21.05
C ASN A 166 3.14 -21.70 22.27
N GLN A 167 3.20 -21.11 23.47
CA GLN A 167 3.55 -21.85 24.68
C GLN A 167 2.46 -22.86 24.96
N GLY B 1 8.78 10.54 -23.12
CA GLY B 1 7.65 10.67 -22.20
C GLY B 1 8.13 10.37 -20.79
N MET B 2 8.59 11.42 -20.10
CA MET B 2 9.12 11.42 -18.74
C MET B 2 8.70 12.73 -18.05
N SER B 3 9.12 12.96 -16.80
CA SER B 3 8.80 14.20 -16.08
C SER B 3 10.10 14.79 -15.54
N VAL B 4 10.08 16.09 -15.25
CA VAL B 4 11.24 16.83 -14.74
C VAL B 4 10.88 17.70 -13.54
N THR B 5 9.60 17.92 -13.25
CA THR B 5 9.17 18.74 -12.13
C THR B 5 9.36 18.03 -10.80
N GLU B 6 9.09 16.73 -10.77
CA GLU B 6 9.16 15.87 -9.60
C GLU B 6 9.91 14.55 -9.94
N LEU B 7 9.89 13.60 -9.00
CA LEU B 7 10.51 12.27 -9.15
C LEU B 7 9.83 11.50 -10.30
N THR B 8 10.36 10.36 -10.73
CA THR B 8 9.77 9.54 -11.78
C THR B 8 10.27 8.10 -11.66
N VAL B 9 9.38 7.16 -11.98
CA VAL B 9 9.56 5.70 -11.98
C VAL B 9 10.85 5.25 -12.67
N GLU B 10 11.37 4.11 -12.22
CA GLU B 10 12.59 3.44 -12.65
C GLU B 10 12.43 2.67 -13.96
N ASP B 11 11.81 3.29 -14.97
CA ASP B 11 11.56 2.71 -16.29
C ASP B 11 12.84 2.57 -17.11
N SER B 12 13.53 1.44 -16.93
CA SER B 12 14.77 1.12 -17.63
C SER B 12 14.59 -0.14 -18.49
N GLY B 13 13.53 -0.15 -19.31
CA GLY B 13 13.20 -1.24 -20.21
C GLY B 13 12.95 -2.59 -19.53
N GLU B 14 12.70 -2.62 -18.22
CA GLU B 14 12.40 -3.82 -17.47
C GLU B 14 11.07 -4.39 -17.97
N SER B 15 10.87 -5.70 -17.82
CA SER B 15 9.66 -6.39 -18.23
C SER B 15 8.77 -6.57 -17.01
N LEU B 16 7.47 -6.68 -17.24
CA LEU B 16 6.45 -6.86 -16.21
C LEU B 16 6.73 -8.13 -15.40
N GLU B 17 7.05 -9.21 -16.11
CA GLU B 17 7.32 -10.51 -15.49
C GLU B 17 8.49 -10.44 -14.51
N ASP B 18 9.53 -9.69 -14.87
CA ASP B 18 10.73 -9.52 -14.04
C ASP B 18 10.41 -8.57 -12.89
N LEU B 19 9.60 -7.53 -13.13
CA LEU B 19 9.19 -6.56 -12.13
C LEU B 19 8.49 -7.33 -11.01
N MET B 20 7.44 -8.09 -11.31
CA MET B 20 6.75 -8.89 -10.29
C MET B 20 7.67 -9.98 -9.73
N ALA B 21 8.61 -10.53 -10.52
CA ALA B 21 9.53 -11.55 -10.04
C ALA B 21 10.37 -10.98 -8.90
N LYS B 22 11.03 -9.84 -9.12
CA LYS B 22 11.85 -9.23 -8.07
C LYS B 22 10.98 -8.75 -6.91
N MET B 23 9.75 -8.28 -7.18
CA MET B 23 8.88 -7.79 -6.13
C MET B 23 8.62 -8.91 -5.10
N LYS B 24 8.17 -10.08 -5.55
CA LYS B 24 7.92 -11.19 -4.62
C LYS B 24 9.23 -11.70 -4.03
N ASN B 25 10.29 -11.78 -4.84
CA ASN B 25 11.61 -12.25 -4.42
C ASN B 25 12.29 -11.39 -3.36
N MET B 26 11.98 -10.10 -3.19
CA MET B 26 12.65 -9.30 -2.15
C MET B 26 12.20 -9.68 -0.73
N TRP B 27 11.16 -10.52 -0.62
CA TRP B 27 10.53 -11.00 0.60
C TRP B 27 10.32 -9.82 1.53
N MET A 1 2.22 17.94 11.94
CA MET A 1 2.66 16.60 12.38
C MET A 1 2.49 15.56 11.28
N ALA A 2 1.30 15.42 10.69
CA ALA A 2 1.04 14.43 9.66
C ALA A 2 1.29 14.95 8.23
N ASP A 3 1.18 16.26 8.03
CA ASP A 3 1.37 16.92 6.74
C ASP A 3 2.78 16.72 6.19
N GLU A 4 3.78 16.84 7.06
CA GLU A 4 5.19 16.66 6.74
C GLU A 4 5.42 15.21 6.31
N ALA A 5 4.83 14.24 7.02
CA ALA A 5 4.95 12.84 6.72
C ALA A 5 4.34 12.57 5.34
N THR A 6 3.13 13.08 5.08
CA THR A 6 2.44 12.88 3.80
C THR A 6 3.30 13.37 2.63
N ARG A 7 3.80 14.61 2.70
CA ARG A 7 4.62 15.12 1.61
C ARG A 7 5.91 14.33 1.50
N ARG A 8 6.59 13.98 2.61
CA ARG A 8 7.82 13.20 2.59
C ARG A 8 7.59 11.90 1.83
N VAL A 9 6.52 11.17 2.20
CA VAL A 9 6.20 9.90 1.60
C VAL A 9 6.05 10.06 0.08
N VAL A 10 5.27 11.03 -0.42
CA VAL A 10 5.18 11.14 -1.88
C VAL A 10 6.54 11.61 -2.45
N SER A 11 7.26 12.50 -1.77
CA SER A 11 8.55 13.02 -2.21
C SER A 11 9.65 11.96 -2.25
N GLU A 12 9.53 10.83 -1.56
CA GLU A 12 10.54 9.76 -1.60
C GLU A 12 10.10 8.65 -2.56
N ILE A 13 8.81 8.49 -2.80
CA ILE A 13 8.23 7.46 -3.67
C ILE A 13 8.20 7.93 -5.13
N PRO A 14 8.91 7.24 -6.06
CA PRO A 14 8.89 7.63 -7.47
C PRO A 14 7.46 7.52 -8.01
N VAL A 15 7.06 8.51 -8.81
CA VAL A 15 5.71 8.61 -9.37
C VAL A 15 5.57 7.99 -10.77
N LEU A 16 4.33 7.59 -11.08
CA LEU A 16 3.91 6.97 -12.34
C LEU A 16 3.49 8.06 -13.34
N LYS A 17 2.96 7.65 -14.49
CA LYS A 17 2.46 8.46 -15.59
C LYS A 17 1.19 7.84 -16.18
N THR A 18 1.07 6.51 -16.27
CA THR A 18 -0.12 5.84 -16.80
C THR A 18 -1.14 5.61 -15.68
N ASN A 19 -2.46 5.69 -15.96
CA ASN A 19 -3.52 5.44 -14.98
C ASN A 19 -4.65 4.54 -15.53
N ALA A 20 -4.30 3.66 -16.47
CA ALA A 20 -5.22 2.73 -17.13
C ALA A 20 -5.80 1.65 -16.18
N GLY A 21 -6.71 0.82 -16.72
CA GLY A 21 -7.38 -0.26 -16.03
C GLY A 21 -6.98 -1.64 -16.57
N PRO A 22 -7.34 -2.73 -15.86
CA PRO A 22 -7.04 -4.09 -16.27
C PRO A 22 -7.89 -4.57 -17.45
N ARG A 23 -8.97 -3.84 -17.77
CA ARG A 23 -9.88 -4.13 -18.88
C ARG A 23 -9.12 -4.45 -20.16
N ASP A 24 -8.06 -3.69 -20.45
CA ASP A 24 -7.23 -3.93 -21.62
C ASP A 24 -5.90 -4.53 -21.19
N ARG A 25 -5.63 -5.79 -21.52
CA ARG A 25 -4.40 -6.51 -21.16
C ARG A 25 -3.15 -5.67 -21.33
N GLU A 26 -2.91 -5.17 -22.53
CA GLU A 26 -1.76 -4.36 -22.91
C GLU A 26 -1.66 -3.08 -22.06
N LEU A 27 -2.77 -2.34 -21.94
CA LEU A 27 -2.79 -1.11 -21.15
C LEU A 27 -2.43 -1.46 -19.72
N TRP A 28 -2.92 -2.61 -19.24
CA TRP A 28 -2.66 -3.11 -17.91
C TRP A 28 -1.17 -3.35 -17.77
N VAL A 29 -0.51 -4.09 -18.67
CA VAL A 29 0.93 -4.32 -18.55
C VAL A 29 1.64 -2.98 -18.37
N GLN A 30 1.29 -1.96 -19.16
CA GLN A 30 1.95 -0.66 -19.02
C GLN A 30 1.73 -0.06 -17.63
N ARG A 31 0.47 0.19 -17.25
CA ARG A 31 0.10 0.75 -15.97
C ARG A 31 0.74 -0.03 -14.82
N LEU A 32 0.53 -1.34 -14.79
CA LEU A 32 1.03 -2.26 -13.78
C LEU A 32 2.55 -2.14 -13.67
N LYS A 33 3.23 -2.07 -14.81
CA LYS A 33 4.68 -1.92 -14.91
C LYS A 33 5.12 -0.72 -14.10
N GLU A 34 4.53 0.45 -14.35
CA GLU A 34 4.92 1.64 -13.62
C GLU A 34 4.65 1.44 -12.12
N GLU A 35 3.54 0.78 -11.78
CA GLU A 35 3.16 0.52 -10.40
C GLU A 35 4.20 -0.33 -9.68
N TYR A 36 4.74 -1.33 -10.37
CA TYR A 36 5.75 -2.22 -9.82
C TYR A 36 7.02 -1.43 -9.63
N GLN A 37 7.55 -0.79 -10.68
CA GLN A 37 8.78 -0.01 -10.62
C GLN A 37 8.76 0.92 -9.40
N SER A 38 7.66 1.67 -9.24
CA SER A 38 7.50 2.60 -8.12
C SER A 38 7.47 1.91 -6.76
N LEU A 39 6.61 0.90 -6.59
CA LEU A 39 6.47 0.19 -5.33
C LEU A 39 7.79 -0.50 -4.97
N ILE A 40 8.41 -1.26 -5.88
CA ILE A 40 9.68 -1.95 -5.66
C ILE A 40 10.69 -0.94 -5.14
N ARG A 41 10.83 0.24 -5.76
CA ARG A 41 11.77 1.26 -5.30
C ARG A 41 11.47 1.66 -3.85
N TYR A 42 10.20 1.89 -3.51
CA TYR A 42 9.78 2.26 -2.16
C TYR A 42 10.15 1.14 -1.18
N VAL A 43 9.78 -0.12 -1.43
CA VAL A 43 10.11 -1.20 -0.50
C VAL A 43 11.60 -1.48 -0.46
N GLU A 44 12.33 -1.32 -1.56
CA GLU A 44 13.78 -1.53 -1.60
C GLU A 44 14.37 -0.56 -0.60
N ASN A 45 14.04 0.74 -0.71
CA ASN A 45 14.51 1.78 0.17
C ASN A 45 14.08 1.57 1.61
N ASN A 46 12.78 1.32 1.83
CA ASN A 46 12.18 1.12 3.14
C ASN A 46 12.86 -0.03 3.89
N LYS A 47 12.97 -1.20 3.25
CA LYS A 47 13.60 -2.38 3.82
C LYS A 47 15.10 -2.12 4.00
N ASN A 48 15.77 -1.53 2.99
CA ASN A 48 17.20 -1.22 3.06
C ASN A 48 17.48 -0.30 4.24
N ALA A 49 16.55 0.61 4.57
CA ALA A 49 16.66 1.54 5.68
C ALA A 49 16.33 0.87 7.01
N ASP A 50 16.12 -0.45 7.02
CA ASP A 50 15.80 -1.28 8.17
C ASP A 50 14.47 -0.85 8.79
N ASN A 51 13.52 -0.44 7.94
CA ASN A 51 12.19 0.02 8.32
C ASN A 51 11.08 -0.88 7.77
N ASP A 52 11.37 -2.16 7.49
CA ASP A 52 10.36 -3.07 6.99
C ASP A 52 9.17 -3.19 7.95
N TRP A 53 7.99 -2.77 7.48
CA TRP A 53 6.74 -2.79 8.24
C TRP A 53 5.61 -3.44 7.43
N PHE A 54 5.68 -3.42 6.10
CA PHE A 54 4.65 -3.99 5.22
C PHE A 54 5.34 -4.75 4.08
N ARG A 55 4.72 -5.84 3.62
CA ARG A 55 5.19 -6.71 2.57
C ARG A 55 4.00 -6.96 1.64
N LEU A 56 4.10 -6.66 0.35
CA LEU A 56 3.01 -6.83 -0.62
C LEU A 56 3.50 -7.50 -1.91
N GLU A 57 2.86 -8.60 -2.31
CA GLU A 57 3.15 -9.33 -3.53
C GLU A 57 1.82 -9.56 -4.27
N SER A 58 1.88 -9.95 -5.53
CA SER A 58 0.65 -10.19 -6.30
C SER A 58 0.83 -11.30 -7.33
N ASN A 59 -0.29 -11.79 -7.85
CA ASN A 59 -0.28 -12.84 -8.86
C ASN A 59 0.25 -12.28 -10.18
N LYS A 60 0.49 -13.19 -11.15
CA LYS A 60 1.01 -12.84 -12.47
C LYS A 60 0.06 -11.96 -13.28
N GLU A 61 -1.22 -11.97 -12.92
CA GLU A 61 -2.25 -11.21 -13.61
C GLU A 61 -2.34 -9.76 -13.10
N GLY A 62 -1.95 -9.54 -11.85
CA GLY A 62 -2.01 -8.26 -11.15
C GLY A 62 -3.46 -7.96 -10.82
N THR A 63 -4.31 -8.98 -10.67
CA THR A 63 -5.73 -8.83 -10.38
C THR A 63 -5.98 -8.83 -8.87
N ARG A 64 -5.32 -9.72 -8.15
CA ARG A 64 -5.40 -9.91 -6.71
C ARG A 64 -4.02 -9.68 -6.14
N TRP A 65 -3.98 -8.91 -5.06
CA TRP A 65 -2.77 -8.51 -4.36
C TRP A 65 -2.94 -8.93 -2.91
N PHE A 66 -1.87 -9.44 -2.31
CA PHE A 66 -1.86 -9.93 -0.95
C PHE A 66 -0.55 -9.52 -0.29
N GLY A 67 -0.49 -9.65 1.03
CA GLY A 67 0.69 -9.27 1.75
C GLY A 67 0.50 -9.46 3.23
N LYS A 68 1.44 -8.92 4.02
CA LYS A 68 1.43 -9.00 5.47
C LYS A 68 2.09 -7.75 6.02
N CYS A 69 1.68 -7.27 7.20
CA CYS A 69 2.24 -6.10 7.85
C CYS A 69 2.52 -6.42 9.32
N TRP A 70 3.63 -5.91 9.82
CA TRP A 70 4.13 -6.09 11.18
C TRP A 70 4.26 -4.72 11.81
N TYR A 71 4.06 -4.66 13.13
CA TYR A 71 4.20 -3.42 13.88
C TYR A 71 4.79 -3.77 15.24
N ILE A 72 5.57 -2.84 15.77
CA ILE A 72 6.25 -2.96 17.04
C ILE A 72 5.95 -1.70 17.84
N HIS A 73 5.49 -1.89 19.07
CA HIS A 73 5.13 -0.83 20.00
C HIS A 73 5.25 -1.43 21.39
N ASP A 74 5.71 -0.66 22.38
CA ASP A 74 5.87 -1.08 23.77
C ASP A 74 6.60 -2.42 23.96
N LEU A 75 7.59 -2.69 23.10
CA LEU A 75 8.43 -3.90 23.05
C LEU A 75 7.66 -5.12 22.53
N LEU A 76 6.39 -4.97 22.17
CA LEU A 76 5.56 -6.04 21.68
C LEU A 76 5.56 -5.97 20.18
N LYS A 77 5.19 -7.09 19.59
CA LYS A 77 5.12 -7.30 18.17
C LYS A 77 3.77 -7.87 17.83
N TYR A 78 3.27 -7.47 16.66
CA TYR A 78 2.02 -7.93 16.11
C TYR A 78 2.20 -8.15 14.62
N GLU A 79 1.41 -9.05 14.05
CA GLU A 79 1.39 -9.45 12.64
C GLU A 79 -0.05 -9.47 12.16
N PHE A 80 -0.27 -8.93 10.95
CA PHE A 80 -1.56 -8.83 10.28
C PHE A 80 -1.40 -9.21 8.81
N ASP A 81 -2.49 -9.68 8.20
CA ASP A 81 -2.57 -10.09 6.81
C ASP A 81 -3.32 -9.05 5.99
N ILE A 82 -3.12 -9.05 4.66
CA ILE A 82 -3.82 -8.15 3.75
C ILE A 82 -4.08 -8.88 2.44
N GLU A 83 -5.24 -8.63 1.85
CA GLU A 83 -5.64 -9.20 0.56
C GLU A 83 -6.74 -8.36 -0.08
N PHE A 84 -6.52 -7.84 -1.30
CA PHE A 84 -7.50 -7.06 -2.06
C PHE A 84 -7.46 -7.39 -3.55
N ASP A 85 -8.50 -6.99 -4.28
CA ASP A 85 -8.65 -7.18 -5.71
C ASP A 85 -9.02 -5.84 -6.34
N ILE A 86 -8.30 -5.46 -7.40
CA ILE A 86 -8.50 -4.19 -8.10
C ILE A 86 -9.79 -4.26 -8.91
N PRO A 87 -10.65 -3.22 -8.89
CA PRO A 87 -11.86 -3.22 -9.69
C PRO A 87 -11.49 -3.05 -11.16
N ILE A 88 -12.24 -3.68 -12.06
CA ILE A 88 -11.95 -3.56 -13.49
C ILE A 88 -12.16 -2.13 -13.98
N THR A 89 -13.09 -1.41 -13.36
CA THR A 89 -13.43 -0.03 -13.65
C THR A 89 -12.28 0.90 -13.26
N TYR A 90 -11.59 0.60 -12.15
CA TYR A 90 -10.48 1.34 -11.58
C TYR A 90 -10.78 2.86 -11.64
N PRO A 91 -11.78 3.33 -10.88
CA PRO A 91 -12.18 4.73 -10.84
C PRO A 91 -11.09 5.59 -10.23
N THR A 92 -11.30 6.91 -10.29
CA THR A 92 -10.40 7.90 -9.74
C THR A 92 -10.34 7.79 -8.22
N THR A 93 -11.33 7.18 -7.57
CA THR A 93 -11.40 6.97 -6.12
C THR A 93 -10.56 5.72 -5.83
N ALA A 94 -9.61 5.84 -4.90
CA ALA A 94 -8.69 4.78 -4.49
C ALA A 94 -9.37 3.44 -4.14
N PRO A 95 -8.69 2.30 -4.30
CA PRO A 95 -9.19 0.96 -3.99
C PRO A 95 -9.31 0.74 -2.46
N GLU A 96 -9.85 -0.42 -2.06
CA GLU A 96 -10.06 -0.79 -0.66
C GLU A 96 -9.32 -2.06 -0.20
N ILE A 97 -8.25 -1.91 0.59
CA ILE A 97 -7.47 -3.01 1.16
C ILE A 97 -8.38 -3.68 2.22
N ALA A 98 -8.18 -4.97 2.48
CA ALA A 98 -8.92 -5.74 3.47
C ALA A 98 -7.88 -6.42 4.35
N VAL A 99 -8.18 -6.59 5.65
CA VAL A 99 -7.31 -7.20 6.63
C VAL A 99 -8.14 -8.29 7.34
N PRO A 100 -7.95 -9.59 7.03
CA PRO A 100 -8.71 -10.66 7.67
C PRO A 100 -8.39 -10.82 9.15
N GLU A 101 -7.13 -10.60 9.55
CA GLU A 101 -6.70 -10.73 10.95
C GLU A 101 -7.47 -9.79 11.89
N LEU A 102 -8.03 -8.68 11.40
CA LEU A 102 -8.80 -7.72 12.19
C LEU A 102 -10.31 -7.82 11.95
N ASP A 103 -10.76 -8.74 11.08
CA ASP A 103 -12.17 -8.92 10.76
C ASP A 103 -12.96 -9.40 11.97
N GLY A 104 -13.60 -8.45 12.67
CA GLY A 104 -14.42 -8.66 13.84
C GLY A 104 -13.92 -7.95 15.09
N LYS A 105 -12.69 -7.42 15.10
CA LYS A 105 -12.19 -6.73 16.29
C LYS A 105 -12.96 -5.42 16.52
N THR A 106 -13.29 -4.69 15.46
CA THR A 106 -14.02 -3.44 15.53
C THR A 106 -15.39 -3.57 14.84
N ALA A 107 -16.21 -2.51 14.90
CA ALA A 107 -17.55 -2.43 14.33
C ALA A 107 -17.54 -2.66 12.81
N LYS A 108 -18.40 -3.56 12.33
CA LYS A 108 -18.53 -3.88 10.91
C LYS A 108 -19.30 -2.79 10.19
N MET A 109 -18.61 -1.90 9.48
CA MET A 109 -19.27 -0.85 8.71
C MET A 109 -19.75 -1.43 7.37
N TYR A 110 -20.41 -0.63 6.54
CA TYR A 110 -20.91 -1.04 5.23
C TYR A 110 -19.73 -1.42 4.32
N ARG A 111 -19.95 -2.25 3.28
CA ARG A 111 -18.86 -2.66 2.40
C ARG A 111 -18.33 -1.43 1.67
N GLY A 112 -17.06 -1.09 1.89
CA GLY A 112 -16.40 0.04 1.26
C GLY A 112 -15.70 0.90 2.29
N GLY A 113 -14.41 0.65 2.51
CA GLY A 113 -13.59 1.42 3.44
C GLY A 113 -13.39 0.77 4.80
N LYS A 114 -13.39 -0.57 4.93
CA LYS A 114 -13.22 -1.21 6.23
C LYS A 114 -11.86 -0.88 6.86
N ILE A 115 -10.82 -0.67 6.06
CA ILE A 115 -9.48 -0.33 6.57
C ILE A 115 -8.93 0.89 5.80
N CYS A 116 -9.45 1.14 4.60
CA CYS A 116 -9.06 2.26 3.76
C CYS A 116 -9.68 3.48 4.44
N LEU A 117 -8.91 4.09 5.34
CA LEU A 117 -9.32 5.25 6.09
C LEU A 117 -9.72 6.36 5.11
N THR A 118 -10.51 7.30 5.61
CA THR A 118 -11.04 8.41 4.84
C THR A 118 -10.71 9.75 5.50
N ASP A 119 -10.45 9.77 6.81
CA ASP A 119 -10.13 10.92 7.68
C ASP A 119 -9.49 12.08 6.90
N HIS A 120 -8.26 11.89 6.43
CA HIS A 120 -7.53 12.89 5.65
C HIS A 120 -7.20 12.34 4.25
N PHE A 121 -7.19 11.01 4.09
CA PHE A 121 -6.88 10.35 2.83
C PHE A 121 -7.92 10.60 1.74
N LYS A 122 -9.22 10.55 2.04
CA LYS A 122 -10.25 10.78 1.01
C LYS A 122 -10.05 12.14 0.34
N PRO A 123 -10.01 13.29 1.05
CA PRO A 123 -9.80 14.58 0.40
C PRO A 123 -8.41 14.65 -0.23
N LEU A 124 -7.35 14.10 0.39
CA LEU A 124 -5.99 14.12 -0.15
C LEU A 124 -5.95 13.45 -1.54
N TRP A 125 -6.47 12.23 -1.61
CA TRP A 125 -6.50 11.46 -2.85
C TRP A 125 -7.45 12.12 -3.85
N ALA A 126 -8.62 12.60 -3.40
CA ALA A 126 -9.60 13.22 -4.28
C ALA A 126 -9.07 14.52 -4.90
N ARG A 127 -8.46 15.39 -4.09
CA ARG A 127 -7.92 16.67 -4.55
C ARG A 127 -6.77 16.44 -5.51
N ASN A 128 -5.91 15.45 -5.23
CA ASN A 128 -4.78 15.18 -6.12
C ASN A 128 -4.60 13.68 -6.35
N VAL A 129 -4.86 13.26 -7.58
CA VAL A 129 -4.74 11.91 -8.10
C VAL A 129 -4.21 12.04 -9.54
N PRO A 130 -3.02 12.63 -9.73
CA PRO A 130 -2.44 12.77 -11.06
C PRO A 130 -1.92 11.42 -11.57
N LYS A 131 -1.09 10.76 -10.77
CA LYS A 131 -0.46 9.46 -11.05
C LYS A 131 -0.39 8.50 -9.86
N PHE A 132 -1.09 8.78 -8.77
CA PHE A 132 -1.04 7.90 -7.61
C PHE A 132 -1.41 6.48 -8.02
N GLY A 133 -0.66 5.54 -7.44
CA GLY A 133 -0.76 4.10 -7.62
C GLY A 133 -0.74 3.47 -6.23
N LEU A 134 -0.80 2.14 -6.18
CA LEU A 134 -0.80 1.34 -4.97
C LEU A 134 0.37 1.66 -4.02
N ALA A 135 1.52 2.13 -4.52
CA ALA A 135 2.62 2.48 -3.63
C ALA A 135 2.16 3.58 -2.65
N HIS A 136 1.63 4.66 -3.22
CA HIS A 136 1.12 5.84 -2.54
C HIS A 136 -0.10 5.48 -1.69
N LEU A 137 -0.99 4.60 -2.18
CA LEU A 137 -2.19 4.17 -1.46
C LEU A 137 -1.81 3.66 -0.07
N MET A 138 -0.93 2.67 -0.05
CA MET A 138 -0.47 2.03 1.16
C MET A 138 0.35 2.98 2.02
N ALA A 139 1.30 3.70 1.42
CA ALA A 139 2.15 4.60 2.17
C ALA A 139 1.39 5.78 2.82
N LEU A 140 0.31 6.27 2.19
CA LEU A 140 -0.49 7.40 2.69
C LEU A 140 -1.81 6.95 3.32
N GLY A 141 -2.11 5.66 3.33
CA GLY A 141 -3.35 5.13 3.89
C GLY A 141 -3.08 4.09 4.94
N LEU A 142 -2.49 2.97 4.52
CA LEU A 142 -2.12 1.85 5.38
C LEU A 142 -1.18 2.28 6.49
N GLY A 143 -0.13 3.05 6.16
CA GLY A 143 0.86 3.52 7.12
C GLY A 143 0.24 4.33 8.27
N PRO A 144 -0.44 5.44 7.98
CA PRO A 144 -1.06 6.26 9.03
C PRO A 144 -2.14 5.47 9.79
N TRP A 145 -2.97 4.69 9.07
CA TRP A 145 -4.01 3.87 9.67
C TRP A 145 -3.40 3.00 10.75
N LEU A 146 -2.42 2.16 10.41
CA LEU A 146 -1.79 1.27 11.39
C LEU A 146 -1.10 2.10 12.48
N ALA A 147 -0.44 3.20 12.11
CA ALA A 147 0.26 4.06 13.06
C ALA A 147 -0.67 4.67 14.12
N VAL A 148 -1.96 4.84 13.84
CA VAL A 148 -2.93 5.41 14.78
C VAL A 148 -3.77 4.30 15.42
N GLU A 149 -4.05 3.21 14.69
CA GLU A 149 -4.87 2.11 15.17
C GLU A 149 -4.10 1.23 16.14
N ILE A 150 -2.76 1.09 16.02
CA ILE A 150 -2.01 0.27 16.97
C ILE A 150 -2.17 0.87 18.37
N PRO A 151 -1.82 2.16 18.63
CA PRO A 151 -1.99 2.71 19.96
C PRO A 151 -3.47 2.83 20.32
N ASP A 152 -4.38 3.04 19.35
CA ASP A 152 -5.80 3.16 19.68
C ASP A 152 -6.40 1.86 20.15
N LEU A 153 -6.21 0.78 19.39
CA LEU A 153 -6.74 -0.52 19.73
C LEU A 153 -6.06 -1.05 20.98
N ILE A 154 -4.79 -0.71 21.22
CA ILE A 154 -4.10 -1.16 22.43
C ILE A 154 -4.67 -0.38 23.62
N GLN A 155 -4.75 0.95 23.56
CA GLN A 155 -5.27 1.74 24.68
C GLN A 155 -6.73 1.37 24.99
N LYS A 156 -7.52 1.06 23.97
CA LYS A 156 -8.91 0.68 24.16
C LYS A 156 -8.96 -0.76 24.71
N GLY A 157 -8.02 -1.63 24.35
CA GLY A 157 -7.93 -3.01 24.82
C GLY A 157 -8.57 -3.99 23.84
N VAL A 158 -8.11 -4.01 22.59
CA VAL A 158 -8.61 -4.87 21.53
C VAL A 158 -7.47 -5.70 20.94
N ILE A 159 -6.29 -5.12 20.67
CA ILE A 159 -5.17 -5.86 20.10
C ILE A 159 -4.21 -6.25 21.23
N GLN A 160 -3.61 -7.43 21.08
CA GLN A 160 -2.66 -8.05 21.98
C GLN A 160 -1.66 -8.80 21.08
N HIS A 161 -0.43 -8.98 21.56
CA HIS A 161 0.64 -9.66 20.84
C HIS A 161 0.39 -11.17 20.67
N LYS A 162 1.23 -11.85 19.89
CA LYS A 162 1.12 -13.30 19.69
C LYS A 162 2.26 -14.07 20.37
N GLU A 163 3.32 -13.41 20.84
CA GLU A 163 4.47 -14.03 21.49
C GLU A 163 4.06 -15.04 22.57
N LYS A 164 3.15 -14.71 23.49
CA LYS A 164 2.76 -15.67 24.53
C LYS A 164 2.16 -16.96 23.96
N CYS A 165 1.51 -16.91 22.79
CA CYS A 165 0.94 -18.09 22.17
C CYS A 165 2.05 -18.96 21.57
N ASN A 166 3.26 -18.41 21.39
CA ASN A 166 4.41 -19.11 20.86
C ASN A 166 5.26 -19.59 22.05
N GLN A 167 5.88 -18.69 22.80
CA GLN A 167 6.72 -19.00 23.96
C GLN A 167 6.48 -17.94 25.01
N GLY B 1 0.55 19.45 -20.60
CA GLY B 1 1.81 19.77 -19.91
C GLY B 1 2.65 18.53 -19.69
N MET B 2 3.58 18.62 -18.73
CA MET B 2 4.53 17.59 -18.32
C MET B 2 5.04 18.01 -16.92
N SER B 3 6.09 17.37 -16.38
CA SER B 3 6.65 17.69 -15.07
C SER B 3 8.14 17.39 -14.98
N VAL B 4 8.89 18.10 -14.15
CA VAL B 4 10.34 17.91 -13.96
C VAL B 4 10.77 17.86 -12.49
N THR B 5 10.24 18.73 -11.62
CA THR B 5 10.65 18.75 -10.21
C THR B 5 10.22 17.50 -9.41
N GLU B 6 9.28 16.73 -9.93
CA GLU B 6 8.81 15.51 -9.26
C GLU B 6 9.63 14.32 -9.77
N LEU B 7 9.63 13.23 -8.99
CA LEU B 7 10.31 11.97 -9.25
C LEU B 7 9.70 11.27 -10.50
N THR B 8 10.18 10.08 -10.85
CA THR B 8 9.70 9.26 -11.95
C THR B 8 10.15 7.81 -11.70
N VAL B 9 9.29 6.86 -12.07
CA VAL B 9 9.46 5.42 -11.98
C VAL B 9 10.77 4.93 -12.63
N GLU B 10 11.21 3.72 -12.27
CA GLU B 10 12.40 3.02 -12.75
C GLU B 10 12.11 2.40 -14.13
N ASP B 11 11.63 3.23 -15.05
CA ASP B 11 11.25 2.89 -16.40
C ASP B 11 12.47 2.70 -17.32
N SER B 12 13.08 1.52 -17.31
CA SER B 12 14.25 1.24 -18.15
C SER B 12 14.03 0.00 -19.03
N GLY B 13 12.90 -0.03 -19.75
CA GLY B 13 12.53 -1.12 -20.65
C GLY B 13 12.25 -2.45 -19.95
N GLU B 14 12.06 -2.44 -18.63
CA GLU B 14 11.79 -3.64 -17.82
C GLU B 14 10.47 -4.29 -18.26
N SER B 15 10.30 -5.59 -18.01
CA SER B 15 9.09 -6.34 -18.33
C SER B 15 8.44 -6.82 -17.05
N LEU B 16 7.11 -6.77 -17.02
CA LEU B 16 6.21 -7.11 -15.93
C LEU B 16 6.56 -8.40 -15.20
N GLU B 17 6.86 -9.49 -15.91
CA GLU B 17 7.17 -10.74 -15.24
C GLU B 17 8.48 -10.65 -14.47
N ASP B 18 9.43 -9.86 -14.95
CA ASP B 18 10.71 -9.64 -14.30
C ASP B 18 10.49 -8.76 -13.08
N LEU B 19 9.75 -7.67 -13.27
CA LEU B 19 9.38 -6.69 -12.26
C LEU B 19 8.72 -7.44 -11.09
N MET B 20 7.60 -8.11 -11.33
CA MET B 20 6.90 -8.86 -10.30
C MET B 20 7.78 -9.99 -9.77
N ALA B 21 8.67 -10.59 -10.57
CA ALA B 21 9.53 -11.65 -10.08
C ALA B 21 10.42 -11.10 -8.98
N LYS B 22 11.12 -9.99 -9.22
CA LYS B 22 11.97 -9.42 -8.17
C LYS B 22 11.13 -8.98 -6.99
N MET B 23 9.91 -8.47 -7.23
CA MET B 23 9.07 -8.01 -6.13
C MET B 23 8.72 -9.16 -5.17
N LYS B 24 8.11 -10.23 -5.68
CA LYS B 24 7.72 -11.37 -4.84
C LYS B 24 8.94 -12.06 -4.25
N ASN B 25 10.00 -12.19 -5.04
CA ASN B 25 11.24 -12.83 -4.61
C ASN B 25 11.90 -12.05 -3.46
N MET B 26 11.69 -10.72 -3.34
CA MET B 26 12.32 -9.95 -2.28
C MET B 26 11.88 -10.34 -0.87
N TRP B 27 10.64 -10.80 -0.64
CA TRP B 27 10.19 -11.18 0.70
C TRP B 27 9.07 -12.19 0.68
N MET A 1 2.08 18.18 11.65
CA MET A 1 2.40 16.81 12.06
C MET A 1 2.06 15.76 11.00
N ALA A 2 0.88 15.77 10.40
CA ALA A 2 0.49 14.77 9.40
C ALA A 2 0.83 15.18 7.96
N ASP A 3 0.57 16.42 7.57
CA ASP A 3 0.84 16.83 6.18
C ASP A 3 2.35 16.82 5.88
N GLU A 4 3.20 17.11 6.86
CA GLU A 4 4.65 17.10 6.70
C GLU A 4 5.11 15.66 6.34
N ALA A 5 4.45 14.66 6.95
CA ALA A 5 4.67 13.24 6.75
C ALA A 5 4.16 12.87 5.36
N THR A 6 2.91 13.25 5.07
CA THR A 6 2.22 13.01 3.81
C THR A 6 3.11 13.45 2.64
N ARG A 7 3.58 14.71 2.69
CA ARG A 7 4.42 15.22 1.62
C ARG A 7 5.73 14.47 1.57
N ARG A 8 6.41 14.21 2.70
CA ARG A 8 7.67 13.47 2.69
C ARG A 8 7.49 12.13 1.98
N VAL A 9 6.47 11.40 2.37
CA VAL A 9 6.19 10.09 1.82
C VAL A 9 6.03 10.18 0.30
N VAL A 10 5.22 11.09 -0.26
CA VAL A 10 5.11 11.17 -1.72
C VAL A 10 6.43 11.72 -2.31
N SER A 11 7.14 12.59 -1.59
CA SER A 11 8.39 13.18 -2.03
C SER A 11 9.52 12.16 -2.14
N GLU A 12 9.43 11.01 -1.47
CA GLU A 12 10.45 9.98 -1.59
C GLU A 12 10.02 8.88 -2.58
N ILE A 13 8.73 8.71 -2.82
CA ILE A 13 8.15 7.70 -3.70
C ILE A 13 8.20 8.15 -5.17
N PRO A 14 8.81 7.37 -6.08
CA PRO A 14 8.87 7.73 -7.48
C PRO A 14 7.48 7.53 -8.09
N VAL A 15 6.93 8.58 -8.69
CA VAL A 15 5.59 8.56 -9.26
C VAL A 15 5.47 8.00 -10.69
N LEU A 16 4.30 7.40 -10.98
CA LEU A 16 3.90 6.77 -12.25
C LEU A 16 3.58 7.80 -13.34
N LYS A 17 3.09 7.33 -14.48
CA LYS A 17 2.67 8.13 -15.63
C LYS A 17 1.41 7.55 -16.28
N THR A 18 1.31 6.23 -16.47
CA THR A 18 0.13 5.57 -17.06
C THR A 18 -1.07 5.59 -16.10
N ASN A 19 -2.31 5.55 -16.61
CA ASN A 19 -3.56 5.54 -15.83
C ASN A 19 -4.55 4.46 -16.33
N ALA A 20 -4.05 3.43 -17.03
CA ALA A 20 -4.87 2.36 -17.58
C ALA A 20 -5.39 1.39 -16.51
N GLY A 21 -6.33 0.53 -16.92
CA GLY A 21 -6.97 -0.48 -16.11
C GLY A 21 -6.64 -1.91 -16.56
N PRO A 22 -7.07 -2.93 -15.78
CA PRO A 22 -6.81 -4.34 -16.08
C PRO A 22 -7.65 -4.91 -17.22
N ARG A 23 -8.72 -4.24 -17.65
CA ARG A 23 -9.59 -4.71 -18.72
C ARG A 23 -8.85 -4.96 -20.02
N ASP A 24 -7.85 -4.12 -20.33
CA ASP A 24 -7.05 -4.25 -21.55
C ASP A 24 -5.66 -4.75 -21.20
N ARG A 25 -5.36 -6.02 -21.53
CA ARG A 25 -4.09 -6.71 -21.26
C ARG A 25 -2.85 -5.84 -21.45
N GLU A 26 -2.60 -5.43 -22.69
CA GLU A 26 -1.44 -4.62 -23.08
C GLU A 26 -1.32 -3.32 -22.27
N LEU A 27 -2.43 -2.59 -22.19
CA LEU A 27 -2.52 -1.34 -21.46
C LEU A 27 -2.16 -1.57 -19.99
N TRP A 28 -2.62 -2.71 -19.44
CA TRP A 28 -2.39 -3.13 -18.08
C TRP A 28 -0.91 -3.41 -17.91
N VAL A 29 -0.26 -4.19 -18.78
CA VAL A 29 1.18 -4.48 -18.65
C VAL A 29 1.92 -3.16 -18.48
N GLN A 30 1.63 -2.16 -19.32
CA GLN A 30 2.31 -0.88 -19.21
C GLN A 30 2.09 -0.25 -17.82
N ARG A 31 0.84 0.01 -17.45
CA ARG A 31 0.49 0.59 -16.17
C ARG A 31 1.12 -0.16 -15.00
N LEU A 32 0.89 -1.47 -14.95
CA LEU A 32 1.37 -2.38 -13.93
C LEU A 32 2.87 -2.25 -13.78
N LYS A 33 3.58 -2.18 -14.90
CA LYS A 33 5.03 -2.03 -14.95
C LYS A 33 5.45 -0.79 -14.20
N GLU A 34 4.86 0.37 -14.51
CA GLU A 34 5.24 1.60 -13.82
C GLU A 34 4.93 1.48 -12.33
N GLU A 35 3.85 0.78 -11.98
CA GLU A 35 3.45 0.60 -10.59
C GLU A 35 4.46 -0.23 -9.84
N TYR A 36 4.92 -1.32 -10.45
CA TYR A 36 5.91 -2.18 -9.85
C TYR A 36 7.16 -1.36 -9.63
N GLN A 37 7.69 -0.68 -10.65
CA GLN A 37 8.89 0.14 -10.52
C GLN A 37 8.75 1.07 -9.30
N SER A 38 7.62 1.79 -9.22
CA SER A 38 7.28 2.71 -8.14
C SER A 38 7.34 2.06 -6.75
N LEU A 39 6.49 1.04 -6.54
CA LEU A 39 6.37 0.32 -5.29
C LEU A 39 7.65 -0.41 -4.92
N ILE A 40 8.24 -1.15 -5.84
CA ILE A 40 9.47 -1.90 -5.62
C ILE A 40 10.55 -0.95 -5.15
N ARG A 41 10.80 0.17 -5.85
CA ARG A 41 11.86 1.08 -5.40
C ARG A 41 11.55 1.51 -3.97
N TYR A 42 10.30 1.87 -3.69
CA TYR A 42 9.95 2.27 -2.34
C TYR A 42 10.27 1.16 -1.33
N VAL A 43 9.80 -0.10 -1.51
CA VAL A 43 10.12 -1.15 -0.54
C VAL A 43 11.61 -1.46 -0.49
N GLU A 44 12.32 -1.44 -1.61
CA GLU A 44 13.76 -1.71 -1.67
C GLU A 44 14.47 -0.72 -0.75
N ASN A 45 14.22 0.57 -0.96
CA ASN A 45 14.83 1.63 -0.18
C ASN A 45 14.38 1.59 1.28
N ASN A 46 13.08 1.40 1.52
CA ASN A 46 12.48 1.32 2.84
C ASN A 46 13.12 0.19 3.66
N LYS A 47 13.21 -1.00 3.08
CA LYS A 47 13.83 -2.17 3.70
C LYS A 47 15.32 -1.92 3.91
N ASN A 48 16.01 -1.32 2.93
CA ASN A 48 17.44 -1.02 3.03
C ASN A 48 17.69 -0.13 4.25
N ALA A 49 16.74 0.76 4.58
CA ALA A 49 16.82 1.66 5.73
C ALA A 49 16.36 0.96 7.02
N ASP A 50 16.11 -0.35 6.98
CA ASP A 50 15.68 -1.24 8.06
C ASP A 50 14.29 -0.87 8.59
N ASN A 51 13.47 -0.24 7.74
CA ASN A 51 12.13 0.21 8.08
C ASN A 51 11.03 -0.73 7.59
N ASP A 52 11.34 -2.00 7.33
CA ASP A 52 10.33 -2.97 6.91
C ASP A 52 9.17 -2.97 7.90
N TRP A 53 7.97 -2.81 7.36
CA TRP A 53 6.74 -2.79 8.12
C TRP A 53 5.61 -3.50 7.37
N PHE A 54 5.74 -3.66 6.05
CA PHE A 54 4.75 -4.31 5.19
C PHE A 54 5.46 -5.23 4.18
N ARG A 55 4.67 -6.01 3.44
CA ARG A 55 5.00 -6.99 2.40
C ARG A 55 3.84 -6.87 1.43
N LEU A 56 4.10 -6.88 0.12
CA LEU A 56 3.07 -6.81 -0.91
C LEU A 56 3.62 -7.48 -2.17
N GLU A 57 2.84 -8.36 -2.77
CA GLU A 57 3.16 -9.09 -3.98
C GLU A 57 1.85 -9.46 -4.71
N SER A 58 1.94 -9.99 -5.93
CA SER A 58 0.77 -10.36 -6.72
C SER A 58 1.07 -11.52 -7.66
N ASN A 59 -0.01 -12.02 -8.26
CA ASN A 59 0.05 -13.10 -9.25
C ASN A 59 0.56 -12.49 -10.56
N LYS A 60 0.90 -13.33 -11.54
CA LYS A 60 1.42 -12.89 -12.83
C LYS A 60 0.41 -12.04 -13.61
N GLU A 61 -0.87 -12.14 -13.28
CA GLU A 61 -1.94 -11.39 -13.93
C GLU A 61 -2.08 -9.96 -13.37
N GLY A 62 -1.61 -9.72 -12.14
CA GLY A 62 -1.66 -8.44 -11.43
C GLY A 62 -3.07 -7.98 -11.08
N THR A 63 -4.06 -8.88 -11.14
CA THR A 63 -5.45 -8.56 -10.84
C THR A 63 -5.77 -8.59 -9.34
N ARG A 64 -5.06 -9.41 -8.57
CA ARG A 64 -5.21 -9.57 -7.13
C ARG A 64 -3.84 -9.37 -6.49
N TRP A 65 -3.80 -8.63 -5.39
CA TRP A 65 -2.60 -8.30 -4.65
C TRP A 65 -2.78 -8.75 -3.20
N PHE A 66 -1.74 -9.32 -2.61
CA PHE A 66 -1.77 -9.81 -1.25
C PHE A 66 -0.43 -9.50 -0.58
N GLY A 67 -0.42 -9.51 0.74
CA GLY A 67 0.77 -9.20 1.51
C GLY A 67 0.45 -9.28 2.99
N LYS A 68 1.33 -8.74 3.82
CA LYS A 68 1.20 -8.72 5.28
C LYS A 68 1.90 -7.50 5.84
N CYS A 69 1.70 -7.18 7.11
CA CYS A 69 2.34 -6.06 7.77
C CYS A 69 2.64 -6.46 9.20
N TRP A 70 3.52 -5.70 9.84
CA TRP A 70 3.99 -5.92 11.20
C TRP A 70 4.16 -4.59 11.90
N TYR A 71 4.08 -4.61 13.22
CA TYR A 71 4.27 -3.41 14.04
C TYR A 71 4.85 -3.85 15.36
N ILE A 72 5.64 -2.96 15.98
CA ILE A 72 6.29 -3.20 17.26
C ILE A 72 6.07 -1.99 18.15
N HIS A 73 5.55 -2.21 19.34
CA HIS A 73 5.29 -1.20 20.36
C HIS A 73 5.40 -1.91 21.70
N ASP A 74 5.93 -1.22 22.71
CA ASP A 74 6.09 -1.71 24.09
C ASP A 74 6.66 -3.14 24.14
N LEU A 75 7.70 -3.39 23.36
CA LEU A 75 8.41 -4.67 23.22
C LEU A 75 7.59 -5.78 22.57
N LEU A 76 6.32 -5.56 22.20
CA LEU A 76 5.45 -6.57 21.62
C LEU A 76 5.46 -6.38 20.11
N LYS A 77 5.51 -7.48 19.38
CA LYS A 77 5.50 -7.54 17.92
C LYS A 77 4.20 -8.18 17.48
N TYR A 78 3.51 -7.58 16.52
CA TYR A 78 2.24 -8.06 15.96
C TYR A 78 2.40 -8.20 14.45
N GLU A 79 1.52 -9.00 13.83
CA GLU A 79 1.48 -9.27 12.40
C GLU A 79 0.01 -9.33 11.96
N PHE A 80 -0.28 -8.84 10.76
CA PHE A 80 -1.63 -8.82 10.18
C PHE A 80 -1.53 -9.18 8.68
N ASP A 81 -2.59 -9.71 8.07
CA ASP A 81 -2.65 -10.09 6.65
C ASP A 81 -3.47 -9.10 5.82
N ILE A 82 -3.19 -8.96 4.52
CA ILE A 82 -3.91 -8.06 3.62
C ILE A 82 -4.07 -8.67 2.23
N GLU A 83 -5.26 -8.58 1.65
CA GLU A 83 -5.54 -9.10 0.31
C GLU A 83 -6.66 -8.26 -0.30
N PHE A 84 -6.39 -7.69 -1.47
CA PHE A 84 -7.33 -6.89 -2.23
C PHE A 84 -7.18 -7.18 -3.71
N ASP A 85 -8.13 -6.75 -4.51
CA ASP A 85 -8.13 -6.91 -5.95
C ASP A 85 -8.55 -5.60 -6.59
N ILE A 86 -8.08 -5.35 -7.81
CA ILE A 86 -8.35 -4.12 -8.53
C ILE A 86 -9.67 -4.20 -9.33
N PRO A 87 -10.55 -3.20 -9.21
CA PRO A 87 -11.82 -3.16 -9.94
C PRO A 87 -11.55 -2.95 -11.42
N ILE A 88 -12.42 -3.50 -12.27
CA ILE A 88 -12.31 -3.36 -13.71
C ILE A 88 -12.51 -1.90 -14.16
N THR A 89 -13.24 -1.10 -13.38
CA THR A 89 -13.46 0.30 -13.74
C THR A 89 -12.29 1.17 -13.30
N TYR A 90 -11.61 0.81 -12.20
CA TYR A 90 -10.48 1.53 -11.61
C TYR A 90 -10.71 3.05 -11.64
N PRO A 91 -11.68 3.55 -10.88
CA PRO A 91 -12.04 4.96 -10.83
C PRO A 91 -11.02 5.80 -10.07
N THR A 92 -11.24 7.12 -10.12
CA THR A 92 -10.43 8.11 -9.44
C THR A 92 -10.45 7.82 -7.95
N THR A 93 -11.56 7.35 -7.39
CA THR A 93 -11.70 7.02 -5.98
C THR A 93 -10.90 5.73 -5.71
N ALA A 94 -9.98 5.80 -4.75
CA ALA A 94 -9.08 4.73 -4.33
C ALA A 94 -9.71 3.35 -4.09
N PRO A 95 -8.97 2.25 -4.34
CA PRO A 95 -9.42 0.88 -4.11
C PRO A 95 -9.48 0.66 -2.58
N GLU A 96 -9.89 -0.51 -2.08
CA GLU A 96 -9.99 -0.78 -0.65
C GLU A 96 -9.21 -2.03 -0.26
N ILE A 97 -8.36 -1.94 0.77
CA ILE A 97 -7.57 -3.06 1.27
C ILE A 97 -8.40 -3.77 2.34
N ALA A 98 -8.42 -5.10 2.33
CA ALA A 98 -9.12 -5.91 3.32
C ALA A 98 -8.07 -6.58 4.20
N VAL A 99 -8.49 -7.04 5.38
CA VAL A 99 -7.65 -7.73 6.34
C VAL A 99 -8.53 -8.72 7.11
N PRO A 100 -8.39 -10.04 6.88
CA PRO A 100 -9.19 -11.03 7.58
C PRO A 100 -8.75 -11.20 9.04
N GLU A 101 -7.46 -11.02 9.35
CA GLU A 101 -6.90 -11.16 10.70
C GLU A 101 -7.53 -10.18 11.69
N LEU A 102 -7.98 -9.01 11.24
CA LEU A 102 -8.62 -7.96 12.07
C LEU A 102 -10.14 -7.90 11.86
N ASP A 103 -10.72 -8.74 11.01
CA ASP A 103 -12.15 -8.76 10.72
C ASP A 103 -12.92 -9.17 11.98
N GLY A 104 -13.49 -8.19 12.69
CA GLY A 104 -14.25 -8.39 13.91
C GLY A 104 -13.65 -7.65 15.10
N LYS A 105 -12.38 -7.22 15.04
CA LYS A 105 -11.77 -6.47 16.13
C LYS A 105 -12.38 -5.08 16.07
N THR A 106 -12.32 -4.43 14.92
CA THR A 106 -12.91 -3.12 14.73
C THR A 106 -14.43 -3.29 14.62
N ALA A 107 -15.18 -2.22 14.82
CA ALA A 107 -16.63 -2.21 14.73
C ALA A 107 -17.03 -2.50 13.28
N LYS A 108 -18.21 -3.07 13.07
CA LYS A 108 -18.71 -3.38 11.73
C LYS A 108 -19.00 -2.07 11.01
N MET A 109 -18.12 -1.64 10.12
CA MET A 109 -18.26 -0.41 9.35
C MET A 109 -19.17 -0.59 8.13
N TYR A 110 -19.43 0.54 7.48
CA TYR A 110 -20.23 0.69 6.28
C TYR A 110 -19.55 -0.06 5.12
N ARG A 111 -20.28 -0.35 4.03
CA ARG A 111 -19.74 -1.05 2.87
C ARG A 111 -18.82 -0.13 2.06
N GLY A 112 -17.52 -0.33 2.18
CA GLY A 112 -16.48 0.44 1.51
C GLY A 112 -15.85 1.35 2.55
N GLY A 113 -14.67 0.95 3.03
CA GLY A 113 -13.90 1.65 4.03
C GLY A 113 -13.85 0.85 5.34
N LYS A 114 -13.80 -0.50 5.28
CA LYS A 114 -13.74 -1.27 6.54
C LYS A 114 -12.55 -0.92 7.40
N ILE A 115 -11.41 -0.54 6.80
CA ILE A 115 -10.18 -0.19 7.51
C ILE A 115 -9.52 1.08 6.96
N CYS A 116 -9.38 1.17 5.63
CA CYS A 116 -8.76 2.27 4.89
C CYS A 116 -9.29 3.61 5.40
N LEU A 117 -8.57 4.26 6.32
CA LEU A 117 -8.93 5.53 6.93
C LEU A 117 -9.34 6.55 5.87
N THR A 118 -10.20 7.49 6.27
CA THR A 118 -10.72 8.50 5.37
C THR A 118 -10.66 9.92 5.90
N ASP A 119 -10.49 10.15 7.22
CA ASP A 119 -10.43 11.48 7.83
C ASP A 119 -9.63 12.51 7.04
N HIS A 120 -8.40 12.14 6.66
CA HIS A 120 -7.50 12.97 5.88
C HIS A 120 -7.15 12.29 4.55
N PHE A 121 -7.17 10.95 4.49
CA PHE A 121 -6.85 10.25 3.26
C PHE A 121 -7.90 10.50 2.18
N LYS A 122 -9.20 10.53 2.51
CA LYS A 122 -10.24 10.77 1.52
C LYS A 122 -10.05 12.12 0.82
N PRO A 123 -9.98 13.28 1.53
CA PRO A 123 -9.77 14.56 0.87
C PRO A 123 -8.40 14.60 0.19
N LEU A 124 -7.35 14.00 0.77
CA LEU A 124 -6.01 13.96 0.20
C LEU A 124 -6.00 13.28 -1.17
N TRP A 125 -6.55 12.07 -1.24
CA TRP A 125 -6.58 11.33 -2.50
C TRP A 125 -7.56 12.02 -3.46
N ALA A 126 -8.70 12.51 -2.97
CA ALA A 126 -9.69 13.16 -3.82
C ALA A 126 -9.15 14.44 -4.46
N ARG A 127 -8.43 15.28 -3.70
CA ARG A 127 -7.88 16.54 -4.19
C ARG A 127 -6.71 16.28 -5.12
N ASN A 128 -5.89 15.25 -4.85
CA ASN A 128 -4.74 14.93 -5.68
C ASN A 128 -4.52 13.43 -5.87
N VAL A 129 -4.75 12.99 -7.10
CA VAL A 129 -4.58 11.64 -7.60
C VAL A 129 -4.14 11.81 -9.07
N PRO A 130 -3.01 12.51 -9.34
CA PRO A 130 -2.54 12.71 -10.71
C PRO A 130 -2.11 11.38 -11.31
N LYS A 131 -1.22 10.68 -10.61
CA LYS A 131 -0.65 9.38 -10.94
C LYS A 131 -0.53 8.46 -9.71
N PHE A 132 -1.17 8.84 -8.58
CA PHE A 132 -1.13 8.08 -7.34
C PHE A 132 -1.58 6.64 -7.62
N GLY A 133 -0.67 5.69 -7.46
CA GLY A 133 -0.89 4.27 -7.67
C GLY A 133 -0.93 3.55 -6.33
N LEU A 134 -0.94 2.21 -6.37
CA LEU A 134 -0.99 1.33 -5.21
C LEU A 134 0.12 1.56 -4.18
N ALA A 135 1.30 2.07 -4.58
CA ALA A 135 2.39 2.35 -3.63
C ALA A 135 1.86 3.43 -2.67
N HIS A 136 1.42 4.56 -3.25
CA HIS A 136 0.89 5.71 -2.54
C HIS A 136 -0.31 5.30 -1.68
N LEU A 137 -1.16 4.40 -2.18
CA LEU A 137 -2.34 3.92 -1.47
C LEU A 137 -1.97 3.41 -0.09
N MET A 138 -0.99 2.52 -0.03
CA MET A 138 -0.54 1.90 1.20
C MET A 138 0.25 2.88 2.06
N ALA A 139 1.23 3.58 1.47
CA ALA A 139 2.05 4.52 2.21
C ALA A 139 1.27 5.69 2.82
N LEU A 140 0.14 6.09 2.22
CA LEU A 140 -0.69 7.20 2.69
C LEU A 140 -1.98 6.74 3.36
N GLY A 141 -2.31 5.44 3.36
CA GLY A 141 -3.53 4.93 3.96
C GLY A 141 -3.20 3.89 5.02
N LEU A 142 -2.66 2.74 4.60
CA LEU A 142 -2.27 1.61 5.45
C LEU A 142 -1.23 2.03 6.50
N GLY A 143 -0.27 2.85 6.10
CA GLY A 143 0.81 3.32 6.97
C GLY A 143 0.28 4.10 8.18
N PRO A 144 -0.42 5.23 7.97
CA PRO A 144 -0.95 6.04 9.04
C PRO A 144 -2.05 5.28 9.79
N TRP A 145 -2.84 4.46 9.09
CA TRP A 145 -3.90 3.66 9.67
C TRP A 145 -3.31 2.88 10.83
N LEU A 146 -2.31 2.06 10.57
CA LEU A 146 -1.69 1.26 11.63
C LEU A 146 -1.00 2.14 12.67
N ALA A 147 -0.37 3.24 12.26
CA ALA A 147 0.30 4.13 13.19
C ALA A 147 -0.66 4.76 14.21
N VAL A 148 -1.96 4.85 13.89
CA VAL A 148 -3.00 5.43 14.73
C VAL A 148 -3.86 4.33 15.38
N GLU A 149 -4.03 3.17 14.74
CA GLU A 149 -4.82 2.04 15.22
C GLU A 149 -4.06 1.25 16.27
N ILE A 150 -2.76 0.99 16.10
CA ILE A 150 -1.99 0.22 17.08
C ILE A 150 -2.11 0.85 18.48
N PRO A 151 -1.77 2.14 18.71
CA PRO A 151 -1.88 2.70 20.05
C PRO A 151 -3.34 2.68 20.55
N ASP A 152 -4.32 2.96 19.68
CA ASP A 152 -5.73 2.96 20.07
C ASP A 152 -6.22 1.59 20.50
N LEU A 153 -6.03 0.58 19.65
CA LEU A 153 -6.48 -0.76 19.94
C LEU A 153 -5.76 -1.32 21.17
N ILE A 154 -4.54 -0.90 21.46
CA ILE A 154 -3.81 -1.33 22.65
C ILE A 154 -4.46 -0.67 23.87
N GLN A 155 -4.62 0.66 23.89
CA GLN A 155 -5.23 1.36 25.03
C GLN A 155 -6.67 0.88 25.26
N LYS A 156 -7.36 0.52 24.18
CA LYS A 156 -8.73 0.02 24.24
C LYS A 156 -8.74 -1.45 24.69
N GLY A 157 -7.67 -2.20 24.45
CA GLY A 157 -7.53 -3.61 24.84
C GLY A 157 -8.13 -4.57 23.82
N VAL A 158 -8.14 -4.22 22.54
CA VAL A 158 -8.67 -5.05 21.47
C VAL A 158 -7.55 -5.95 20.90
N ILE A 159 -6.35 -5.42 20.73
CA ILE A 159 -5.21 -6.15 20.18
C ILE A 159 -4.34 -6.64 21.34
N GLN A 160 -3.78 -7.83 21.15
CA GLN A 160 -2.88 -8.54 22.06
C GLN A 160 -1.93 -9.31 21.14
N HIS A 161 -0.64 -9.38 21.48
CA HIS A 161 0.33 -10.10 20.64
C HIS A 161 0.10 -11.61 20.62
N LYS A 162 0.74 -12.28 19.67
CA LYS A 162 0.70 -13.72 19.44
C LYS A 162 2.03 -14.39 19.74
N GLU A 163 3.09 -13.62 20.02
CA GLU A 163 4.43 -14.12 20.33
C GLU A 163 4.37 -15.15 21.45
N LYS A 164 3.58 -14.86 22.49
CA LYS A 164 3.37 -15.71 23.66
C LYS A 164 2.88 -17.13 23.34
N CYS A 165 2.44 -17.41 22.11
CA CYS A 165 1.96 -18.72 21.68
C CYS A 165 3.01 -19.44 20.81
N ASN A 166 4.16 -18.82 20.55
CA ASN A 166 5.27 -19.36 19.75
C ASN A 166 6.55 -19.38 20.57
N GLN A 167 6.71 -18.42 21.48
CA GLN A 167 7.82 -18.24 22.38
C GLN A 167 7.27 -18.39 23.79
N GLY B 1 8.78 14.89 -21.97
CA GLY B 1 8.51 14.81 -20.54
C GLY B 1 7.72 16.02 -20.09
N MET B 2 6.41 15.86 -19.85
CA MET B 2 5.49 16.93 -19.43
C MET B 2 6.06 17.69 -18.23
N SER B 3 6.14 17.03 -17.08
CA SER B 3 6.62 17.58 -15.82
C SER B 3 7.99 16.98 -15.47
N VAL B 4 8.78 17.73 -14.70
CA VAL B 4 10.11 17.33 -14.25
C VAL B 4 10.35 17.57 -12.76
N THR B 5 9.56 18.41 -12.08
CA THR B 5 9.79 18.66 -10.66
C THR B 5 9.48 17.46 -9.77
N GLU B 6 8.47 16.66 -10.13
CA GLU B 6 8.11 15.49 -9.34
C GLU B 6 9.05 14.33 -9.70
N LEU B 7 9.11 13.30 -8.85
CA LEU B 7 9.93 12.12 -9.08
C LEU B 7 9.37 11.35 -10.29
N THR B 8 10.03 10.27 -10.71
CA THR B 8 9.61 9.45 -11.83
C THR B 8 10.19 8.03 -11.64
N VAL B 9 9.34 7.02 -11.78
CA VAL B 9 9.66 5.59 -11.66
C VAL B 9 10.91 5.18 -12.45
N GLU B 10 11.50 4.03 -12.08
CA GLU B 10 12.70 3.44 -12.66
C GLU B 10 12.41 2.80 -14.03
N ASP B 11 11.92 3.61 -14.97
CA ASP B 11 11.60 3.19 -16.31
C ASP B 11 12.90 3.07 -17.12
N SER B 12 13.50 1.89 -17.06
CA SER B 12 14.74 1.48 -17.72
C SER B 12 14.46 0.27 -18.61
N GLY B 13 13.43 0.38 -19.48
CA GLY B 13 13.01 -0.66 -20.42
C GLY B 13 12.73 -2.02 -19.79
N GLU B 14 12.40 -2.05 -18.49
CA GLU B 14 12.14 -3.25 -17.72
C GLU B 14 10.93 -4.04 -18.25
N SER B 15 10.83 -5.29 -17.82
CA SER B 15 9.76 -6.20 -18.17
C SER B 15 9.00 -6.58 -16.92
N LEU B 16 7.68 -6.68 -17.08
CA LEU B 16 6.70 -7.00 -16.05
C LEU B 16 7.03 -8.26 -15.27
N GLU B 17 7.38 -9.35 -15.96
CA GLU B 17 7.68 -10.60 -15.28
C GLU B 17 8.90 -10.46 -14.37
N ASP B 18 9.86 -9.63 -14.78
CA ASP B 18 11.07 -9.37 -14.02
C ASP B 18 10.70 -8.54 -12.80
N LEU B 19 9.94 -7.46 -13.03
CA LEU B 19 9.46 -6.54 -12.01
C LEU B 19 8.74 -7.33 -10.92
N MET B 20 7.68 -8.05 -11.26
CA MET B 20 6.95 -8.84 -10.28
C MET B 20 7.81 -9.96 -9.68
N ALA B 21 8.78 -10.52 -10.43
CA ALA B 21 9.66 -11.55 -9.92
C ALA B 21 10.51 -10.96 -8.81
N LYS B 22 11.21 -9.85 -9.03
CA LYS B 22 12.01 -9.28 -7.96
C LYS B 22 11.10 -8.87 -6.81
N MET B 23 9.91 -8.33 -7.10
CA MET B 23 9.00 -7.89 -6.04
C MET B 23 8.70 -9.02 -5.05
N LYS B 24 8.19 -10.15 -5.54
CA LYS B 24 7.86 -11.28 -4.67
C LYS B 24 9.09 -11.93 -4.05
N ASN B 25 10.18 -12.03 -4.80
CA ASN B 25 11.41 -12.65 -4.31
C ASN B 25 11.96 -11.87 -3.12
N MET B 26 11.70 -10.55 -3.03
CA MET B 26 12.17 -9.73 -1.92
C MET B 26 11.76 -10.33 -0.60
N TRP B 27 10.46 -10.45 -0.38
CA TRP B 27 9.84 -11.00 0.81
C TRP B 27 8.37 -11.13 0.53
N MET A 1 1.01 17.05 12.36
CA MET A 1 2.13 16.35 11.72
C MET A 1 1.69 15.39 10.60
N ALA A 2 0.49 15.52 10.02
CA ALA A 2 0.04 14.64 8.94
C ALA A 2 0.41 15.26 7.59
N ASP A 3 0.44 16.58 7.49
CA ASP A 3 0.77 17.31 6.27
C ASP A 3 2.25 17.07 5.90
N GLU A 4 3.12 17.19 6.90
CA GLU A 4 4.57 16.98 6.77
C GLU A 4 4.87 15.52 6.42
N ALA A 5 4.09 14.58 6.98
CA ALA A 5 4.23 13.15 6.73
C ALA A 5 3.88 12.90 5.26
N THR A 6 2.71 13.35 4.82
CA THR A 6 2.24 13.18 3.45
C THR A 6 3.27 13.76 2.48
N ARG A 7 3.71 15.01 2.67
CA ARG A 7 4.67 15.61 1.77
C ARG A 7 5.99 14.83 1.75
N ARG A 8 6.43 14.22 2.85
CA ARG A 8 7.66 13.43 2.87
C ARG A 8 7.43 12.13 2.10
N VAL A 9 6.33 11.45 2.40
CA VAL A 9 5.99 10.20 1.78
C VAL A 9 5.94 10.36 0.26
N VAL A 10 5.23 11.36 -0.26
CA VAL A 10 5.19 11.56 -1.71
C VAL A 10 6.57 12.00 -2.22
N SER A 11 7.32 12.77 -1.42
CA SER A 11 8.67 13.25 -1.77
C SER A 11 9.62 12.08 -1.94
N GLU A 12 9.37 10.91 -1.34
CA GLU A 12 10.25 9.75 -1.52
C GLU A 12 9.68 8.63 -2.37
N ILE A 13 8.38 8.63 -2.62
CA ILE A 13 7.71 7.60 -3.43
C ILE A 13 7.73 8.06 -4.89
N PRO A 14 8.45 7.38 -5.78
CA PRO A 14 8.52 7.79 -7.17
C PRO A 14 7.16 7.70 -7.85
N VAL A 15 6.86 8.72 -8.67
CA VAL A 15 5.59 8.82 -9.37
C VAL A 15 5.62 8.13 -10.74
N LEU A 16 4.46 7.63 -11.11
CA LEU A 16 4.12 6.88 -12.30
C LEU A 16 3.74 7.80 -13.46
N LYS A 17 3.30 7.20 -14.57
CA LYS A 17 2.88 7.89 -15.78
C LYS A 17 1.56 7.28 -16.25
N THR A 18 1.48 6.01 -16.66
CA THR A 18 0.20 5.44 -17.11
C THR A 18 -0.63 5.08 -15.89
N ASN A 19 -1.96 5.23 -15.96
CA ASN A 19 -2.89 4.91 -14.86
C ASN A 19 -4.10 4.08 -15.33
N ALA A 20 -3.90 3.25 -16.34
CA ALA A 20 -4.92 2.40 -16.95
C ALA A 20 -5.56 1.38 -15.98
N GLY A 21 -6.50 0.59 -16.51
CA GLY A 21 -7.22 -0.46 -15.80
C GLY A 21 -6.83 -1.86 -16.26
N PRO A 22 -7.21 -2.91 -15.51
CA PRO A 22 -6.90 -4.30 -15.86
C PRO A 22 -7.73 -4.84 -17.02
N ARG A 23 -8.72 -4.06 -17.46
CA ARG A 23 -9.61 -4.39 -18.58
C ARG A 23 -8.83 -4.73 -19.83
N ASP A 24 -7.77 -3.98 -20.14
CA ASP A 24 -6.98 -4.23 -21.35
C ASP A 24 -5.65 -4.87 -20.98
N ARG A 25 -5.40 -6.09 -21.48
CA ARG A 25 -4.17 -6.86 -21.25
C ARG A 25 -2.90 -6.02 -21.27
N GLU A 26 -2.51 -5.55 -22.44
CA GLU A 26 -1.34 -4.76 -22.71
C GLU A 26 -1.24 -3.47 -21.89
N LEU A 27 -2.35 -2.73 -21.80
CA LEU A 27 -2.39 -1.50 -21.01
C LEU A 27 -2.08 -1.85 -19.56
N TRP A 28 -2.63 -2.98 -19.09
CA TRP A 28 -2.42 -3.46 -17.74
C TRP A 28 -0.94 -3.71 -17.57
N VAL A 29 -0.26 -4.38 -18.51
CA VAL A 29 1.17 -4.61 -18.39
C VAL A 29 1.87 -3.28 -18.16
N GLN A 30 1.58 -2.26 -18.97
CA GLN A 30 2.22 -0.95 -18.83
C GLN A 30 1.93 -0.32 -17.46
N ARG A 31 0.65 -0.23 -17.10
CA ARG A 31 0.16 0.33 -15.86
C ARG A 31 0.79 -0.35 -14.65
N LEU A 32 0.66 -1.66 -14.59
CA LEU A 32 1.14 -2.55 -13.53
C LEU A 32 2.64 -2.41 -13.38
N LYS A 33 3.33 -2.29 -14.50
CA LYS A 33 4.78 -2.12 -14.56
C LYS A 33 5.13 -0.88 -13.76
N GLU A 34 4.51 0.27 -14.06
CA GLU A 34 4.81 1.49 -13.32
C GLU A 34 4.53 1.30 -11.82
N GLU A 35 3.41 0.65 -11.46
CA GLU A 35 3.03 0.40 -10.08
C GLU A 35 4.10 -0.42 -9.36
N TYR A 36 4.57 -1.49 -9.99
CA TYR A 36 5.59 -2.33 -9.41
C TYR A 36 6.86 -1.53 -9.21
N GLN A 37 7.36 -0.80 -10.22
CA GLN A 37 8.59 -0.01 -10.08
C GLN A 37 8.47 0.92 -8.86
N SER A 38 7.37 1.68 -8.79
CA SER A 38 7.03 2.62 -7.72
C SER A 38 7.07 1.94 -6.34
N LEU A 39 6.21 0.94 -6.17
CA LEU A 39 6.04 0.19 -4.94
C LEU A 39 7.32 -0.52 -4.50
N ILE A 40 7.99 -1.24 -5.41
CA ILE A 40 9.22 -1.96 -5.14
C ILE A 40 10.27 -0.96 -4.66
N ARG A 41 10.51 0.13 -5.39
CA ARG A 41 11.51 1.10 -4.97
C ARG A 41 11.24 1.60 -3.56
N TYR A 42 9.98 1.89 -3.23
CA TYR A 42 9.62 2.37 -1.91
C TYR A 42 9.95 1.31 -0.85
N VAL A 43 9.55 0.03 -1.02
CA VAL A 43 9.88 -0.99 -0.02
C VAL A 43 11.38 -1.22 0.03
N GLU A 44 12.11 -1.13 -1.08
CA GLU A 44 13.54 -1.33 -1.12
C GLU A 44 14.23 -0.28 -0.23
N ASN A 45 13.90 1.00 -0.40
CA ASN A 45 14.49 2.08 0.39
C ASN A 45 14.21 1.88 1.86
N ASN A 46 12.94 1.66 2.18
CA ASN A 46 12.41 1.46 3.53
C ASN A 46 13.04 0.26 4.23
N LYS A 47 13.01 -0.91 3.59
CA LYS A 47 13.57 -2.14 4.11
C LYS A 47 15.07 -1.99 4.32
N ASN A 48 15.80 -1.42 3.36
CA ASN A 48 17.25 -1.26 3.53
C ASN A 48 17.53 -0.26 4.65
N ALA A 49 16.62 0.68 4.90
CA ALA A 49 16.71 1.67 5.95
C ALA A 49 16.30 1.08 7.30
N ASP A 50 16.09 -0.24 7.39
CA ASP A 50 15.69 -0.97 8.60
C ASP A 50 14.40 -0.38 9.18
N ASN A 51 13.50 0.07 8.30
CA ASN A 51 12.22 0.68 8.70
C ASN A 51 11.00 -0.12 8.22
N ASP A 52 11.20 -1.31 7.65
CA ASP A 52 10.13 -2.17 7.14
C ASP A 52 8.96 -2.32 8.12
N TRP A 53 7.75 -2.27 7.56
CA TRP A 53 6.51 -2.38 8.31
C TRP A 53 5.41 -3.07 7.49
N PHE A 54 5.48 -3.06 6.16
CA PHE A 54 4.49 -3.69 5.29
C PHE A 54 5.24 -4.42 4.16
N ARG A 55 4.57 -5.38 3.52
CA ARG A 55 5.07 -6.19 2.42
C ARG A 55 3.86 -6.53 1.58
N LEU A 56 3.96 -6.43 0.25
CA LEU A 56 2.86 -6.72 -0.66
C LEU A 56 3.40 -7.31 -1.96
N GLU A 57 2.71 -8.29 -2.51
CA GLU A 57 3.01 -8.99 -3.76
C GLU A 57 1.67 -9.33 -4.45
N SER A 58 1.71 -9.90 -5.65
CA SER A 58 0.49 -10.25 -6.39
C SER A 58 0.71 -11.48 -7.28
N ASN A 59 -0.38 -11.97 -7.88
CA ASN A 59 -0.37 -13.10 -8.81
C ASN A 59 0.23 -12.63 -10.13
N LYS A 60 0.45 -13.54 -11.08
CA LYS A 60 1.03 -13.19 -12.39
C LYS A 60 0.12 -12.28 -13.20
N GLU A 61 -1.16 -12.26 -12.86
CA GLU A 61 -2.18 -11.47 -13.53
C GLU A 61 -2.19 -10.01 -13.01
N GLY A 62 -1.74 -9.79 -11.78
CA GLY A 62 -1.71 -8.51 -11.08
C GLY A 62 -3.12 -8.08 -10.69
N THR A 63 -4.09 -8.99 -10.74
CA THR A 63 -5.49 -8.74 -10.42
C THR A 63 -5.76 -8.79 -8.92
N ARG A 64 -5.13 -9.73 -8.20
CA ARG A 64 -5.28 -9.91 -6.77
C ARG A 64 -3.90 -9.71 -6.15
N TRP A 65 -3.88 -8.94 -5.07
CA TRP A 65 -2.70 -8.58 -4.30
C TRP A 65 -2.88 -9.08 -2.87
N PHE A 66 -1.77 -9.44 -2.22
CA PHE A 66 -1.75 -9.94 -0.85
C PHE A 66 -0.39 -9.63 -0.23
N GLY A 67 -0.28 -9.78 1.08
CA GLY A 67 0.95 -9.51 1.80
C GLY A 67 0.71 -9.56 3.31
N LYS A 68 1.58 -8.89 4.07
CA LYS A 68 1.50 -8.83 5.53
C LYS A 68 2.10 -7.51 5.98
N CYS A 69 1.77 -7.11 7.20
CA CYS A 69 2.26 -5.91 7.83
C CYS A 69 2.62 -6.27 9.26
N TRP A 70 3.50 -5.48 9.86
CA TRP A 70 4.01 -5.65 11.20
C TRP A 70 4.05 -4.26 11.84
N TYR A 71 3.96 -4.22 13.16
CA TYR A 71 4.03 -2.97 13.89
C TYR A 71 4.68 -3.26 15.22
N ILE A 72 5.51 -2.34 15.69
CA ILE A 72 6.23 -2.51 16.93
C ILE A 72 5.88 -1.40 17.90
N HIS A 73 5.43 -1.79 19.10
CA HIS A 73 5.08 -0.88 20.16
C HIS A 73 5.14 -1.64 21.46
N ASP A 74 5.53 -0.97 22.54
CA ASP A 74 5.64 -1.51 23.89
C ASP A 74 6.40 -2.84 23.98
N LEU A 75 7.43 -2.97 23.14
CA LEU A 75 8.33 -4.13 22.99
C LEU A 75 7.63 -5.32 22.35
N LEU A 76 6.42 -5.17 21.79
CA LEU A 76 5.65 -6.21 21.15
C LEU A 76 5.73 -5.99 19.65
N LYS A 77 5.88 -7.09 18.91
CA LYS A 77 5.98 -7.17 17.46
C LYS A 77 4.70 -7.80 16.94
N TYR A 78 3.74 -6.97 16.58
CA TYR A 78 2.48 -7.48 16.05
C TYR A 78 2.68 -7.73 14.56
N GLU A 79 1.78 -8.52 13.99
CA GLU A 79 1.76 -8.88 12.58
C GLU A 79 0.30 -9.14 12.18
N PHE A 80 -0.07 -8.67 10.99
CA PHE A 80 -1.41 -8.79 10.42
C PHE A 80 -1.34 -9.04 8.90
N ASP A 81 -2.13 -10.00 8.41
CA ASP A 81 -2.23 -10.43 6.99
C ASP A 81 -3.16 -9.51 6.17
N ILE A 82 -2.95 -9.37 4.85
CA ILE A 82 -3.77 -8.52 3.95
C ILE A 82 -3.97 -9.18 2.58
N GLU A 83 -5.13 -8.95 1.95
CA GLU A 83 -5.49 -9.47 0.63
C GLU A 83 -6.61 -8.62 0.03
N PHE A 84 -6.39 -8.01 -1.16
CA PHE A 84 -7.37 -7.19 -1.87
C PHE A 84 -7.30 -7.43 -3.38
N ASP A 85 -8.29 -6.94 -4.11
CA ASP A 85 -8.40 -7.05 -5.56
C ASP A 85 -8.72 -5.68 -6.14
N ILE A 86 -8.20 -5.43 -7.34
CA ILE A 86 -8.43 -4.18 -8.05
C ILE A 86 -9.69 -4.33 -8.90
N PRO A 87 -10.67 -3.40 -8.82
CA PRO A 87 -11.87 -3.50 -9.65
C PRO A 87 -11.50 -3.28 -11.11
N ILE A 88 -12.25 -3.88 -12.03
CA ILE A 88 -11.97 -3.72 -13.46
C ILE A 88 -12.21 -2.27 -13.92
N THR A 89 -13.08 -1.55 -13.24
CA THR A 89 -13.42 -0.19 -13.54
C THR A 89 -12.33 0.75 -13.04
N TYR A 90 -11.69 0.45 -11.90
CA TYR A 90 -10.63 1.23 -11.25
C TYR A 90 -10.98 2.73 -11.36
N PRO A 91 -12.04 3.19 -10.67
CA PRO A 91 -12.50 4.57 -10.69
C PRO A 91 -11.48 5.53 -10.09
N THR A 92 -11.74 6.84 -10.21
CA THR A 92 -10.86 7.87 -9.67
C THR A 92 -10.69 7.66 -8.15
N THR A 93 -11.73 7.11 -7.53
CA THR A 93 -11.85 6.81 -6.13
C THR A 93 -10.91 5.63 -5.86
N ALA A 94 -10.02 5.82 -4.89
CA ALA A 94 -9.03 4.82 -4.49
C ALA A 94 -9.64 3.43 -4.23
N PRO A 95 -8.87 2.32 -4.34
CA PRO A 95 -9.36 0.97 -4.08
C PRO A 95 -9.50 0.76 -2.57
N GLU A 96 -9.88 -0.45 -2.17
CA GLU A 96 -10.08 -0.84 -0.79
C GLU A 96 -9.25 -2.09 -0.46
N ILE A 97 -8.52 -2.01 0.65
CA ILE A 97 -7.66 -3.04 1.22
C ILE A 97 -8.48 -3.78 2.29
N ALA A 98 -8.16 -5.05 2.57
CA ALA A 98 -8.83 -5.85 3.59
C ALA A 98 -7.75 -6.60 4.37
N VAL A 99 -8.02 -6.83 5.64
CA VAL A 99 -7.16 -7.53 6.58
C VAL A 99 -8.10 -8.48 7.35
N PRO A 100 -8.11 -9.79 7.06
CA PRO A 100 -8.99 -10.70 7.76
C PRO A 100 -8.61 -10.88 9.24
N GLU A 101 -7.33 -10.72 9.58
CA GLU A 101 -6.83 -10.87 10.95
C GLU A 101 -7.51 -9.87 11.89
N LEU A 102 -7.70 -8.64 11.46
CA LEU A 102 -8.31 -7.56 12.24
C LEU A 102 -9.81 -7.42 12.02
N ASP A 103 -10.45 -8.30 11.25
CA ASP A 103 -11.88 -8.17 11.02
C ASP A 103 -12.63 -8.24 12.36
N GLY A 104 -13.40 -7.20 12.63
CA GLY A 104 -14.22 -7.04 13.81
C GLY A 104 -13.51 -6.38 14.99
N LYS A 105 -12.18 -6.25 14.98
CA LYS A 105 -11.48 -5.59 16.10
C LYS A 105 -11.74 -4.08 16.11
N THR A 106 -12.29 -3.54 15.03
CA THR A 106 -12.65 -2.15 14.85
C THR A 106 -14.17 -2.08 14.67
N ALA A 107 -14.72 -0.86 14.64
CA ALA A 107 -16.14 -0.67 14.41
C ALA A 107 -16.37 -1.20 13.00
N LYS A 108 -17.23 -2.21 12.83
CA LYS A 108 -17.49 -2.79 11.51
C LYS A 108 -18.21 -1.72 10.69
N MET A 109 -17.47 -1.04 9.82
CA MET A 109 -17.97 0.01 8.97
C MET A 109 -18.77 -0.61 7.83
N TYR A 110 -19.51 0.23 7.10
CA TYR A 110 -20.32 -0.21 5.97
C TYR A 110 -19.45 -0.90 4.91
N ARG A 111 -20.11 -1.64 4.02
CA ARG A 111 -19.48 -2.37 2.94
C ARG A 111 -18.80 -1.36 2.01
N GLY A 112 -17.50 -1.12 2.21
CA GLY A 112 -16.71 -0.19 1.44
C GLY A 112 -15.82 0.67 2.32
N GLY A 113 -14.56 0.28 2.49
CA GLY A 113 -13.60 1.03 3.29
C GLY A 113 -13.66 0.71 4.78
N LYS A 114 -13.85 -0.56 5.15
CA LYS A 114 -13.92 -0.99 6.55
C LYS A 114 -12.65 -0.78 7.38
N ILE A 115 -11.49 -0.63 6.73
CA ILE A 115 -10.18 -0.37 7.36
C ILE A 115 -9.46 0.76 6.64
N CYS A 116 -9.91 1.09 5.42
CA CYS A 116 -9.37 2.12 4.58
C CYS A 116 -9.81 3.43 5.19
N LEU A 117 -8.97 4.01 6.05
CA LEU A 117 -9.28 5.27 6.70
C LEU A 117 -9.63 6.28 5.63
N THR A 118 -10.50 7.21 5.97
CA THR A 118 -10.96 8.21 5.03
C THR A 118 -10.88 9.63 5.61
N ASP A 119 -10.68 9.75 6.93
CA ASP A 119 -10.60 11.01 7.67
C ASP A 119 -9.98 12.16 6.91
N HIS A 120 -8.71 11.99 6.53
CA HIS A 120 -7.94 12.95 5.76
C HIS A 120 -7.60 12.39 4.37
N PHE A 121 -7.56 11.07 4.23
CA PHE A 121 -7.24 10.35 3.01
C PHE A 121 -8.23 10.59 1.88
N LYS A 122 -9.55 10.52 2.12
CA LYS A 122 -10.54 10.73 1.08
C LYS A 122 -10.38 12.09 0.42
N PRO A 123 -10.42 13.24 1.12
CA PRO A 123 -10.25 14.52 0.47
C PRO A 123 -8.85 14.65 -0.12
N LEU A 124 -7.81 14.09 0.52
CA LEU A 124 -6.43 14.14 0.01
C LEU A 124 -6.33 13.50 -1.38
N TRP A 125 -6.91 12.31 -1.53
CA TRP A 125 -6.90 11.57 -2.79
C TRP A 125 -7.88 12.20 -3.78
N ALA A 126 -9.04 12.63 -3.30
CA ALA A 126 -10.07 13.22 -4.15
C ALA A 126 -9.57 14.55 -4.75
N ARG A 127 -8.81 15.34 -3.98
CA ARG A 127 -8.28 16.60 -4.47
C ARG A 127 -7.13 16.34 -5.41
N ASN A 128 -6.20 15.45 -5.06
CA ASN A 128 -5.05 15.13 -5.90
C ASN A 128 -4.83 13.64 -6.03
N VAL A 129 -4.90 13.19 -7.27
CA VAL A 129 -4.72 11.83 -7.74
C VAL A 129 -4.13 12.07 -9.14
N PRO A 130 -2.92 12.63 -9.26
CA PRO A 130 -2.32 12.90 -10.56
C PRO A 130 -2.04 11.57 -11.27
N LYS A 131 -1.24 10.74 -10.60
CA LYS A 131 -0.85 9.41 -11.03
C LYS A 131 -0.81 8.42 -9.86
N PHE A 132 -1.35 8.82 -8.70
CA PHE A 132 -1.38 8.02 -7.48
C PHE A 132 -1.83 6.60 -7.79
N GLY A 133 -1.09 5.65 -7.23
CA GLY A 133 -1.31 4.23 -7.38
C GLY A 133 -1.28 3.53 -6.03
N LEU A 134 -1.13 2.21 -6.06
CA LEU A 134 -1.10 1.36 -4.88
C LEU A 134 -0.05 1.78 -3.85
N ALA A 135 1.16 2.20 -4.25
CA ALA A 135 2.18 2.63 -3.30
C ALA A 135 1.68 3.83 -2.49
N HIS A 136 1.10 4.80 -3.19
CA HIS A 136 0.55 6.03 -2.64
C HIS A 136 -0.61 5.70 -1.70
N LEU A 137 -1.51 4.81 -2.13
CA LEU A 137 -2.68 4.35 -1.38
C LEU A 137 -2.27 3.81 -0.01
N MET A 138 -1.30 2.91 -0.03
CA MET A 138 -0.80 2.25 1.16
C MET A 138 -0.01 3.20 2.05
N ALA A 139 0.95 3.94 1.49
CA ALA A 139 1.76 4.85 2.30
C ALA A 139 0.95 5.98 2.93
N LEU A 140 -0.04 6.54 2.22
CA LEU A 140 -0.88 7.64 2.72
C LEU A 140 -2.15 7.11 3.39
N GLY A 141 -2.42 5.80 3.37
CA GLY A 141 -3.62 5.21 3.96
C GLY A 141 -3.32 4.11 4.96
N LEU A 142 -2.76 2.98 4.50
CA LEU A 142 -2.42 1.86 5.35
C LEU A 142 -1.50 2.28 6.50
N GLY A 143 -0.49 3.10 6.22
CA GLY A 143 0.47 3.58 7.21
C GLY A 143 -0.18 4.36 8.35
N PRO A 144 -0.88 5.48 8.08
CA PRO A 144 -1.52 6.28 9.11
C PRO A 144 -2.60 5.50 9.86
N TRP A 145 -3.38 4.66 9.17
CA TRP A 145 -4.41 3.86 9.80
C TRP A 145 -3.74 3.04 10.91
N LEU A 146 -2.73 2.23 10.56
CA LEU A 146 -2.04 1.42 11.55
C LEU A 146 -1.41 2.30 12.63
N ALA A 147 -0.84 3.46 12.27
CA ALA A 147 -0.20 4.35 13.22
C ALA A 147 -1.16 4.86 14.31
N VAL A 148 -2.45 5.05 14.01
CA VAL A 148 -3.44 5.54 14.97
C VAL A 148 -4.26 4.40 15.58
N GLU A 149 -4.54 3.34 14.84
CA GLU A 149 -5.31 2.21 15.34
C GLU A 149 -4.45 1.35 16.26
N ILE A 150 -3.13 1.24 16.07
CA ILE A 150 -2.29 0.44 16.97
C ILE A 150 -2.46 0.98 18.41
N PRO A 151 -2.20 2.27 18.70
CA PRO A 151 -2.35 2.75 20.06
C PRO A 151 -3.80 2.66 20.53
N ASP A 152 -4.80 2.95 19.69
CA ASP A 152 -6.19 2.87 20.13
C ASP A 152 -6.54 1.44 20.53
N LEU A 153 -6.27 0.44 19.69
CA LEU A 153 -6.62 -0.93 20.05
C LEU A 153 -5.82 -1.43 21.25
N ILE A 154 -4.60 -0.93 21.46
CA ILE A 154 -3.77 -1.31 22.60
C ILE A 154 -4.44 -0.76 23.85
N GLN A 155 -4.77 0.54 23.88
CA GLN A 155 -5.39 1.15 25.06
C GLN A 155 -6.78 0.54 25.29
N LYS A 156 -7.53 0.29 24.22
CA LYS A 156 -8.86 -0.31 24.27
C LYS A 156 -8.77 -1.76 24.77
N GLY A 157 -7.65 -2.44 24.55
CA GLY A 157 -7.40 -3.82 24.95
C GLY A 157 -8.04 -4.81 23.99
N VAL A 158 -7.78 -4.67 22.69
CA VAL A 158 -8.34 -5.54 21.66
C VAL A 158 -7.27 -6.42 21.02
N ILE A 159 -6.04 -5.92 20.78
CA ILE A 159 -4.98 -6.71 20.17
C ILE A 159 -4.06 -7.23 21.27
N GLN A 160 -3.48 -8.40 21.03
CA GLN A 160 -2.55 -9.12 21.88
C GLN A 160 -1.37 -9.56 21.01
N HIS A 161 -0.27 -9.97 21.61
CA HIS A 161 0.95 -10.37 20.92
C HIS A 161 0.93 -11.82 20.43
N LYS A 162 1.01 -11.95 19.11
CA LYS A 162 1.02 -13.25 18.42
C LYS A 162 2.43 -13.84 18.31
N GLU A 163 3.50 -13.04 18.36
CA GLU A 163 4.88 -13.54 18.25
C GLU A 163 5.12 -14.68 19.23
N LYS A 164 4.86 -14.42 20.50
CA LYS A 164 5.01 -15.31 21.64
C LYS A 164 3.99 -16.47 21.69
N CYS A 165 3.03 -16.55 20.77
CA CYS A 165 2.04 -17.61 20.81
C CYS A 165 2.63 -19.00 20.60
N ASN A 166 3.71 -19.12 19.81
CA ASN A 166 4.32 -20.42 19.54
C ASN A 166 5.80 -20.46 19.88
N GLN A 167 6.67 -20.04 18.96
CA GLN A 167 8.11 -20.04 19.16
C GLN A 167 8.52 -19.08 20.26
N GLY B 1 3.85 15.06 -22.74
CA GLY B 1 4.90 15.75 -21.98
C GLY B 1 5.33 14.91 -20.80
N MET B 2 6.32 15.37 -20.03
CA MET B 2 6.82 14.65 -18.86
C MET B 2 7.09 15.62 -17.71
N SER B 3 7.17 15.07 -16.49
CA SER B 3 7.44 15.80 -15.26
C SER B 3 8.88 16.35 -15.32
N VAL B 4 9.26 17.30 -14.46
CA VAL B 4 10.61 17.87 -14.46
C VAL B 4 11.22 17.93 -13.06
N THR B 5 10.45 18.41 -12.08
CA THR B 5 10.90 18.54 -10.70
C THR B 5 10.43 17.36 -9.82
N GLU B 6 9.39 16.67 -10.23
CA GLU B 6 8.84 15.53 -9.49
C GLU B 6 9.72 14.29 -9.67
N LEU B 7 9.56 13.27 -8.81
CA LEU B 7 10.30 12.02 -8.89
C LEU B 7 9.80 11.25 -10.13
N THR B 8 10.30 10.04 -10.37
CA THR B 8 9.86 9.20 -11.46
C THR B 8 10.22 7.75 -11.14
N VAL B 9 9.33 6.83 -11.48
CA VAL B 9 9.51 5.39 -11.32
C VAL B 9 10.75 4.95 -12.07
N GLU B 10 11.27 3.76 -11.77
CA GLU B 10 12.47 3.24 -12.42
C GLU B 10 12.19 2.69 -13.83
N ASP B 11 11.31 3.37 -14.58
CA ASP B 11 10.91 3.02 -15.93
C ASP B 11 12.13 2.97 -16.84
N SER B 12 12.73 1.78 -16.96
CA SER B 12 13.93 1.53 -17.74
C SER B 12 13.73 0.31 -18.64
N GLY B 13 12.62 0.24 -19.38
CA GLY B 13 12.33 -0.88 -20.28
C GLY B 13 12.21 -2.25 -19.57
N GLU B 14 12.12 -2.28 -18.24
CA GLU B 14 12.01 -3.49 -17.43
C GLU B 14 10.76 -4.29 -17.84
N SER B 15 10.74 -5.58 -17.53
CA SER B 15 9.64 -6.48 -17.87
C SER B 15 8.75 -6.72 -16.65
N LEU B 16 7.46 -6.94 -16.89
CA LEU B 16 6.47 -7.21 -15.85
C LEU B 16 6.82 -8.47 -15.07
N GLU B 17 7.21 -9.55 -15.75
CA GLU B 17 7.54 -10.79 -15.05
C GLU B 17 8.72 -10.58 -14.12
N ASP B 18 9.69 -9.77 -14.54
CA ASP B 18 10.87 -9.47 -13.76
C ASP B 18 10.47 -8.64 -12.55
N LEU B 19 9.70 -7.58 -12.78
CA LEU B 19 9.18 -6.66 -11.78
C LEU B 19 8.43 -7.45 -10.69
N MET B 20 7.38 -8.21 -11.05
CA MET B 20 6.64 -8.99 -10.07
C MET B 20 7.47 -10.10 -9.45
N ALA B 21 8.42 -10.70 -10.18
CA ALA B 21 9.28 -11.75 -9.67
C ALA B 21 10.14 -11.17 -8.56
N LYS B 22 10.86 -10.07 -8.78
CA LYS B 22 11.66 -9.52 -7.70
C LYS B 22 10.76 -9.10 -6.54
N MET B 23 9.55 -8.59 -6.80
CA MET B 23 8.65 -8.18 -5.73
C MET B 23 8.34 -9.34 -4.77
N LYS B 24 7.80 -10.45 -5.29
CA LYS B 24 7.46 -11.59 -4.43
C LYS B 24 8.71 -12.29 -3.91
N ASN B 25 9.80 -12.25 -4.66
CA ASN B 25 11.05 -12.87 -4.27
C ASN B 25 11.78 -12.11 -3.17
N MET B 26 11.47 -10.83 -2.94
CA MET B 26 12.11 -10.04 -1.88
C MET B 26 11.69 -10.51 -0.47
N TRP B 27 10.89 -11.58 -0.36
CA TRP B 27 10.45 -12.16 0.89
C TRP B 27 11.63 -12.87 1.55
N MET A 1 1.90 18.27 11.56
CA MET A 1 1.83 16.88 12.04
C MET A 1 1.49 15.90 10.92
N ALA A 2 0.40 16.11 10.16
CA ALA A 2 0.00 15.21 9.09
C ALA A 2 0.60 15.62 7.74
N ASP A 3 0.40 16.87 7.35
CA ASP A 3 0.88 17.40 6.07
C ASP A 3 2.40 17.26 5.90
N GLU A 4 3.16 17.34 6.99
CA GLU A 4 4.62 17.18 6.96
C GLU A 4 4.98 15.76 6.53
N ALA A 5 4.24 14.77 7.02
CA ALA A 5 4.43 13.36 6.73
C ALA A 5 3.96 13.13 5.31
N THR A 6 2.78 13.61 4.94
CA THR A 6 2.25 13.45 3.59
C THR A 6 3.25 14.01 2.60
N ARG A 7 3.76 15.25 2.78
CA ARG A 7 4.73 15.82 1.84
C ARG A 7 5.96 14.92 1.75
N ARG A 8 6.57 14.51 2.87
CA ARG A 8 7.75 13.65 2.86
C ARG A 8 7.49 12.36 2.09
N VAL A 9 6.44 11.66 2.48
CA VAL A 9 6.08 10.40 1.89
C VAL A 9 5.89 10.53 0.37
N VAL A 10 5.21 11.55 -0.12
CA VAL A 10 5.06 11.70 -1.58
C VAL A 10 6.38 12.17 -2.22
N SER A 11 7.21 12.92 -1.48
CA SER A 11 8.49 13.45 -1.92
C SER A 11 9.53 12.32 -2.08
N GLU A 12 9.36 11.18 -1.41
CA GLU A 12 10.29 10.06 -1.53
C GLU A 12 9.75 8.97 -2.47
N ILE A 13 8.42 8.85 -2.63
CA ILE A 13 7.77 7.84 -3.46
C ILE A 13 7.70 8.32 -4.91
N PRO A 14 8.36 7.64 -5.87
CA PRO A 14 8.35 8.06 -7.26
C PRO A 14 6.97 7.96 -7.90
N VAL A 15 6.68 8.91 -8.78
CA VAL A 15 5.42 9.02 -9.49
C VAL A 15 5.48 8.44 -10.91
N LEU A 16 4.35 7.89 -11.31
CA LEU A 16 4.07 7.24 -12.57
C LEU A 16 3.83 8.23 -13.72
N LYS A 17 3.48 7.65 -14.88
CA LYS A 17 3.17 8.33 -16.13
C LYS A 17 1.83 7.84 -16.65
N THR A 18 1.60 6.54 -16.84
CA THR A 18 0.31 6.03 -17.32
C THR A 18 -0.64 5.80 -16.16
N ASN A 19 -1.96 5.90 -16.42
CA ASN A 19 -3.02 5.69 -15.44
C ASN A 19 -4.11 4.78 -16.05
N ALA A 20 -3.73 3.74 -16.79
CA ALA A 20 -4.67 2.81 -17.43
C ALA A 20 -5.34 1.87 -16.42
N GLY A 21 -6.30 1.06 -16.89
CA GLY A 21 -7.07 0.08 -16.11
C GLY A 21 -6.72 -1.35 -16.52
N PRO A 22 -7.13 -2.35 -15.73
CA PRO A 22 -6.85 -3.76 -16.02
C PRO A 22 -7.69 -4.35 -17.15
N ARG A 23 -8.75 -3.67 -17.57
CA ARG A 23 -9.65 -4.11 -18.63
C ARG A 23 -8.90 -4.48 -19.91
N ASP A 24 -7.89 -3.69 -20.27
CA ASP A 24 -7.12 -3.92 -21.48
C ASP A 24 -5.75 -4.48 -21.15
N ARG A 25 -5.47 -5.72 -21.57
CA ARG A 25 -4.22 -6.44 -21.36
C ARG A 25 -2.96 -5.59 -21.47
N GLU A 26 -2.68 -5.09 -22.68
CA GLU A 26 -1.51 -4.28 -23.01
C GLU A 26 -1.38 -3.02 -22.14
N LEU A 27 -2.49 -2.30 -21.99
CA LEU A 27 -2.57 -1.08 -21.20
C LEU A 27 -2.26 -1.42 -19.74
N TRP A 28 -2.74 -2.56 -19.29
CA TRP A 28 -2.53 -3.05 -17.95
C TRP A 28 -1.04 -3.31 -17.78
N VAL A 29 -0.38 -4.01 -18.71
CA VAL A 29 1.06 -4.27 -18.61
C VAL A 29 1.76 -2.93 -18.36
N GLN A 30 1.42 -1.90 -19.13
CA GLN A 30 2.02 -0.58 -19.00
C GLN A 30 1.76 -0.01 -17.59
N ARG A 31 0.50 0.19 -17.18
CA ARG A 31 0.17 0.73 -15.87
C ARG A 31 0.84 -0.05 -14.74
N LEU A 32 0.62 -1.36 -14.74
CA LEU A 32 1.14 -2.29 -13.75
C LEU A 32 2.64 -2.16 -13.63
N LYS A 33 3.33 -2.05 -14.76
CA LYS A 33 4.77 -1.89 -14.85
C LYS A 33 5.20 -0.66 -14.07
N GLU A 34 4.62 0.49 -14.36
CA GLU A 34 4.99 1.74 -13.67
C GLU A 34 4.72 1.63 -12.17
N GLU A 35 3.59 1.04 -11.78
CA GLU A 35 3.28 0.89 -10.37
C GLU A 35 4.29 -0.04 -9.71
N TYR A 36 4.69 -1.12 -10.39
CA TYR A 36 5.66 -2.05 -9.85
C TYR A 36 6.95 -1.29 -9.59
N GLN A 37 7.51 -0.60 -10.59
CA GLN A 37 8.74 0.17 -10.46
C GLN A 37 8.64 1.10 -9.23
N SER A 38 7.53 1.85 -9.13
CA SER A 38 7.21 2.77 -8.03
C SER A 38 7.27 2.07 -6.66
N LEU A 39 6.39 1.08 -6.47
CA LEU A 39 6.21 0.30 -5.25
C LEU A 39 7.52 -0.41 -4.87
N ILE A 40 8.16 -1.08 -5.83
CA ILE A 40 9.41 -1.79 -5.62
C ILE A 40 10.47 -0.81 -5.15
N ARG A 41 10.65 0.35 -5.82
CA ARG A 41 11.66 1.33 -5.41
C ARG A 41 11.47 1.69 -3.95
N TYR A 42 10.22 1.98 -3.55
CA TYR A 42 9.89 2.32 -2.19
C TYR A 42 10.24 1.17 -1.24
N VAL A 43 9.71 -0.05 -1.46
CA VAL A 43 10.00 -1.18 -0.58
C VAL A 43 11.49 -1.47 -0.54
N GLU A 44 12.20 -1.48 -1.67
CA GLU A 44 13.63 -1.74 -1.73
C GLU A 44 14.35 -0.75 -0.82
N ASN A 45 14.08 0.56 -0.94
CA ASN A 45 14.71 1.58 -0.13
C ASN A 45 14.36 1.43 1.35
N ASN A 46 13.06 1.28 1.63
CA ASN A 46 12.50 1.14 2.96
C ASN A 46 13.13 -0.05 3.70
N LYS A 47 13.12 -1.23 3.09
CA LYS A 47 13.70 -2.44 3.64
C LYS A 47 15.21 -2.32 3.71
N ASN A 48 15.86 -1.72 2.71
CA ASN A 48 17.33 -1.56 2.74
C ASN A 48 17.71 -0.74 3.98
N ALA A 49 16.89 0.25 4.34
CA ALA A 49 17.11 1.11 5.50
C ALA A 49 16.68 0.41 6.80
N ASP A 50 16.25 -0.86 6.70
CA ASP A 50 15.79 -1.74 7.76
C ASP A 50 14.50 -1.21 8.41
N ASN A 51 13.73 -0.39 7.68
CA ASN A 51 12.47 0.20 8.12
C ASN A 51 11.30 -0.68 7.71
N ASP A 52 11.57 -1.95 7.36
CA ASP A 52 10.59 -2.93 6.91
C ASP A 52 9.39 -3.02 7.85
N TRP A 53 8.19 -2.74 7.32
CA TRP A 53 6.94 -2.79 8.08
C TRP A 53 5.81 -3.44 7.31
N PHE A 54 5.87 -3.49 5.97
CA PHE A 54 4.86 -4.07 5.12
C PHE A 54 5.50 -4.90 3.99
N ARG A 55 4.94 -6.06 3.71
CA ARG A 55 5.33 -7.01 2.69
C ARG A 55 4.14 -7.06 1.76
N LEU A 56 4.36 -7.05 0.45
CA LEU A 56 3.29 -7.08 -0.54
C LEU A 56 3.78 -7.74 -1.82
N GLU A 57 2.92 -8.54 -2.43
CA GLU A 57 3.18 -9.23 -3.67
C GLU A 57 1.86 -9.31 -4.45
N SER A 58 1.95 -9.79 -5.68
CA SER A 58 0.80 -9.91 -6.57
C SER A 58 0.94 -11.16 -7.44
N ASN A 59 -0.15 -11.57 -8.10
CA ASN A 59 -0.15 -12.72 -8.99
C ASN A 59 0.37 -12.26 -10.36
N LYS A 60 0.61 -13.21 -11.27
CA LYS A 60 1.12 -12.93 -12.62
C LYS A 60 0.18 -12.07 -13.45
N GLU A 61 -1.09 -11.99 -13.05
CA GLU A 61 -2.14 -11.22 -13.73
C GLU A 61 -2.28 -9.81 -13.13
N GLY A 62 -1.73 -9.58 -11.94
CA GLY A 62 -1.76 -8.32 -11.20
C GLY A 62 -3.17 -7.94 -10.75
N THR A 63 -4.11 -8.89 -10.70
CA THR A 63 -5.48 -8.65 -10.32
C THR A 63 -5.77 -8.75 -8.82
N ARG A 64 -5.13 -9.68 -8.10
CA ARG A 64 -5.35 -9.89 -6.65
C ARG A 64 -4.03 -9.77 -5.92
N TRP A 65 -3.93 -8.78 -5.05
CA TRP A 65 -2.76 -8.44 -4.28
C TRP A 65 -2.89 -8.93 -2.85
N PHE A 66 -1.76 -9.35 -2.27
CA PHE A 66 -1.76 -9.84 -0.90
C PHE A 66 -0.39 -9.63 -0.29
N GLY A 67 -0.31 -9.70 1.03
CA GLY A 67 0.91 -9.51 1.79
C GLY A 67 0.58 -9.52 3.28
N LYS A 68 1.44 -8.88 4.07
CA LYS A 68 1.30 -8.77 5.52
C LYS A 68 2.01 -7.50 5.98
N CYS A 69 1.79 -7.08 7.21
CA CYS A 69 2.39 -5.92 7.80
C CYS A 69 2.66 -6.23 9.26
N TRP A 70 3.61 -5.50 9.85
CA TRP A 70 4.01 -5.66 11.24
C TRP A 70 4.09 -4.31 11.90
N TYR A 71 3.87 -4.30 13.21
CA TYR A 71 3.94 -3.09 14.00
C TYR A 71 4.56 -3.47 15.33
N ILE A 72 5.41 -2.60 15.85
CA ILE A 72 6.12 -2.82 17.09
C ILE A 72 5.89 -1.59 17.95
N HIS A 73 5.55 -1.80 19.21
CA HIS A 73 5.30 -0.75 20.18
C HIS A 73 5.51 -1.38 21.55
N ASP A 74 6.07 -0.64 22.51
CA ASP A 74 6.33 -1.07 23.88
C ASP A 74 6.94 -2.46 24.02
N LEU A 75 7.92 -2.79 23.16
CA LEU A 75 8.64 -4.07 23.11
C LEU A 75 7.78 -5.25 22.62
N LEU A 76 6.55 -5.02 22.18
CA LEU A 76 5.62 -6.03 21.69
C LEU A 76 5.64 -5.91 20.17
N LYS A 77 5.51 -7.04 19.49
CA LYS A 77 5.52 -7.16 18.04
C LYS A 77 4.24 -7.80 17.55
N TYR A 78 3.46 -7.10 16.72
CA TYR A 78 2.22 -7.60 16.15
C TYR A 78 2.38 -7.81 14.64
N GLU A 79 1.45 -8.57 14.05
CA GLU A 79 1.41 -8.89 12.63
C GLU A 79 -0.04 -8.96 12.19
N PHE A 80 -0.34 -8.43 11.00
CA PHE A 80 -1.65 -8.40 10.40
C PHE A 80 -1.49 -8.68 8.90
N ASP A 81 -2.31 -9.53 8.32
CA ASP A 81 -2.24 -9.85 6.90
C ASP A 81 -3.05 -8.84 6.09
N ILE A 82 -2.93 -8.88 4.76
CA ILE A 82 -3.66 -8.00 3.85
C ILE A 82 -3.95 -8.72 2.53
N GLU A 83 -5.11 -8.44 1.93
CA GLU A 83 -5.53 -9.02 0.65
C GLU A 83 -6.61 -8.14 0.02
N PHE A 84 -6.36 -7.64 -1.19
CA PHE A 84 -7.31 -6.83 -1.96
C PHE A 84 -7.24 -7.18 -3.45
N ASP A 85 -8.22 -6.76 -4.24
CA ASP A 85 -8.29 -6.99 -5.68
C ASP A 85 -8.70 -5.69 -6.34
N ILE A 86 -8.04 -5.35 -7.45
CA ILE A 86 -8.28 -4.11 -8.20
C ILE A 86 -9.54 -4.22 -9.06
N PRO A 87 -10.47 -3.25 -8.98
CA PRO A 87 -11.68 -3.25 -9.78
C PRO A 87 -11.31 -3.06 -11.24
N ILE A 88 -12.12 -3.63 -12.14
CA ILE A 88 -11.82 -3.50 -13.56
C ILE A 88 -11.96 -2.06 -14.03
N THR A 89 -12.89 -1.29 -13.45
CA THR A 89 -13.11 0.08 -13.85
C THR A 89 -12.05 1.01 -13.27
N TYR A 90 -11.44 0.67 -12.11
CA TYR A 90 -10.41 1.46 -11.44
C TYR A 90 -10.75 2.97 -11.49
N PRO A 91 -11.83 3.40 -10.80
CA PRO A 91 -12.24 4.80 -10.78
C PRO A 91 -11.27 5.69 -10.01
N THR A 92 -11.49 7.00 -10.03
CA THR A 92 -10.67 8.00 -9.34
C THR A 92 -10.73 7.81 -7.81
N THR A 93 -11.73 7.08 -7.31
CA THR A 93 -12.01 6.70 -5.94
C THR A 93 -10.96 5.64 -5.61
N ALA A 94 -10.12 5.92 -4.61
CA ALA A 94 -9.08 4.97 -4.22
C ALA A 94 -9.58 3.55 -3.93
N PRO A 95 -8.79 2.49 -4.19
CA PRO A 95 -9.17 1.12 -3.91
C PRO A 95 -9.24 0.91 -2.38
N GLU A 96 -9.76 -0.24 -1.95
CA GLU A 96 -9.94 -0.56 -0.54
C GLU A 96 -9.32 -1.90 -0.15
N ILE A 97 -8.44 -1.87 0.85
CA ILE A 97 -7.73 -3.03 1.40
C ILE A 97 -8.61 -3.78 2.42
N ALA A 98 -8.40 -5.09 2.59
CA ALA A 98 -9.11 -5.95 3.55
C ALA A 98 -8.06 -6.70 4.39
N VAL A 99 -8.45 -7.13 5.58
CA VAL A 99 -7.60 -7.85 6.53
C VAL A 99 -8.47 -8.80 7.38
N PRO A 100 -8.46 -10.12 7.15
CA PRO A 100 -9.25 -11.06 7.93
C PRO A 100 -8.77 -11.10 9.39
N GLU A 101 -7.47 -10.93 9.67
CA GLU A 101 -6.91 -10.98 11.03
C GLU A 101 -7.49 -9.89 11.95
N LEU A 102 -7.97 -8.76 11.43
CA LEU A 102 -8.57 -7.67 12.19
C LEU A 102 -10.10 -7.62 12.04
N ASP A 103 -10.67 -8.47 11.19
CA ASP A 103 -12.11 -8.52 10.93
C ASP A 103 -12.87 -8.94 12.20
N GLY A 104 -13.50 -8.00 12.88
CA GLY A 104 -14.25 -8.23 14.11
C GLY A 104 -13.67 -7.54 15.34
N LYS A 105 -12.45 -6.97 15.26
CA LYS A 105 -11.88 -6.26 16.42
C LYS A 105 -12.63 -4.94 16.62
N THR A 106 -13.14 -4.35 15.55
CA THR A 106 -13.90 -3.10 15.56
C THR A 106 -15.34 -3.42 15.13
N ALA A 107 -16.19 -2.40 15.16
CA ALA A 107 -17.59 -2.47 14.78
C ALA A 107 -17.76 -2.79 13.29
N LYS A 108 -18.90 -3.39 12.94
CA LYS A 108 -19.23 -3.73 11.56
C LYS A 108 -19.26 -2.44 10.73
N MET A 109 -18.25 -2.23 9.89
CA MET A 109 -18.14 -1.06 9.03
C MET A 109 -19.01 -1.27 7.78
N TYR A 110 -19.39 -0.18 7.12
CA TYR A 110 -20.19 -0.20 5.90
C TYR A 110 -19.41 -0.97 4.80
N ARG A 111 -20.11 -1.61 3.84
CA ARG A 111 -19.46 -2.35 2.77
C ARG A 111 -18.66 -1.41 1.87
N GLY A 112 -17.34 -1.50 1.94
CA GLY A 112 -16.41 -0.70 1.16
C GLY A 112 -15.76 0.30 2.09
N GLY A 113 -14.49 0.05 2.44
CA GLY A 113 -13.72 0.92 3.31
C GLY A 113 -13.67 0.43 4.76
N LYS A 114 -13.63 -0.89 4.96
CA LYS A 114 -13.60 -1.53 6.29
C LYS A 114 -12.41 -1.09 7.15
N ILE A 115 -11.26 -0.79 6.54
CA ILE A 115 -10.04 -0.33 7.24
C ILE A 115 -9.42 0.88 6.52
N CYS A 116 -9.95 1.24 5.35
CA CYS A 116 -9.47 2.38 4.58
C CYS A 116 -9.88 3.62 5.36
N LEU A 117 -8.98 4.15 6.21
CA LEU A 117 -9.27 5.36 6.96
C LEU A 117 -9.66 6.43 5.94
N THR A 118 -10.50 7.38 6.33
CA THR A 118 -10.96 8.41 5.41
C THR A 118 -10.87 9.85 5.92
N ASP A 119 -10.70 10.10 7.23
CA ASP A 119 -10.64 11.47 7.78
C ASP A 119 -9.79 12.45 6.96
N HIS A 120 -8.53 12.10 6.69
CA HIS A 120 -7.63 12.92 5.91
C HIS A 120 -7.27 12.23 4.59
N PHE A 121 -7.28 10.88 4.57
CA PHE A 121 -6.96 10.12 3.37
C PHE A 121 -7.96 10.38 2.24
N LYS A 122 -9.26 10.38 2.51
CA LYS A 122 -10.30 10.60 1.49
C LYS A 122 -10.14 11.97 0.85
N PRO A 123 -10.11 13.11 1.59
CA PRO A 123 -9.93 14.41 0.98
C PRO A 123 -8.57 14.54 0.30
N LEU A 124 -7.52 13.89 0.84
CA LEU A 124 -6.16 13.91 0.27
C LEU A 124 -6.14 13.23 -1.10
N TRP A 125 -6.73 12.02 -1.21
CA TRP A 125 -6.75 11.32 -2.48
C TRP A 125 -7.67 12.07 -3.45
N ALA A 126 -8.78 12.60 -2.95
CA ALA A 126 -9.74 13.31 -3.78
C ALA A 126 -9.07 14.54 -4.42
N ARG A 127 -8.41 15.37 -3.60
CA ARG A 127 -7.74 16.59 -4.08
C ARG A 127 -6.60 16.27 -5.01
N ASN A 128 -5.86 15.18 -4.76
CA ASN A 128 -4.75 14.81 -5.62
C ASN A 128 -4.60 13.32 -5.89
N VAL A 129 -4.86 12.93 -7.13
CA VAL A 129 -4.76 11.57 -7.65
C VAL A 129 -4.37 11.72 -9.14
N PRO A 130 -3.31 12.46 -9.49
CA PRO A 130 -2.93 12.64 -10.90
C PRO A 130 -2.42 11.34 -11.54
N LYS A 131 -1.48 10.70 -10.86
CA LYS A 131 -0.80 9.47 -11.26
C LYS A 131 -0.60 8.52 -10.08
N PHE A 132 -1.27 8.79 -8.95
CA PHE A 132 -1.17 7.97 -7.75
C PHE A 132 -1.48 6.51 -8.11
N GLY A 133 -0.73 5.61 -7.48
CA GLY A 133 -0.84 4.16 -7.64
C GLY A 133 -0.86 3.48 -6.28
N LEU A 134 -0.87 2.15 -6.25
CA LEU A 134 -0.90 1.35 -5.03
C LEU A 134 0.15 1.76 -3.99
N ALA A 135 1.37 2.13 -4.42
CA ALA A 135 2.43 2.59 -3.52
C ALA A 135 1.88 3.77 -2.68
N HIS A 136 1.37 4.78 -3.36
CA HIS A 136 0.80 5.97 -2.75
C HIS A 136 -0.35 5.59 -1.83
N LEU A 137 -1.18 4.61 -2.21
CA LEU A 137 -2.32 4.17 -1.39
C LEU A 137 -1.84 3.62 -0.05
N MET A 138 -0.90 2.68 -0.09
CA MET A 138 -0.37 2.05 1.10
C MET A 138 0.31 3.06 2.00
N ALA A 139 1.27 3.81 1.47
CA ALA A 139 1.98 4.79 2.27
C ALA A 139 1.10 5.91 2.85
N LEU A 140 0.03 6.33 2.15
CA LEU A 140 -0.86 7.39 2.65
C LEU A 140 -2.12 6.85 3.31
N GLY A 141 -2.32 5.53 3.34
CA GLY A 141 -3.50 4.91 3.93
C GLY A 141 -3.14 3.83 4.95
N LEU A 142 -2.52 2.74 4.52
CA LEU A 142 -2.10 1.63 5.38
C LEU A 142 -1.15 2.10 6.49
N GLY A 143 -0.19 2.95 6.14
CA GLY A 143 0.81 3.49 7.05
C GLY A 143 0.20 4.29 8.20
N PRO A 144 -0.54 5.38 7.92
CA PRO A 144 -1.16 6.19 8.96
C PRO A 144 -2.23 5.41 9.73
N TRP A 145 -3.02 4.57 9.05
CA TRP A 145 -4.06 3.76 9.67
C TRP A 145 -3.45 2.97 10.82
N LEU A 146 -2.41 2.17 10.53
CA LEU A 146 -1.77 1.37 11.57
C LEU A 146 -1.14 2.24 12.66
N ALA A 147 -0.52 3.36 12.28
CA ALA A 147 0.12 4.25 13.24
C ALA A 147 -0.87 4.82 14.27
N VAL A 148 -2.13 5.05 13.88
CA VAL A 148 -3.16 5.61 14.76
C VAL A 148 -4.03 4.52 15.40
N GLU A 149 -4.29 3.40 14.72
CA GLU A 149 -5.12 2.35 15.31
C GLU A 149 -4.34 1.52 16.32
N ILE A 150 -3.03 1.30 16.16
CA ILE A 150 -2.25 0.51 17.13
C ILE A 150 -2.43 1.03 18.56
N PRO A 151 -2.17 2.32 18.89
CA PRO A 151 -2.35 2.78 20.25
C PRO A 151 -3.81 2.69 20.70
N ASP A 152 -4.79 2.83 19.80
CA ASP A 152 -6.19 2.74 20.20
C ASP A 152 -6.56 1.32 20.57
N LEU A 153 -6.30 0.36 19.69
CA LEU A 153 -6.63 -1.04 19.94
C LEU A 153 -5.91 -1.53 21.20
N ILE A 154 -4.73 -0.97 21.51
CA ILE A 154 -3.96 -1.31 22.69
C ILE A 154 -4.66 -0.76 23.93
N GLN A 155 -5.00 0.54 23.98
CA GLN A 155 -5.67 1.13 25.16
C GLN A 155 -7.06 0.51 25.37
N LYS A 156 -7.67 0.04 24.29
CA LYS A 156 -8.97 -0.60 24.32
C LYS A 156 -8.82 -2.05 24.79
N GLY A 157 -7.67 -2.68 24.54
CA GLY A 157 -7.35 -4.05 24.95
C GLY A 157 -7.76 -5.12 23.95
N VAL A 158 -8.06 -4.76 22.70
CA VAL A 158 -8.48 -5.73 21.68
C VAL A 158 -7.29 -6.46 21.07
N ILE A 159 -6.10 -5.85 21.00
CA ILE A 159 -4.91 -6.47 20.41
C ILE A 159 -4.04 -7.03 21.53
N GLN A 160 -3.24 -8.05 21.19
CA GLN A 160 -2.30 -8.75 22.02
C GLN A 160 -1.26 -9.35 21.08
N HIS A 161 0.04 -9.29 21.42
CA HIS A 161 1.06 -9.89 20.56
C HIS A 161 0.88 -11.40 20.47
N LYS A 162 1.29 -12.02 19.38
CA LYS A 162 1.15 -13.47 19.17
C LYS A 162 2.40 -14.25 19.62
N GLU A 163 3.40 -13.58 20.17
CA GLU A 163 4.65 -14.16 20.64
C GLU A 163 4.39 -15.33 21.60
N LYS A 164 3.93 -15.01 22.82
CA LYS A 164 3.63 -16.00 23.87
C LYS A 164 2.52 -16.97 23.48
N CYS A 165 1.82 -16.71 22.39
CA CYS A 165 0.76 -17.58 21.91
C CYS A 165 1.40 -18.82 21.27
N ASN A 166 2.67 -18.77 20.86
CA ASN A 166 3.38 -19.89 20.25
C ASN A 166 4.72 -20.19 20.94
N GLN A 167 5.58 -19.18 21.09
CA GLN A 167 6.91 -19.29 21.68
C GLN A 167 6.84 -19.06 23.17
N GLY B 1 3.15 13.92 -22.31
CA GLY B 1 3.40 14.42 -20.96
C GLY B 1 4.89 14.55 -20.71
N MET B 2 5.29 15.20 -19.61
CA MET B 2 6.68 15.40 -19.22
C MET B 2 6.69 15.51 -17.70
N SER B 3 7.32 14.56 -17.00
CA SER B 3 7.38 14.55 -15.55
C SER B 3 8.84 14.47 -15.08
N VAL B 4 9.47 15.63 -14.87
CA VAL B 4 10.86 15.71 -14.39
C VAL B 4 10.99 16.73 -13.24
N THR B 5 10.02 17.62 -13.08
CA THR B 5 9.98 18.62 -12.01
C THR B 5 9.79 17.92 -10.65
N GLU B 6 9.41 16.65 -10.68
CA GLU B 6 9.14 15.76 -9.56
C GLU B 6 9.86 14.42 -9.84
N LEU B 7 9.64 13.42 -8.98
CA LEU B 7 10.23 12.09 -9.11
C LEU B 7 9.78 11.35 -10.37
N THR B 8 10.42 10.22 -10.67
CA THR B 8 10.08 9.37 -11.81
C THR B 8 10.40 7.93 -11.42
N VAL B 9 9.44 7.02 -11.65
CA VAL B 9 9.59 5.60 -11.38
C VAL B 9 10.86 5.06 -12.07
N GLU B 10 11.41 3.98 -11.52
CA GLU B 10 12.60 3.30 -12.01
C GLU B 10 12.26 2.53 -13.29
N ASP B 11 12.13 3.28 -14.39
CA ASP B 11 11.77 2.80 -15.70
C ASP B 11 12.96 2.70 -16.64
N SER B 12 13.64 1.56 -16.54
CA SER B 12 14.81 1.24 -17.35
C SER B 12 14.43 0.16 -18.38
N GLY B 13 13.34 0.40 -19.14
CA GLY B 13 12.85 -0.52 -20.16
C GLY B 13 12.62 -1.94 -19.61
N GLU B 14 12.16 -2.02 -18.36
CA GLU B 14 11.90 -3.27 -17.66
C GLU B 14 10.69 -4.02 -18.23
N SER B 15 10.64 -5.31 -17.92
CA SER B 15 9.60 -6.24 -18.32
C SER B 15 8.75 -6.53 -17.08
N LEU B 16 7.44 -6.67 -17.25
CA LEU B 16 6.50 -6.92 -16.17
C LEU B 16 6.84 -8.16 -15.35
N GLU B 17 7.18 -9.27 -16.00
CA GLU B 17 7.50 -10.50 -15.28
C GLU B 17 8.73 -10.32 -14.41
N ASP B 18 9.71 -9.57 -14.90
CA ASP B 18 10.94 -9.28 -14.17
C ASP B 18 10.58 -8.45 -12.94
N LEU B 19 9.78 -7.40 -13.14
CA LEU B 19 9.31 -6.49 -12.11
C LEU B 19 8.57 -7.28 -11.02
N MET B 20 7.51 -8.00 -11.35
CA MET B 20 6.77 -8.78 -10.38
C MET B 20 7.59 -9.88 -9.74
N ALA B 21 8.56 -10.47 -10.48
CA ALA B 21 9.44 -11.50 -9.94
C ALA B 21 10.26 -10.88 -8.84
N LYS B 22 11.00 -9.79 -9.08
CA LYS B 22 11.78 -9.19 -8.00
C LYS B 22 10.86 -8.76 -6.87
N MET B 23 9.64 -8.29 -7.16
CA MET B 23 8.73 -7.86 -6.11
C MET B 23 8.40 -9.02 -5.16
N LYS B 24 7.87 -10.14 -5.67
CA LYS B 24 7.52 -11.29 -4.81
C LYS B 24 8.78 -11.89 -4.19
N ASN B 25 9.86 -11.98 -4.97
CA ASN B 25 11.11 -12.56 -4.53
C ASN B 25 11.80 -11.72 -3.43
N MET B 26 11.49 -10.43 -3.25
CA MET B 26 12.12 -9.59 -2.23
C MET B 26 11.84 -10.01 -0.79
N TRP B 27 10.70 -10.67 -0.54
CA TRP B 27 10.28 -11.16 0.76
C TRP B 27 9.07 -12.05 0.49
N MET A 1 2.18 16.37 12.87
CA MET A 1 1.16 16.72 11.87
C MET A 1 1.16 15.63 10.80
N ALA A 2 0.05 15.47 10.06
CA ALA A 2 -0.02 14.46 9.02
C ALA A 2 0.37 15.00 7.64
N ASP A 3 0.23 16.30 7.37
CA ASP A 3 0.60 16.84 6.06
C ASP A 3 2.12 16.76 5.87
N GLU A 4 2.90 16.94 6.94
CA GLU A 4 4.36 16.86 6.86
C GLU A 4 4.77 15.40 6.58
N ALA A 5 4.02 14.43 7.12
CA ALA A 5 4.27 13.02 6.91
C ALA A 5 3.89 12.68 5.46
N THR A 6 2.82 13.30 4.97
CA THR A 6 2.34 13.12 3.61
C THR A 6 3.45 13.62 2.68
N ARG A 7 3.95 14.85 2.91
CA ARG A 7 4.99 15.45 2.09
C ARG A 7 6.22 14.57 2.01
N ARG A 8 6.76 14.04 3.11
CA ARG A 8 7.97 13.20 3.03
C ARG A 8 7.70 11.94 2.20
N VAL A 9 6.60 11.25 2.47
CA VAL A 9 6.25 10.03 1.76
C VAL A 9 6.16 10.33 0.26
N VAL A 10 5.43 11.36 -0.18
CA VAL A 10 5.36 11.62 -1.62
C VAL A 10 6.69 12.15 -2.15
N SER A 11 7.47 12.83 -1.30
CA SER A 11 8.78 13.38 -1.65
C SER A 11 9.80 12.26 -1.88
N GLU A 12 9.60 11.05 -1.35
CA GLU A 12 10.54 9.95 -1.60
C GLU A 12 10.00 8.88 -2.56
N ILE A 13 8.69 8.66 -2.61
CA ILE A 13 8.08 7.65 -3.47
C ILE A 13 8.14 8.08 -4.96
N PRO A 14 8.79 7.28 -5.83
CA PRO A 14 8.89 7.60 -7.25
C PRO A 14 7.50 7.57 -7.89
N VAL A 15 7.22 8.57 -8.72
CA VAL A 15 5.92 8.73 -9.37
C VAL A 15 5.83 8.12 -10.78
N LEU A 16 4.62 7.67 -11.12
CA LEU A 16 4.21 7.00 -12.35
C LEU A 16 3.69 8.00 -13.39
N LYS A 17 3.17 7.52 -14.52
CA LYS A 17 2.64 8.31 -15.62
C LYS A 17 1.25 7.76 -16.01
N THR A 18 1.15 6.49 -16.40
CA THR A 18 -0.09 5.80 -16.83
C THR A 18 -1.02 5.51 -15.65
N ASN A 19 -2.35 5.49 -15.85
CA ASN A 19 -3.37 5.20 -14.80
C ASN A 19 -4.46 4.22 -15.27
N ALA A 20 -4.15 3.43 -16.30
CA ALA A 20 -5.05 2.45 -16.93
C ALA A 20 -5.64 1.38 -15.99
N GLY A 21 -6.57 0.58 -16.52
CA GLY A 21 -7.25 -0.50 -15.80
C GLY A 21 -6.89 -1.90 -16.32
N PRO A 22 -7.26 -2.97 -15.57
CA PRO A 22 -6.99 -4.37 -15.93
C PRO A 22 -7.82 -4.90 -17.11
N ARG A 23 -8.81 -4.13 -17.54
CA ARG A 23 -9.69 -4.45 -18.67
C ARG A 23 -8.92 -4.63 -19.97
N ASP A 24 -7.88 -3.84 -20.20
CA ASP A 24 -7.08 -3.89 -21.43
C ASP A 24 -5.76 -4.55 -21.09
N ARG A 25 -5.45 -5.70 -21.70
CA ARG A 25 -4.23 -6.49 -21.45
C ARG A 25 -2.96 -5.64 -21.46
N GLU A 26 -2.67 -5.06 -22.62
CA GLU A 26 -1.49 -4.22 -22.83
C GLU A 26 -1.41 -3.01 -21.91
N LEU A 27 -2.51 -2.27 -21.80
CA LEU A 27 -2.59 -1.08 -20.97
C LEU A 27 -2.30 -1.47 -19.52
N TRP A 28 -2.83 -2.61 -19.10
CA TRP A 28 -2.62 -3.13 -17.77
C TRP A 28 -1.14 -3.36 -17.58
N VAL A 29 -0.47 -4.11 -18.47
CA VAL A 29 0.97 -4.34 -18.33
C VAL A 29 1.70 -3.01 -18.18
N GLN A 30 1.40 -2.00 -19.00
CA GLN A 30 2.08 -0.71 -18.89
C GLN A 30 1.87 -0.12 -17.48
N ARG A 31 0.62 0.10 -17.09
CA ARG A 31 0.29 0.64 -15.78
C ARG A 31 0.98 -0.17 -14.67
N LEU A 32 0.74 -1.47 -14.66
CA LEU A 32 1.27 -2.43 -13.70
C LEU A 32 2.78 -2.32 -13.59
N LYS A 33 3.45 -2.23 -14.74
CA LYS A 33 4.90 -2.09 -14.86
C LYS A 33 5.34 -0.88 -14.05
N GLU A 34 4.76 0.30 -14.27
CA GLU A 34 5.21 1.45 -13.48
C GLU A 34 4.81 1.32 -12.01
N GLU A 35 3.66 0.69 -11.71
CA GLU A 35 3.21 0.51 -10.32
C GLU A 35 4.19 -0.35 -9.56
N TYR A 36 4.62 -1.47 -10.14
CA TYR A 36 5.58 -2.35 -9.52
C TYR A 36 6.86 -1.56 -9.30
N GLN A 37 7.42 -0.91 -10.33
CA GLN A 37 8.65 -0.13 -10.18
C GLN A 37 8.52 0.85 -9.00
N SER A 38 7.44 1.64 -8.98
CA SER A 38 7.15 2.60 -7.92
C SER A 38 7.15 1.95 -6.53
N LEU A 39 6.28 0.95 -6.33
CA LEU A 39 6.11 0.23 -5.07
C LEU A 39 7.38 -0.47 -4.65
N ILE A 40 7.98 -1.28 -5.54
CA ILE A 40 9.20 -2.02 -5.27
C ILE A 40 10.28 -1.03 -4.86
N ARG A 41 10.55 0.03 -5.62
CA ARG A 41 11.59 1.01 -5.30
C ARG A 41 11.39 1.56 -3.89
N TYR A 42 10.15 1.90 -3.53
CA TYR A 42 9.82 2.41 -2.19
C TYR A 42 10.14 1.33 -1.14
N VAL A 43 9.63 0.09 -1.30
CA VAL A 43 9.87 -0.99 -0.36
C VAL A 43 11.36 -1.29 -0.25
N GLU A 44 12.08 -1.29 -1.37
CA GLU A 44 13.51 -1.54 -1.46
C GLU A 44 14.26 -0.57 -0.54
N ASN A 45 13.95 0.73 -0.67
CA ASN A 45 14.55 1.80 0.11
C ASN A 45 14.20 1.64 1.59
N ASN A 46 12.90 1.52 1.87
CA ASN A 46 12.34 1.37 3.20
C ASN A 46 12.95 0.18 3.95
N LYS A 47 13.07 -0.97 3.30
CA LYS A 47 13.65 -2.18 3.87
C LYS A 47 15.17 -2.01 4.01
N ASN A 48 15.85 -1.39 3.04
CA ASN A 48 17.30 -1.18 3.13
C ASN A 48 17.62 -0.25 4.29
N ALA A 49 16.71 0.68 4.62
CA ALA A 49 16.83 1.62 5.73
C ALA A 49 16.42 0.94 7.04
N ASP A 50 16.14 -0.37 7.02
CA ASP A 50 15.72 -1.22 8.13
C ASP A 50 14.45 -0.69 8.80
N ASN A 51 13.57 -0.06 8.01
CA ASN A 51 12.29 0.49 8.47
C ASN A 51 11.15 -0.40 7.97
N ASP A 52 11.48 -1.65 7.61
CA ASP A 52 10.56 -2.66 7.11
C ASP A 52 9.31 -2.72 7.99
N TRP A 53 8.13 -2.55 7.36
CA TRP A 53 6.86 -2.58 8.07
C TRP A 53 5.77 -3.32 7.32
N PHE A 54 5.83 -3.37 5.98
CA PHE A 54 4.81 -4.03 5.17
C PHE A 54 5.45 -4.84 4.04
N ARG A 55 4.66 -5.67 3.36
CA ARG A 55 5.08 -6.50 2.22
C ARG A 55 3.83 -6.74 1.39
N LEU A 56 3.86 -6.48 0.10
CA LEU A 56 2.73 -6.69 -0.81
C LEU A 56 3.24 -7.41 -2.05
N GLU A 57 2.48 -8.37 -2.55
CA GLU A 57 2.80 -9.15 -3.73
C GLU A 57 1.53 -9.44 -4.52
N SER A 58 1.69 -9.90 -5.76
CA SER A 58 0.58 -10.22 -6.65
C SER A 58 0.98 -11.35 -7.60
N ASN A 59 -0.03 -12.06 -8.11
CA ASN A 59 0.16 -13.15 -9.06
C ASN A 59 0.52 -12.56 -10.42
N LYS A 60 0.90 -13.41 -11.38
CA LYS A 60 1.29 -13.04 -12.74
C LYS A 60 0.31 -12.15 -13.48
N GLU A 61 -0.94 -12.11 -13.05
CA GLU A 61 -1.97 -11.31 -13.71
C GLU A 61 -2.17 -9.94 -13.07
N GLY A 62 -1.72 -9.78 -11.83
CA GLY A 62 -1.85 -8.54 -11.06
C GLY A 62 -3.34 -8.24 -10.80
N THR A 63 -4.19 -9.27 -10.76
CA THR A 63 -5.63 -9.19 -10.56
C THR A 63 -6.07 -9.34 -9.10
N ARG A 64 -5.22 -9.93 -8.27
CA ARG A 64 -5.41 -10.15 -6.85
C ARG A 64 -4.16 -9.63 -6.16
N TRP A 65 -4.26 -8.94 -5.04
CA TRP A 65 -3.11 -8.42 -4.31
C TRP A 65 -3.22 -8.87 -2.86
N PHE A 66 -2.12 -9.37 -2.30
CA PHE A 66 -2.10 -9.84 -0.92
C PHE A 66 -0.73 -9.56 -0.31
N GLY A 67 -0.62 -9.69 1.00
CA GLY A 67 0.63 -9.43 1.68
C GLY A 67 0.42 -9.41 3.18
N LYS A 68 1.32 -8.76 3.91
CA LYS A 68 1.23 -8.65 5.38
C LYS A 68 1.75 -7.31 5.85
N CYS A 69 1.54 -7.00 7.12
CA CYS A 69 1.95 -5.77 7.76
C CYS A 69 2.35 -6.11 9.21
N TRP A 70 3.45 -5.52 9.68
CA TRP A 70 4.02 -5.71 11.01
C TRP A 70 4.32 -4.36 11.66
N TYR A 71 4.17 -4.25 12.97
CA TYR A 71 4.44 -3.02 13.71
C TYR A 71 5.10 -3.38 15.02
N ILE A 72 5.87 -2.44 15.57
CA ILE A 72 6.57 -2.61 16.83
C ILE A 72 6.22 -1.42 17.71
N HIS A 73 5.79 -1.69 18.93
CA HIS A 73 5.44 -0.67 19.91
C HIS A 73 5.45 -1.36 21.28
N ASP A 74 5.90 -0.65 22.30
CA ASP A 74 6.01 -1.10 23.68
C ASP A 74 6.66 -2.49 23.82
N LEU A 75 7.67 -2.73 22.98
CA LEU A 75 8.50 -3.94 22.85
C LEU A 75 7.77 -5.13 22.21
N LEU A 76 6.53 -4.96 21.75
CA LEU A 76 5.74 -6.03 21.16
C LEU A 76 5.77 -5.87 19.64
N LYS A 77 6.06 -6.97 18.95
CA LYS A 77 6.14 -7.10 17.49
C LYS A 77 4.85 -7.74 17.03
N TYR A 78 3.94 -6.99 16.41
CA TYR A 78 2.65 -7.55 15.95
C TYR A 78 2.70 -7.83 14.45
N GLU A 79 1.85 -8.75 13.99
CA GLU A 79 1.74 -9.17 12.59
C GLU A 79 0.27 -9.35 12.17
N PHE A 80 -0.11 -8.90 10.97
CA PHE A 80 -1.45 -9.04 10.42
C PHE A 80 -1.34 -9.28 8.90
N ASP A 81 -2.23 -10.10 8.34
CA ASP A 81 -2.26 -10.46 6.91
C ASP A 81 -3.27 -9.56 6.17
N ILE A 82 -3.07 -9.31 4.87
CA ILE A 82 -3.96 -8.47 4.06
C ILE A 82 -4.21 -9.06 2.68
N GLU A 83 -5.34 -8.70 2.07
CA GLU A 83 -5.75 -9.14 0.74
C GLU A 83 -6.81 -8.19 0.17
N PHE A 84 -6.56 -7.57 -0.99
CA PHE A 84 -7.50 -6.68 -1.69
C PHE A 84 -7.42 -6.92 -3.21
N ASP A 85 -8.44 -6.52 -3.98
CA ASP A 85 -8.49 -6.69 -5.43
C ASP A 85 -8.89 -5.38 -6.10
N ILE A 86 -8.21 -5.06 -7.21
CA ILE A 86 -8.45 -3.83 -7.98
C ILE A 86 -9.72 -3.96 -8.82
N PRO A 87 -10.64 -2.98 -8.78
CA PRO A 87 -11.85 -3.03 -9.57
C PRO A 87 -11.51 -2.82 -11.05
N ILE A 88 -12.27 -3.44 -11.95
CA ILE A 88 -12.05 -3.31 -13.38
C ILE A 88 -12.20 -1.85 -13.84
N THR A 89 -13.11 -1.11 -13.21
CA THR A 89 -13.37 0.28 -13.55
C THR A 89 -12.23 1.19 -13.10
N TYR A 90 -11.65 0.93 -11.91
CA TYR A 90 -10.58 1.73 -11.32
C TYR A 90 -10.95 3.23 -11.41
N PRO A 91 -11.99 3.67 -10.67
CA PRO A 91 -12.48 5.05 -10.65
C PRO A 91 -11.48 6.02 -10.02
N THR A 92 -11.78 7.32 -10.07
CA THR A 92 -10.95 8.38 -9.49
C THR A 92 -10.69 8.08 -7.99
N THR A 93 -11.67 7.47 -7.32
CA THR A 93 -11.62 7.10 -5.92
C THR A 93 -10.68 5.90 -5.80
N ALA A 94 -9.73 6.02 -4.86
CA ALA A 94 -8.74 5.00 -4.57
C ALA A 94 -9.41 3.66 -4.21
N PRO A 95 -8.68 2.53 -4.36
CA PRO A 95 -9.20 1.23 -4.01
C PRO A 95 -9.16 1.13 -2.47
N GLU A 96 -9.71 0.06 -1.91
CA GLU A 96 -9.73 -0.16 -0.47
C GLU A 96 -8.96 -1.43 -0.14
N ILE A 97 -8.25 -1.45 0.98
CA ILE A 97 -7.47 -2.58 1.47
C ILE A 97 -8.35 -3.33 2.50
N ALA A 98 -8.13 -4.64 2.71
CA ALA A 98 -8.87 -5.44 3.69
C ALA A 98 -7.84 -6.28 4.46
N VAL A 99 -8.17 -6.62 5.71
CA VAL A 99 -7.33 -7.39 6.62
C VAL A 99 -8.21 -8.47 7.26
N PRO A 100 -8.14 -9.74 6.84
CA PRO A 100 -8.95 -10.79 7.44
C PRO A 100 -8.57 -11.06 8.90
N GLU A 101 -7.29 -10.89 9.27
CA GLU A 101 -6.82 -11.14 10.63
C GLU A 101 -7.52 -10.24 11.66
N LEU A 102 -7.90 -9.02 11.29
CA LEU A 102 -8.57 -8.08 12.20
C LEU A 102 -10.08 -7.98 11.91
N ASP A 103 -10.61 -8.77 10.97
CA ASP A 103 -12.02 -8.74 10.64
C ASP A 103 -12.82 -9.26 11.84
N GLY A 104 -13.48 -8.35 12.55
CA GLY A 104 -14.30 -8.64 13.72
C GLY A 104 -13.77 -7.99 15.00
N LYS A 105 -12.51 -7.55 15.08
CA LYS A 105 -12.02 -6.89 16.30
C LYS A 105 -12.81 -5.59 16.44
N THR A 106 -12.70 -4.67 15.47
CA THR A 106 -13.45 -3.42 15.50
C THR A 106 -14.89 -3.72 15.03
N ALA A 107 -15.78 -2.73 15.13
CA ALA A 107 -17.15 -2.84 14.70
C ALA A 107 -17.12 -3.17 13.20
N LYS A 108 -17.80 -4.24 12.78
CA LYS A 108 -17.82 -4.66 11.39
C LYS A 108 -18.51 -3.60 10.54
N MET A 109 -17.75 -2.77 9.84
CA MET A 109 -18.33 -1.74 8.98
C MET A 109 -18.74 -2.37 7.65
N TYR A 110 -19.51 -1.60 6.88
CA TYR A 110 -20.04 -1.94 5.57
C TYR A 110 -18.95 -2.20 4.52
N ARG A 111 -19.34 -2.85 3.42
CA ARG A 111 -18.43 -3.12 2.32
C ARG A 111 -18.15 -1.76 1.66
N GLY A 112 -16.98 -1.19 1.93
CA GLY A 112 -16.57 0.10 1.39
C GLY A 112 -15.91 0.95 2.47
N GLY A 113 -14.57 0.94 2.51
CA GLY A 113 -13.78 1.71 3.45
C GLY A 113 -13.72 1.14 4.86
N LYS A 114 -13.85 -0.19 5.01
CA LYS A 114 -13.85 -0.84 6.31
C LYS A 114 -12.60 -0.60 7.16
N ILE A 115 -11.42 -0.42 6.54
CA ILE A 115 -10.15 -0.14 7.23
C ILE A 115 -9.38 0.98 6.51
N CYS A 116 -9.84 1.36 5.31
CA CYS A 116 -9.25 2.40 4.50
C CYS A 116 -9.72 3.70 5.13
N LEU A 117 -8.92 4.26 6.04
CA LEU A 117 -9.25 5.51 6.70
C LEU A 117 -9.60 6.54 5.63
N THR A 118 -10.55 7.41 5.90
CA THR A 118 -10.98 8.43 4.96
C THR A 118 -10.64 9.83 5.48
N ASP A 119 -10.50 9.96 6.81
CA ASP A 119 -10.20 11.13 7.64
C ASP A 119 -9.47 12.21 6.84
N HIS A 120 -8.23 11.95 6.45
CA HIS A 120 -7.44 12.88 5.66
C HIS A 120 -7.05 12.28 4.30
N PHE A 121 -7.23 10.96 4.13
CA PHE A 121 -6.93 10.22 2.91
C PHE A 121 -7.91 10.50 1.78
N LYS A 122 -9.21 10.46 2.03
CA LYS A 122 -10.21 10.74 1.00
C LYS A 122 -9.97 12.12 0.40
N PRO A 123 -9.88 13.23 1.19
CA PRO A 123 -9.63 14.53 0.60
C PRO A 123 -8.23 14.56 -0.04
N LEU A 124 -7.20 13.95 0.56
CA LEU A 124 -5.85 13.94 -0.02
C LEU A 124 -5.86 13.32 -1.43
N TRP A 125 -6.40 12.11 -1.55
CA TRP A 125 -6.45 11.41 -2.82
C TRP A 125 -7.38 12.15 -3.79
N ALA A 126 -8.54 12.61 -3.32
CA ALA A 126 -9.49 13.31 -4.16
C ALA A 126 -8.89 14.61 -4.74
N ARG A 127 -8.25 15.43 -3.89
CA ARG A 127 -7.65 16.68 -4.31
C ARG A 127 -6.54 16.40 -5.30
N ASN A 128 -5.75 15.33 -5.10
CA ASN A 128 -4.65 14.99 -5.99
C ASN A 128 -4.46 13.49 -6.22
N VAL A 129 -4.79 13.05 -7.44
CA VAL A 129 -4.67 11.70 -7.95
C VAL A 129 -4.14 11.88 -9.39
N PRO A 130 -2.96 12.48 -9.59
CA PRO A 130 -2.41 12.71 -10.93
C PRO A 130 -1.92 11.42 -11.58
N LYS A 131 -1.10 10.68 -10.83
CA LYS A 131 -0.49 9.40 -11.21
C LYS A 131 -0.47 8.40 -10.04
N PHE A 132 -1.18 8.71 -8.94
CA PHE A 132 -1.21 7.88 -7.74
C PHE A 132 -1.52 6.42 -8.08
N GLY A 133 -0.73 5.54 -7.48
CA GLY A 133 -0.82 4.10 -7.62
C GLY A 133 -0.76 3.42 -6.27
N LEU A 134 -0.78 2.09 -6.24
CA LEU A 134 -0.75 1.28 -5.03
C LEU A 134 0.43 1.64 -4.11
N ALA A 135 1.53 2.16 -4.66
CA ALA A 135 2.68 2.57 -3.86
C ALA A 135 2.23 3.68 -2.89
N HIS A 136 1.61 4.71 -3.47
CA HIS A 136 1.08 5.87 -2.79
C HIS A 136 -0.08 5.44 -1.87
N LEU A 137 -0.91 4.48 -2.29
CA LEU A 137 -2.05 3.99 -1.50
C LEU A 137 -1.60 3.46 -0.15
N MET A 138 -0.68 2.50 -0.13
CA MET A 138 -0.21 1.90 1.12
C MET A 138 0.49 2.94 2.00
N ALA A 139 1.40 3.70 1.41
CA ALA A 139 2.16 4.70 2.16
C ALA A 139 1.27 5.81 2.73
N LEU A 140 0.22 6.24 2.01
CA LEU A 140 -0.66 7.31 2.45
C LEU A 140 -1.93 6.80 3.14
N GLY A 141 -2.21 5.50 3.16
CA GLY A 141 -3.40 4.91 3.76
C GLY A 141 -3.08 3.86 4.80
N LEU A 142 -2.49 2.75 4.37
CA LEU A 142 -2.14 1.63 5.25
C LEU A 142 -1.24 2.08 6.41
N GLY A 143 -0.20 2.86 6.11
CA GLY A 143 0.77 3.37 7.08
C GLY A 143 0.13 4.22 8.18
N PRO A 144 -0.52 5.35 7.85
CA PRO A 144 -1.16 6.20 8.85
C PRO A 144 -2.24 5.45 9.62
N TRP A 145 -3.06 4.63 8.95
CA TRP A 145 -4.10 3.85 9.61
C TRP A 145 -3.44 3.01 10.70
N LEU A 146 -2.45 2.19 10.35
CA LEU A 146 -1.77 1.37 11.36
C LEU A 146 -1.08 2.21 12.43
N ALA A 147 -0.57 3.40 12.09
CA ALA A 147 0.08 4.26 13.06
C ALA A 147 -0.91 4.76 14.12
N VAL A 148 -2.18 4.93 13.77
CA VAL A 148 -3.25 5.38 14.65
C VAL A 148 -3.92 4.19 15.34
N GLU A 149 -4.17 3.10 14.62
CA GLU A 149 -4.84 1.92 15.13
C GLU A 149 -3.94 1.09 16.03
N ILE A 150 -2.61 1.04 15.86
CA ILE A 150 -1.78 0.25 16.77
C ILE A 150 -1.99 0.74 18.22
N PRO A 151 -1.75 2.01 18.56
CA PRO A 151 -1.91 2.47 19.92
C PRO A 151 -3.37 2.49 20.35
N ASP A 152 -4.31 2.87 19.48
CA ASP A 152 -5.73 2.94 19.81
C ASP A 152 -6.27 1.57 20.25
N LEU A 153 -5.93 0.50 19.53
CA LEU A 153 -6.40 -0.83 19.89
C LEU A 153 -5.66 -1.35 21.12
N ILE A 154 -4.38 -1.02 21.29
CA ILE A 154 -3.61 -1.45 22.47
C ILE A 154 -4.17 -0.79 23.71
N GLN A 155 -4.37 0.52 23.71
CA GLN A 155 -4.91 1.25 24.86
C GLN A 155 -6.28 0.66 25.21
N LYS A 156 -7.12 0.38 24.19
CA LYS A 156 -8.44 -0.19 24.44
C LYS A 156 -8.36 -1.64 24.93
N GLY A 157 -7.30 -2.37 24.59
CA GLY A 157 -7.06 -3.76 25.00
C GLY A 157 -7.57 -4.79 23.99
N VAL A 158 -8.07 -4.36 22.82
CA VAL A 158 -8.60 -5.27 21.81
C VAL A 158 -7.46 -6.14 21.24
N ILE A 159 -6.25 -5.60 21.09
CA ILE A 159 -5.12 -6.36 20.58
C ILE A 159 -4.26 -6.79 21.77
N GLN A 160 -3.49 -7.84 21.53
CA GLN A 160 -2.54 -8.48 22.41
C GLN A 160 -1.48 -9.08 21.50
N HIS A 161 -0.25 -9.21 22.00
CA HIS A 161 0.83 -9.79 21.22
C HIS A 161 0.62 -11.29 21.07
N LYS A 162 1.23 -11.89 20.04
CA LYS A 162 1.11 -13.33 19.79
C LYS A 162 2.37 -14.09 20.24
N GLU A 163 3.41 -13.38 20.71
CA GLU A 163 4.66 -13.96 21.17
C GLU A 163 4.46 -14.88 22.38
N LYS A 164 3.40 -14.65 23.16
CA LYS A 164 3.06 -15.47 24.32
C LYS A 164 2.79 -16.92 23.88
N CYS A 165 2.52 -17.14 22.60
CA CYS A 165 2.27 -18.44 21.99
C CYS A 165 3.50 -18.75 21.15
N ASN A 166 3.71 -17.98 20.08
CA ASN A 166 4.82 -18.15 19.15
C ASN A 166 5.62 -16.88 18.97
N GLN A 167 5.12 -15.94 18.16
CA GLN A 167 5.70 -14.67 17.82
C GLN A 167 4.55 -13.74 17.49
N GLY B 1 1.88 17.84 -21.81
CA GLY B 1 2.80 18.53 -20.89
C GLY B 1 3.56 17.50 -20.07
N MET B 2 4.61 17.91 -19.34
CA MET B 2 5.39 16.98 -18.52
C MET B 2 6.10 17.73 -17.39
N SER B 3 6.42 17.02 -16.32
CA SER B 3 7.12 17.53 -15.15
C SER B 3 8.46 16.80 -15.08
N VAL B 4 9.47 17.42 -14.47
CA VAL B 4 10.81 16.86 -14.30
C VAL B 4 11.30 17.00 -12.86
N THR B 5 10.86 18.06 -12.17
CA THR B 5 11.23 18.36 -10.79
C THR B 5 10.75 17.27 -9.81
N GLU B 6 9.70 16.52 -10.18
CA GLU B 6 9.16 15.44 -9.35
C GLU B 6 10.08 14.22 -9.51
N LEU B 7 9.84 13.17 -8.73
CA LEU B 7 10.57 11.91 -8.77
C LEU B 7 10.12 11.15 -10.02
N THR B 8 10.63 9.93 -10.24
CA THR B 8 10.21 9.17 -11.41
C THR B 8 10.42 7.66 -11.21
N VAL B 9 9.51 6.86 -11.76
CA VAL B 9 9.59 5.40 -11.70
C VAL B 9 10.85 4.93 -12.42
N GLU B 10 11.34 3.77 -11.99
CA GLU B 10 12.53 3.09 -12.49
C GLU B 10 12.23 2.40 -13.82
N ASP B 11 11.64 3.14 -14.77
CA ASP B 11 11.28 2.64 -16.08
C ASP B 11 12.50 2.55 -16.99
N SER B 12 13.23 1.44 -16.87
CA SER B 12 14.42 1.16 -17.65
C SER B 12 14.21 -0.08 -18.55
N GLY B 13 13.19 -0.03 -19.43
CA GLY B 13 12.84 -1.10 -20.38
C GLY B 13 12.70 -2.51 -19.80
N GLU B 14 12.21 -2.64 -18.58
CA GLU B 14 12.03 -3.90 -17.87
C GLU B 14 10.83 -4.70 -18.41
N SER B 15 10.65 -5.91 -17.88
CA SER B 15 9.59 -6.87 -18.16
C SER B 15 8.77 -7.02 -16.88
N LEU B 16 7.45 -7.10 -17.04
CA LEU B 16 6.50 -7.22 -15.94
C LEU B 16 6.78 -8.44 -15.08
N GLU B 17 7.07 -9.56 -15.74
CA GLU B 17 7.35 -10.81 -15.04
C GLU B 17 8.57 -10.65 -14.14
N ASP B 18 9.56 -9.86 -14.56
CA ASP B 18 10.77 -9.61 -13.78
C ASP B 18 10.40 -8.82 -12.53
N LEU B 19 9.65 -7.72 -12.72
CA LEU B 19 9.19 -6.83 -11.67
C LEU B 19 8.43 -7.60 -10.61
N MET B 20 7.32 -8.24 -10.98
CA MET B 20 6.51 -9.00 -10.03
C MET B 20 7.31 -10.16 -9.41
N ALA B 21 8.27 -10.74 -10.13
CA ALA B 21 9.08 -11.82 -9.61
C ALA B 21 9.97 -11.30 -8.49
N LYS B 22 10.65 -10.16 -8.68
CA LYS B 22 11.49 -9.64 -7.60
C LYS B 22 10.60 -9.21 -6.45
N MET B 23 9.39 -8.67 -6.72
CA MET B 23 8.49 -8.24 -5.67
C MET B 23 8.17 -9.37 -4.70
N LYS B 24 7.65 -10.51 -5.20
CA LYS B 24 7.32 -11.64 -4.32
C LYS B 24 8.58 -12.24 -3.67
N ASN B 25 9.70 -12.29 -4.40
CA ASN B 25 10.96 -12.85 -3.89
C ASN B 25 11.60 -12.00 -2.77
N MET B 26 11.40 -10.68 -2.74
CA MET B 26 12.03 -9.80 -1.74
C MET B 26 11.78 -10.14 -0.27
N TRP B 27 10.64 -10.78 0.05
CA TRP B 27 10.23 -11.19 1.40
C TRP B 27 10.37 -10.02 2.37
N MET A 1 1.59 18.38 11.95
CA MET A 1 1.96 16.97 12.17
C MET A 1 1.53 16.01 11.05
N ALA A 2 0.37 16.19 10.39
CA ALA A 2 -0.11 15.25 9.37
C ALA A 2 0.31 15.56 7.93
N ASP A 3 0.12 16.80 7.48
CA ASP A 3 0.43 17.21 6.10
C ASP A 3 1.89 17.00 5.75
N GLU A 4 2.77 17.19 6.74
CA GLU A 4 4.21 17.01 6.57
C GLU A 4 4.57 15.54 6.36
N ALA A 5 3.81 14.63 6.96
CA ALA A 5 4.03 13.19 6.80
C ALA A 5 3.64 12.84 5.36
N THR A 6 2.45 13.26 4.94
CA THR A 6 1.93 13.03 3.60
C THR A 6 2.91 13.56 2.55
N ARG A 7 3.35 14.82 2.69
CA ARG A 7 4.27 15.41 1.72
C ARG A 7 5.59 14.63 1.67
N ARG A 8 6.18 14.23 2.81
CA ARG A 8 7.43 13.47 2.81
C ARG A 8 7.26 12.20 1.99
N VAL A 9 6.17 11.48 2.25
CA VAL A 9 5.91 10.23 1.56
C VAL A 9 5.89 10.45 0.05
N VAL A 10 5.12 11.42 -0.47
CA VAL A 10 5.11 11.62 -1.92
C VAL A 10 6.46 12.20 -2.40
N SER A 11 7.15 12.97 -1.55
CA SER A 11 8.44 13.57 -1.84
C SER A 11 9.51 12.47 -1.97
N GLU A 12 9.33 11.27 -1.42
CA GLU A 12 10.30 10.19 -1.56
C GLU A 12 9.86 9.09 -2.54
N ILE A 13 8.55 8.88 -2.70
CA ILE A 13 7.99 7.86 -3.58
C ILE A 13 8.05 8.34 -5.03
N PRO A 14 8.61 7.55 -5.95
CA PRO A 14 8.70 7.94 -7.35
C PRO A 14 7.32 7.88 -8.02
N VAL A 15 6.99 8.90 -8.82
CA VAL A 15 5.69 8.95 -9.49
C VAL A 15 5.71 8.11 -10.78
N LEU A 16 4.52 7.72 -11.20
CA LEU A 16 4.22 6.91 -12.36
C LEU A 16 3.78 7.82 -13.52
N LYS A 17 3.36 7.22 -14.64
CA LYS A 17 2.92 7.97 -15.82
C LYS A 17 1.45 7.63 -16.14
N THR A 18 1.21 6.37 -16.49
CA THR A 18 -0.09 5.81 -16.87
C THR A 18 -1.03 5.60 -15.68
N ASN A 19 -2.35 5.62 -15.93
CA ASN A 19 -3.42 5.38 -14.95
C ASN A 19 -4.51 4.43 -15.50
N ALA A 20 -4.19 3.58 -16.49
CA ALA A 20 -5.13 2.65 -17.13
C ALA A 20 -5.71 1.59 -16.18
N GLY A 21 -6.73 0.86 -16.65
CA GLY A 21 -7.40 -0.18 -15.88
C GLY A 21 -6.98 -1.59 -16.29
N PRO A 22 -7.34 -2.62 -15.50
CA PRO A 22 -6.99 -4.00 -15.76
C PRO A 22 -7.75 -4.68 -16.90
N ARG A 23 -8.84 -4.05 -17.36
CA ARG A 23 -9.68 -4.54 -18.44
C ARG A 23 -8.91 -4.78 -19.71
N ASP A 24 -7.99 -3.88 -20.05
CA ASP A 24 -7.18 -3.96 -21.26
C ASP A 24 -5.83 -4.58 -20.94
N ARG A 25 -5.63 -5.85 -21.30
CA ARG A 25 -4.41 -6.63 -21.10
C ARG A 25 -3.11 -5.82 -21.25
N GLU A 26 -2.90 -5.27 -22.43
CA GLU A 26 -1.75 -4.49 -22.83
C GLU A 26 -1.59 -3.21 -22.02
N LEU A 27 -2.67 -2.44 -21.92
CA LEU A 27 -2.67 -1.19 -21.16
C LEU A 27 -2.36 -1.46 -19.69
N TRP A 28 -2.89 -2.57 -19.17
CA TRP A 28 -2.69 -3.03 -17.82
C TRP A 28 -1.22 -3.31 -17.62
N VAL A 29 -0.59 -4.15 -18.46
CA VAL A 29 0.83 -4.46 -18.32
C VAL A 29 1.60 -3.14 -18.21
N GLN A 30 1.33 -2.15 -19.05
CA GLN A 30 2.03 -0.87 -18.96
C GLN A 30 1.80 -0.20 -17.59
N ARG A 31 0.54 0.05 -17.22
CA ARG A 31 0.19 0.67 -15.94
C ARG A 31 0.85 -0.08 -14.78
N LEU A 32 0.61 -1.38 -14.71
CA LEU A 32 1.10 -2.33 -13.72
C LEU A 32 2.59 -2.26 -13.59
N LYS A 33 3.28 -2.18 -14.73
CA LYS A 33 4.73 -2.10 -14.80
C LYS A 33 5.23 -0.88 -14.05
N GLU A 34 4.68 0.30 -14.35
CA GLU A 34 5.20 1.48 -13.62
C GLU A 34 4.83 1.37 -12.13
N GLU A 35 3.67 0.76 -11.85
CA GLU A 35 3.15 0.53 -10.51
C GLU A 35 4.09 -0.35 -9.69
N TYR A 36 4.61 -1.43 -10.31
CA TYR A 36 5.53 -2.33 -9.68
C TYR A 36 6.83 -1.58 -9.44
N GLN A 37 7.43 -0.96 -10.45
CA GLN A 37 8.69 -0.23 -10.29
C GLN A 37 8.65 0.77 -9.14
N SER A 38 7.60 1.60 -9.10
CA SER A 38 7.47 2.59 -8.05
C SER A 38 7.35 1.92 -6.67
N LEU A 39 6.52 0.88 -6.56
CA LEU A 39 6.32 0.15 -5.32
C LEU A 39 7.62 -0.53 -4.89
N ILE A 40 8.25 -1.33 -5.77
CA ILE A 40 9.50 -2.05 -5.52
C ILE A 40 10.51 -1.03 -5.03
N ARG A 41 10.74 0.10 -5.71
CA ARG A 41 11.70 1.11 -5.26
C ARG A 41 11.34 1.54 -3.84
N TYR A 42 10.07 1.86 -3.57
CA TYR A 42 9.64 2.29 -2.24
C TYR A 42 9.98 1.21 -1.20
N VAL A 43 9.55 -0.05 -1.36
CA VAL A 43 9.86 -1.08 -0.37
C VAL A 43 11.37 -1.31 -0.28
N GLU A 44 12.07 -1.38 -1.40
CA GLU A 44 13.53 -1.59 -1.44
C GLU A 44 14.21 -0.54 -0.56
N ASN A 45 13.94 0.76 -0.79
CA ASN A 45 14.51 1.86 -0.02
C ASN A 45 14.14 1.75 1.45
N ASN A 46 12.86 1.56 1.72
CA ASN A 46 12.29 1.44 3.06
C ASN A 46 12.93 0.30 3.85
N LYS A 47 13.03 -0.90 3.25
CA LYS A 47 13.63 -2.09 3.84
C LYS A 47 15.12 -1.88 4.04
N ASN A 48 15.82 -1.29 3.06
CA ASN A 48 17.26 -1.06 3.20
C ASN A 48 17.53 -0.16 4.39
N ALA A 49 16.63 0.79 4.67
CA ALA A 49 16.71 1.74 5.78
C ALA A 49 16.17 1.11 7.08
N ASP A 50 15.98 -0.21 7.12
CA ASP A 50 15.48 -0.99 8.26
C ASP A 50 14.18 -0.39 8.83
N ASN A 51 13.34 0.13 7.93
CA ASN A 51 12.05 0.74 8.25
C ASN A 51 10.90 -0.17 7.76
N ASP A 52 11.18 -1.45 7.52
CA ASP A 52 10.23 -2.47 7.07
C ASP A 52 9.07 -2.60 8.04
N TRP A 53 7.87 -2.23 7.59
CA TRP A 53 6.62 -2.30 8.34
C TRP A 53 5.54 -3.11 7.60
N PHE A 54 5.64 -3.24 6.28
CA PHE A 54 4.72 -3.95 5.40
C PHE A 54 5.45 -4.77 4.33
N ARG A 55 4.73 -5.66 3.66
CA ARG A 55 5.14 -6.54 2.56
C ARG A 55 3.93 -6.67 1.66
N LEU A 56 4.11 -6.65 0.33
CA LEU A 56 3.01 -6.81 -0.62
C LEU A 56 3.52 -7.49 -1.89
N GLU A 57 3.03 -8.69 -2.21
CA GLU A 57 3.36 -9.50 -3.39
C GLU A 57 2.05 -9.72 -4.19
N SER A 58 2.12 -10.16 -5.45
CA SER A 58 0.92 -10.35 -6.28
C SER A 58 1.09 -11.53 -7.26
N ASN A 59 0.00 -11.95 -7.93
CA ASN A 59 0.04 -13.03 -8.91
C ASN A 59 0.49 -12.45 -10.25
N LYS A 60 0.71 -13.31 -11.25
CA LYS A 60 1.16 -12.91 -12.60
C LYS A 60 0.25 -11.97 -13.35
N GLU A 61 -1.02 -11.88 -12.97
CA GLU A 61 -1.98 -10.98 -13.62
C GLU A 61 -2.05 -9.61 -12.94
N GLY A 62 -1.63 -9.51 -11.69
CA GLY A 62 -1.65 -8.27 -10.92
C GLY A 62 -3.08 -7.82 -10.61
N THR A 63 -4.08 -8.71 -10.59
CA THR A 63 -5.45 -8.31 -10.27
C THR A 63 -5.69 -8.42 -8.76
N ARG A 64 -5.08 -9.41 -8.09
CA ARG A 64 -5.21 -9.62 -6.64
C ARG A 64 -3.83 -9.39 -6.05
N TRP A 65 -3.77 -8.62 -4.97
CA TRP A 65 -2.56 -8.26 -4.26
C TRP A 65 -2.72 -8.65 -2.81
N PHE A 66 -1.65 -9.13 -2.17
CA PHE A 66 -1.69 -9.53 -0.77
C PHE A 66 -0.32 -9.43 -0.14
N GLY A 67 -0.24 -9.58 1.17
CA GLY A 67 1.00 -9.48 1.90
C GLY A 67 0.73 -9.47 3.39
N LYS A 68 1.60 -8.82 4.16
CA LYS A 68 1.49 -8.73 5.61
C LYS A 68 2.09 -7.42 6.10
N CYS A 69 1.84 -7.09 7.36
CA CYS A 69 2.34 -5.91 8.04
C CYS A 69 2.65 -6.30 9.47
N TRP A 70 3.65 -5.64 10.08
CA TRP A 70 4.11 -5.89 11.44
C TRP A 70 4.39 -4.58 12.15
N TYR A 71 4.14 -4.52 13.46
CA TYR A 71 4.37 -3.32 14.24
C TYR A 71 4.87 -3.73 15.62
N ILE A 72 5.73 -2.92 16.24
CA ILE A 72 6.32 -3.19 17.55
C ILE A 72 6.14 -2.01 18.50
N HIS A 73 5.42 -2.22 19.59
CA HIS A 73 5.19 -1.22 20.61
C HIS A 73 5.25 -1.89 21.97
N ASP A 74 5.72 -1.16 22.98
CA ASP A 74 5.86 -1.61 24.37
C ASP A 74 6.57 -2.97 24.48
N LEU A 75 7.52 -3.21 23.56
CA LEU A 75 8.36 -4.40 23.38
C LEU A 75 7.58 -5.60 22.82
N LEU A 76 6.30 -5.44 22.48
CA LEU A 76 5.44 -6.48 21.93
C LEU A 76 5.45 -6.30 20.43
N LYS A 77 5.30 -7.41 19.72
CA LYS A 77 5.31 -7.50 18.26
C LYS A 77 3.97 -8.05 17.76
N TYR A 78 3.29 -7.33 16.87
CA TYR A 78 2.00 -7.78 16.29
C TYR A 78 2.20 -7.98 14.79
N GLU A 79 1.35 -8.80 14.19
CA GLU A 79 1.36 -9.15 12.76
C GLU A 79 -0.07 -9.18 12.23
N PHE A 80 -0.26 -8.67 11.01
CA PHE A 80 -1.54 -8.63 10.31
C PHE A 80 -1.38 -9.00 8.84
N ASP A 81 -2.44 -9.54 8.25
CA ASP A 81 -2.53 -9.97 6.85
C ASP A 81 -3.24 -8.90 6.04
N ILE A 82 -2.88 -8.71 4.77
CA ILE A 82 -3.53 -7.74 3.89
C ILE A 82 -3.80 -8.48 2.59
N GLU A 83 -5.00 -8.31 2.05
CA GLU A 83 -5.40 -8.95 0.81
C GLU A 83 -6.51 -8.14 0.18
N PHE A 84 -6.29 -7.63 -1.03
CA PHE A 84 -7.26 -6.85 -1.77
C PHE A 84 -7.22 -7.19 -3.26
N ASP A 85 -8.23 -6.73 -3.99
CA ASP A 85 -8.35 -6.94 -5.43
C ASP A 85 -8.70 -5.62 -6.08
N ILE A 86 -8.17 -5.38 -7.28
CA ILE A 86 -8.41 -4.16 -8.04
C ILE A 86 -9.67 -4.32 -8.88
N PRO A 87 -10.66 -3.41 -8.78
CA PRO A 87 -11.88 -3.50 -9.58
C PRO A 87 -11.57 -3.28 -11.05
N ILE A 88 -12.38 -3.86 -11.95
CA ILE A 88 -12.18 -3.72 -13.40
C ILE A 88 -12.30 -2.24 -13.80
N THR A 89 -13.18 -1.51 -13.14
CA THR A 89 -13.48 -0.11 -13.34
C THR A 89 -12.32 0.78 -12.89
N TYR A 90 -11.68 0.46 -11.75
CA TYR A 90 -10.57 1.22 -11.13
C TYR A 90 -10.86 2.73 -11.22
N PRO A 91 -11.89 3.22 -10.52
CA PRO A 91 -12.31 4.63 -10.52
C PRO A 91 -11.31 5.57 -9.85
N THR A 92 -11.57 6.87 -9.93
CA THR A 92 -10.77 7.92 -9.32
C THR A 92 -10.64 7.66 -7.80
N THR A 93 -11.63 6.99 -7.22
CA THR A 93 -11.69 6.64 -5.81
C THR A 93 -10.70 5.52 -5.53
N ALA A 94 -9.90 5.71 -4.48
CA ALA A 94 -8.90 4.75 -4.05
C ALA A 94 -9.50 3.36 -3.80
N PRO A 95 -8.76 2.27 -4.08
CA PRO A 95 -9.24 0.92 -3.85
C PRO A 95 -9.23 0.66 -2.34
N GLU A 96 -10.08 -0.24 -1.91
CA GLU A 96 -10.28 -0.63 -0.53
C GLU A 96 -9.46 -1.86 -0.13
N ILE A 97 -8.48 -1.68 0.76
CA ILE A 97 -7.64 -2.78 1.24
C ILE A 97 -8.44 -3.49 2.33
N ALA A 98 -8.32 -4.82 2.46
CA ALA A 98 -8.99 -5.59 3.49
C ALA A 98 -7.90 -6.29 4.31
N VAL A 99 -8.21 -6.59 5.56
CA VAL A 99 -7.31 -7.24 6.51
C VAL A 99 -8.14 -8.39 7.13
N PRO A 100 -7.93 -9.67 6.74
CA PRO A 100 -8.68 -10.77 7.30
C PRO A 100 -8.35 -11.04 8.77
N GLU A 101 -7.10 -10.82 9.18
CA GLU A 101 -6.62 -11.04 10.56
C GLU A 101 -7.39 -10.18 11.58
N LEU A 102 -7.91 -9.03 11.14
CA LEU A 102 -8.67 -8.10 11.96
C LEU A 102 -10.18 -8.13 11.67
N ASP A 103 -10.65 -9.01 10.79
CA ASP A 103 -12.08 -9.12 10.43
C ASP A 103 -12.93 -9.39 11.67
N GLY A 104 -13.71 -8.41 12.13
CA GLY A 104 -14.56 -8.54 13.31
C GLY A 104 -13.90 -8.03 14.60
N LYS A 105 -12.58 -7.76 14.59
CA LYS A 105 -11.89 -7.25 15.79
C LYS A 105 -12.49 -5.90 16.18
N THR A 106 -12.90 -5.10 15.19
CA THR A 106 -13.54 -3.81 15.37
C THR A 106 -14.98 -3.95 14.83
N ALA A 107 -15.80 -2.91 14.97
CA ALA A 107 -17.17 -2.91 14.49
C ALA A 107 -17.21 -3.27 13.00
N LYS A 108 -18.26 -3.97 12.57
CA LYS A 108 -18.38 -4.36 11.17
C LYS A 108 -18.77 -3.11 10.40
N MET A 109 -17.79 -2.49 9.75
CA MET A 109 -17.99 -1.28 8.97
C MET A 109 -18.76 -1.68 7.70
N TYR A 110 -19.39 -0.69 7.05
CA TYR A 110 -20.13 -0.96 5.84
C TYR A 110 -19.19 -1.36 4.70
N ARG A 111 -19.78 -1.98 3.67
CA ARG A 111 -19.05 -2.42 2.49
C ARG A 111 -18.54 -1.18 1.77
N GLY A 112 -17.22 -0.99 1.76
CA GLY A 112 -16.58 0.14 1.13
C GLY A 112 -15.75 0.92 2.14
N GLY A 113 -14.47 0.59 2.23
CA GLY A 113 -13.51 1.25 3.11
C GLY A 113 -13.55 0.85 4.57
N LYS A 114 -13.66 -0.45 4.88
CA LYS A 114 -13.69 -0.90 6.27
C LYS A 114 -12.44 -0.45 7.04
N ILE A 115 -11.30 -0.33 6.36
CA ILE A 115 -10.03 0.14 6.95
C ILE A 115 -9.42 1.28 6.11
N CYS A 116 -10.11 1.72 5.06
CA CYS A 116 -9.67 2.81 4.21
C CYS A 116 -10.07 4.07 4.96
N LEU A 117 -9.15 4.61 5.77
CA LEU A 117 -9.41 5.83 6.53
C LEU A 117 -9.86 6.92 5.54
N THR A 118 -10.68 7.85 6.00
CA THR A 118 -11.18 8.92 5.14
C THR A 118 -10.91 10.31 5.68
N ASP A 119 -10.69 10.47 6.99
CA ASP A 119 -10.42 11.73 7.69
C ASP A 119 -9.57 12.71 6.88
N HIS A 120 -8.37 12.28 6.49
CA HIS A 120 -7.47 13.11 5.68
C HIS A 120 -7.16 12.48 4.33
N PHE A 121 -7.24 11.14 4.25
CA PHE A 121 -6.95 10.43 3.02
C PHE A 121 -8.01 10.66 1.94
N LYS A 122 -9.31 10.74 2.26
CA LYS A 122 -10.34 10.97 1.23
C LYS A 122 -10.10 12.30 0.52
N PRO A 123 -10.00 13.45 1.21
CA PRO A 123 -9.77 14.72 0.53
C PRO A 123 -8.41 14.72 -0.17
N LEU A 124 -7.36 14.18 0.45
CA LEU A 124 -6.01 14.10 -0.13
C LEU A 124 -6.06 13.37 -1.46
N TRP A 125 -6.59 12.15 -1.46
CA TRP A 125 -6.64 11.33 -2.66
C TRP A 125 -7.53 11.98 -3.71
N ALA A 126 -8.77 12.32 -3.37
CA ALA A 126 -9.69 12.93 -4.31
C ALA A 126 -9.11 14.22 -4.94
N ARG A 127 -8.49 15.10 -4.15
CA ARG A 127 -7.93 16.35 -4.68
C ARG A 127 -6.75 16.09 -5.61
N ASN A 128 -5.88 15.13 -5.27
CA ASN A 128 -4.71 14.80 -6.09
C ASN A 128 -4.60 13.31 -6.42
N VAL A 129 -5.02 12.94 -7.63
CA VAL A 129 -4.99 11.57 -8.14
C VAL A 129 -4.67 11.59 -9.66
N PRO A 130 -3.56 12.20 -10.08
CA PRO A 130 -3.17 12.25 -11.49
C PRO A 130 -2.61 10.91 -11.96
N LYS A 131 -1.67 10.33 -11.20
CA LYS A 131 -1.01 9.06 -11.50
C LYS A 131 -0.83 8.15 -10.27
N PHE A 132 -1.36 8.52 -9.10
CA PHE A 132 -1.24 7.76 -7.84
C PHE A 132 -1.54 6.28 -8.10
N GLY A 133 -0.77 5.40 -7.46
CA GLY A 133 -0.90 3.95 -7.56
C GLY A 133 -0.94 3.33 -6.17
N LEU A 134 -0.86 2.01 -6.10
CA LEU A 134 -0.91 1.31 -4.82
C LEU A 134 0.20 1.69 -3.84
N ALA A 135 1.40 2.09 -4.30
CA ALA A 135 2.45 2.50 -3.36
C ALA A 135 1.96 3.70 -2.55
N HIS A 136 1.36 4.68 -3.24
CA HIS A 136 0.81 5.89 -2.62
C HIS A 136 -0.31 5.49 -1.66
N LEU A 137 -1.18 4.55 -2.08
CA LEU A 137 -2.28 4.07 -1.25
C LEU A 137 -1.75 3.43 0.03
N MET A 138 -0.71 2.60 -0.07
CA MET A 138 -0.14 1.94 1.09
C MET A 138 0.50 2.95 2.04
N ALA A 139 1.40 3.78 1.53
CA ALA A 139 2.09 4.77 2.33
C ALA A 139 1.22 5.91 2.88
N LEU A 140 0.10 6.26 2.22
CA LEU A 140 -0.79 7.34 2.67
C LEU A 140 -2.13 6.82 3.18
N GLY A 141 -2.37 5.52 3.15
CA GLY A 141 -3.61 4.91 3.59
C GLY A 141 -3.35 3.84 4.63
N LEU A 142 -2.68 2.76 4.25
CA LEU A 142 -2.38 1.65 5.15
C LEU A 142 -1.47 2.10 6.31
N GLY A 143 -0.43 2.91 5.99
CA GLY A 143 0.55 3.42 6.94
C GLY A 143 -0.07 4.26 8.04
N PRO A 144 -0.77 5.38 7.72
CA PRO A 144 -1.39 6.22 8.74
C PRO A 144 -2.46 5.43 9.50
N TRP A 145 -3.29 4.63 8.82
CA TRP A 145 -4.33 3.82 9.46
C TRP A 145 -3.70 2.98 10.59
N LEU A 146 -2.64 2.22 10.31
CA LEU A 146 -1.98 1.41 11.33
C LEU A 146 -1.37 2.30 12.42
N ALA A 147 -0.75 3.42 12.04
CA ALA A 147 -0.14 4.32 13.00
C ALA A 147 -1.16 4.91 13.99
N VAL A 148 -2.44 5.02 13.63
CA VAL A 148 -3.46 5.53 14.54
C VAL A 148 -4.20 4.40 15.25
N GLU A 149 -4.36 3.24 14.62
CA GLU A 149 -5.06 2.10 15.21
C GLU A 149 -4.20 1.38 16.23
N ILE A 150 -2.88 1.20 16.02
CA ILE A 150 -2.03 0.50 16.99
C ILE A 150 -2.17 1.13 18.40
N PRO A 151 -1.91 2.43 18.61
CA PRO A 151 -2.02 3.02 19.95
C PRO A 151 -3.43 2.89 20.51
N ASP A 152 -4.45 3.10 19.68
CA ASP A 152 -5.84 3.02 20.14
C ASP A 152 -6.24 1.60 20.55
N LEU A 153 -5.96 0.59 19.72
CA LEU A 153 -6.31 -0.79 20.01
C LEU A 153 -5.54 -1.29 21.25
N ILE A 154 -4.33 -0.78 21.49
CA ILE A 154 -3.52 -1.15 22.65
C ILE A 154 -4.21 -0.60 23.89
N GLN A 155 -4.51 0.70 23.94
CA GLN A 155 -5.15 1.31 25.10
C GLN A 155 -6.56 0.76 25.31
N LYS A 156 -7.31 0.49 24.23
CA LYS A 156 -8.66 -0.03 24.32
C LYS A 156 -8.68 -1.50 24.71
N GLY A 157 -7.60 -2.24 24.47
CA GLY A 157 -7.51 -3.64 24.84
C GLY A 157 -8.24 -4.49 23.82
N VAL A 158 -7.76 -4.49 22.57
CA VAL A 158 -8.35 -5.27 21.49
C VAL A 158 -7.31 -6.18 20.81
N ILE A 159 -6.00 -5.86 20.84
CA ILE A 159 -4.94 -6.67 20.23
C ILE A 159 -4.18 -7.40 21.35
N GLN A 160 -3.63 -8.57 21.03
CA GLN A 160 -2.83 -9.42 21.89
C GLN A 160 -1.53 -9.73 21.11
N HIS A 161 -0.43 -10.04 21.79
CA HIS A 161 0.83 -10.32 21.12
C HIS A 161 0.71 -11.72 20.53
N LYS A 162 0.55 -11.71 19.21
CA LYS A 162 0.36 -12.87 18.36
C LYS A 162 1.66 -13.64 18.13
N GLU A 163 2.79 -12.93 17.96
CA GLU A 163 4.09 -13.54 17.70
C GLU A 163 4.45 -14.62 18.72
N LYS A 164 4.23 -14.36 20.02
CA LYS A 164 4.53 -15.33 21.09
C LYS A 164 3.39 -16.31 21.34
N CYS A 165 2.21 -16.08 20.75
CA CYS A 165 1.04 -16.93 20.88
C CYS A 165 1.37 -18.22 20.13
N ASN A 166 1.64 -18.10 18.83
CA ASN A 166 2.01 -19.25 18.00
C ASN A 166 3.50 -19.59 18.15
N GLN A 167 4.33 -18.61 18.49
CA GLN A 167 5.78 -18.70 18.69
C GLN A 167 6.46 -19.26 17.44
N GLY B 1 6.85 17.17 -23.16
CA GLY B 1 5.89 16.46 -22.31
C GLY B 1 6.53 16.07 -21.00
N MET B 2 5.80 15.30 -20.19
CA MET B 2 6.20 14.82 -18.86
C MET B 2 6.52 15.98 -17.92
N SER B 3 7.03 15.67 -16.73
CA SER B 3 7.38 16.65 -15.70
C SER B 3 8.82 16.40 -15.30
N VAL B 4 9.52 17.41 -14.78
CA VAL B 4 10.93 17.25 -14.39
C VAL B 4 11.24 17.58 -12.94
N THR B 5 10.47 18.42 -12.26
CA THR B 5 10.77 18.73 -10.86
C THR B 5 10.44 17.53 -9.96
N GLU B 6 9.34 16.87 -10.29
CA GLU B 6 8.80 15.70 -9.61
C GLU B 6 9.68 14.47 -9.81
N LEU B 7 9.60 13.51 -8.89
CA LEU B 7 10.33 12.24 -8.95
C LEU B 7 9.76 11.42 -10.11
N THR B 8 10.30 10.24 -10.42
CA THR B 8 9.80 9.38 -11.49
C THR B 8 10.30 7.95 -11.24
N VAL B 9 9.48 6.99 -11.69
CA VAL B 9 9.66 5.56 -11.64
C VAL B 9 11.05 5.15 -12.14
N GLU B 10 11.48 3.99 -11.62
CA GLU B 10 12.74 3.30 -11.86
C GLU B 10 12.74 2.57 -13.21
N ASP B 11 12.09 3.19 -14.19
CA ASP B 11 11.93 2.71 -15.56
C ASP B 11 13.27 2.43 -16.21
N SER B 12 13.62 1.14 -16.35
CA SER B 12 14.84 0.70 -16.98
C SER B 12 14.53 -0.41 -17.98
N GLY B 13 13.55 -0.21 -18.87
CA GLY B 13 13.20 -1.24 -19.86
C GLY B 13 12.84 -2.60 -19.24
N GLU B 14 12.51 -2.64 -17.95
CA GLU B 14 12.13 -3.86 -17.24
C GLU B 14 10.80 -4.33 -17.82
N SER B 15 10.51 -5.61 -17.69
CA SER B 15 9.28 -6.22 -18.17
C SER B 15 8.50 -6.72 -16.95
N LEU B 16 7.18 -6.75 -17.06
CA LEU B 16 6.26 -7.17 -15.99
C LEU B 16 6.64 -8.46 -15.28
N GLU B 17 7.02 -9.50 -16.01
CA GLU B 17 7.38 -10.76 -15.41
C GLU B 17 8.58 -10.61 -14.48
N ASP B 18 9.59 -9.88 -14.95
CA ASP B 18 10.83 -9.62 -14.22
C ASP B 18 10.53 -8.80 -12.98
N LEU B 19 9.67 -7.77 -13.15
CA LEU B 19 9.22 -6.84 -12.13
C LEU B 19 8.56 -7.63 -10.99
N MET B 20 7.41 -8.29 -11.23
CA MET B 20 6.73 -9.08 -10.22
C MET B 20 7.59 -10.22 -9.65
N ALA B 21 8.52 -10.79 -10.44
CA ALA B 21 9.40 -11.85 -9.95
C ALA B 21 10.32 -11.29 -8.87
N LYS B 22 11.03 -10.18 -9.16
CA LYS B 22 11.92 -9.63 -8.13
C LYS B 22 11.12 -9.20 -6.92
N MET B 23 9.89 -8.71 -7.14
CA MET B 23 9.05 -8.25 -6.05
C MET B 23 8.72 -9.38 -5.06
N LYS B 24 8.12 -10.48 -5.51
CA LYS B 24 7.76 -11.58 -4.61
C LYS B 24 8.98 -12.24 -3.98
N ASN B 25 10.08 -12.30 -4.73
CA ASN B 25 11.32 -12.89 -4.27
C ASN B 25 12.01 -12.00 -3.23
N MET B 26 11.76 -10.69 -3.21
CA MET B 26 12.39 -9.74 -2.30
C MET B 26 12.33 -10.12 -0.81
N TRP B 27 11.21 -10.68 -0.34
CA TRP B 27 10.92 -11.13 1.02
C TRP B 27 9.41 -11.20 1.19
N MET A 1 2.39 17.88 11.46
CA MET A 1 2.29 16.50 11.97
C MET A 1 1.97 15.52 10.86
N ALA A 2 0.77 15.56 10.27
CA ALA A 2 0.38 14.63 9.21
C ALA A 2 0.72 15.18 7.83
N ASP A 3 0.48 16.48 7.60
CA ASP A 3 0.76 17.10 6.30
C ASP A 3 2.23 16.95 5.93
N GLU A 4 3.13 17.08 6.92
CA GLU A 4 4.57 16.96 6.75
C GLU A 4 4.95 15.53 6.31
N ALA A 5 4.30 14.50 6.85
CA ALA A 5 4.56 13.11 6.52
C ALA A 5 3.99 12.82 5.12
N THR A 6 2.80 13.34 4.81
CA THR A 6 2.19 13.14 3.51
C THR A 6 3.12 13.72 2.44
N ARG A 7 3.57 14.99 2.60
CA ARG A 7 4.48 15.57 1.62
C ARG A 7 5.80 14.81 1.58
N ARG A 8 6.30 14.32 2.72
CA ARG A 8 7.55 13.58 2.80
C ARG A 8 7.48 12.34 1.93
N VAL A 9 6.51 11.47 2.20
CA VAL A 9 6.41 10.24 1.46
C VAL A 9 6.13 10.50 -0.03
N VAL A 10 5.25 11.43 -0.41
CA VAL A 10 5.01 11.68 -1.84
C VAL A 10 6.29 12.26 -2.47
N SER A 11 7.12 12.96 -1.68
CA SER A 11 8.38 13.53 -2.15
C SER A 11 9.39 12.41 -2.36
N GLU A 12 9.33 11.29 -1.64
CA GLU A 12 10.28 10.20 -1.83
C GLU A 12 9.80 9.11 -2.81
N ILE A 13 8.49 8.91 -2.96
CA ILE A 13 7.92 7.88 -3.83
C ILE A 13 8.05 8.26 -5.32
N PRO A 14 8.77 7.47 -6.14
CA PRO A 14 8.92 7.73 -7.57
C PRO A 14 7.53 7.62 -8.19
N VAL A 15 7.19 8.57 -9.08
CA VAL A 15 5.86 8.63 -9.68
C VAL A 15 5.71 8.12 -11.12
N LEU A 16 4.53 7.54 -11.35
CA LEU A 16 4.04 6.95 -12.60
C LEU A 16 3.47 8.06 -13.50
N LYS A 17 2.92 7.66 -14.65
CA LYS A 17 2.27 8.46 -15.68
C LYS A 17 1.08 7.71 -16.29
N THR A 18 1.11 6.37 -16.37
CA THR A 18 0.01 5.58 -16.93
C THR A 18 -1.13 5.50 -15.90
N ASN A 19 -2.40 5.42 -16.33
CA ASN A 19 -3.59 5.35 -15.46
C ASN A 19 -4.61 4.27 -15.88
N ALA A 20 -4.18 3.37 -16.76
CA ALA A 20 -5.01 2.31 -17.31
C ALA A 20 -5.59 1.34 -16.27
N GLY A 21 -6.59 0.59 -16.70
CA GLY A 21 -7.28 -0.40 -15.90
C GLY A 21 -6.90 -1.81 -16.32
N PRO A 22 -7.23 -2.83 -15.52
CA PRO A 22 -6.91 -4.22 -15.81
C PRO A 22 -7.69 -4.80 -16.99
N ARG A 23 -8.73 -4.10 -17.43
CA ARG A 23 -9.58 -4.49 -18.54
C ARG A 23 -8.81 -4.75 -19.83
N ASP A 24 -7.79 -3.95 -20.14
CA ASP A 24 -7.03 -4.15 -21.38
C ASP A 24 -5.66 -4.73 -21.12
N ARG A 25 -5.32 -5.84 -21.79
CA ARG A 25 -4.07 -6.59 -21.71
C ARG A 25 -2.85 -5.68 -21.64
N GLU A 26 -2.47 -5.14 -22.79
CA GLU A 26 -1.33 -4.26 -23.01
C GLU A 26 -1.35 -3.02 -22.12
N LEU A 27 -2.51 -2.36 -22.04
CA LEU A 27 -2.64 -1.16 -21.24
C LEU A 27 -2.30 -1.46 -19.78
N TRP A 28 -2.75 -2.62 -19.31
CA TRP A 28 -2.52 -3.11 -17.97
C TRP A 28 -1.04 -3.39 -17.80
N VAL A 29 -0.40 -4.16 -18.70
CA VAL A 29 1.03 -4.47 -18.58
C VAL A 29 1.78 -3.16 -18.35
N GLN A 30 1.50 -2.13 -19.16
CA GLN A 30 2.19 -0.87 -19.01
C GLN A 30 1.98 -0.24 -17.62
N ARG A 31 0.73 0.01 -17.24
CA ARG A 31 0.41 0.60 -15.93
C ARG A 31 1.05 -0.21 -14.81
N LEU A 32 0.78 -1.51 -14.79
CA LEU A 32 1.28 -2.48 -13.82
C LEU A 32 2.80 -2.41 -13.70
N LYS A 33 3.49 -2.24 -14.82
CA LYS A 33 4.95 -2.09 -14.88
C LYS A 33 5.35 -0.86 -14.10
N GLU A 34 4.74 0.30 -14.36
CA GLU A 34 5.09 1.50 -13.62
C GLU A 34 4.78 1.32 -12.14
N GLU A 35 3.66 0.65 -11.82
CA GLU A 35 3.25 0.37 -10.44
C GLU A 35 4.35 -0.43 -9.74
N TYR A 36 4.88 -1.45 -10.42
CA TYR A 36 5.95 -2.29 -9.90
C TYR A 36 7.16 -1.43 -9.66
N GLN A 37 7.71 -0.79 -10.69
CA GLN A 37 8.90 0.05 -10.60
C GLN A 37 8.78 1.02 -9.42
N SER A 38 7.64 1.71 -9.32
CA SER A 38 7.33 2.68 -8.28
C SER A 38 7.39 2.07 -6.88
N LEU A 39 6.51 1.09 -6.63
CA LEU A 39 6.41 0.42 -5.33
C LEU A 39 7.70 -0.29 -4.96
N ILE A 40 8.28 -1.12 -5.83
CA ILE A 40 9.52 -1.86 -5.60
C ILE A 40 10.56 -0.87 -5.11
N ARG A 41 10.75 0.26 -5.79
CA ARG A 41 11.74 1.23 -5.35
C ARG A 41 11.43 1.71 -3.94
N TYR A 42 10.19 2.09 -3.65
CA TYR A 42 9.86 2.56 -2.31
C TYR A 42 10.10 1.48 -1.25
N VAL A 43 9.62 0.24 -1.45
CA VAL A 43 9.83 -0.85 -0.49
C VAL A 43 11.31 -1.18 -0.37
N GLU A 44 12.03 -1.18 -1.48
CA GLU A 44 13.47 -1.45 -1.49
C GLU A 44 14.14 -0.44 -0.55
N ASN A 45 13.86 0.85 -0.72
CA ASN A 45 14.43 1.91 0.08
C ASN A 45 14.06 1.77 1.56
N ASN A 46 12.76 1.68 1.82
CA ASN A 46 12.18 1.56 3.16
C ASN A 46 12.77 0.36 3.92
N LYS A 47 12.83 -0.81 3.29
CA LYS A 47 13.38 -2.02 3.90
C LYS A 47 14.88 -1.87 4.08
N ASN A 48 15.60 -1.25 3.12
CA ASN A 48 17.05 -1.07 3.26
C ASN A 48 17.33 -0.17 4.46
N ALA A 49 16.43 0.77 4.75
CA ALA A 49 16.50 1.70 5.87
C ALA A 49 15.98 1.03 7.16
N ASP A 50 15.79 -0.30 7.17
CA ASP A 50 15.34 -1.12 8.29
C ASP A 50 13.92 -0.75 8.78
N ASN A 51 13.15 -0.10 7.92
CA ASN A 51 11.79 0.31 8.23
C ASN A 51 10.80 -0.71 7.67
N ASP A 52 11.22 -1.97 7.54
CA ASP A 52 10.37 -3.02 7.04
C ASP A 52 9.12 -3.12 7.91
N TRP A 53 7.99 -2.70 7.36
CA TRP A 53 6.70 -2.68 8.04
C TRP A 53 5.62 -3.42 7.24
N PHE A 54 5.68 -3.41 5.91
CA PHE A 54 4.71 -4.08 5.04
C PHE A 54 5.37 -4.80 3.87
N ARG A 55 4.73 -5.86 3.36
CA ARG A 55 5.19 -6.67 2.23
C ARG A 55 3.97 -6.76 1.32
N LEU A 56 4.13 -6.56 0.01
CA LEU A 56 3.02 -6.63 -0.95
C LEU A 56 3.49 -7.29 -2.25
N GLU A 57 2.84 -8.39 -2.63
CA GLU A 57 3.12 -9.17 -3.83
C GLU A 57 1.79 -9.40 -4.58
N SER A 58 1.86 -9.87 -5.82
CA SER A 58 0.66 -10.13 -6.63
C SER A 58 0.86 -11.32 -7.57
N ASN A 59 -0.12 -11.61 -8.43
CA ASN A 59 -0.07 -12.71 -9.41
C ASN A 59 0.60 -12.24 -10.69
N LYS A 60 0.89 -13.17 -11.62
CA LYS A 60 1.50 -12.83 -12.91
C LYS A 60 0.57 -11.90 -13.70
N GLU A 61 -0.71 -11.88 -13.35
CA GLU A 61 -1.74 -11.07 -13.97
C GLU A 61 -1.91 -9.70 -13.26
N GLY A 62 -1.43 -9.56 -12.02
CA GLY A 62 -1.55 -8.33 -11.24
C GLY A 62 -3.00 -7.98 -10.90
N THR A 63 -3.95 -8.93 -11.03
CA THR A 63 -5.35 -8.68 -10.75
C THR A 63 -5.64 -8.70 -9.24
N ARG A 64 -5.02 -9.62 -8.47
CA ARG A 64 -5.19 -9.71 -7.02
C ARG A 64 -3.81 -9.48 -6.41
N TRP A 65 -3.81 -8.78 -5.29
CA TRP A 65 -2.65 -8.41 -4.51
C TRP A 65 -2.83 -8.89 -3.07
N PHE A 66 -1.75 -9.30 -2.43
CA PHE A 66 -1.75 -9.81 -1.06
C PHE A 66 -0.42 -9.49 -0.42
N GLY A 67 -0.34 -9.65 0.89
CA GLY A 67 0.86 -9.37 1.63
C GLY A 67 0.53 -9.35 3.11
N LYS A 68 1.42 -8.74 3.90
CA LYS A 68 1.27 -8.64 5.34
C LYS A 68 1.88 -7.33 5.83
N CYS A 69 1.54 -6.92 7.05
CA CYS A 69 2.06 -5.71 7.66
C CYS A 69 2.19 -5.93 9.16
N TRP A 70 3.30 -5.47 9.72
CA TRP A 70 3.69 -5.58 11.11
C TRP A 70 3.90 -4.19 11.72
N TYR A 71 3.93 -4.12 13.04
CA TYR A 71 4.13 -2.87 13.77
C TYR A 71 4.80 -3.16 15.11
N ILE A 72 5.54 -2.19 15.67
CA ILE A 72 6.23 -2.35 16.94
C ILE A 72 5.85 -1.21 17.88
N HIS A 73 5.33 -1.54 19.06
CA HIS A 73 4.93 -0.57 20.08
C HIS A 73 5.01 -1.24 21.44
N ASP A 74 5.34 -0.48 22.47
CA ASP A 74 5.49 -0.92 23.87
C ASP A 74 6.31 -2.21 24.01
N LEU A 75 7.37 -2.33 23.20
CA LEU A 75 8.32 -3.45 23.14
C LEU A 75 7.73 -4.74 22.56
N LEU A 76 6.51 -4.71 22.01
CA LEU A 76 5.81 -5.84 21.42
C LEU A 76 5.74 -5.67 19.91
N LYS A 77 5.71 -6.79 19.20
CA LYS A 77 5.65 -6.93 17.74
C LYS A 77 4.31 -7.48 17.30
N TYR A 78 3.60 -6.77 16.43
CA TYR A 78 2.30 -7.23 15.92
C TYR A 78 2.44 -7.57 14.45
N GLU A 79 1.49 -8.35 13.95
CA GLU A 79 1.41 -8.84 12.58
C GLU A 79 -0.05 -8.88 12.12
N PHE A 80 -0.31 -8.47 10.89
CA PHE A 80 -1.63 -8.48 10.26
C PHE A 80 -1.51 -8.90 8.79
N ASP A 81 -2.60 -9.34 8.18
CA ASP A 81 -2.68 -9.80 6.79
C ASP A 81 -3.35 -8.75 5.92
N ILE A 82 -3.11 -8.75 4.61
CA ILE A 82 -3.74 -7.82 3.68
C ILE A 82 -3.97 -8.53 2.36
N GLU A 83 -5.16 -8.41 1.76
CA GLU A 83 -5.49 -9.02 0.47
C GLU A 83 -6.58 -8.20 -0.19
N PHE A 84 -6.29 -7.60 -1.35
CA PHE A 84 -7.23 -6.80 -2.11
C PHE A 84 -7.06 -7.04 -3.60
N ASP A 85 -8.03 -6.59 -4.39
CA ASP A 85 -8.02 -6.73 -5.83
C ASP A 85 -8.44 -5.41 -6.46
N ILE A 86 -7.90 -5.13 -7.64
CA ILE A 86 -8.19 -3.89 -8.36
C ILE A 86 -9.47 -4.00 -9.19
N PRO A 87 -10.40 -3.03 -9.12
CA PRO A 87 -11.64 -3.05 -9.90
C PRO A 87 -11.38 -2.88 -11.39
N ILE A 88 -12.30 -3.39 -12.22
CA ILE A 88 -12.19 -3.29 -13.68
C ILE A 88 -12.19 -1.83 -14.14
N THR A 89 -12.98 -0.97 -13.48
CA THR A 89 -13.04 0.42 -13.89
C THR A 89 -11.87 1.23 -13.36
N TYR A 90 -11.37 0.92 -12.15
CA TYR A 90 -10.29 1.64 -11.48
C TYR A 90 -10.60 3.14 -11.54
N PRO A 91 -11.66 3.57 -10.83
CA PRO A 91 -12.11 4.94 -10.80
C PRO A 91 -11.15 5.87 -10.06
N THR A 92 -11.44 7.16 -10.13
CA THR A 92 -10.69 8.23 -9.48
C THR A 92 -10.70 7.98 -7.95
N THR A 93 -11.73 7.31 -7.45
CA THR A 93 -11.96 6.92 -6.07
C THR A 93 -10.99 5.79 -5.76
N ALA A 94 -10.28 5.91 -4.65
CA ALA A 94 -9.31 4.93 -4.20
C ALA A 94 -9.92 3.53 -3.98
N PRO A 95 -9.10 2.46 -4.12
CA PRO A 95 -9.52 1.09 -3.89
C PRO A 95 -9.63 0.92 -2.35
N GLU A 96 -10.04 -0.24 -1.84
CA GLU A 96 -10.19 -0.54 -0.42
C GLU A 96 -9.47 -1.83 0.01
N ILE A 97 -8.36 -1.73 0.76
CA ILE A 97 -7.62 -2.90 1.24
C ILE A 97 -8.51 -3.66 2.22
N ALA A 98 -8.41 -4.99 2.25
CA ALA A 98 -9.16 -5.83 3.16
C ALA A 98 -8.17 -6.56 4.05
N VAL A 99 -8.58 -6.80 5.30
CA VAL A 99 -7.80 -7.46 6.33
C VAL A 99 -8.69 -8.55 6.94
N PRO A 100 -8.47 -9.83 6.63
CA PRO A 100 -9.27 -10.93 7.18
C PRO A 100 -9.04 -11.11 8.69
N GLU A 101 -7.79 -10.93 9.14
CA GLU A 101 -7.35 -11.09 10.52
C GLU A 101 -8.06 -10.15 11.49
N LEU A 102 -8.53 -8.99 11.02
CA LEU A 102 -9.23 -8.00 11.85
C LEU A 102 -10.74 -8.01 11.69
N ASP A 103 -11.30 -8.80 10.77
CA ASP A 103 -12.74 -8.87 10.60
C ASP A 103 -13.28 -9.71 11.75
N GLY A 104 -13.94 -9.06 12.70
CA GLY A 104 -14.50 -9.69 13.89
C GLY A 104 -13.82 -9.18 15.15
N LYS A 105 -12.53 -8.81 15.09
CA LYS A 105 -11.79 -8.27 16.22
C LYS A 105 -12.55 -7.02 16.67
N THR A 106 -12.70 -6.09 15.72
CA THR A 106 -13.37 -4.83 15.92
C THR A 106 -14.87 -4.97 15.66
N ALA A 107 -15.60 -3.88 15.92
CA ALA A 107 -17.02 -3.79 15.69
C ALA A 107 -17.27 -4.03 14.20
N LYS A 108 -18.39 -4.67 13.83
CA LYS A 108 -18.67 -4.90 12.42
C LYS A 108 -19.02 -3.53 11.82
N MET A 109 -18.12 -2.97 11.03
CA MET A 109 -18.30 -1.67 10.39
C MET A 109 -19.16 -1.79 9.14
N TYR A 110 -19.65 -0.64 8.68
CA TYR A 110 -20.49 -0.50 7.50
C TYR A 110 -19.72 -0.92 6.24
N ARG A 111 -20.45 -1.19 5.16
CA ARG A 111 -19.83 -1.58 3.90
C ARG A 111 -19.23 -0.32 3.30
N GLY A 112 -17.91 -0.26 3.17
CA GLY A 112 -17.22 0.90 2.60
C GLY A 112 -15.99 1.25 3.42
N GLY A 113 -14.80 0.82 2.98
CA GLY A 113 -13.56 1.12 3.66
C GLY A 113 -13.51 0.62 5.09
N LYS A 114 -13.67 -0.69 5.32
CA LYS A 114 -13.67 -1.28 6.66
C LYS A 114 -12.39 -0.97 7.46
N ILE A 115 -11.26 -0.82 6.78
CA ILE A 115 -9.96 -0.48 7.40
C ILE A 115 -9.33 0.73 6.69
N CYS A 116 -9.77 1.02 5.47
CA CYS A 116 -9.32 2.14 4.65
C CYS A 116 -9.79 3.41 5.35
N LEU A 117 -8.96 4.02 6.19
CA LEU A 117 -9.34 5.25 6.88
C LEU A 117 -9.66 6.30 5.80
N THR A 118 -10.58 7.20 6.08
CA THR A 118 -10.97 8.25 5.14
C THR A 118 -10.77 9.64 5.75
N ASP A 119 -10.68 9.72 7.07
CA ASP A 119 -10.52 10.89 7.93
C ASP A 119 -9.66 11.98 7.27
N HIS A 120 -8.48 11.64 6.74
CA HIS A 120 -7.60 12.58 6.02
C HIS A 120 -7.33 12.07 4.58
N PHE A 121 -7.27 10.75 4.43
CA PHE A 121 -7.01 10.09 3.18
C PHE A 121 -8.03 10.41 2.07
N LYS A 122 -9.33 10.47 2.38
CA LYS A 122 -10.37 10.75 1.38
C LYS A 122 -10.17 12.13 0.73
N PRO A 123 -10.16 13.25 1.47
CA PRO A 123 -9.96 14.56 0.87
C PRO A 123 -8.59 14.63 0.19
N LEU A 124 -7.55 14.02 0.76
CA LEU A 124 -6.22 14.03 0.17
C LEU A 124 -6.25 13.37 -1.22
N TRP A 125 -6.77 12.14 -1.29
CA TRP A 125 -6.84 11.39 -2.55
C TRP A 125 -7.82 12.07 -3.52
N ALA A 126 -9.01 12.45 -3.07
CA ALA A 126 -10.02 13.11 -3.90
C ALA A 126 -9.59 14.47 -4.43
N ARG A 127 -8.68 15.20 -3.74
CA ARG A 127 -8.23 16.51 -4.22
C ARG A 127 -7.06 16.36 -5.18
N ASN A 128 -6.17 15.39 -4.94
CA ASN A 128 -5.03 15.16 -5.82
C ASN A 128 -4.88 13.67 -6.10
N VAL A 129 -5.10 13.28 -7.36
CA VAL A 129 -4.99 11.90 -7.85
C VAL A 129 -4.44 11.99 -9.29
N PRO A 130 -3.24 12.59 -9.47
CA PRO A 130 -2.67 12.76 -10.79
C PRO A 130 -2.23 11.44 -11.39
N LYS A 131 -1.34 10.77 -10.65
CA LYS A 131 -0.70 9.49 -10.95
C LYS A 131 -0.58 8.59 -9.71
N PHE A 132 -1.27 8.94 -8.61
CA PHE A 132 -1.24 8.18 -7.36
C PHE A 132 -1.61 6.72 -7.62
N GLY A 133 -0.68 5.84 -7.28
CA GLY A 133 -0.81 4.41 -7.44
C GLY A 133 -0.88 3.70 -6.09
N LEU A 134 -0.71 2.37 -6.07
CA LEU A 134 -0.79 1.62 -4.81
C LEU A 134 0.31 1.99 -3.80
N ALA A 135 1.51 2.40 -4.24
CA ALA A 135 2.56 2.80 -3.29
C ALA A 135 2.04 3.99 -2.47
N HIS A 136 1.43 4.95 -3.16
CA HIS A 136 0.86 6.15 -2.57
C HIS A 136 -0.29 5.76 -1.65
N LEU A 137 -1.16 4.86 -2.11
CA LEU A 137 -2.31 4.35 -1.38
C LEU A 137 -1.90 3.84 0.00
N MET A 138 -0.97 2.88 0.05
CA MET A 138 -0.49 2.29 1.29
C MET A 138 0.25 3.30 2.16
N ALA A 139 1.10 4.13 1.56
CA ALA A 139 1.87 5.13 2.30
C ALA A 139 1.02 6.23 2.93
N LEU A 140 -0.17 6.51 2.40
CA LEU A 140 -1.09 7.54 2.89
C LEU A 140 -2.38 6.94 3.45
N GLY A 141 -2.50 5.60 3.56
CA GLY A 141 -3.69 4.95 4.06
C GLY A 141 -3.38 3.81 5.04
N LEU A 142 -2.74 2.73 4.58
CA LEU A 142 -2.40 1.57 5.40
C LEU A 142 -1.47 1.99 6.55
N GLY A 143 -0.45 2.79 6.24
CA GLY A 143 0.52 3.30 7.21
C GLY A 143 -0.15 4.12 8.31
N PRO A 144 -0.83 5.23 7.99
CA PRO A 144 -1.48 6.05 9.01
C PRO A 144 -2.55 5.27 9.77
N TRP A 145 -3.34 4.43 9.09
CA TRP A 145 -4.37 3.62 9.75
C TRP A 145 -3.70 2.80 10.85
N LEU A 146 -2.65 2.04 10.53
CA LEU A 146 -1.96 1.24 11.55
C LEU A 146 -1.31 2.12 12.61
N ALA A 147 -0.69 3.22 12.20
CA ALA A 147 -0.01 4.13 13.12
C ALA A 147 -0.95 4.72 14.18
N VAL A 148 -2.24 4.86 13.88
CA VAL A 148 -3.22 5.41 14.80
C VAL A 148 -4.09 4.32 15.44
N GLU A 149 -4.35 3.20 14.75
CA GLU A 149 -5.19 2.14 15.32
C GLU A 149 -4.41 1.32 16.35
N ILE A 150 -3.10 1.10 16.20
CA ILE A 150 -2.34 0.31 17.17
C ILE A 150 -2.52 0.83 18.61
N PRO A 151 -2.25 2.10 18.96
CA PRO A 151 -2.41 2.56 20.33
C PRO A 151 -3.88 2.52 20.78
N ASP A 152 -4.82 2.82 19.88
CA ASP A 152 -6.26 2.83 20.16
C ASP A 152 -6.72 1.41 20.52
N LEU A 153 -6.34 0.42 19.72
CA LEU A 153 -6.72 -0.97 19.96
C LEU A 153 -6.04 -1.54 21.21
N ILE A 154 -4.85 -1.06 21.55
CA ILE A 154 -4.10 -1.49 22.73
C ILE A 154 -4.81 -0.97 23.98
N GLN A 155 -5.16 0.31 24.01
CA GLN A 155 -5.85 0.89 25.17
C GLN A 155 -7.22 0.22 25.31
N LYS A 156 -7.94 0.05 24.21
CA LYS A 156 -9.27 -0.56 24.24
C LYS A 156 -9.22 -2.03 24.62
N GLY A 157 -8.11 -2.70 24.33
CA GLY A 157 -7.87 -4.10 24.65
C GLY A 157 -8.56 -5.04 23.68
N VAL A 158 -8.21 -4.96 22.39
CA VAL A 158 -8.80 -5.82 21.37
C VAL A 158 -7.73 -6.58 20.56
N ILE A 159 -6.48 -6.10 20.48
CA ILE A 159 -5.40 -6.81 19.78
C ILE A 159 -4.57 -7.51 20.85
N GLN A 160 -3.95 -8.64 20.50
CA GLN A 160 -3.08 -9.40 21.37
C GLN A 160 -1.84 -9.80 20.56
N HIS A 161 -0.69 -9.86 21.22
CA HIS A 161 0.58 -10.23 20.62
C HIS A 161 0.45 -11.66 20.11
N LYS A 162 0.86 -11.88 18.88
CA LYS A 162 0.78 -13.21 18.26
C LYS A 162 1.99 -14.05 18.63
N GLU A 163 3.20 -13.47 18.59
CA GLU A 163 4.42 -14.20 18.89
C GLU A 163 4.44 -14.80 20.30
N LYS A 164 3.70 -14.24 21.27
CA LYS A 164 3.68 -14.81 22.62
C LYS A 164 3.10 -16.23 22.57
N CYS A 165 2.17 -16.48 21.65
CA CYS A 165 1.54 -17.77 21.45
C CYS A 165 2.48 -18.66 20.62
N ASN A 166 3.16 -18.07 19.63
CA ASN A 166 4.11 -18.78 18.77
C ASN A 166 5.28 -19.32 19.59
N GLN A 167 5.67 -18.58 20.63
CA GLN A 167 6.77 -18.86 21.53
C GLN A 167 8.07 -18.69 20.75
N GLY B 1 5.23 12.82 -23.22
CA GLY B 1 5.13 13.68 -22.04
C GLY B 1 6.18 13.27 -21.03
N MET B 2 6.73 14.23 -20.26
CA MET B 2 7.76 13.98 -19.27
C MET B 2 7.65 14.97 -18.11
N SER B 3 8.34 14.71 -17.01
CA SER B 3 8.42 15.49 -15.79
C SER B 3 9.85 15.38 -15.25
N VAL B 4 10.42 16.49 -14.82
CA VAL B 4 11.79 16.57 -14.28
C VAL B 4 11.82 17.27 -12.91
N THR B 5 10.86 18.14 -12.63
CA THR B 5 10.74 18.89 -11.38
C THR B 5 10.36 18.00 -10.19
N GLU B 6 9.94 16.77 -10.46
CA GLU B 6 9.54 15.74 -9.52
C GLU B 6 10.26 14.44 -9.92
N LEU B 7 10.02 13.35 -9.19
CA LEU B 7 10.62 12.04 -9.45
C LEU B 7 9.95 11.37 -10.67
N THR B 8 10.37 10.16 -10.99
CA THR B 8 9.83 9.34 -12.07
C THR B 8 10.25 7.89 -11.78
N VAL B 9 9.41 6.94 -12.19
CA VAL B 9 9.61 5.50 -12.03
C VAL B 9 10.99 5.04 -12.52
N GLU B 10 11.49 3.99 -11.86
CA GLU B 10 12.74 3.29 -12.07
C GLU B 10 12.55 2.39 -13.28
N ASP B 11 12.44 3.01 -14.46
CA ASP B 11 12.24 2.30 -15.71
C ASP B 11 13.48 2.38 -16.58
N SER B 12 14.04 1.21 -16.92
CA SER B 12 15.22 1.09 -17.77
C SER B 12 14.92 0.04 -18.85
N GLY B 13 13.77 0.13 -19.53
CA GLY B 13 13.39 -0.85 -20.55
C GLY B 13 13.11 -2.22 -19.94
N GLU B 14 12.68 -2.24 -18.67
CA GLU B 14 12.36 -3.45 -17.92
C GLU B 14 11.05 -4.07 -18.41
N SER B 15 10.86 -5.36 -18.09
CA SER B 15 9.68 -6.11 -18.43
C SER B 15 8.95 -6.53 -17.15
N LEU B 16 7.64 -6.64 -17.28
CA LEU B 16 6.70 -7.00 -16.22
C LEU B 16 7.06 -8.26 -15.44
N GLU B 17 7.40 -9.34 -16.14
CA GLU B 17 7.74 -10.59 -15.47
C GLU B 17 8.94 -10.42 -14.55
N ASP B 18 9.95 -9.70 -15.02
CA ASP B 18 11.16 -9.44 -14.25
C ASP B 18 10.81 -8.58 -13.05
N LEU B 19 10.05 -7.51 -13.28
CA LEU B 19 9.58 -6.57 -12.27
C LEU B 19 8.85 -7.31 -11.14
N MET B 20 7.78 -8.03 -11.45
CA MET B 20 7.04 -8.77 -10.45
C MET B 20 7.87 -9.88 -9.79
N ALA B 21 8.82 -10.48 -10.51
CA ALA B 21 9.66 -11.53 -9.95
C ALA B 21 10.46 -10.92 -8.83
N LYS B 22 11.20 -9.82 -9.07
CA LYS B 22 11.97 -9.22 -7.99
C LYS B 22 11.04 -8.81 -6.85
N MET B 23 9.83 -8.34 -7.16
CA MET B 23 8.91 -7.92 -6.11
C MET B 23 8.60 -9.07 -5.13
N LYS B 24 8.11 -10.22 -5.61
CA LYS B 24 7.79 -11.34 -4.72
C LYS B 24 9.06 -11.98 -4.16
N ASN B 25 10.16 -11.94 -4.91
CA ASN B 25 11.43 -12.51 -4.49
C ASN B 25 12.00 -11.78 -3.29
N MET B 26 11.93 -10.44 -3.27
CA MET B 26 12.44 -9.60 -2.19
C MET B 26 11.99 -10.10 -0.82
N TRP B 27 10.71 -10.42 -0.67
CA TRP B 27 10.08 -10.91 0.55
C TRP B 27 10.05 -9.85 1.66
N MET A 1 1.79 17.48 12.77
CA MET A 1 2.59 16.26 12.56
C MET A 1 1.86 15.24 11.67
N ALA A 2 0.91 15.64 10.82
CA ALA A 2 0.18 14.72 9.96
C ALA A 2 0.53 15.01 8.50
N ASP A 3 0.35 16.27 8.07
CA ASP A 3 0.63 16.68 6.69
C ASP A 3 2.11 16.65 6.36
N GLU A 4 2.99 16.90 7.35
CA GLU A 4 4.43 16.84 7.09
C GLU A 4 4.81 15.40 6.75
N ALA A 5 4.15 14.42 7.37
CA ALA A 5 4.39 13.01 7.09
C ALA A 5 3.84 12.72 5.70
N THR A 6 2.61 13.14 5.40
CA THR A 6 1.96 12.92 4.11
C THR A 6 2.84 13.48 2.98
N ARG A 7 3.27 14.75 3.09
CA ARG A 7 4.10 15.39 2.07
C ARG A 7 5.44 14.67 1.93
N ARG A 8 6.04 14.19 3.04
CA ARG A 8 7.32 13.48 3.00
C ARG A 8 7.14 12.20 2.21
N VAL A 9 6.12 11.41 2.56
CA VAL A 9 5.86 10.13 1.92
C VAL A 9 5.72 10.31 0.40
N VAL A 10 4.90 11.25 -0.06
CA VAL A 10 4.75 11.47 -1.49
C VAL A 10 6.02 12.04 -2.13
N SER A 11 6.83 12.78 -1.36
CA SER A 11 8.08 13.37 -1.82
C SER A 11 9.21 12.33 -1.86
N GLU A 12 9.13 11.18 -1.18
CA GLU A 12 10.18 10.16 -1.23
C GLU A 12 9.84 9.01 -2.19
N ILE A 13 8.55 8.88 -2.52
CA ILE A 13 7.99 7.84 -3.39
C ILE A 13 8.01 8.31 -4.85
N PRO A 14 8.63 7.55 -5.77
CA PRO A 14 8.66 7.92 -7.18
C PRO A 14 7.26 7.81 -7.78
N VAL A 15 6.87 8.84 -8.53
CA VAL A 15 5.57 8.98 -9.16
C VAL A 15 5.55 8.43 -10.61
N LEU A 16 4.44 7.77 -10.96
CA LEU A 16 4.12 7.10 -12.21
C LEU A 16 3.68 8.08 -13.31
N LYS A 17 3.24 7.53 -14.47
CA LYS A 17 2.76 8.29 -15.62
C LYS A 17 1.32 7.93 -16.01
N THR A 18 1.05 6.70 -16.45
CA THR A 18 -0.26 6.19 -16.89
C THR A 18 -1.26 5.91 -15.76
N ASN A 19 -2.57 5.94 -16.06
CA ASN A 19 -3.68 5.71 -15.12
C ASN A 19 -4.76 4.75 -15.65
N ALA A 20 -4.40 3.82 -16.52
CA ALA A 20 -5.35 2.88 -17.12
C ALA A 20 -5.80 1.76 -16.15
N GLY A 21 -6.73 0.92 -16.64
CA GLY A 21 -7.28 -0.22 -15.91
C GLY A 21 -6.90 -1.57 -16.51
N PRO A 22 -7.21 -2.68 -15.81
CA PRO A 22 -6.90 -4.03 -16.26
C PRO A 22 -7.74 -4.53 -17.44
N ARG A 23 -8.83 -3.82 -17.77
CA ARG A 23 -9.73 -4.15 -18.87
C ARG A 23 -8.98 -4.28 -20.19
N ASP A 24 -8.03 -3.38 -20.46
CA ASP A 24 -7.25 -3.43 -21.69
C ASP A 24 -5.90 -4.03 -21.38
N ARG A 25 -5.65 -5.25 -21.85
CA ARG A 25 -4.41 -6.02 -21.64
C ARG A 25 -3.14 -5.19 -21.75
N GLU A 26 -2.95 -4.53 -22.88
CA GLU A 26 -1.78 -3.71 -23.16
C GLU A 26 -1.66 -2.52 -22.19
N LEU A 27 -2.75 -1.76 -22.03
CA LEU A 27 -2.79 -0.61 -21.14
C LEU A 27 -2.45 -1.07 -19.72
N TRP A 28 -2.93 -2.26 -19.35
CA TRP A 28 -2.69 -2.84 -18.05
C TRP A 28 -1.20 -3.04 -17.85
N VAL A 29 -0.51 -3.75 -18.76
CA VAL A 29 0.93 -3.97 -18.62
C VAL A 29 1.61 -2.63 -18.39
N GLN A 30 1.28 -1.60 -19.16
CA GLN A 30 1.86 -0.27 -19.02
C GLN A 30 1.62 0.31 -17.61
N ARG A 31 0.36 0.43 -17.18
CA ARG A 31 0.02 0.98 -15.88
C ARG A 31 0.73 0.19 -14.78
N LEU A 32 0.53 -1.13 -14.79
CA LEU A 32 1.09 -2.07 -13.84
C LEU A 32 2.60 -1.94 -13.75
N LYS A 33 3.26 -1.82 -14.90
CA LYS A 33 4.71 -1.65 -15.04
C LYS A 33 5.17 -0.46 -14.24
N GLU A 34 4.56 0.70 -14.46
CA GLU A 34 4.95 1.89 -13.71
C GLU A 34 4.63 1.70 -12.21
N GLU A 35 3.48 1.10 -11.91
CA GLU A 35 3.02 0.85 -10.54
C GLU A 35 4.04 0.01 -9.78
N TYR A 36 4.59 -1.02 -10.44
CA TYR A 36 5.59 -1.91 -9.88
C TYR A 36 6.85 -1.13 -9.58
N GLN A 37 7.48 -0.51 -10.60
CA GLN A 37 8.71 0.25 -10.42
C GLN A 37 8.60 1.23 -9.24
N SER A 38 7.46 1.93 -9.16
CA SER A 38 7.16 2.89 -8.11
C SER A 38 7.26 2.25 -6.72
N LEU A 39 6.44 1.22 -6.50
CA LEU A 39 6.38 0.52 -5.23
C LEU A 39 7.71 -0.15 -4.93
N ILE A 40 8.30 -0.91 -5.84
CA ILE A 40 9.58 -1.62 -5.66
C ILE A 40 10.61 -0.62 -5.13
N ARG A 41 10.75 0.56 -5.74
CA ARG A 41 11.71 1.55 -5.25
C ARG A 41 11.36 1.94 -3.81
N TYR A 42 10.10 2.25 -3.53
CA TYR A 42 9.69 2.63 -2.18
C TYR A 42 10.01 1.53 -1.16
N VAL A 43 9.71 0.25 -1.43
CA VAL A 43 9.99 -0.86 -0.51
C VAL A 43 11.50 -1.08 -0.39
N GLU A 44 12.22 -1.11 -1.51
CA GLU A 44 13.67 -1.29 -1.52
C GLU A 44 14.33 -0.29 -0.59
N ASN A 45 13.95 0.98 -0.70
CA ASN A 45 14.49 2.05 0.12
C ASN A 45 14.19 1.82 1.60
N ASN A 46 12.91 1.59 1.88
CA ASN A 46 12.39 1.37 3.22
C ASN A 46 13.08 0.18 3.92
N LYS A 47 13.08 -0.97 3.25
CA LYS A 47 13.69 -2.21 3.74
C LYS A 47 15.18 -2.02 3.95
N ASN A 48 15.91 -1.41 3.00
CA ASN A 48 17.35 -1.19 3.12
C ASN A 48 17.62 -0.30 4.33
N ALA A 49 16.73 0.64 4.64
CA ALA A 49 16.85 1.53 5.78
C ALA A 49 16.38 0.84 7.08
N ASP A 50 16.07 -0.46 7.04
CA ASP A 50 15.59 -1.31 8.15
C ASP A 50 14.27 -0.82 8.74
N ASN A 51 13.46 -0.13 7.92
CA ASN A 51 12.16 0.41 8.34
C ASN A 51 11.00 -0.40 7.76
N ASP A 52 11.26 -1.68 7.42
CA ASP A 52 10.23 -2.56 6.89
C ASP A 52 9.09 -2.66 7.92
N TRP A 53 7.87 -2.49 7.44
CA TRP A 53 6.64 -2.53 8.24
C TRP A 53 5.53 -3.27 7.49
N PHE A 54 5.62 -3.37 6.17
CA PHE A 54 4.68 -4.05 5.28
C PHE A 54 5.46 -4.85 4.26
N ARG A 55 4.79 -5.70 3.49
CA ARG A 55 5.29 -6.61 2.45
C ARG A 55 4.12 -6.77 1.49
N LEU A 56 4.33 -6.70 0.17
CA LEU A 56 3.25 -6.84 -0.81
C LEU A 56 3.75 -7.54 -2.07
N GLU A 57 2.99 -8.51 -2.57
CA GLU A 57 3.27 -9.28 -3.76
C GLU A 57 1.95 -9.57 -4.50
N SER A 58 2.02 -10.05 -5.74
CA SER A 58 0.84 -10.35 -6.54
C SER A 58 1.05 -11.51 -7.51
N ASN A 59 -0.06 -11.94 -8.11
CA ASN A 59 -0.08 -13.00 -9.11
C ASN A 59 0.48 -12.43 -10.42
N LYS A 60 0.65 -13.29 -11.43
CA LYS A 60 1.19 -12.89 -12.73
C LYS A 60 0.27 -11.97 -13.51
N GLU A 61 -1.02 -11.95 -13.17
CA GLU A 61 -1.99 -11.13 -13.87
C GLU A 61 -2.10 -9.70 -13.32
N GLY A 62 -1.71 -9.51 -12.07
CA GLY A 62 -1.78 -8.25 -11.35
C GLY A 62 -3.24 -7.98 -10.94
N THR A 63 -4.08 -9.02 -10.94
CA THR A 63 -5.50 -8.92 -10.61
C THR A 63 -5.71 -8.99 -9.09
N ARG A 64 -4.93 -9.82 -8.40
CA ARG A 64 -5.00 -10.04 -6.97
C ARG A 64 -3.64 -9.69 -6.37
N TRP A 65 -3.66 -8.89 -5.31
CA TRP A 65 -2.50 -8.43 -4.57
C TRP A 65 -2.71 -8.85 -3.12
N PHE A 66 -1.63 -9.24 -2.46
CA PHE A 66 -1.67 -9.70 -1.09
C PHE A 66 -0.32 -9.46 -0.43
N GLY A 67 -0.25 -9.65 0.88
CA GLY A 67 0.97 -9.44 1.62
C GLY A 67 0.67 -9.44 3.10
N LYS A 68 1.53 -8.78 3.88
CA LYS A 68 1.38 -8.69 5.32
C LYS A 68 1.93 -7.34 5.81
N CYS A 69 1.55 -6.92 7.01
CA CYS A 69 2.03 -5.70 7.65
C CYS A 69 2.15 -5.98 9.14
N TRP A 70 3.25 -5.54 9.74
CA TRP A 70 3.65 -5.71 11.12
C TRP A 70 3.84 -4.38 11.81
N TYR A 71 3.98 -4.41 13.14
CA TYR A 71 4.22 -3.22 13.94
C TYR A 71 4.93 -3.67 15.22
N ILE A 72 5.77 -2.81 15.81
CA ILE A 72 6.53 -3.10 17.01
C ILE A 72 6.36 -1.97 18.01
N HIS A 73 5.68 -2.24 19.12
CA HIS A 73 5.45 -1.28 20.19
C HIS A 73 5.50 -2.05 21.51
N ASP A 74 6.06 -1.45 22.57
CA ASP A 74 6.21 -2.01 23.92
C ASP A 74 6.65 -3.48 23.92
N LEU A 75 7.68 -3.80 23.12
CA LEU A 75 8.30 -5.12 22.96
C LEU A 75 7.39 -6.15 22.29
N LEU A 76 6.28 -5.73 21.69
CA LEU A 76 5.29 -6.58 21.02
C LEU A 76 5.39 -6.38 19.51
N LYS A 77 5.82 -7.41 18.77
CA LYS A 77 5.98 -7.42 17.32
C LYS A 77 4.75 -8.08 16.69
N TYR A 78 3.72 -7.31 16.42
CA TYR A 78 2.50 -7.80 15.81
C TYR A 78 2.71 -8.05 14.32
N GLU A 79 1.83 -8.86 13.75
CA GLU A 79 1.78 -9.27 12.35
C GLU A 79 0.32 -9.34 11.91
N PHE A 80 0.00 -8.84 10.72
CA PHE A 80 -1.34 -8.84 10.14
C PHE A 80 -1.23 -9.23 8.65
N ASP A 81 -2.33 -9.71 8.08
CA ASP A 81 -2.47 -10.17 6.69
C ASP A 81 -3.24 -9.16 5.85
N ILE A 82 -2.98 -9.11 4.54
CA ILE A 82 -3.70 -8.22 3.62
C ILE A 82 -3.93 -8.91 2.28
N GLU A 83 -5.13 -8.81 1.73
CA GLU A 83 -5.48 -9.40 0.45
C GLU A 83 -6.58 -8.57 -0.23
N PHE A 84 -6.33 -8.04 -1.42
CA PHE A 84 -7.29 -7.26 -2.20
C PHE A 84 -7.21 -7.59 -3.68
N ASP A 85 -8.24 -7.20 -4.42
CA ASP A 85 -8.37 -7.40 -5.86
C ASP A 85 -8.77 -6.07 -6.48
N ILE A 86 -8.06 -5.66 -7.52
CA ILE A 86 -8.34 -4.39 -8.20
C ILE A 86 -9.61 -4.56 -9.04
N PRO A 87 -10.57 -3.63 -9.00
CA PRO A 87 -11.77 -3.74 -9.81
C PRO A 87 -11.40 -3.49 -11.28
N ILE A 88 -12.16 -4.07 -12.21
CA ILE A 88 -11.88 -3.88 -13.64
C ILE A 88 -12.00 -2.40 -14.01
N THR A 89 -12.93 -1.70 -13.37
CA THR A 89 -13.20 -0.29 -13.57
C THR A 89 -12.03 0.58 -13.10
N TYR A 90 -11.39 0.23 -11.97
CA TYR A 90 -10.27 0.96 -11.35
C TYR A 90 -10.59 2.46 -11.47
N PRO A 91 -11.64 2.93 -10.76
CA PRO A 91 -12.08 4.31 -10.81
C PRO A 91 -11.13 5.24 -10.08
N THR A 92 -11.41 6.53 -10.21
CA THR A 92 -10.69 7.63 -9.61
C THR A 92 -10.65 7.43 -8.09
N THR A 93 -11.69 6.87 -7.48
CA THR A 93 -11.75 6.59 -6.05
C THR A 93 -10.82 5.41 -5.79
N ALA A 94 -9.90 5.58 -4.84
CA ALA A 94 -8.92 4.57 -4.44
C ALA A 94 -9.51 3.17 -4.18
N PRO A 95 -8.72 2.08 -4.34
CA PRO A 95 -9.16 0.71 -4.09
C PRO A 95 -9.36 0.51 -2.57
N GLU A 96 -9.69 -0.70 -2.12
CA GLU A 96 -9.96 -0.98 -0.72
C GLU A 96 -9.28 -2.27 -0.22
N ILE A 97 -8.21 -2.13 0.57
CA ILE A 97 -7.47 -3.25 1.15
C ILE A 97 -8.38 -3.93 2.19
N ALA A 98 -8.19 -5.23 2.44
CA ALA A 98 -8.92 -6.04 3.41
C ALA A 98 -7.85 -6.73 4.27
N VAL A 99 -8.18 -7.00 5.54
CA VAL A 99 -7.28 -7.65 6.49
C VAL A 99 -8.13 -8.65 7.28
N PRO A 100 -8.03 -9.95 7.01
CA PRO A 100 -8.82 -10.96 7.72
C PRO A 100 -8.39 -11.08 9.19
N GLU A 101 -7.12 -10.87 9.51
CA GLU A 101 -6.59 -10.99 10.86
C GLU A 101 -7.26 -10.03 11.86
N LEU A 102 -7.74 -8.87 11.40
CA LEU A 102 -8.42 -7.85 12.22
C LEU A 102 -9.93 -7.83 11.98
N ASP A 103 -10.48 -8.75 11.16
CA ASP A 103 -11.90 -8.80 10.86
C ASP A 103 -12.72 -9.08 12.12
N GLY A 104 -13.23 -8.01 12.72
CA GLY A 104 -14.01 -8.00 13.95
C GLY A 104 -13.38 -7.17 15.06
N LYS A 105 -12.06 -6.99 15.05
CA LYS A 105 -11.40 -6.19 16.09
C LYS A 105 -11.77 -4.73 15.92
N THR A 106 -11.68 -4.24 14.69
CA THR A 106 -11.98 -2.85 14.37
C THR A 106 -13.50 -2.64 14.35
N ALA A 107 -13.93 -1.37 14.35
CA ALA A 107 -15.35 -1.04 14.30
C ALA A 107 -15.73 -1.23 12.83
N LYS A 108 -16.48 -2.28 12.51
CA LYS A 108 -16.89 -2.59 11.14
C LYS A 108 -17.76 -1.49 10.56
N MET A 109 -17.25 -0.74 9.59
CA MET A 109 -17.97 0.33 8.91
C MET A 109 -18.89 -0.26 7.83
N TYR A 110 -19.70 0.58 7.19
CA TYR A 110 -20.63 0.24 6.11
C TYR A 110 -19.85 -0.46 4.99
N ARG A 111 -20.48 -1.27 4.12
CA ARG A 111 -19.72 -1.95 3.06
C ARG A 111 -19.06 -0.97 2.10
N GLY A 112 -17.73 -0.94 2.09
CA GLY A 112 -16.89 -0.08 1.29
C GLY A 112 -15.75 0.45 2.16
N GLY A 113 -14.50 0.15 1.81
CA GLY A 113 -13.33 0.61 2.53
C GLY A 113 -13.31 0.17 3.98
N LYS A 114 -13.35 -1.14 4.27
CA LYS A 114 -13.37 -1.61 5.66
C LYS A 114 -12.18 -1.15 6.50
N ILE A 115 -11.01 -0.94 5.90
CA ILE A 115 -9.81 -0.46 6.60
C ILE A 115 -9.21 0.74 5.85
N CYS A 116 -9.68 0.99 4.63
CA CYS A 116 -9.25 2.09 3.80
C CYS A 116 -9.85 3.36 4.41
N LEU A 117 -9.11 3.94 5.36
CA LEU A 117 -9.49 5.13 6.08
C LEU A 117 -9.88 6.22 5.08
N THR A 118 -10.72 7.15 5.53
CA THR A 118 -11.23 8.23 4.73
C THR A 118 -10.94 9.61 5.32
N ASP A 119 -10.91 9.76 6.65
CA ASP A 119 -10.69 11.01 7.40
C ASP A 119 -9.89 12.06 6.64
N HIS A 120 -8.66 11.75 6.23
CA HIS A 120 -7.83 12.67 5.44
C HIS A 120 -7.47 12.09 4.08
N PHE A 121 -7.49 10.75 3.96
CA PHE A 121 -7.14 10.07 2.72
C PHE A 121 -8.17 10.32 1.61
N LYS A 122 -9.48 10.37 1.92
CA LYS A 122 -10.50 10.63 0.91
C LYS A 122 -10.26 12.00 0.28
N PRO A 123 -10.22 13.13 1.01
CA PRO A 123 -10.00 14.42 0.40
C PRO A 123 -8.61 14.49 -0.25
N LEU A 124 -7.57 13.86 0.32
CA LEU A 124 -6.22 13.86 -0.24
C LEU A 124 -6.19 13.16 -1.61
N TRP A 125 -6.72 11.94 -1.66
CA TRP A 125 -6.76 11.15 -2.87
C TRP A 125 -7.70 11.80 -3.88
N ALA A 126 -8.83 12.35 -3.43
CA ALA A 126 -9.80 12.98 -4.31
C ALA A 126 -9.23 14.26 -4.92
N ARG A 127 -8.67 15.15 -4.08
CA ARG A 127 -8.10 16.42 -4.52
C ARG A 127 -7.02 16.18 -5.55
N ASN A 128 -6.15 15.19 -5.33
CA ASN A 128 -5.10 14.91 -6.30
C ASN A 128 -4.90 13.40 -6.48
N VAL A 129 -5.14 12.93 -7.71
CA VAL A 129 -4.99 11.55 -8.18
C VAL A 129 -4.43 11.67 -9.59
N PRO A 130 -3.27 12.33 -9.77
CA PRO A 130 -2.67 12.49 -11.09
C PRO A 130 -2.20 11.15 -11.64
N LYS A 131 -1.32 10.51 -10.88
CA LYS A 131 -0.67 9.23 -11.19
C LYS A 131 -0.57 8.30 -9.98
N PHE A 132 -1.24 8.59 -8.87
CA PHE A 132 -1.16 7.75 -7.67
C PHE A 132 -1.45 6.29 -8.00
N GLY A 133 -0.64 5.40 -7.43
CA GLY A 133 -0.71 3.95 -7.58
C GLY A 133 -0.78 3.30 -6.20
N LEU A 134 -0.81 1.97 -6.15
CA LEU A 134 -0.91 1.25 -4.88
C LEU A 134 0.24 1.59 -3.92
N ALA A 135 1.39 2.06 -4.41
CA ALA A 135 2.49 2.43 -3.52
C ALA A 135 2.00 3.51 -2.56
N HIS A 136 1.39 4.55 -3.16
CA HIS A 136 0.80 5.72 -2.54
C HIS A 136 -0.36 5.30 -1.64
N LEU A 137 -1.24 4.42 -2.12
CA LEU A 137 -2.38 3.92 -1.35
C LEU A 137 -1.94 3.39 0.01
N MET A 138 -0.95 2.50 0.02
CA MET A 138 -0.44 1.91 1.24
C MET A 138 0.29 2.94 2.09
N ALA A 139 1.23 3.66 1.50
CA ALA A 139 2.03 4.65 2.21
C ALA A 139 1.24 5.82 2.82
N LEU A 140 0.17 6.27 2.16
CA LEU A 140 -0.69 7.38 2.60
C LEU A 140 -2.01 6.88 3.18
N GLY A 141 -2.22 5.56 3.31
CA GLY A 141 -3.46 5.01 3.83
C GLY A 141 -3.23 3.93 4.88
N LEU A 142 -2.65 2.82 4.46
CA LEU A 142 -2.34 1.66 5.32
C LEU A 142 -1.38 2.08 6.44
N GLY A 143 -0.34 2.83 6.11
CA GLY A 143 0.67 3.30 7.05
C GLY A 143 0.06 4.14 8.18
N PRO A 144 -0.60 5.27 7.88
CA PRO A 144 -1.20 6.12 8.91
C PRO A 144 -2.27 5.37 9.69
N TRP A 145 -3.12 4.56 9.04
CA TRP A 145 -4.15 3.77 9.70
C TRP A 145 -3.50 2.94 10.80
N LEU A 146 -2.50 2.12 10.45
CA LEU A 146 -1.82 1.30 11.46
C LEU A 146 -1.13 2.17 12.50
N ALA A 147 -0.55 3.31 12.10
CA ALA A 147 0.15 4.20 13.01
C ALA A 147 -0.74 4.75 14.11
N VAL A 148 -2.04 4.97 13.86
CA VAL A 148 -2.97 5.48 14.86
C VAL A 148 -3.80 4.39 15.51
N GLU A 149 -4.09 3.28 14.79
CA GLU A 149 -4.90 2.19 15.32
C GLU A 149 -4.10 1.32 16.27
N ILE A 150 -2.78 1.17 16.10
CA ILE A 150 -1.98 0.35 17.02
C ILE A 150 -2.14 0.89 18.45
N PRO A 151 -1.84 2.16 18.77
CA PRO A 151 -2.00 2.64 20.13
C PRO A 151 -3.47 2.62 20.58
N ASP A 152 -4.45 2.76 19.67
CA ASP A 152 -5.86 2.74 20.00
C ASP A 152 -6.31 1.33 20.42
N LEU A 153 -6.05 0.32 19.59
CA LEU A 153 -6.44 -1.04 19.91
C LEU A 153 -5.67 -1.56 21.13
N ILE A 154 -4.44 -1.10 21.37
CA ILE A 154 -3.67 -1.52 22.54
C ILE A 154 -4.36 -0.91 23.77
N GLN A 155 -4.60 0.41 23.80
CA GLN A 155 -5.23 1.05 24.96
C GLN A 155 -6.65 0.54 25.18
N LYS A 156 -7.41 0.28 24.11
CA LYS A 156 -8.77 -0.24 24.19
C LYS A 156 -8.76 -1.70 24.65
N GLY A 157 -7.67 -2.42 24.40
CA GLY A 157 -7.51 -3.80 24.80
C GLY A 157 -8.22 -4.71 23.82
N VAL A 158 -7.75 -4.72 22.57
CA VAL A 158 -8.29 -5.54 21.49
C VAL A 158 -7.17 -6.36 20.87
N ILE A 159 -5.99 -5.78 20.61
CA ILE A 159 -4.88 -6.52 20.01
C ILE A 159 -3.96 -6.96 21.15
N GLN A 160 -3.57 -8.23 21.11
CA GLN A 160 -2.68 -8.87 22.05
C GLN A 160 -1.63 -9.55 21.18
N HIS A 161 -0.37 -9.44 21.58
CA HIS A 161 0.77 -9.99 20.88
C HIS A 161 0.67 -11.50 20.81
N LYS A 162 0.80 -12.06 19.61
CA LYS A 162 0.72 -13.49 19.37
C LYS A 162 1.68 -14.28 20.25
N GLU A 163 2.97 -13.92 20.28
CA GLU A 163 3.93 -14.66 21.10
C GLU A 163 3.53 -14.63 22.57
N LYS A 164 3.24 -13.44 23.14
CA LYS A 164 2.84 -13.31 24.54
C LYS A 164 1.37 -13.69 24.78
N CYS A 165 0.63 -14.14 23.77
CA CYS A 165 -0.77 -14.50 23.89
C CYS A 165 -0.96 -15.62 24.89
N ASN A 166 -0.37 -16.79 24.63
CA ASN A 166 -0.48 -17.96 25.49
C ASN A 166 0.94 -18.33 25.95
N GLN A 167 1.56 -19.35 25.35
CA GLN A 167 2.89 -19.80 25.67
C GLN A 167 3.85 -18.96 24.84
N GLY B 1 1.15 15.89 -21.24
CA GLY B 1 1.38 15.55 -19.83
C GLY B 1 2.81 15.88 -19.47
N MET B 2 3.63 14.85 -19.22
CA MET B 2 5.05 14.90 -18.84
C MET B 2 5.31 15.70 -17.55
N SER B 3 6.33 15.31 -16.79
CA SER B 3 6.70 16.00 -15.55
C SER B 3 8.20 15.82 -15.28
N VAL B 4 8.84 16.85 -14.71
CA VAL B 4 10.27 16.82 -14.39
C VAL B 4 10.55 17.34 -12.96
N THR B 5 9.68 18.18 -12.40
CA THR B 5 9.86 18.75 -11.07
C THR B 5 9.67 17.77 -9.90
N GLU B 6 9.03 16.65 -10.17
CA GLU B 6 8.74 15.61 -9.19
C GLU B 6 9.63 14.39 -9.48
N LEU B 7 9.59 13.41 -8.58
CA LEU B 7 10.34 12.17 -8.71
C LEU B 7 9.80 11.41 -9.94
N THR B 8 10.36 10.26 -10.26
CA THR B 8 9.91 9.45 -11.39
C THR B 8 10.37 8.01 -11.19
N VAL B 9 9.48 7.07 -11.51
CA VAL B 9 9.67 5.61 -11.42
C VAL B 9 10.97 5.15 -12.09
N GLU B 10 11.44 3.97 -11.70
CA GLU B 10 12.66 3.34 -12.20
C GLU B 10 12.43 2.68 -13.57
N ASP B 11 12.08 3.53 -14.54
CA ASP B 11 11.80 3.19 -15.91
C ASP B 11 13.10 2.91 -16.65
N SER B 12 13.47 1.64 -16.76
CA SER B 12 14.68 1.21 -17.46
C SER B 12 14.33 0.08 -18.44
N GLY B 13 13.30 0.29 -19.28
CA GLY B 13 12.83 -0.67 -20.29
C GLY B 13 12.56 -2.08 -19.76
N GLU B 14 12.18 -2.22 -18.48
CA GLU B 14 11.92 -3.51 -17.85
C GLU B 14 10.60 -4.13 -18.35
N SER B 15 10.42 -5.41 -18.05
CA SER B 15 9.26 -6.19 -18.41
C SER B 15 8.46 -6.48 -17.15
N LEU B 16 7.14 -6.62 -17.29
CA LEU B 16 6.21 -6.88 -16.20
C LEU B 16 6.58 -8.15 -15.44
N GLU B 17 6.93 -9.21 -16.18
CA GLU B 17 7.29 -10.48 -15.57
C GLU B 17 8.49 -10.30 -14.63
N ASP B 18 9.50 -9.57 -15.06
CA ASP B 18 10.71 -9.30 -14.30
C ASP B 18 10.38 -8.40 -13.11
N LEU B 19 9.63 -7.33 -13.35
CA LEU B 19 9.19 -6.37 -12.34
C LEU B 19 8.49 -7.11 -11.20
N MET B 20 7.43 -7.89 -11.47
CA MET B 20 6.74 -8.66 -10.43
C MET B 20 7.60 -9.77 -9.84
N ALA B 21 8.49 -10.38 -10.63
CA ALA B 21 9.37 -11.44 -10.16
C ALA B 21 10.26 -10.89 -9.05
N LYS B 22 10.95 -9.77 -9.29
CA LYS B 22 11.80 -9.20 -8.26
C LYS B 22 10.94 -8.77 -7.08
N MET B 23 9.76 -8.21 -7.32
CA MET B 23 8.89 -7.75 -6.24
C MET B 23 8.57 -8.90 -5.27
N LYS B 24 8.00 -10.00 -5.76
CA LYS B 24 7.65 -11.11 -4.87
C LYS B 24 8.87 -11.76 -4.22
N ASN B 25 10.01 -11.80 -4.92
CA ASN B 25 11.22 -12.39 -4.37
C ASN B 25 11.87 -11.54 -3.29
N MET B 26 11.63 -10.22 -3.25
CA MET B 26 12.24 -9.35 -2.25
C MET B 26 11.76 -9.62 -0.82
N TRP B 27 10.59 -10.24 -0.63
CA TRP B 27 9.99 -10.57 0.67
C TRP B 27 9.81 -9.29 1.49
N MET A 1 1.09 17.84 11.56
CA MET A 1 1.56 16.48 11.85
C MET A 1 1.29 15.47 10.72
N ALA A 2 0.10 15.43 10.11
CA ALA A 2 -0.16 14.45 9.03
C ALA A 2 0.19 14.99 7.64
N ASP A 3 -0.18 16.23 7.33
CA ASP A 3 0.05 16.86 6.02
C ASP A 3 1.54 16.96 5.68
N GLU A 4 2.37 17.23 6.68
CA GLU A 4 3.83 17.34 6.54
C GLU A 4 4.36 15.96 6.12
N ALA A 5 3.89 14.90 6.80
CA ALA A 5 4.29 13.53 6.50
C ALA A 5 3.80 13.20 5.09
N THR A 6 2.60 13.64 4.73
CA THR A 6 2.00 13.42 3.43
C THR A 6 2.95 13.98 2.36
N ARG A 7 3.48 15.20 2.52
CA ARG A 7 4.40 15.72 1.52
C ARG A 7 5.71 14.95 1.52
N ARG A 8 6.30 14.62 2.68
CA ARG A 8 7.56 13.88 2.72
C ARG A 8 7.41 12.56 1.99
N VAL A 9 6.36 11.82 2.33
CA VAL A 9 6.08 10.53 1.77
C VAL A 9 5.99 10.63 0.23
N VAL A 10 5.21 11.58 -0.31
CA VAL A 10 5.13 11.69 -1.76
C VAL A 10 6.43 12.24 -2.36
N SER A 11 7.19 13.04 -1.61
CA SER A 11 8.45 13.63 -2.02
C SER A 11 9.55 12.56 -2.04
N GLU A 12 9.37 11.41 -1.37
CA GLU A 12 10.33 10.31 -1.37
C GLU A 12 9.88 9.14 -2.26
N ILE A 13 8.61 9.15 -2.72
CA ILE A 13 8.02 8.10 -3.55
C ILE A 13 7.97 8.49 -5.05
N PRO A 14 8.45 7.63 -5.97
CA PRO A 14 8.42 7.90 -7.41
C PRO A 14 6.99 7.95 -7.95
N VAL A 15 6.76 8.76 -8.99
CA VAL A 15 5.43 8.90 -9.59
C VAL A 15 5.30 8.16 -10.92
N LEU A 16 4.06 7.86 -11.27
CA LEU A 16 3.65 7.14 -12.47
C LEU A 16 3.18 8.15 -13.53
N LYS A 17 2.68 7.66 -14.66
CA LYS A 17 2.20 8.44 -15.79
C LYS A 17 0.90 7.85 -16.33
N THR A 18 0.87 6.55 -16.61
CA THR A 18 -0.31 5.86 -17.11
C THR A 18 -1.22 5.60 -15.91
N ASN A 19 -2.54 5.61 -16.11
CA ASN A 19 -3.54 5.34 -15.07
C ASN A 19 -4.64 4.37 -15.54
N ALA A 20 -4.36 3.53 -16.55
CA ALA A 20 -5.29 2.57 -17.15
C ALA A 20 -5.78 1.50 -16.17
N GLY A 21 -6.80 0.75 -16.59
CA GLY A 21 -7.42 -0.33 -15.82
C GLY A 21 -7.00 -1.70 -16.35
N PRO A 22 -7.29 -2.77 -15.59
CA PRO A 22 -6.93 -4.14 -15.95
C PRO A 22 -7.64 -4.76 -17.14
N ARG A 23 -8.80 -4.24 -17.55
CA ARG A 23 -9.52 -4.81 -18.68
C ARG A 23 -8.69 -4.79 -19.96
N ASP A 24 -7.96 -3.69 -20.23
CA ASP A 24 -7.12 -3.58 -21.42
C ASP A 24 -5.79 -4.24 -21.08
N ARG A 25 -5.57 -5.49 -21.49
CA ARG A 25 -4.35 -6.27 -21.22
C ARG A 25 -3.07 -5.47 -21.41
N GLU A 26 -2.85 -5.02 -22.64
CA GLU A 26 -1.66 -4.24 -22.98
C GLU A 26 -1.46 -2.98 -22.13
N LEU A 27 -2.51 -2.18 -21.97
CA LEU A 27 -2.45 -0.95 -21.17
C LEU A 27 -2.16 -1.31 -19.73
N TRP A 28 -2.74 -2.41 -19.25
CA TRP A 28 -2.54 -2.92 -17.93
C TRP A 28 -1.07 -3.23 -17.80
N VAL A 29 -0.44 -3.94 -18.74
CA VAL A 29 1.00 -4.24 -18.67
C VAL A 29 1.73 -2.92 -18.44
N GLN A 30 1.43 -1.86 -19.20
CA GLN A 30 2.10 -0.58 -19.02
C GLN A 30 1.87 -0.01 -17.61
N ARG A 31 0.61 0.22 -17.21
CA ARG A 31 0.27 0.77 -15.90
C ARG A 31 0.87 -0.08 -14.78
N LEU A 32 0.61 -1.37 -14.79
CA LEU A 32 1.09 -2.36 -13.83
C LEU A 32 2.60 -2.25 -13.69
N LYS A 33 3.28 -2.13 -14.83
CA LYS A 33 4.74 -1.97 -14.89
C LYS A 33 5.14 -0.76 -14.07
N GLU A 34 4.46 0.37 -14.25
CA GLU A 34 4.77 1.56 -13.47
C GLU A 34 4.47 1.33 -11.99
N GLU A 35 3.31 0.76 -11.66
CA GLU A 35 2.91 0.48 -10.28
C GLU A 35 3.94 -0.42 -9.62
N TYR A 36 4.51 -1.37 -10.36
CA TYR A 36 5.54 -2.26 -9.86
C TYR A 36 6.79 -1.46 -9.61
N GLN A 37 7.38 -0.85 -10.65
CA GLN A 37 8.60 -0.05 -10.53
C GLN A 37 8.53 0.93 -9.36
N SER A 38 7.43 1.68 -9.26
CA SER A 38 7.23 2.66 -8.21
C SER A 38 7.24 2.03 -6.81
N LEU A 39 6.41 1.00 -6.60
CA LEU A 39 6.31 0.34 -5.31
C LEU A 39 7.60 -0.41 -4.97
N ILE A 40 8.20 -1.14 -5.93
CA ILE A 40 9.45 -1.87 -5.71
C ILE A 40 10.49 -0.85 -5.23
N ARG A 41 10.63 0.31 -5.88
CA ARG A 41 11.59 1.34 -5.47
C ARG A 41 11.34 1.73 -4.02
N TYR A 42 10.10 2.07 -3.66
CA TYR A 42 9.79 2.45 -2.29
C TYR A 42 10.15 1.32 -1.32
N VAL A 43 9.65 0.10 -1.53
CA VAL A 43 9.94 -1.03 -0.64
C VAL A 43 11.45 -1.28 -0.58
N GLU A 44 12.18 -1.24 -1.68
CA GLU A 44 13.62 -1.47 -1.69
C GLU A 44 14.29 -0.45 -0.76
N ASN A 45 14.00 0.84 -0.90
CA ASN A 45 14.61 1.86 -0.07
C ASN A 45 14.21 1.68 1.39
N ASN A 46 12.91 1.48 1.61
CA ASN A 46 12.31 1.30 2.93
C ASN A 46 12.92 0.14 3.70
N LYS A 47 12.96 -1.05 3.10
CA LYS A 47 13.51 -2.25 3.72
C LYS A 47 15.02 -2.17 3.79
N ASN A 48 15.69 -1.56 2.80
CA ASN A 48 17.15 -1.43 2.82
C ASN A 48 17.51 -0.65 4.10
N ALA A 49 16.71 0.36 4.45
CA ALA A 49 16.87 1.22 5.61
C ALA A 49 16.28 0.63 6.90
N ASP A 50 15.88 -0.65 6.88
CA ASP A 50 15.29 -1.37 8.01
C ASP A 50 14.01 -0.71 8.54
N ASN A 51 13.35 0.08 7.68
CA ASN A 51 12.09 0.76 8.02
C ASN A 51 10.92 -0.17 7.65
N ASP A 52 11.18 -1.45 7.39
CA ASP A 52 10.19 -2.43 7.01
C ASP A 52 9.04 -2.50 8.01
N TRP A 53 7.83 -2.55 7.47
CA TRP A 53 6.58 -2.62 8.21
C TRP A 53 5.50 -3.36 7.41
N PHE A 54 5.58 -3.39 6.08
CA PHE A 54 4.63 -4.06 5.20
C PHE A 54 5.40 -4.78 4.09
N ARG A 55 4.83 -5.88 3.61
CA ARG A 55 5.36 -6.73 2.56
C ARG A 55 4.19 -6.94 1.60
N LEU A 56 4.34 -6.72 0.30
CA LEU A 56 3.24 -6.89 -0.67
C LEU A 56 3.75 -7.50 -1.98
N GLU A 57 3.02 -8.48 -2.52
CA GLU A 57 3.32 -9.18 -3.76
C GLU A 57 2.02 -9.40 -4.55
N SER A 58 2.10 -9.88 -5.79
CA SER A 58 0.94 -10.12 -6.66
C SER A 58 1.19 -11.25 -7.66
N ASN A 59 0.11 -11.70 -8.31
CA ASN A 59 0.11 -12.75 -9.33
C ASN A 59 0.52 -12.16 -10.68
N LYS A 60 0.74 -13.04 -11.68
CA LYS A 60 1.13 -12.70 -13.05
C LYS A 60 0.11 -11.78 -13.75
N GLU A 61 -1.12 -11.74 -13.24
CA GLU A 61 -2.21 -10.93 -13.78
C GLU A 61 -2.29 -9.52 -13.20
N GLY A 62 -1.74 -9.33 -12.01
CA GLY A 62 -1.74 -8.07 -11.27
C GLY A 62 -3.15 -7.70 -10.79
N THR A 63 -4.10 -8.63 -10.80
CA THR A 63 -5.47 -8.41 -10.39
C THR A 63 -5.67 -8.44 -8.88
N ARG A 64 -4.99 -9.33 -8.15
CA ARG A 64 -5.08 -9.46 -6.69
C ARG A 64 -3.68 -9.23 -6.12
N TRP A 65 -3.60 -8.49 -5.02
CA TRP A 65 -2.37 -8.15 -4.33
C TRP A 65 -2.55 -8.63 -2.89
N PHE A 66 -1.50 -9.17 -2.30
CA PHE A 66 -1.54 -9.68 -0.94
C PHE A 66 -0.15 -9.61 -0.29
N GLY A 67 -0.08 -9.87 1.01
CA GLY A 67 1.14 -9.85 1.77
C GLY A 67 0.80 -9.76 3.26
N LYS A 68 1.65 -9.10 4.04
CA LYS A 68 1.47 -8.95 5.48
C LYS A 68 2.10 -7.66 5.94
N CYS A 69 1.80 -7.25 7.16
CA CYS A 69 2.35 -6.07 7.78
C CYS A 69 2.55 -6.40 9.25
N TRP A 70 3.48 -5.70 9.88
CA TRP A 70 3.83 -5.87 11.28
C TRP A 70 4.04 -4.52 11.92
N TYR A 71 3.96 -4.49 13.25
CA TYR A 71 4.17 -3.29 14.03
C TYR A 71 4.73 -3.71 15.38
N ILE A 72 5.52 -2.82 16.01
CA ILE A 72 6.15 -3.03 17.29
C ILE A 72 5.80 -1.83 18.15
N HIS A 73 5.37 -2.08 19.39
CA HIS A 73 5.00 -1.06 20.35
C HIS A 73 5.08 -1.70 21.74
N ASP A 74 5.47 -0.92 22.75
CA ASP A 74 5.57 -1.35 24.15
C ASP A 74 6.40 -2.62 24.40
N LEU A 75 7.31 -2.95 23.47
CA LEU A 75 8.24 -4.11 23.44
C LEU A 75 7.60 -5.36 22.84
N LEU A 76 6.36 -5.26 22.34
CA LEU A 76 5.60 -6.33 21.76
C LEU A 76 5.60 -6.14 20.25
N LYS A 77 5.34 -7.23 19.54
CA LYS A 77 5.27 -7.29 18.09
C LYS A 77 3.96 -7.94 17.71
N TYR A 78 3.36 -7.47 16.62
CA TYR A 78 2.11 -7.95 16.07
C TYR A 78 2.28 -8.08 14.55
N GLU A 79 1.43 -8.89 13.94
CA GLU A 79 1.37 -9.19 12.51
C GLU A 79 -0.10 -9.18 12.09
N PHE A 80 -0.39 -8.72 10.87
CA PHE A 80 -1.70 -8.65 10.25
C PHE A 80 -1.49 -9.02 8.76
N ASP A 81 -2.45 -9.69 8.12
CA ASP A 81 -2.34 -10.11 6.72
C ASP A 81 -3.15 -9.16 5.85
N ILE A 82 -2.72 -8.88 4.63
CA ILE A 82 -3.39 -7.97 3.69
C ILE A 82 -3.70 -8.70 2.39
N GLU A 83 -4.89 -8.51 1.84
CA GLU A 83 -5.31 -9.11 0.59
C GLU A 83 -6.44 -8.26 -0.01
N PHE A 84 -6.20 -7.68 -1.18
CA PHE A 84 -7.18 -6.87 -1.90
C PHE A 84 -7.08 -7.14 -3.40
N ASP A 85 -8.08 -6.72 -4.16
CA ASP A 85 -8.11 -6.88 -5.61
C ASP A 85 -8.52 -5.57 -6.24
N ILE A 86 -7.92 -5.26 -7.39
CA ILE A 86 -8.19 -4.03 -8.11
C ILE A 86 -9.50 -4.19 -8.89
N PRO A 87 -10.46 -3.26 -8.76
CA PRO A 87 -11.71 -3.37 -9.50
C PRO A 87 -11.44 -3.23 -11.00
N ILE A 88 -12.26 -3.88 -11.83
CA ILE A 88 -12.11 -3.81 -13.29
C ILE A 88 -12.28 -2.37 -13.81
N THR A 89 -12.92 -1.50 -13.03
CA THR A 89 -13.13 -0.11 -13.37
C THR A 89 -11.97 0.76 -12.92
N TYR A 90 -11.28 0.43 -11.81
CA TYR A 90 -10.16 1.18 -11.21
C TYR A 90 -10.50 2.67 -11.30
N PRO A 91 -11.54 3.12 -10.56
CA PRO A 91 -11.99 4.50 -10.61
C PRO A 91 -11.06 5.49 -9.91
N THR A 92 -11.41 6.77 -10.07
CA THR A 92 -10.73 7.91 -9.48
C THR A 92 -10.75 7.78 -7.95
N THR A 93 -11.74 7.06 -7.41
CA THR A 93 -11.91 6.78 -5.99
C THR A 93 -11.02 5.56 -5.76
N ALA A 94 -10.12 5.68 -4.78
CA ALA A 94 -9.15 4.64 -4.41
C ALA A 94 -9.78 3.25 -4.21
N PRO A 95 -8.99 2.17 -4.36
CA PRO A 95 -9.46 0.81 -4.15
C PRO A 95 -9.65 0.62 -2.63
N GLU A 96 -10.16 -0.52 -2.19
CA GLU A 96 -10.40 -0.77 -0.78
C GLU A 96 -9.73 -2.04 -0.26
N ILE A 97 -8.72 -1.86 0.58
CA ILE A 97 -7.94 -2.91 1.22
C ILE A 97 -8.83 -3.62 2.26
N ALA A 98 -8.53 -4.89 2.54
CA ALA A 98 -9.21 -5.73 3.50
C ALA A 98 -8.15 -6.45 4.34
N VAL A 99 -8.48 -6.77 5.59
CA VAL A 99 -7.61 -7.47 6.53
C VAL A 99 -8.53 -8.49 7.24
N PRO A 100 -8.46 -9.77 6.88
CA PRO A 100 -9.32 -10.79 7.49
C PRO A 100 -9.05 -11.04 8.98
N GLU A 101 -7.82 -10.92 9.49
CA GLU A 101 -7.51 -11.17 10.90
C GLU A 101 -8.30 -10.20 11.78
N LEU A 102 -8.36 -8.93 11.39
CA LEU A 102 -9.08 -7.91 12.15
C LEU A 102 -10.55 -7.84 11.74
N ASP A 103 -11.00 -8.63 10.75
CA ASP A 103 -12.38 -8.62 10.27
C ASP A 103 -13.32 -9.11 11.36
N GLY A 104 -13.91 -8.16 12.08
CA GLY A 104 -14.84 -8.39 13.17
C GLY A 104 -14.23 -7.95 14.51
N LYS A 105 -12.90 -7.81 14.60
CA LYS A 105 -12.20 -7.38 15.81
C LYS A 105 -12.48 -5.90 16.03
N THR A 106 -12.13 -5.09 15.02
CA THR A 106 -12.33 -3.64 15.04
C THR A 106 -13.84 -3.33 14.94
N ALA A 107 -14.22 -2.07 15.12
CA ALA A 107 -15.61 -1.64 15.00
C ALA A 107 -15.97 -1.86 13.54
N LYS A 108 -16.95 -2.72 13.26
CA LYS A 108 -17.36 -3.02 11.91
C LYS A 108 -18.09 -1.83 11.30
N MET A 109 -17.37 -1.08 10.47
CA MET A 109 -17.87 0.10 9.78
C MET A 109 -18.73 -0.31 8.58
N TYR A 110 -19.28 0.69 7.87
CA TYR A 110 -20.11 0.53 6.68
C TYR A 110 -19.31 -0.21 5.59
N ARG A 111 -19.98 -0.76 4.58
CA ARG A 111 -19.31 -1.49 3.50
C ARG A 111 -18.27 -0.65 2.74
N GLY A 112 -17.49 -1.35 1.95
CA GLY A 112 -16.39 -0.87 1.13
C GLY A 112 -15.20 -0.39 1.97
N GLY A 113 -14.14 -1.20 2.10
CA GLY A 113 -12.94 -0.79 2.84
C GLY A 113 -13.05 -0.74 4.36
N LYS A 114 -13.37 -1.85 5.03
CA LYS A 114 -13.53 -1.88 6.50
C LYS A 114 -12.29 -1.44 7.28
N ILE A 115 -11.13 -1.37 6.64
CA ILE A 115 -9.87 -0.96 7.27
C ILE A 115 -9.22 0.20 6.49
N CYS A 116 -9.76 0.58 5.34
CA CYS A 116 -9.25 1.68 4.54
C CYS A 116 -9.71 2.94 5.25
N LEU A 117 -8.86 3.49 6.14
CA LEU A 117 -9.20 4.70 6.87
C LEU A 117 -9.53 5.76 5.80
N THR A 118 -10.47 6.63 6.12
CA THR A 118 -10.91 7.66 5.21
C THR A 118 -10.80 9.05 5.81
N ASP A 119 -10.60 9.18 7.13
CA ASP A 119 -10.49 10.46 7.85
C ASP A 119 -9.79 11.55 7.04
N HIS A 120 -8.47 11.45 6.82
CA HIS A 120 -7.72 12.43 6.01
C HIS A 120 -7.42 11.85 4.62
N PHE A 121 -7.41 10.52 4.49
CA PHE A 121 -7.11 9.82 3.25
C PHE A 121 -8.14 10.12 2.14
N LYS A 122 -9.44 10.05 2.43
CA LYS A 122 -10.48 10.30 1.43
C LYS A 122 -10.37 11.70 0.84
N PRO A 123 -10.35 12.81 1.62
CA PRO A 123 -10.23 14.14 1.03
C PRO A 123 -8.89 14.30 0.32
N LEU A 124 -7.80 13.73 0.86
CA LEU A 124 -6.47 13.80 0.25
C LEU A 124 -6.54 13.19 -1.15
N TRP A 125 -6.99 11.93 -1.23
CA TRP A 125 -7.08 11.22 -2.50
C TRP A 125 -8.02 11.94 -3.45
N ALA A 126 -9.23 12.28 -2.98
CA ALA A 126 -10.22 12.95 -3.80
C ALA A 126 -9.72 14.30 -4.35
N ARG A 127 -8.93 15.08 -3.60
CA ARG A 127 -8.45 16.35 -4.12
C ARG A 127 -7.32 16.14 -5.12
N ASN A 128 -6.41 15.18 -4.87
CA ASN A 128 -5.30 14.91 -5.76
C ASN A 128 -5.08 13.41 -6.01
N VAL A 129 -5.46 13.00 -7.21
CA VAL A 129 -5.34 11.64 -7.73
C VAL A 129 -5.00 11.82 -9.22
N PRO A 130 -3.83 12.42 -9.56
CA PRO A 130 -3.45 12.63 -10.96
C PRO A 130 -2.91 11.36 -11.61
N LYS A 131 -1.95 10.72 -10.93
CA LYS A 131 -1.23 9.50 -11.31
C LYS A 131 -1.02 8.53 -10.14
N PHE A 132 -1.69 8.75 -9.00
CA PHE A 132 -1.56 7.92 -7.82
C PHE A 132 -1.76 6.44 -8.15
N GLY A 133 -0.99 5.61 -7.45
CA GLY A 133 -0.99 4.16 -7.54
C GLY A 133 -1.02 3.53 -6.16
N LEU A 134 -0.85 2.21 -6.13
CA LEU A 134 -0.87 1.42 -4.90
C LEU A 134 0.18 1.88 -3.89
N ALA A 135 1.37 2.37 -4.30
CA ALA A 135 2.35 2.86 -3.33
C ALA A 135 1.74 4.03 -2.54
N HIS A 136 1.06 4.95 -3.23
CA HIS A 136 0.44 6.10 -2.60
C HIS A 136 -0.67 5.61 -1.65
N LEU A 137 -1.43 4.58 -2.07
CA LEU A 137 -2.50 4.00 -1.27
C LEU A 137 -1.94 3.42 0.03
N MET A 138 -0.90 2.59 -0.04
CA MET A 138 -0.31 1.98 1.14
C MET A 138 0.31 3.03 2.07
N ALA A 139 1.16 3.91 1.53
CA ALA A 139 1.84 4.93 2.30
C ALA A 139 0.92 6.01 2.90
N LEU A 140 -0.28 6.25 2.36
CA LEU A 140 -1.20 7.26 2.91
C LEU A 140 -2.49 6.63 3.42
N GLY A 141 -2.62 5.30 3.39
CA GLY A 141 -3.80 4.61 3.86
C GLY A 141 -3.43 3.47 4.81
N LEU A 142 -2.75 2.43 4.32
CA LEU A 142 -2.37 1.30 5.16
C LEU A 142 -1.47 1.71 6.33
N GLY A 143 -0.44 2.51 6.05
CA GLY A 143 0.53 3.01 7.02
C GLY A 143 -0.09 3.83 8.13
N PRO A 144 -0.76 4.96 7.82
CA PRO A 144 -1.37 5.79 8.84
C PRO A 144 -2.45 5.03 9.59
N TRP A 145 -3.22 4.16 8.91
CA TRP A 145 -4.26 3.36 9.54
C TRP A 145 -3.60 2.59 10.69
N LEU A 146 -2.60 1.76 10.39
CA LEU A 146 -1.88 0.96 11.40
C LEU A 146 -1.21 1.82 12.47
N ALA A 147 -0.52 2.88 12.06
CA ALA A 147 0.16 3.75 13.00
C ALA A 147 -0.79 4.33 14.06
N VAL A 148 -2.04 4.57 13.70
CA VAL A 148 -3.06 5.11 14.57
C VAL A 148 -3.89 4.00 15.24
N GLU A 149 -4.05 2.84 14.60
CA GLU A 149 -4.83 1.71 15.11
C GLU A 149 -4.09 0.96 16.20
N ILE A 150 -2.78 0.78 16.09
CA ILE A 150 -2.04 0.04 17.11
C ILE A 150 -2.26 0.65 18.50
N PRO A 151 -1.97 1.94 18.76
CA PRO A 151 -2.16 2.48 20.08
C PRO A 151 -3.64 2.63 20.44
N ASP A 152 -4.54 2.83 19.47
CA ASP A 152 -5.97 2.98 19.74
C ASP A 152 -6.57 1.63 20.15
N LEU A 153 -6.33 0.57 19.38
CA LEU A 153 -6.87 -0.74 19.68
C LEU A 153 -6.23 -1.30 20.96
N ILE A 154 -4.96 -1.02 21.23
CA ILE A 154 -4.31 -1.51 22.43
C ILE A 154 -4.88 -0.78 23.66
N GLN A 155 -4.90 0.55 23.67
CA GLN A 155 -5.42 1.30 24.81
C GLN A 155 -6.89 0.96 25.10
N LYS A 156 -7.69 0.76 24.04
CA LYS A 156 -9.11 0.42 24.19
C LYS A 156 -9.25 -1.03 24.67
N GLY A 157 -8.31 -1.90 24.33
CA GLY A 157 -8.30 -3.29 24.73
C GLY A 157 -8.99 -4.18 23.72
N VAL A 158 -8.51 -4.17 22.48
CA VAL A 158 -9.03 -4.97 21.38
C VAL A 158 -7.89 -5.85 20.85
N ILE A 159 -6.66 -5.35 20.74
CA ILE A 159 -5.52 -6.12 20.23
C ILE A 159 -4.70 -6.64 21.41
N GLN A 160 -4.04 -7.79 21.22
CA GLN A 160 -3.18 -8.48 22.16
C GLN A 160 -2.09 -9.15 21.31
N HIS A 161 -0.85 -9.11 21.76
CA HIS A 161 0.27 -9.70 21.03
C HIS A 161 0.19 -11.23 20.91
N LYS A 162 0.99 -11.77 19.99
CA LYS A 162 1.13 -13.19 19.68
C LYS A 162 2.58 -13.64 19.85
N GLU A 163 3.43 -12.84 20.50
CA GLU A 163 4.83 -13.16 20.70
C GLU A 163 5.01 -14.57 21.27
N LYS A 164 4.24 -14.94 22.30
CA LYS A 164 4.34 -16.27 22.91
C LYS A 164 3.97 -17.37 21.91
N CYS A 165 3.04 -17.08 21.00
CA CYS A 165 2.61 -18.02 19.98
C CYS A 165 3.66 -18.16 18.87
N ASN A 166 4.81 -17.46 18.97
CA ASN A 166 5.90 -17.47 18.01
C ASN A 166 7.26 -17.83 18.61
N GLN A 167 7.45 -17.72 19.93
CA GLN A 167 8.68 -18.06 20.62
C GLN A 167 8.33 -18.49 22.03
N GLY B 1 10.62 11.30 -23.01
CA GLY B 1 9.82 12.01 -21.99
C GLY B 1 10.56 11.95 -20.67
N MET B 2 10.49 13.00 -19.85
CA MET B 2 11.17 13.04 -18.56
C MET B 2 10.54 14.09 -17.65
N SER B 3 10.65 13.86 -16.34
CA SER B 3 10.18 14.74 -15.29
C SER B 3 11.05 16.00 -15.28
N VAL B 4 10.66 16.98 -14.46
CA VAL B 4 11.38 18.25 -14.35
C VAL B 4 11.68 18.61 -12.89
N THR B 5 10.84 18.22 -11.92
CA THR B 5 11.06 18.52 -10.50
C THR B 5 10.51 17.42 -9.59
N GLU B 6 9.50 16.71 -10.04
CA GLU B 6 8.86 15.61 -9.34
C GLU B 6 9.70 14.35 -9.57
N LEU B 7 9.54 13.34 -8.72
CA LEU B 7 10.23 12.06 -8.86
C LEU B 7 9.61 11.34 -10.06
N THR B 8 10.09 10.15 -10.45
CA THR B 8 9.54 9.38 -11.56
C THR B 8 9.97 7.91 -11.41
N VAL B 9 9.11 7.01 -11.90
CA VAL B 9 9.32 5.57 -11.88
C VAL B 9 10.67 5.22 -12.49
N GLU B 10 11.20 4.07 -12.11
CA GLU B 10 12.48 3.53 -12.55
C GLU B 10 12.40 2.97 -13.98
N ASP B 11 11.58 3.60 -14.81
CA ASP B 11 11.31 3.28 -16.19
C ASP B 11 12.58 3.18 -17.05
N SER B 12 13.08 1.96 -17.23
CA SER B 12 14.26 1.67 -18.03
C SER B 12 13.94 0.49 -18.95
N GLY B 13 12.83 0.51 -19.69
CA GLY B 13 12.44 -0.58 -20.58
C GLY B 13 12.27 -1.95 -19.90
N GLU B 14 12.06 -1.97 -18.58
CA GLU B 14 11.89 -3.20 -17.82
C GLU B 14 10.64 -3.94 -18.31
N SER B 15 10.65 -5.26 -18.16
CA SER B 15 9.58 -6.14 -18.58
C SER B 15 8.76 -6.55 -17.35
N LEU B 16 7.44 -6.62 -17.53
CA LEU B 16 6.48 -6.96 -16.48
C LEU B 16 6.81 -8.22 -15.70
N GLU B 17 7.16 -9.28 -16.42
CA GLU B 17 7.50 -10.57 -15.82
C GLU B 17 8.68 -10.44 -14.88
N ASP B 18 9.67 -9.64 -15.26
CA ASP B 18 10.87 -9.39 -14.47
C ASP B 18 10.53 -8.50 -13.28
N LEU B 19 9.66 -7.50 -13.48
CA LEU B 19 9.23 -6.57 -12.45
C LEU B 19 8.52 -7.34 -11.35
N MET B 20 7.46 -8.07 -11.68
CA MET B 20 6.73 -8.84 -10.70
C MET B 20 7.62 -9.94 -10.09
N ALA B 21 8.55 -10.51 -10.87
CA ALA B 21 9.45 -11.54 -10.36
C ALA B 21 10.25 -10.96 -9.20
N LYS B 22 10.94 -9.82 -9.41
CA LYS B 22 11.70 -9.23 -8.32
C LYS B 22 10.79 -8.78 -7.19
N MET B 23 9.59 -8.28 -7.51
CA MET B 23 8.68 -7.81 -6.46
C MET B 23 8.38 -8.94 -5.47
N LYS B 24 7.90 -10.09 -5.95
CA LYS B 24 7.57 -11.20 -5.06
C LYS B 24 8.80 -11.86 -4.44
N ASN B 25 9.88 -12.02 -5.22
CA ASN B 25 11.12 -12.64 -4.77
C ASN B 25 11.86 -11.83 -3.70
N MET B 26 11.69 -10.51 -3.61
CA MET B 26 12.37 -9.70 -2.60
C MET B 26 12.00 -10.07 -1.16
N TRP B 27 10.95 -10.88 -0.96
CA TRP B 27 10.44 -11.31 0.34
C TRP B 27 10.35 -10.09 1.25
N MET A 1 2.48 16.89 13.28
CA MET A 1 1.52 17.15 12.20
C MET A 1 1.39 15.90 11.32
N ALA A 2 0.26 15.78 10.62
CA ALA A 2 -0.01 14.66 9.72
C ALA A 2 0.45 15.01 8.28
N ASP A 3 0.39 16.29 7.92
CA ASP A 3 0.77 16.80 6.59
C ASP A 3 2.25 16.65 6.31
N GLU A 4 3.10 16.88 7.33
CA GLU A 4 4.56 16.77 7.19
C GLU A 4 4.93 15.33 6.78
N ALA A 5 4.19 14.34 7.30
CA ALA A 5 4.40 12.94 6.98
C ALA A 5 3.95 12.73 5.54
N THR A 6 2.76 13.22 5.16
CA THR A 6 2.26 13.08 3.81
C THR A 6 3.25 13.65 2.79
N ARG A 7 3.67 14.91 2.96
CA ARG A 7 4.58 15.54 2.02
C ARG A 7 5.89 14.78 1.93
N ARG A 8 6.47 14.30 3.04
CA ARG A 8 7.72 13.55 2.99
C ARG A 8 7.53 12.26 2.21
N VAL A 9 6.49 11.50 2.56
CA VAL A 9 6.21 10.23 1.95
C VAL A 9 6.07 10.36 0.44
N VAL A 10 5.25 11.29 -0.07
CA VAL A 10 5.11 11.42 -1.51
C VAL A 10 6.40 12.01 -2.11
N SER A 11 7.18 12.81 -1.35
CA SER A 11 8.43 13.36 -1.86
C SER A 11 9.52 12.30 -1.96
N GLU A 12 9.42 11.15 -1.27
CA GLU A 12 10.44 10.11 -1.37
C GLU A 12 10.00 8.95 -2.28
N ILE A 13 8.72 8.91 -2.67
CA ILE A 13 8.10 7.87 -3.51
C ILE A 13 7.97 8.28 -4.99
N PRO A 14 8.53 7.50 -5.94
CA PRO A 14 8.45 7.79 -7.37
C PRO A 14 7.03 7.73 -7.94
N VAL A 15 6.70 8.74 -8.75
CA VAL A 15 5.40 8.91 -9.40
C VAL A 15 5.34 8.11 -10.71
N LEU A 16 4.13 7.82 -11.15
CA LEU A 16 3.85 7.05 -12.37
C LEU A 16 3.42 8.01 -13.48
N LYS A 17 3.04 7.50 -14.65
CA LYS A 17 2.58 8.27 -15.80
C LYS A 17 1.25 7.69 -16.25
N THR A 18 1.23 6.44 -16.73
CA THR A 18 0.01 5.81 -17.22
C THR A 18 -0.88 5.41 -16.04
N ASN A 19 -2.20 5.53 -16.18
CA ASN A 19 -3.25 5.22 -15.20
C ASN A 19 -4.40 4.43 -15.84
N ALA A 20 -4.08 3.48 -16.72
CA ALA A 20 -5.05 2.62 -17.41
C ALA A 20 -5.57 1.47 -16.52
N GLY A 21 -6.51 0.66 -17.03
CA GLY A 21 -7.11 -0.47 -16.31
C GLY A 21 -6.79 -1.86 -16.90
N PRO A 22 -7.08 -2.94 -16.16
CA PRO A 22 -6.84 -4.33 -16.52
C PRO A 22 -7.68 -4.82 -17.71
N ARG A 23 -8.75 -4.09 -18.03
CA ARG A 23 -9.65 -4.40 -19.14
C ARG A 23 -8.89 -4.56 -20.46
N ASP A 24 -7.85 -3.76 -20.67
CA ASP A 24 -7.01 -3.80 -21.86
C ASP A 24 -5.68 -4.41 -21.48
N ARG A 25 -5.44 -5.68 -21.85
CA ARG A 25 -4.24 -6.48 -21.57
C ARG A 25 -2.94 -5.68 -21.69
N GLU A 26 -2.68 -5.10 -22.86
CA GLU A 26 -1.47 -4.33 -23.12
C GLU A 26 -1.32 -3.10 -22.22
N LEU A 27 -2.39 -2.30 -22.15
CA LEU A 27 -2.43 -1.09 -21.34
C LEU A 27 -2.19 -1.45 -19.88
N TRP A 28 -2.72 -2.59 -19.44
CA TRP A 28 -2.55 -3.07 -18.10
C TRP A 28 -1.08 -3.30 -17.87
N VAL A 29 -0.38 -4.02 -18.74
CA VAL A 29 1.05 -4.26 -18.55
C VAL A 29 1.76 -2.91 -18.39
N GLN A 30 1.45 -1.89 -19.19
CA GLN A 30 2.08 -0.58 -19.04
C GLN A 30 1.77 -0.01 -17.64
N ARG A 31 0.50 0.16 -17.25
CA ARG A 31 0.16 0.71 -15.94
C ARG A 31 0.78 -0.13 -14.81
N LEU A 32 0.57 -1.44 -14.82
CA LEU A 32 1.05 -2.42 -13.85
C LEU A 32 2.55 -2.26 -13.67
N LYS A 33 3.27 -2.14 -14.79
CA LYS A 33 4.72 -1.94 -14.81
C LYS A 33 5.04 -0.70 -14.00
N GLU A 34 4.33 0.39 -14.22
CA GLU A 34 4.58 1.64 -13.48
C GLU A 34 4.30 1.42 -12.00
N GLU A 35 3.15 0.82 -11.66
CA GLU A 35 2.78 0.55 -10.28
C GLU A 35 3.85 -0.30 -9.61
N TYR A 36 4.43 -1.27 -10.32
CA TYR A 36 5.49 -2.13 -9.83
C TYR A 36 6.75 -1.31 -9.58
N GLN A 37 7.34 -0.68 -10.60
CA GLN A 37 8.55 0.11 -10.46
C GLN A 37 8.44 1.04 -9.23
N SER A 38 7.32 1.76 -9.12
CA SER A 38 7.02 2.68 -8.02
C SER A 38 7.06 1.97 -6.66
N LEU A 39 6.20 0.96 -6.48
CA LEU A 39 6.06 0.20 -5.25
C LEU A 39 7.36 -0.53 -4.86
N ILE A 40 8.00 -1.21 -5.81
CA ILE A 40 9.25 -1.94 -5.60
C ILE A 40 10.28 -0.96 -5.06
N ARG A 41 10.48 0.17 -5.74
CA ARG A 41 11.45 1.17 -5.32
C ARG A 41 11.20 1.60 -3.88
N TYR A 42 9.94 1.89 -3.51
CA TYR A 42 9.61 2.29 -2.14
C TYR A 42 10.01 1.18 -1.17
N VAL A 43 9.56 -0.06 -1.38
CA VAL A 43 9.89 -1.16 -0.47
C VAL A 43 11.41 -1.42 -0.45
N GLU A 44 12.10 -1.23 -1.56
CA GLU A 44 13.53 -1.43 -1.67
C GLU A 44 14.22 -0.45 -0.72
N ASN A 45 13.89 0.86 -0.79
CA ASN A 45 14.53 1.83 0.08
C ASN A 45 14.06 1.71 1.53
N ASN A 46 12.77 1.49 1.79
CA ASN A 46 12.27 1.37 3.14
C ASN A 46 12.90 0.18 3.86
N LYS A 47 12.95 -1.00 3.26
CA LYS A 47 13.55 -2.16 3.93
C LYS A 47 15.05 -1.98 4.04
N ASN A 48 15.74 -1.43 3.02
CA ASN A 48 17.18 -1.23 3.11
C ASN A 48 17.55 -0.20 4.16
N ALA A 49 16.64 0.69 4.54
CA ALA A 49 16.84 1.70 5.56
C ALA A 49 16.39 1.15 6.94
N ASP A 50 16.19 -0.18 7.05
CA ASP A 50 15.73 -0.89 8.25
C ASP A 50 14.36 -0.36 8.72
N ASN A 51 13.56 0.19 7.79
CA ASN A 51 12.23 0.75 8.04
C ASN A 51 11.16 -0.30 7.64
N ASP A 52 11.54 -1.58 7.63
CA ASP A 52 10.66 -2.68 7.28
C ASP A 52 9.39 -2.70 8.15
N TRP A 53 8.21 -2.55 7.53
CA TRP A 53 6.94 -2.58 8.25
C TRP A 53 5.85 -3.28 7.45
N PHE A 54 5.96 -3.32 6.12
CA PHE A 54 4.96 -3.93 5.23
C PHE A 54 5.62 -4.77 4.13
N ARG A 55 4.83 -5.65 3.52
CA ARG A 55 5.17 -6.57 2.44
C ARG A 55 3.93 -6.70 1.57
N LEU A 56 4.08 -6.78 0.25
CA LEU A 56 3.00 -6.92 -0.70
C LEU A 56 3.54 -7.55 -1.99
N GLU A 57 2.75 -8.43 -2.59
CA GLU A 57 3.04 -9.13 -3.84
C GLU A 57 1.70 -9.44 -4.54
N SER A 58 1.74 -9.95 -5.77
CA SER A 58 0.56 -10.27 -6.55
C SER A 58 0.88 -11.44 -7.49
N ASN A 59 -0.17 -11.96 -8.10
CA ASN A 59 -0.10 -13.05 -9.08
C ASN A 59 0.48 -12.48 -10.38
N LYS A 60 0.64 -13.32 -11.40
CA LYS A 60 1.19 -12.91 -12.70
C LYS A 60 0.29 -11.94 -13.46
N GLU A 61 -0.99 -11.91 -13.09
CA GLU A 61 -2.03 -11.10 -13.73
C GLU A 61 -2.22 -9.69 -13.15
N GLY A 62 -1.75 -9.44 -11.93
CA GLY A 62 -1.87 -8.16 -11.23
C GLY A 62 -3.30 -7.81 -10.86
N THR A 63 -4.21 -8.79 -10.84
CA THR A 63 -5.60 -8.60 -10.50
C THR A 63 -5.78 -8.54 -8.99
N ARG A 64 -5.18 -9.48 -8.27
CA ARG A 64 -5.22 -9.61 -6.83
C ARG A 64 -3.85 -9.28 -6.28
N TRP A 65 -3.83 -8.57 -5.15
CA TRP A 65 -2.65 -8.13 -4.46
C TRP A 65 -2.83 -8.57 -3.02
N PHE A 66 -1.81 -9.18 -2.42
CA PHE A 66 -1.84 -9.67 -1.05
C PHE A 66 -0.49 -9.42 -0.39
N GLY A 67 -0.42 -9.54 0.93
CA GLY A 67 0.80 -9.31 1.67
C GLY A 67 0.53 -9.35 3.16
N LYS A 68 1.47 -8.82 3.93
CA LYS A 68 1.39 -8.76 5.39
C LYS A 68 2.17 -7.57 5.89
N CYS A 69 1.87 -7.11 7.08
CA CYS A 69 2.53 -5.98 7.73
C CYS A 69 2.76 -6.34 9.19
N TRP A 70 3.71 -5.67 9.82
CA TRP A 70 4.08 -5.84 11.21
C TRP A 70 4.24 -4.48 11.85
N TYR A 71 4.01 -4.42 13.16
CA TYR A 71 4.14 -3.20 13.94
C TYR A 71 4.80 -3.55 15.25
N ILE A 72 5.39 -2.55 15.91
CA ILE A 72 6.10 -2.70 17.16
C ILE A 72 5.72 -1.55 18.09
N HIS A 73 5.37 -1.86 19.34
CA HIS A 73 5.03 -0.87 20.36
C HIS A 73 5.16 -1.58 21.70
N ASP A 74 5.75 -0.91 22.71
CA ASP A 74 5.95 -1.40 24.07
C ASP A 74 6.63 -2.78 24.14
N LEU A 75 7.61 -3.00 23.26
CA LEU A 75 8.41 -4.22 23.11
C LEU A 75 7.59 -5.40 22.57
N LEU A 76 6.38 -5.15 22.05
CA LEU A 76 5.51 -6.19 21.52
C LEU A 76 5.41 -6.04 20.01
N LYS A 77 5.65 -7.13 19.28
CA LYS A 77 5.58 -7.22 17.83
C LYS A 77 4.27 -7.88 17.44
N TYR A 78 3.60 -7.29 16.46
CA TYR A 78 2.33 -7.79 15.93
C TYR A 78 2.51 -8.02 14.44
N GLU A 79 1.66 -8.86 13.86
CA GLU A 79 1.65 -9.23 12.45
C GLU A 79 0.19 -9.25 12.00
N PHE A 80 -0.09 -8.74 10.80
CA PHE A 80 -1.42 -8.70 10.19
C PHE A 80 -1.28 -9.06 8.72
N ASP A 81 -2.31 -9.69 8.17
CA ASP A 81 -2.36 -10.13 6.78
C ASP A 81 -3.26 -9.21 5.97
N ILE A 82 -3.03 -9.06 4.66
CA ILE A 82 -3.86 -8.22 3.80
C ILE A 82 -4.03 -8.82 2.42
N GLU A 83 -5.16 -8.50 1.79
CA GLU A 83 -5.50 -8.92 0.45
C GLU A 83 -6.57 -7.99 -0.11
N PHE A 84 -6.36 -7.50 -1.33
CA PHE A 84 -7.30 -6.64 -2.03
C PHE A 84 -7.30 -7.02 -3.53
N ASP A 85 -8.31 -6.54 -4.25
CA ASP A 85 -8.49 -6.77 -5.68
C ASP A 85 -8.72 -5.43 -6.38
N ILE A 86 -8.08 -5.25 -7.53
CA ILE A 86 -8.23 -4.03 -8.30
C ILE A 86 -9.50 -4.16 -9.15
N PRO A 87 -10.40 -3.16 -9.12
CA PRO A 87 -11.62 -3.19 -9.90
C PRO A 87 -11.36 -2.86 -11.37
N ILE A 88 -12.20 -3.39 -12.26
CA ILE A 88 -12.12 -3.14 -13.70
C ILE A 88 -12.37 -1.65 -14.03
N THR A 89 -13.01 -0.91 -13.13
CA THR A 89 -13.33 0.49 -13.30
C THR A 89 -12.20 1.45 -12.90
N TYR A 90 -11.48 1.15 -11.80
CA TYR A 90 -10.40 1.99 -11.23
C TYR A 90 -10.83 3.47 -11.29
N PRO A 91 -11.86 3.86 -10.54
CA PRO A 91 -12.34 5.24 -10.53
C PRO A 91 -11.34 6.14 -9.81
N THR A 92 -11.60 7.45 -9.85
CA THR A 92 -10.76 8.42 -9.16
C THR A 92 -10.74 8.07 -7.66
N THR A 93 -11.81 7.47 -7.16
CA THR A 93 -11.95 7.05 -5.77
C THR A 93 -11.06 5.81 -5.58
N ALA A 94 -10.26 5.84 -4.53
CA ALA A 94 -9.32 4.80 -4.14
C ALA A 94 -9.92 3.40 -3.89
N PRO A 95 -9.11 2.31 -4.03
CA PRO A 95 -9.49 0.92 -3.78
C PRO A 95 -9.70 0.69 -2.25
N GLU A 96 -10.07 -0.54 -1.82
CA GLU A 96 -10.29 -0.89 -0.40
C GLU A 96 -9.43 -2.11 -0.04
N ILE A 97 -8.78 -2.11 1.13
CA ILE A 97 -7.95 -3.20 1.65
C ILE A 97 -8.78 -4.04 2.63
N ALA A 98 -8.53 -5.35 2.68
CA ALA A 98 -9.18 -6.29 3.59
C ALA A 98 -8.08 -6.86 4.48
N VAL A 99 -8.41 -7.11 5.75
CA VAL A 99 -7.48 -7.65 6.74
C VAL A 99 -8.17 -8.80 7.47
N PRO A 100 -7.87 -10.09 7.19
CA PRO A 100 -8.49 -11.20 7.88
C PRO A 100 -8.03 -11.28 9.34
N GLU A 101 -6.81 -10.83 9.67
CA GLU A 101 -6.30 -10.88 11.03
C GLU A 101 -7.16 -10.04 11.98
N LEU A 102 -7.78 -8.97 11.47
CA LEU A 102 -8.64 -8.07 12.22
C LEU A 102 -10.11 -8.29 11.88
N ASP A 103 -10.43 -9.23 11.00
CA ASP A 103 -11.80 -9.51 10.58
C ASP A 103 -12.65 -9.83 11.79
N GLY A 104 -13.64 -8.97 12.07
CA GLY A 104 -14.54 -9.12 13.20
C GLY A 104 -13.98 -8.50 14.47
N LYS A 105 -12.65 -8.39 14.60
CA LYS A 105 -12.06 -7.76 15.78
C LYS A 105 -12.29 -6.26 15.66
N THR A 106 -12.08 -5.68 14.48
CA THR A 106 -12.25 -4.26 14.21
C THR A 106 -13.75 -3.88 14.24
N ALA A 107 -14.00 -2.58 14.08
CA ALA A 107 -15.32 -1.98 14.04
C ALA A 107 -16.11 -2.61 12.89
N LYS A 108 -17.45 -2.63 12.97
CA LYS A 108 -18.27 -3.23 11.93
C LYS A 108 -17.94 -2.67 10.55
N MET A 109 -17.33 -3.53 9.74
CA MET A 109 -16.90 -3.24 8.39
C MET A 109 -18.03 -2.63 7.57
N TYR A 110 -17.89 -1.35 7.23
CA TYR A 110 -18.88 -0.66 6.43
C TYR A 110 -18.67 -1.09 4.98
N ARG A 111 -19.74 -1.22 4.18
CA ARG A 111 -19.61 -1.59 2.77
C ARG A 111 -19.05 -0.36 2.08
N GLY A 112 -17.73 -0.28 1.95
CA GLY A 112 -16.97 0.81 1.36
C GLY A 112 -16.08 1.40 2.42
N GLY A 113 -14.84 0.92 2.52
CA GLY A 113 -13.82 1.35 3.47
C GLY A 113 -13.88 0.61 4.81
N LYS A 114 -13.84 -0.73 4.82
CA LYS A 114 -13.93 -1.44 6.10
C LYS A 114 -12.79 -1.10 7.07
N ILE A 115 -11.58 -0.84 6.56
CA ILE A 115 -10.39 -0.46 7.31
C ILE A 115 -9.64 0.67 6.59
N CYS A 116 -9.91 0.85 5.29
CA CYS A 116 -9.31 1.86 4.44
C CYS A 116 -9.82 3.20 4.98
N LEU A 117 -9.06 3.81 5.89
CA LEU A 117 -9.42 5.07 6.53
C LEU A 117 -9.77 6.10 5.45
N THR A 118 -10.73 6.94 5.76
CA THR A 118 -11.20 7.96 4.84
C THR A 118 -11.03 9.37 5.39
N ASP A 119 -10.99 9.53 6.71
CA ASP A 119 -10.88 10.78 7.47
C ASP A 119 -10.18 11.91 6.69
N HIS A 120 -8.85 11.87 6.53
CA HIS A 120 -8.11 12.88 5.77
C HIS A 120 -7.69 12.35 4.39
N PHE A 121 -7.71 11.03 4.24
CA PHE A 121 -7.34 10.32 3.03
C PHE A 121 -8.29 10.64 1.88
N LYS A 122 -9.60 10.81 2.13
CA LYS A 122 -10.60 11.14 1.12
C LYS A 122 -10.23 12.44 0.40
N PRO A 123 -10.14 13.61 1.05
CA PRO A 123 -9.81 14.85 0.38
C PRO A 123 -8.40 14.80 -0.21
N LEU A 124 -7.43 14.23 0.53
CA LEU A 124 -6.05 14.12 0.08
C LEU A 124 -5.97 13.40 -1.27
N TRP A 125 -6.53 12.19 -1.32
CA TRP A 125 -6.52 11.37 -2.53
C TRP A 125 -7.38 12.00 -3.61
N ALA A 126 -8.56 12.49 -3.26
CA ALA A 126 -9.48 13.08 -4.24
C ALA A 126 -8.85 14.29 -4.94
N ARG A 127 -8.24 15.19 -4.18
CA ARG A 127 -7.62 16.37 -4.78
C ARG A 127 -6.41 16.01 -5.60
N ASN A 128 -5.55 15.10 -5.13
CA ASN A 128 -4.35 14.71 -5.86
C ASN A 128 -4.27 13.23 -6.16
N VAL A 129 -4.63 12.88 -7.39
CA VAL A 129 -4.60 11.52 -7.92
C VAL A 129 -4.26 11.65 -9.43
N PRO A 130 -3.21 12.39 -9.82
CA PRO A 130 -2.87 12.51 -11.23
C PRO A 130 -2.30 11.18 -11.72
N LYS A 131 -1.32 10.66 -10.98
CA LYS A 131 -0.63 9.40 -11.25
C LYS A 131 -0.47 8.51 -10.02
N PHE A 132 -1.16 8.84 -8.92
CA PHE A 132 -1.09 8.04 -7.69
C PHE A 132 -1.35 6.58 -8.04
N GLY A 133 -0.59 5.72 -7.37
CA GLY A 133 -0.63 4.29 -7.51
C GLY A 133 -0.67 3.67 -6.13
N LEU A 134 -0.76 2.35 -6.11
CA LEU A 134 -0.84 1.53 -4.91
C LEU A 134 0.26 1.81 -3.87
N ALA A 135 1.46 2.29 -4.26
CA ALA A 135 2.51 2.59 -3.28
C ALA A 135 2.02 3.76 -2.42
N HIS A 136 1.57 4.84 -3.09
CA HIS A 136 1.04 6.04 -2.44
C HIS A 136 -0.17 5.64 -1.60
N LEU A 137 -0.97 4.68 -2.07
CA LEU A 137 -2.14 4.22 -1.33
C LEU A 137 -1.70 3.67 0.02
N MET A 138 -0.80 2.70 0.04
CA MET A 138 -0.33 2.08 1.29
C MET A 138 0.31 3.12 2.20
N ALA A 139 1.21 3.93 1.63
CA ALA A 139 1.92 4.94 2.39
C ALA A 139 1.05 6.07 2.94
N LEU A 140 -0.12 6.34 2.33
CA LEU A 140 -1.03 7.40 2.78
C LEU A 140 -2.30 6.82 3.39
N GLY A 141 -2.46 5.50 3.48
CA GLY A 141 -3.64 4.87 4.05
C GLY A 141 -3.28 3.81 5.07
N LEU A 142 -2.65 2.71 4.63
CA LEU A 142 -2.24 1.61 5.51
C LEU A 142 -1.34 2.11 6.63
N GLY A 143 -0.38 2.97 6.31
CA GLY A 143 0.59 3.53 7.25
C GLY A 143 -0.08 4.36 8.35
N PRO A 144 -0.79 5.45 8.02
CA PRO A 144 -1.44 6.29 9.03
C PRO A 144 -2.50 5.52 9.82
N TRP A 145 -3.31 4.68 9.15
CA TRP A 145 -4.32 3.89 9.81
C TRP A 145 -3.64 3.08 10.91
N LEU A 146 -2.68 2.22 10.55
CA LEU A 146 -1.98 1.40 11.55
C LEU A 146 -1.24 2.23 12.58
N ALA A 147 -0.66 3.36 12.18
CA ALA A 147 0.08 4.23 13.06
C ALA A 147 -0.74 4.70 14.26
N VAL A 148 -2.00 5.05 14.03
CA VAL A 148 -2.92 5.53 15.05
C VAL A 148 -3.70 4.39 15.71
N GLU A 149 -4.02 3.37 14.93
CA GLU A 149 -4.82 2.24 15.36
C GLU A 149 -4.07 1.23 16.23
N ILE A 150 -2.76 1.04 16.09
CA ILE A 150 -2.03 0.10 16.95
C ILE A 150 -2.10 0.59 18.41
N PRO A 151 -1.66 1.82 18.75
CA PRO A 151 -1.72 2.28 20.13
C PRO A 151 -3.17 2.36 20.60
N ASP A 152 -4.10 2.82 19.76
CA ASP A 152 -5.52 2.91 20.12
C ASP A 152 -6.05 1.53 20.51
N LEU A 153 -5.83 0.51 19.68
CA LEU A 153 -6.32 -0.84 19.99
C LEU A 153 -5.65 -1.44 21.22
N ILE A 154 -4.40 -1.08 21.51
CA ILE A 154 -3.66 -1.58 22.65
C ILE A 154 -4.23 -0.95 23.92
N GLN A 155 -4.39 0.38 23.96
CA GLN A 155 -4.95 1.06 25.11
C GLN A 155 -6.38 0.57 25.33
N LYS A 156 -7.14 0.38 24.24
CA LYS A 156 -8.52 -0.10 24.25
C LYS A 156 -8.61 -1.52 24.78
N GLY A 157 -7.57 -2.31 24.52
CA GLY A 157 -7.43 -3.69 24.95
C GLY A 157 -8.09 -4.70 24.02
N VAL A 158 -7.94 -4.54 22.70
CA VAL A 158 -8.55 -5.47 21.72
C VAL A 158 -7.51 -6.35 21.01
N ILE A 159 -6.25 -5.93 20.87
CA ILE A 159 -5.21 -6.72 20.21
C ILE A 159 -4.31 -7.29 21.30
N GLN A 160 -3.85 -8.53 21.13
CA GLN A 160 -2.95 -9.22 22.03
C GLN A 160 -1.77 -9.66 21.16
N HIS A 161 -0.55 -9.53 21.68
CA HIS A 161 0.63 -9.93 20.93
C HIS A 161 0.62 -11.45 20.74
N LYS A 162 1.37 -11.92 19.73
CA LYS A 162 1.50 -13.33 19.42
C LYS A 162 2.96 -13.76 19.56
N GLU A 163 3.84 -12.87 20.05
CA GLU A 163 5.25 -13.21 20.23
C GLU A 163 5.30 -14.41 21.16
N LYS A 164 4.52 -14.37 22.24
CA LYS A 164 4.41 -15.41 23.24
C LYS A 164 4.09 -16.82 22.70
N CYS A 165 3.64 -16.93 21.45
CA CYS A 165 3.28 -18.17 20.77
C CYS A 165 4.28 -18.55 19.66
N ASN A 166 5.37 -17.78 19.48
CA ASN A 166 6.43 -18.00 18.50
C ASN A 166 7.79 -18.03 19.20
N GLN A 167 7.96 -17.16 20.18
CA GLN A 167 9.13 -16.94 20.99
C GLN A 167 8.75 -17.13 22.44
N GLY B 1 7.58 12.99 -23.36
CA GLY B 1 7.93 13.99 -22.33
C GLY B 1 8.44 13.26 -21.11
N MET B 2 8.71 13.99 -20.01
CA MET B 2 9.17 13.39 -18.77
C MET B 2 9.06 14.40 -17.63
N SER B 3 8.93 13.89 -16.41
CA SER B 3 8.81 14.63 -15.17
C SER B 3 10.20 14.96 -14.64
N VAL B 4 10.39 16.18 -14.12
CA VAL B 4 11.64 16.63 -13.54
C VAL B 4 11.41 17.32 -12.19
N THR B 5 10.31 18.05 -12.04
CA THR B 5 9.94 18.78 -10.85
C THR B 5 9.52 17.87 -9.70
N GLU B 6 9.22 16.61 -9.98
CA GLU B 6 8.85 15.58 -9.04
C GLU B 6 9.65 14.33 -9.41
N LEU B 7 9.50 13.27 -8.61
CA LEU B 7 10.13 11.97 -8.76
C LEU B 7 9.55 11.23 -9.96
N THR B 8 10.14 10.12 -10.39
CA THR B 8 9.65 9.36 -11.53
C THR B 8 9.93 7.87 -11.36
N VAL B 9 9.03 7.01 -11.85
CA VAL B 9 9.16 5.56 -11.83
C VAL B 9 10.48 5.20 -12.52
N GLU B 10 11.06 4.08 -12.11
CA GLU B 10 12.33 3.61 -12.67
C GLU B 10 12.10 2.95 -14.04
N ASP B 11 11.40 3.62 -14.96
CA ASP B 11 11.11 3.06 -16.27
C ASP B 11 12.37 2.96 -17.15
N SER B 12 13.10 1.88 -16.99
CA SER B 12 14.33 1.55 -17.68
C SER B 12 14.21 0.21 -18.42
N GLY B 13 13.15 0.05 -19.21
CA GLY B 13 12.86 -1.13 -20.01
C GLY B 13 12.66 -2.46 -19.28
N GLU B 14 12.55 -2.49 -17.95
CA GLU B 14 12.36 -3.75 -17.21
C GLU B 14 11.08 -4.45 -17.70
N SER B 15 11.01 -5.77 -17.61
CA SER B 15 9.84 -6.52 -18.04
C SER B 15 8.87 -6.71 -16.87
N LEU B 16 7.58 -6.81 -17.13
CA LEU B 16 6.57 -6.99 -16.09
C LEU B 16 6.86 -8.25 -15.27
N GLU B 17 7.19 -9.34 -15.95
CA GLU B 17 7.49 -10.60 -15.29
C GLU B 17 8.70 -10.48 -14.39
N ASP B 18 9.69 -9.70 -14.79
CA ASP B 18 10.92 -9.48 -14.05
C ASP B 18 10.59 -8.63 -12.82
N LEU B 19 9.80 -7.56 -13.01
CA LEU B 19 9.34 -6.63 -11.97
C LEU B 19 8.62 -7.43 -10.90
N MET B 20 7.60 -8.20 -11.27
CA MET B 20 6.88 -9.00 -10.28
C MET B 20 7.72 -10.11 -9.68
N ALA B 21 8.66 -10.71 -10.44
CA ALA B 21 9.50 -11.76 -9.90
C ALA B 21 10.36 -11.17 -8.77
N LYS B 22 10.99 -10.00 -8.99
CA LYS B 22 11.80 -9.40 -7.94
C LYS B 22 10.93 -8.96 -6.78
N MET B 23 9.72 -8.43 -7.08
CA MET B 23 8.83 -7.96 -6.03
C MET B 23 8.51 -9.06 -5.04
N LYS B 24 7.97 -10.19 -5.49
CA LYS B 24 7.64 -11.27 -4.56
C LYS B 24 8.90 -11.86 -3.94
N ASN B 25 10.02 -11.89 -4.66
CA ASN B 25 11.25 -12.44 -4.10
C ASN B 25 11.89 -11.50 -3.07
N MET B 26 11.51 -10.23 -2.97
CA MET B 26 12.07 -9.28 -2.00
C MET B 26 11.74 -9.59 -0.52
N TRP B 27 10.99 -10.68 -0.28
CA TRP B 27 10.56 -11.21 1.01
C TRP B 27 11.76 -11.36 1.96
N MET A 1 1.91 17.74 11.62
CA MET A 1 1.65 16.37 12.08
C MET A 1 1.34 15.46 10.90
N ALA A 2 0.32 15.80 10.11
CA ALA A 2 -0.10 15.00 8.97
C ALA A 2 0.57 15.40 7.66
N ASP A 3 0.53 16.67 7.29
CA ASP A 3 1.11 17.15 6.02
C ASP A 3 2.59 16.78 5.90
N GLU A 4 3.35 16.85 7.00
CA GLU A 4 4.77 16.51 7.02
C GLU A 4 5.01 15.05 6.57
N ALA A 5 4.18 14.12 7.04
CA ALA A 5 4.27 12.70 6.74
C ALA A 5 3.77 12.41 5.32
N THR A 6 2.66 13.02 4.92
CA THR A 6 2.11 12.82 3.57
C THR A 6 3.12 13.37 2.55
N ARG A 7 3.61 14.61 2.75
CA ARG A 7 4.55 15.22 1.81
C ARG A 7 5.81 14.37 1.68
N ARG A 8 6.44 13.96 2.79
CA ARG A 8 7.68 13.19 2.66
C ARG A 8 7.49 11.88 1.91
N VAL A 9 6.43 11.12 2.22
CA VAL A 9 6.26 9.85 1.53
C VAL A 9 6.04 10.08 0.02
N VAL A 10 5.26 11.08 -0.40
CA VAL A 10 5.09 11.33 -1.84
C VAL A 10 6.41 11.93 -2.39
N SER A 11 7.21 12.61 -1.57
CA SER A 11 8.49 13.19 -1.95
C SER A 11 9.53 12.11 -2.25
N GLU A 12 9.42 10.91 -1.67
CA GLU A 12 10.36 9.82 -1.92
C GLU A 12 9.85 8.74 -2.88
N ILE A 13 8.53 8.60 -3.05
CA ILE A 13 7.94 7.58 -3.91
C ILE A 13 8.02 8.01 -5.39
N PRO A 14 8.69 7.24 -6.28
CA PRO A 14 8.77 7.57 -7.70
C PRO A 14 7.35 7.61 -8.25
N VAL A 15 7.05 8.65 -9.04
CA VAL A 15 5.73 8.84 -9.60
C VAL A 15 5.59 8.23 -10.99
N LEU A 16 4.38 7.76 -11.26
CA LEU A 16 3.94 7.12 -12.49
C LEU A 16 3.37 8.21 -13.40
N LYS A 17 2.83 7.83 -14.55
CA LYS A 17 2.22 8.72 -15.54
C LYS A 17 0.91 8.11 -16.04
N THR A 18 0.85 6.82 -16.40
CA THR A 18 -0.37 6.16 -16.90
C THR A 18 -1.39 5.97 -15.77
N ASN A 19 -2.69 5.91 -16.11
CA ASN A 19 -3.82 5.72 -15.17
C ASN A 19 -4.84 4.68 -15.68
N ALA A 20 -4.42 3.77 -16.56
CA ALA A 20 -5.30 2.77 -17.14
C ALA A 20 -5.75 1.68 -16.15
N GLY A 21 -6.69 0.83 -16.58
CA GLY A 21 -7.28 -0.27 -15.80
C GLY A 21 -7.00 -1.69 -16.30
N PRO A 22 -7.37 -2.73 -15.54
CA PRO A 22 -7.14 -4.14 -15.91
C PRO A 22 -7.96 -4.65 -17.09
N ARG A 23 -9.03 -3.94 -17.48
CA ARG A 23 -9.89 -4.32 -18.61
C ARG A 23 -9.11 -4.48 -19.90
N ASP A 24 -8.06 -3.68 -20.10
CA ASP A 24 -7.27 -3.82 -21.35
C ASP A 24 -5.94 -4.48 -21.05
N ARG A 25 -5.68 -5.66 -21.63
CA ARG A 25 -4.45 -6.41 -21.43
C ARG A 25 -3.21 -5.55 -21.58
N GLU A 26 -3.01 -4.96 -22.75
CA GLU A 26 -1.89 -4.12 -23.10
C GLU A 26 -1.72 -2.91 -22.17
N LEU A 27 -2.80 -2.14 -22.01
CA LEU A 27 -2.80 -0.98 -21.15
C LEU A 27 -2.39 -1.39 -19.75
N TRP A 28 -2.90 -2.53 -19.27
CA TRP A 28 -2.58 -3.08 -17.96
C TRP A 28 -1.09 -3.30 -17.86
N VAL A 29 -0.44 -3.96 -18.82
CA VAL A 29 1.01 -4.16 -18.74
C VAL A 29 1.67 -2.80 -18.52
N GLN A 30 1.27 -1.77 -19.27
CA GLN A 30 1.89 -0.44 -19.11
C GLN A 30 1.69 0.12 -17.69
N ARG A 31 0.44 0.32 -17.28
CA ARG A 31 0.11 0.86 -15.96
C ARG A 31 0.78 0.04 -14.87
N LEU A 32 0.55 -1.26 -14.86
CA LEU A 32 1.06 -2.21 -13.89
C LEU A 32 2.57 -2.10 -13.77
N LYS A 33 3.26 -2.02 -14.91
CA LYS A 33 4.71 -1.87 -14.99
C LYS A 33 5.14 -0.64 -14.21
N GLU A 34 4.56 0.52 -14.47
CA GLU A 34 4.99 1.71 -13.72
C GLU A 34 4.67 1.54 -12.23
N GLU A 35 3.50 0.97 -11.92
CA GLU A 35 3.08 0.74 -10.54
C GLU A 35 4.09 -0.13 -9.81
N TYR A 36 4.61 -1.15 -10.49
CA TYR A 36 5.60 -2.07 -9.99
C TYR A 36 6.88 -1.31 -9.73
N GLN A 37 7.49 -0.75 -10.78
CA GLN A 37 8.74 0.03 -10.68
C GLN A 37 8.66 1.02 -9.51
N SER A 38 7.58 1.78 -9.41
CA SER A 38 7.33 2.75 -8.35
C SER A 38 7.35 2.10 -6.96
N LEU A 39 6.48 1.11 -6.74
CA LEU A 39 6.37 0.42 -5.46
C LEU A 39 7.65 -0.32 -5.08
N ILE A 40 8.27 -1.06 -6.01
CA ILE A 40 9.50 -1.80 -5.79
C ILE A 40 10.52 -0.83 -5.22
N ARG A 41 10.73 0.32 -5.86
CA ARG A 41 11.68 1.33 -5.41
C ARG A 41 11.33 1.77 -3.98
N TYR A 42 10.05 2.03 -3.69
CA TYR A 42 9.65 2.45 -2.35
C TYR A 42 10.00 1.36 -1.32
N VAL A 43 9.62 0.09 -1.52
CA VAL A 43 9.94 -0.98 -0.58
C VAL A 43 11.45 -1.18 -0.50
N GLU A 44 12.17 -1.01 -1.61
CA GLU A 44 13.62 -1.14 -1.65
C GLU A 44 14.25 -0.18 -0.65
N ASN A 45 13.95 1.12 -0.74
CA ASN A 45 14.51 2.11 0.16
C ASN A 45 14.07 1.88 1.59
N ASN A 46 12.77 1.63 1.78
CA ASN A 46 12.17 1.40 3.08
C ASN A 46 12.80 0.22 3.83
N LYS A 47 12.88 -0.96 3.20
CA LYS A 47 13.49 -2.12 3.84
C LYS A 47 14.98 -1.92 3.99
N ASN A 48 15.67 -1.34 2.99
CA ASN A 48 17.11 -1.09 3.02
C ASN A 48 17.47 -0.28 4.27
N ALA A 49 16.61 0.66 4.67
CA ALA A 49 16.77 1.53 5.84
C ALA A 49 16.31 0.87 7.15
N ASP A 50 15.96 -0.41 7.12
CA ASP A 50 15.49 -1.22 8.24
C ASP A 50 14.14 -0.73 8.77
N ASN A 51 13.31 -0.16 7.89
CA ASN A 51 11.98 0.35 8.25
C ASN A 51 10.90 -0.53 7.61
N ASP A 52 11.24 -1.80 7.35
CA ASP A 52 10.34 -2.77 6.76
C ASP A 52 9.16 -2.95 7.72
N TRP A 53 7.97 -2.55 7.27
CA TRP A 53 6.74 -2.62 8.05
C TRP A 53 5.65 -3.41 7.32
N PHE A 54 5.69 -3.44 5.99
CA PHE A 54 4.73 -4.12 5.14
C PHE A 54 5.45 -4.87 4.01
N ARG A 55 4.80 -5.85 3.40
CA ARG A 55 5.27 -6.70 2.31
C ARG A 55 4.05 -6.81 1.38
N LEU A 56 4.22 -6.68 0.06
CA LEU A 56 3.10 -6.77 -0.87
C LEU A 56 3.51 -7.36 -2.23
N GLU A 57 2.93 -8.50 -2.59
CA GLU A 57 3.15 -9.22 -3.83
C GLU A 57 1.79 -9.40 -4.53
N SER A 58 1.78 -9.86 -5.78
CA SER A 58 0.55 -10.06 -6.54
C SER A 58 0.66 -11.27 -7.45
N ASN A 59 -0.46 -11.68 -8.04
CA ASN A 59 -0.46 -12.79 -8.99
C ASN A 59 0.15 -12.29 -10.30
N LYS A 60 0.40 -13.20 -11.25
CA LYS A 60 0.99 -12.84 -12.55
C LYS A 60 0.08 -11.93 -13.38
N GLU A 61 -1.20 -11.94 -13.06
CA GLU A 61 -2.26 -11.17 -13.72
C GLU A 61 -2.37 -9.74 -13.18
N GLY A 62 -1.90 -9.52 -11.96
CA GLY A 62 -1.96 -8.25 -11.24
C GLY A 62 -3.38 -7.93 -10.78
N THR A 63 -4.30 -8.89 -10.88
CA THR A 63 -5.69 -8.74 -10.50
C THR A 63 -5.90 -8.86 -8.98
N ARG A 64 -5.08 -9.67 -8.30
CA ARG A 64 -5.16 -9.88 -6.84
C ARG A 64 -3.78 -9.62 -6.25
N TRP A 65 -3.78 -8.88 -5.14
CA TRP A 65 -2.61 -8.48 -4.38
C TRP A 65 -2.75 -8.98 -2.96
N PHE A 66 -1.67 -9.44 -2.35
CA PHE A 66 -1.64 -9.97 -1.01
C PHE A 66 -0.31 -9.64 -0.37
N GLY A 67 -0.25 -9.70 0.95
CA GLY A 67 0.94 -9.38 1.68
C GLY A 67 0.68 -9.45 3.17
N LYS A 68 1.57 -8.83 3.94
CA LYS A 68 1.50 -8.79 5.40
C LYS A 68 2.12 -7.49 5.91
N CYS A 69 1.76 -7.09 7.13
CA CYS A 69 2.27 -5.89 7.78
C CYS A 69 2.45 -6.16 9.28
N TRP A 70 3.56 -5.69 9.85
CA TRP A 70 3.95 -5.84 11.24
C TRP A 70 4.15 -4.47 11.87
N TYR A 71 4.24 -4.44 13.19
CA TYR A 71 4.47 -3.21 13.96
C TYR A 71 5.12 -3.58 15.29
N ILE A 72 5.97 -2.71 15.84
CA ILE A 72 6.64 -2.93 17.11
C ILE A 72 6.43 -1.69 17.96
N HIS A 73 5.95 -1.86 19.18
CA HIS A 73 5.69 -0.80 20.13
C HIS A 73 5.79 -1.42 21.52
N ASP A 74 6.27 -0.64 22.51
CA ASP A 74 6.41 -1.05 23.91
C ASP A 74 7.02 -2.46 24.07
N LEU A 75 8.11 -2.73 23.35
CA LEU A 75 8.87 -3.98 23.34
C LEU A 75 8.09 -5.20 22.82
N LEU A 76 6.88 -5.01 22.29
CA LEU A 76 6.03 -6.05 21.75
C LEU A 76 6.04 -5.91 20.23
N LYS A 77 5.67 -6.97 19.55
CA LYS A 77 5.60 -7.04 18.10
C LYS A 77 4.24 -7.61 17.72
N TYR A 78 3.64 -7.06 16.68
CA TYR A 78 2.35 -7.50 16.16
C TYR A 78 2.50 -7.80 14.67
N GLU A 79 1.57 -8.59 14.16
CA GLU A 79 1.48 -9.07 12.79
C GLU A 79 0.03 -9.09 12.31
N PHE A 80 -0.21 -8.63 11.08
CA PHE A 80 -1.49 -8.57 10.39
C PHE A 80 -1.32 -8.99 8.92
N ASP A 81 -2.37 -9.53 8.31
CA ASP A 81 -2.42 -10.01 6.92
C ASP A 81 -3.21 -9.04 6.02
N ILE A 82 -2.95 -8.97 4.72
CA ILE A 82 -3.67 -8.08 3.80
C ILE A 82 -3.89 -8.73 2.44
N GLU A 83 -5.09 -8.61 1.87
CA GLU A 83 -5.44 -9.17 0.56
C GLU A 83 -6.50 -8.31 -0.12
N PHE A 84 -6.24 -7.76 -1.31
CA PHE A 84 -7.21 -6.98 -2.06
C PHE A 84 -7.13 -7.28 -3.56
N ASP A 85 -8.14 -6.86 -4.33
CA ASP A 85 -8.24 -7.07 -5.76
C ASP A 85 -8.70 -5.77 -6.42
N ILE A 86 -8.06 -5.40 -7.54
CA ILE A 86 -8.34 -4.17 -8.28
C ILE A 86 -9.63 -4.25 -9.10
N PRO A 87 -10.58 -3.30 -8.96
CA PRO A 87 -11.84 -3.30 -9.70
C PRO A 87 -11.61 -3.08 -11.20
N ILE A 88 -12.53 -3.59 -12.03
CA ILE A 88 -12.42 -3.44 -13.48
C ILE A 88 -12.58 -1.97 -13.88
N THR A 89 -13.39 -1.20 -13.17
CA THR A 89 -13.60 0.19 -13.50
C THR A 89 -12.44 1.07 -13.02
N TYR A 90 -11.78 0.70 -11.90
CA TYR A 90 -10.67 1.43 -11.28
C TYR A 90 -11.05 2.93 -11.32
N PRO A 91 -12.10 3.35 -10.61
CA PRO A 91 -12.56 4.72 -10.62
C PRO A 91 -11.56 5.64 -9.92
N THR A 92 -11.82 6.94 -10.00
CA THR A 92 -11.01 7.96 -9.38
C THR A 92 -10.97 7.74 -7.86
N THR A 93 -11.99 7.14 -7.25
CA THR A 93 -12.04 6.83 -5.83
C THR A 93 -11.08 5.64 -5.65
N ALA A 94 -10.18 5.74 -4.66
CA ALA A 94 -9.17 4.71 -4.34
C ALA A 94 -9.75 3.31 -4.10
N PRO A 95 -8.98 2.22 -4.30
CA PRO A 95 -9.43 0.85 -4.05
C PRO A 95 -9.52 0.65 -2.51
N GLU A 96 -10.02 -0.50 -2.04
CA GLU A 96 -10.14 -0.82 -0.62
C GLU A 96 -9.28 -2.03 -0.27
N ILE A 97 -8.64 -2.03 0.92
CA ILE A 97 -7.81 -3.13 1.43
C ILE A 97 -8.69 -3.96 2.37
N ALA A 98 -8.38 -5.25 2.50
CA ALA A 98 -9.06 -6.18 3.39
C ALA A 98 -7.97 -6.75 4.29
N VAL A 99 -8.29 -6.94 5.58
CA VAL A 99 -7.36 -7.49 6.55
C VAL A 99 -8.14 -8.66 7.17
N PRO A 100 -7.85 -9.90 6.78
CA PRO A 100 -8.58 -11.04 7.34
C PRO A 100 -8.17 -11.28 8.78
N GLU A 101 -6.93 -10.97 9.14
CA GLU A 101 -6.40 -11.16 10.48
C GLU A 101 -7.15 -10.32 11.54
N LEU A 102 -7.76 -9.19 11.17
CA LEU A 102 -8.51 -8.33 12.09
C LEU A 102 -10.02 -8.49 11.90
N ASP A 103 -10.45 -9.32 10.94
CA ASP A 103 -11.86 -9.56 10.64
C ASP A 103 -12.62 -10.11 11.83
N GLY A 104 -13.38 -9.24 12.49
CA GLY A 104 -14.17 -9.57 13.65
C GLY A 104 -13.79 -8.74 14.88
N LYS A 105 -12.53 -8.28 15.01
CA LYS A 105 -12.14 -7.47 16.18
C LYS A 105 -12.95 -6.18 16.18
N THR A 106 -12.90 -5.41 15.09
CA THR A 106 -13.63 -4.16 14.96
C THR A 106 -15.07 -4.48 14.52
N ALA A 107 -15.99 -3.52 14.68
CA ALA A 107 -17.38 -3.69 14.26
C ALA A 107 -17.40 -3.57 12.74
N LYS A 108 -18.22 -4.38 12.08
CA LYS A 108 -18.38 -4.44 10.63
C LYS A 108 -18.72 -3.06 10.06
N MET A 109 -17.73 -2.38 9.47
CA MET A 109 -17.90 -1.06 8.86
C MET A 109 -18.71 -1.20 7.56
N TYR A 110 -19.15 -0.09 6.99
CA TYR A 110 -19.90 -0.06 5.74
C TYR A 110 -19.04 -0.56 4.57
N ARG A 111 -19.67 -0.95 3.44
CA ARG A 111 -18.98 -1.43 2.24
C ARG A 111 -18.18 -0.28 1.64
N GLY A 112 -16.88 -0.29 1.84
CA GLY A 112 -15.94 0.70 1.35
C GLY A 112 -15.44 1.49 2.53
N GLY A 113 -14.32 1.05 3.11
CA GLY A 113 -13.65 1.65 4.24
C GLY A 113 -13.60 0.72 5.46
N LYS A 114 -13.65 -0.62 5.30
CA LYS A 114 -13.63 -1.51 6.48
C LYS A 114 -12.37 -1.32 7.32
N ILE A 115 -11.25 -0.97 6.69
CA ILE A 115 -9.96 -0.73 7.33
C ILE A 115 -9.34 0.55 6.74
N CYS A 116 -9.61 0.82 5.46
CA CYS A 116 -9.14 1.98 4.73
C CYS A 116 -9.80 3.24 5.34
N LEU A 117 -9.11 3.89 6.28
CA LEU A 117 -9.58 5.09 6.96
C LEU A 117 -10.03 6.17 5.97
N THR A 118 -10.82 7.13 6.41
CA THR A 118 -11.34 8.18 5.53
C THR A 118 -11.03 9.60 6.01
N ASP A 119 -10.97 9.87 7.33
CA ASP A 119 -10.72 11.18 7.94
C ASP A 119 -9.96 12.18 7.06
N HIS A 120 -8.70 11.87 6.73
CA HIS A 120 -7.87 12.72 5.89
C HIS A 120 -7.48 12.03 4.57
N PHE A 121 -7.58 10.70 4.50
CA PHE A 121 -7.24 9.97 3.29
C PHE A 121 -8.22 10.32 2.15
N LYS A 122 -9.53 10.35 2.44
CA LYS A 122 -10.55 10.68 1.42
C LYS A 122 -10.28 12.04 0.78
N PRO A 123 -10.19 13.17 1.52
CA PRO A 123 -9.95 14.47 0.89
C PRO A 123 -8.59 14.52 0.20
N LEU A 124 -7.54 13.87 0.75
CA LEU A 124 -6.23 13.87 0.11
C LEU A 124 -6.30 13.19 -1.25
N TRP A 125 -6.81 11.97 -1.29
CA TRP A 125 -6.92 11.22 -2.55
C TRP A 125 -7.89 11.92 -3.50
N ALA A 126 -9.03 12.39 -3.00
CA ALA A 126 -10.03 13.06 -3.82
C ALA A 126 -9.44 14.30 -4.48
N ARG A 127 -8.72 15.16 -3.73
CA ARG A 127 -8.15 16.38 -4.31
C ARG A 127 -7.02 16.09 -5.29
N ASN A 128 -6.22 15.06 -5.03
CA ASN A 128 -5.11 14.71 -5.92
C ASN A 128 -4.95 13.20 -6.13
N VAL A 129 -5.18 12.80 -7.38
CA VAL A 129 -5.06 11.42 -7.86
C VAL A 129 -4.61 11.51 -9.33
N PRO A 130 -3.51 12.23 -9.66
CA PRO A 130 -3.03 12.35 -11.02
C PRO A 130 -2.48 11.03 -11.56
N LYS A 131 -1.53 10.47 -10.84
CA LYS A 131 -0.83 9.22 -11.16
C LYS A 131 -0.72 8.29 -9.96
N PHE A 132 -1.45 8.58 -8.88
CA PHE A 132 -1.42 7.78 -7.67
C PHE A 132 -1.76 6.33 -7.99
N GLY A 133 -1.01 5.42 -7.38
CA GLY A 133 -1.14 3.99 -7.51
C GLY A 133 -1.11 3.38 -6.12
N LEU A 134 -1.01 2.04 -6.10
CA LEU A 134 -0.99 1.27 -4.86
C LEU A 134 0.13 1.69 -3.91
N ALA A 135 1.28 2.17 -4.39
CA ALA A 135 2.35 2.63 -3.49
C ALA A 135 1.86 3.80 -2.64
N HIS A 136 1.34 4.85 -3.30
CA HIS A 136 0.85 6.05 -2.61
C HIS A 136 -0.36 5.69 -1.74
N LEU A 137 -1.19 4.75 -2.19
CA LEU A 137 -2.38 4.30 -1.49
C LEU A 137 -2.00 3.78 -0.10
N MET A 138 -1.14 2.77 -0.04
CA MET A 138 -0.72 2.16 1.21
C MET A 138 0.05 3.14 2.08
N ALA A 139 0.93 3.94 1.46
CA ALA A 139 1.73 4.91 2.18
C ALA A 139 0.89 6.02 2.82
N LEU A 140 -0.29 6.32 2.29
CA LEU A 140 -1.16 7.39 2.81
C LEU A 140 -2.46 6.87 3.41
N GLY A 141 -2.65 5.55 3.49
CA GLY A 141 -3.85 4.95 4.06
C GLY A 141 -3.49 3.86 5.06
N LEU A 142 -2.88 2.77 4.60
CA LEU A 142 -2.48 1.65 5.47
C LEU A 142 -1.50 2.12 6.54
N GLY A 143 -0.52 2.94 6.17
CA GLY A 143 0.51 3.46 7.07
C GLY A 143 -0.08 4.27 8.23
N PRO A 144 -0.81 5.37 7.97
CA PRO A 144 -1.40 6.18 9.04
C PRO A 144 -2.40 5.38 9.86
N TRP A 145 -3.28 4.60 9.20
CA TRP A 145 -4.27 3.76 9.86
C TRP A 145 -3.57 2.91 10.93
N LEU A 146 -2.57 2.12 10.56
CA LEU A 146 -1.87 1.27 11.52
C LEU A 146 -1.10 2.09 12.55
N ALA A 147 -0.50 3.22 12.15
CA ALA A 147 0.26 4.07 13.06
C ALA A 147 -0.60 4.63 14.19
N VAL A 148 -1.91 4.78 13.97
CA VAL A 148 -2.88 5.29 14.95
C VAL A 148 -3.69 4.15 15.58
N GLU A 149 -3.94 3.06 14.86
CA GLU A 149 -4.72 1.92 15.35
C GLU A 149 -3.91 1.09 16.33
N ILE A 150 -2.58 1.01 16.21
CA ILE A 150 -1.80 0.23 17.16
C ILE A 150 -1.99 0.79 18.58
N PRO A 151 -1.72 2.09 18.88
CA PRO A 151 -1.92 2.59 20.23
C PRO A 151 -3.39 2.54 20.62
N ASP A 152 -4.31 2.86 19.71
CA ASP A 152 -5.75 2.85 19.98
C ASP A 152 -6.19 1.45 20.41
N LEU A 153 -5.89 0.41 19.63
CA LEU A 153 -6.30 -0.95 19.98
C LEU A 153 -5.58 -1.43 21.23
N ILE A 154 -4.36 -0.97 21.52
CA ILE A 154 -3.63 -1.37 22.72
C ILE A 154 -4.31 -0.73 23.94
N GLN A 155 -4.61 0.57 23.90
CA GLN A 155 -5.26 1.26 25.00
C GLN A 155 -6.68 0.71 25.20
N LYS A 156 -7.38 0.39 24.11
CA LYS A 156 -8.74 -0.16 24.17
C LYS A 156 -8.72 -1.62 24.63
N GLY A 157 -7.62 -2.33 24.42
CA GLY A 157 -7.39 -3.71 24.79
C GLY A 157 -7.99 -4.70 23.80
N VAL A 158 -7.53 -4.68 22.54
CA VAL A 158 -8.02 -5.59 21.49
C VAL A 158 -6.88 -6.36 20.80
N ILE A 159 -5.62 -5.90 20.87
CA ILE A 159 -4.47 -6.56 20.24
C ILE A 159 -3.54 -7.09 21.35
N GLN A 160 -3.01 -8.30 21.15
CA GLN A 160 -2.09 -8.96 22.07
C GLN A 160 -0.94 -9.58 21.25
N HIS A 161 0.28 -9.44 21.75
CA HIS A 161 1.50 -9.93 21.11
C HIS A 161 1.47 -11.46 20.95
N LYS A 162 1.59 -11.91 19.71
CA LYS A 162 1.62 -13.31 19.27
C LYS A 162 2.43 -14.19 20.20
N GLU A 163 3.69 -13.86 20.44
CA GLU A 163 4.57 -14.63 21.29
C GLU A 163 4.06 -14.60 22.73
N LYS A 164 4.01 -13.42 23.36
CA LYS A 164 3.57 -13.23 24.74
C LYS A 164 2.04 -13.29 24.89
N CYS A 165 1.43 -14.34 24.36
CA CYS A 165 0.00 -14.61 24.40
C CYS A 165 -0.21 -15.96 25.07
N ASN A 166 0.57 -16.97 24.67
CA ASN A 166 0.47 -18.33 25.20
C ASN A 166 1.78 -18.91 25.76
N GLN A 167 2.95 -18.40 25.37
CA GLN A 167 4.24 -18.93 25.83
C GLN A 167 5.31 -17.85 25.96
N GLY B 1 8.59 10.09 -22.04
CA GLY B 1 8.00 11.09 -21.13
C GLY B 1 9.11 11.69 -20.29
N MET B 2 9.00 12.98 -19.92
CA MET B 2 10.02 13.66 -19.12
C MET B 2 9.36 14.47 -18.00
N SER B 3 10.09 14.74 -16.92
CA SER B 3 9.62 15.53 -15.78
C SER B 3 10.45 16.82 -15.77
N VAL B 4 10.26 17.66 -14.74
CA VAL B 4 11.01 18.90 -14.58
C VAL B 4 11.50 19.03 -13.12
N THR B 5 10.68 18.63 -12.13
CA THR B 5 11.05 18.73 -10.72
C THR B 5 10.64 17.50 -9.91
N GLU B 6 9.56 16.81 -10.26
CA GLU B 6 9.09 15.63 -9.54
C GLU B 6 9.82 14.38 -10.05
N LEU B 7 9.83 13.33 -9.23
CA LEU B 7 10.43 12.02 -9.47
C LEU B 7 9.82 11.35 -10.71
N THR B 8 10.25 10.13 -11.02
CA THR B 8 9.74 9.32 -12.13
C THR B 8 10.18 7.88 -11.87
N VAL B 9 9.32 6.93 -12.27
CA VAL B 9 9.54 5.49 -12.18
C VAL B 9 10.82 5.07 -12.91
N GLU B 10 11.33 3.88 -12.61
CA GLU B 10 12.56 3.34 -13.21
C GLU B 10 12.30 2.78 -14.62
N ASP B 11 11.43 3.40 -15.42
CA ASP B 11 11.08 2.93 -16.75
C ASP B 11 12.24 2.95 -17.76
N SER B 12 13.06 1.89 -17.75
CA SER B 12 14.21 1.71 -18.62
C SER B 12 14.16 0.36 -19.35
N GLY B 13 13.02 0.07 -20.00
CA GLY B 13 12.77 -1.13 -20.79
C GLY B 13 12.56 -2.43 -20.03
N GLU B 14 12.33 -2.39 -18.72
CA GLU B 14 12.12 -3.62 -17.93
C GLU B 14 10.76 -4.20 -18.29
N SER B 15 10.56 -5.51 -18.13
CA SER B 15 9.30 -6.17 -18.42
C SER B 15 8.59 -6.62 -17.15
N LEU B 16 7.26 -6.67 -17.22
CA LEU B 16 6.33 -7.03 -16.15
C LEU B 16 6.69 -8.33 -15.43
N GLU B 17 7.03 -9.39 -16.15
CA GLU B 17 7.36 -10.66 -15.51
C GLU B 17 8.60 -10.53 -14.63
N ASP B 18 9.60 -9.78 -15.08
CA ASP B 18 10.84 -9.53 -14.37
C ASP B 18 10.54 -8.64 -13.19
N LEU B 19 9.80 -7.55 -13.42
CA LEU B 19 9.38 -6.58 -12.42
C LEU B 19 8.70 -7.32 -11.25
N MET B 20 7.62 -8.06 -11.50
CA MET B 20 6.95 -8.81 -10.45
C MET B 20 7.87 -9.90 -9.87
N ALA B 21 8.78 -10.48 -10.67
CA ALA B 21 9.69 -11.50 -10.16
C ALA B 21 10.56 -10.90 -9.06
N LYS B 22 11.26 -9.78 -9.30
CA LYS B 22 12.09 -9.20 -8.24
C LYS B 22 11.21 -8.80 -7.07
N MET B 23 9.99 -8.30 -7.36
CA MET B 23 9.09 -7.86 -6.31
C MET B 23 8.75 -8.99 -5.34
N LYS B 24 8.25 -10.13 -5.83
CA LYS B 24 7.91 -11.23 -4.93
C LYS B 24 9.15 -11.90 -4.33
N ASN B 25 10.25 -11.92 -5.08
CA ASN B 25 11.50 -12.54 -4.64
C ASN B 25 12.19 -11.77 -3.51
N MET B 26 11.96 -10.48 -3.34
CA MET B 26 12.60 -9.69 -2.26
C MET B 26 12.16 -10.07 -0.83
N TRP B 27 11.27 -11.07 -0.66
CA TRP B 27 10.80 -11.51 0.65
C TRP B 27 11.77 -12.48 1.33
N MET A 1 2.50 16.82 12.91
CA MET A 1 1.35 16.93 12.00
C MET A 1 1.27 15.69 11.13
N ALA A 2 0.21 15.56 10.32
CA ALA A 2 0.03 14.42 9.40
C ALA A 2 0.58 14.82 8.02
N ASP A 3 0.39 16.08 7.62
CA ASP A 3 0.86 16.57 6.31
C ASP A 3 2.36 16.43 6.13
N GLU A 4 3.15 16.54 7.19
CA GLU A 4 4.60 16.39 7.09
C GLU A 4 4.92 14.97 6.57
N ALA A 5 4.16 13.99 7.04
CA ALA A 5 4.28 12.59 6.66
C ALA A 5 3.79 12.42 5.22
N THR A 6 2.66 13.04 4.88
CA THR A 6 2.06 12.96 3.56
C THR A 6 3.03 13.52 2.51
N ARG A 7 3.50 14.75 2.72
CA ARG A 7 4.40 15.43 1.81
C ARG A 7 5.72 14.66 1.70
N ARG A 8 6.23 14.07 2.79
CA ARG A 8 7.47 13.29 2.75
C ARG A 8 7.32 12.06 1.87
N VAL A 9 6.26 11.31 2.12
CA VAL A 9 6.01 10.08 1.40
C VAL A 9 5.96 10.35 -0.10
N VAL A 10 5.19 11.34 -0.55
CA VAL A 10 5.14 11.60 -1.99
C VAL A 10 6.46 12.22 -2.47
N SER A 11 7.20 12.94 -1.60
CA SER A 11 8.50 13.54 -1.93
C SER A 11 9.54 12.45 -2.17
N GLU A 12 9.35 11.22 -1.64
CA GLU A 12 10.32 10.13 -1.86
C GLU A 12 9.82 8.96 -2.73
N ILE A 13 8.53 8.91 -3.03
CA ILE A 13 7.93 7.85 -3.86
C ILE A 13 7.94 8.27 -5.34
N PRO A 14 8.63 7.54 -6.24
CA PRO A 14 8.66 7.87 -7.65
C PRO A 14 7.23 7.77 -8.21
N VAL A 15 6.78 8.80 -8.93
CA VAL A 15 5.42 8.89 -9.45
C VAL A 15 5.24 8.29 -10.85
N LEU A 16 4.03 7.80 -11.10
CA LEU A 16 3.60 7.17 -12.33
C LEU A 16 3.16 8.23 -13.35
N LYS A 17 2.63 7.77 -14.48
CA LYS A 17 2.11 8.56 -15.59
C LYS A 17 0.77 7.97 -16.00
N THR A 18 0.75 6.72 -16.47
CA THR A 18 -0.47 6.05 -16.90
C THR A 18 -1.34 5.68 -15.69
N ASN A 19 -2.68 5.61 -15.85
CA ASN A 19 -3.68 5.25 -14.83
C ASN A 19 -4.72 4.25 -15.34
N ALA A 20 -4.39 3.53 -16.42
CA ALA A 20 -5.27 2.58 -17.06
C ALA A 20 -5.76 1.44 -16.18
N GLY A 21 -6.84 0.81 -16.62
CA GLY A 21 -7.45 -0.30 -15.92
C GLY A 21 -6.98 -1.64 -16.49
N PRO A 22 -7.26 -2.73 -15.78
CA PRO A 22 -6.88 -4.07 -16.20
C PRO A 22 -7.67 -4.58 -17.42
N ARG A 23 -8.72 -3.86 -17.80
CA ARG A 23 -9.60 -4.16 -18.94
C ARG A 23 -8.81 -4.38 -20.23
N ASP A 24 -7.80 -3.53 -20.46
CA ASP A 24 -6.98 -3.63 -21.67
C ASP A 24 -5.67 -4.27 -21.28
N ARG A 25 -5.33 -5.39 -21.91
CA ARG A 25 -4.10 -6.14 -21.67
C ARG A 25 -2.89 -5.22 -21.73
N GLU A 26 -2.70 -4.65 -22.91
CA GLU A 26 -1.61 -3.72 -23.24
C GLU A 26 -1.47 -2.57 -22.24
N LEU A 27 -2.59 -1.88 -22.01
CA LEU A 27 -2.66 -0.74 -21.11
C LEU A 27 -2.36 -1.19 -19.68
N TRP A 28 -2.81 -2.38 -19.32
CA TRP A 28 -2.58 -2.94 -18.02
C TRP A 28 -1.10 -3.17 -17.86
N VAL A 29 -0.42 -3.85 -18.80
CA VAL A 29 1.03 -4.07 -18.70
C VAL A 29 1.69 -2.71 -18.46
N GLN A 30 1.31 -1.67 -19.19
CA GLN A 30 1.87 -0.33 -19.03
C GLN A 30 1.63 0.20 -17.61
N ARG A 31 0.38 0.37 -17.18
CA ARG A 31 0.07 0.88 -15.85
C ARG A 31 0.72 0.04 -14.76
N LEU A 32 0.52 -1.27 -14.80
CA LEU A 32 1.07 -2.25 -13.86
C LEU A 32 2.57 -2.10 -13.75
N LYS A 33 3.25 -1.94 -14.88
CA LYS A 33 4.70 -1.74 -14.95
C LYS A 33 5.04 -0.52 -14.10
N GLU A 34 4.33 0.58 -14.28
CA GLU A 34 4.56 1.79 -13.52
C GLU A 34 4.33 1.55 -12.02
N GLU A 35 3.22 0.87 -11.69
CA GLU A 35 2.83 0.54 -10.34
C GLU A 35 3.93 -0.22 -9.63
N TYR A 36 4.47 -1.24 -10.28
CA TYR A 36 5.54 -2.06 -9.75
C TYR A 36 6.77 -1.20 -9.57
N GLN A 37 7.29 -0.53 -10.61
CA GLN A 37 8.48 0.31 -10.52
C GLN A 37 8.38 1.21 -9.27
N SER A 38 7.27 1.94 -9.14
CA SER A 38 6.98 2.84 -8.03
C SER A 38 7.06 2.13 -6.66
N LEU A 39 6.18 1.14 -6.45
CA LEU A 39 6.07 0.39 -5.21
C LEU A 39 7.36 -0.33 -4.85
N ILE A 40 7.95 -1.07 -5.79
CA ILE A 40 9.19 -1.80 -5.55
C ILE A 40 10.26 -0.80 -5.10
N ARG A 41 10.45 0.36 -5.75
CA ARG A 41 11.48 1.31 -5.32
C ARG A 41 11.27 1.67 -3.87
N TYR A 42 10.03 2.03 -3.54
CA TYR A 42 9.72 2.42 -2.19
C TYR A 42 10.08 1.27 -1.24
N VAL A 43 9.63 0.04 -1.47
CA VAL A 43 9.94 -1.09 -0.59
C VAL A 43 11.45 -1.40 -0.57
N GLU A 44 12.15 -1.43 -1.70
CA GLU A 44 13.57 -1.73 -1.80
C GLU A 44 14.36 -0.81 -0.85
N ASN A 45 14.12 0.49 -0.97
CA ASN A 45 14.77 1.53 -0.17
C ASN A 45 14.29 1.45 1.29
N ASN A 46 12.97 1.34 1.51
CA ASN A 46 12.33 1.28 2.83
C ASN A 46 12.91 0.14 3.66
N LYS A 47 12.92 -1.09 3.11
CA LYS A 47 13.45 -2.25 3.79
C LYS A 47 14.95 -2.07 4.02
N ASN A 48 15.71 -1.57 3.03
CA ASN A 48 17.15 -1.37 3.24
C ASN A 48 17.41 -0.37 4.36
N ALA A 49 16.51 0.60 4.57
CA ALA A 49 16.60 1.61 5.61
C ALA A 49 16.15 1.05 6.97
N ASP A 50 15.87 -0.25 7.05
CA ASP A 50 15.41 -0.95 8.24
C ASP A 50 14.06 -0.39 8.67
N ASN A 51 13.27 0.13 7.72
CA ASN A 51 11.95 0.71 7.96
C ASN A 51 10.87 -0.25 7.46
N ASP A 52 11.22 -1.53 7.32
CA ASP A 52 10.30 -2.56 6.84
C ASP A 52 9.12 -2.74 7.79
N TRP A 53 7.93 -2.40 7.29
CA TRP A 53 6.68 -2.50 8.01
C TRP A 53 5.63 -3.22 7.17
N PHE A 54 5.76 -3.30 5.84
CA PHE A 54 4.80 -3.96 4.98
C PHE A 54 5.47 -4.79 3.88
N ARG A 55 4.76 -5.80 3.37
CA ARG A 55 5.14 -6.74 2.32
C ARG A 55 3.92 -6.84 1.42
N LEU A 56 4.06 -6.68 0.11
CA LEU A 56 2.96 -6.76 -0.84
C LEU A 56 3.41 -7.45 -2.13
N GLU A 57 2.79 -8.58 -2.46
CA GLU A 57 3.08 -9.34 -3.68
C GLU A 57 1.77 -9.61 -4.42
N SER A 58 1.87 -10.03 -5.67
CA SER A 58 0.70 -10.30 -6.50
C SER A 58 0.95 -11.45 -7.48
N ASN A 59 -0.11 -11.82 -8.18
CA ASN A 59 -0.09 -12.85 -9.19
C ASN A 59 0.30 -12.24 -10.54
N LYS A 60 0.56 -13.05 -11.56
CA LYS A 60 0.97 -12.57 -12.87
C LYS A 60 -0.09 -11.71 -13.57
N GLU A 61 -1.35 -11.82 -13.16
CA GLU A 61 -2.44 -11.05 -13.77
C GLU A 61 -2.56 -9.66 -13.15
N GLY A 62 -1.95 -9.46 -11.97
CA GLY A 62 -1.97 -8.21 -11.23
C GLY A 62 -3.37 -7.80 -10.79
N THR A 63 -4.38 -8.68 -10.91
CA THR A 63 -5.75 -8.40 -10.54
C THR A 63 -5.99 -8.43 -9.05
N ARG A 64 -5.27 -9.29 -8.32
CA ARG A 64 -5.36 -9.46 -6.88
C ARG A 64 -3.97 -9.32 -6.32
N TRP A 65 -3.87 -8.57 -5.23
CA TRP A 65 -2.66 -8.27 -4.50
C TRP A 65 -2.90 -8.73 -3.06
N PHE A 66 -1.85 -9.23 -2.40
CA PHE A 66 -1.93 -9.71 -1.03
C PHE A 66 -0.61 -9.38 -0.35
N GLY A 67 -0.57 -9.48 0.96
CA GLY A 67 0.64 -9.15 1.68
C GLY A 67 0.48 -9.31 3.17
N LYS A 68 1.46 -8.79 3.92
CA LYS A 68 1.52 -8.80 5.37
C LYS A 68 2.10 -7.48 5.82
N CYS A 69 1.79 -7.06 7.03
CA CYS A 69 2.29 -5.85 7.63
C CYS A 69 2.61 -6.16 9.09
N TRP A 70 3.56 -5.41 9.63
CA TRP A 70 4.05 -5.53 10.98
C TRP A 70 4.14 -4.16 11.60
N TYR A 71 4.16 -4.13 12.93
CA TYR A 71 4.28 -2.92 13.72
C TYR A 71 4.89 -3.36 15.05
N ILE A 72 5.67 -2.50 15.68
CA ILE A 72 6.30 -2.78 16.96
C ILE A 72 6.00 -1.59 17.86
N HIS A 73 5.58 -1.84 19.09
CA HIS A 73 5.26 -0.82 20.06
C HIS A 73 5.39 -1.47 21.43
N ASP A 74 5.91 -0.72 22.41
CA ASP A 74 6.10 -1.15 23.79
C ASP A 74 6.91 -2.45 23.89
N LEU A 75 7.82 -2.67 22.93
CA LEU A 75 8.72 -3.83 22.78
C LEU A 75 7.99 -5.05 22.22
N LEU A 76 6.72 -4.94 21.87
CA LEU A 76 5.91 -6.03 21.36
C LEU A 76 5.75 -5.87 19.85
N LYS A 77 6.08 -6.91 19.09
CA LYS A 77 5.99 -6.97 17.63
C LYS A 77 4.69 -7.69 17.28
N TYR A 78 3.91 -7.11 16.38
CA TYR A 78 2.64 -7.66 15.89
C TYR A 78 2.77 -7.82 14.38
N GLU A 79 2.00 -8.75 13.83
CA GLU A 79 1.95 -9.07 12.40
C GLU A 79 0.48 -9.29 12.01
N PHE A 80 0.07 -8.77 10.85
CA PHE A 80 -1.26 -8.87 10.30
C PHE A 80 -1.14 -9.16 8.80
N ASP A 81 -2.18 -9.74 8.20
CA ASP A 81 -2.25 -10.10 6.78
C ASP A 81 -3.14 -9.13 6.01
N ILE A 82 -3.05 -9.07 4.68
CA ILE A 82 -3.88 -8.20 3.82
C ILE A 82 -4.11 -8.86 2.45
N GLU A 83 -5.28 -8.61 1.82
CA GLU A 83 -5.63 -9.15 0.51
C GLU A 83 -6.70 -8.25 -0.10
N PHE A 84 -6.43 -7.66 -1.26
CA PHE A 84 -7.37 -6.81 -1.99
C PHE A 84 -7.25 -7.06 -3.49
N ASP A 85 -8.21 -6.56 -4.27
CA ASP A 85 -8.20 -6.72 -5.72
C ASP A 85 -8.53 -5.42 -6.40
N ILE A 86 -8.09 -5.27 -7.66
CA ILE A 86 -8.31 -4.08 -8.46
C ILE A 86 -9.55 -4.28 -9.35
N PRO A 87 -10.53 -3.36 -9.33
CA PRO A 87 -11.73 -3.43 -10.17
C PRO A 87 -11.35 -3.16 -11.62
N ILE A 88 -12.16 -3.64 -12.58
CA ILE A 88 -11.88 -3.42 -14.00
C ILE A 88 -11.98 -1.94 -14.37
N THR A 89 -12.90 -1.25 -13.73
CA THR A 89 -13.22 0.15 -13.89
C THR A 89 -12.10 1.04 -13.36
N TYR A 90 -11.47 0.65 -12.25
CA TYR A 90 -10.40 1.38 -11.58
C TYR A 90 -10.75 2.87 -11.57
N PRO A 91 -11.80 3.27 -10.82
CA PRO A 91 -12.25 4.65 -10.75
C PRO A 91 -11.21 5.55 -10.08
N THR A 92 -11.47 6.84 -10.10
CA THR A 92 -10.60 7.85 -9.50
C THR A 92 -10.54 7.61 -7.98
N THR A 93 -11.60 7.06 -7.38
CA THR A 93 -11.68 6.74 -5.97
C THR A 93 -10.79 5.52 -5.70
N ALA A 94 -9.96 5.63 -4.67
CA ALA A 94 -9.01 4.59 -4.26
C ALA A 94 -9.63 3.18 -4.09
N PRO A 95 -8.84 2.12 -4.32
CA PRO A 95 -9.28 0.74 -4.12
C PRO A 95 -9.43 0.55 -2.59
N GLU A 96 -9.96 -0.60 -2.14
CA GLU A 96 -10.15 -0.84 -0.72
C GLU A 96 -9.43 -2.10 -0.26
N ILE A 97 -8.59 -1.96 0.76
CA ILE A 97 -7.81 -3.04 1.36
C ILE A 97 -8.68 -3.75 2.41
N ALA A 98 -8.43 -5.03 2.66
CA ALA A 98 -9.13 -5.86 3.64
C ALA A 98 -8.07 -6.64 4.43
N VAL A 99 -8.45 -7.14 5.61
CA VAL A 99 -7.58 -7.89 6.50
C VAL A 99 -8.42 -8.94 7.27
N PRO A 100 -8.36 -10.24 6.92
CA PRO A 100 -9.12 -11.28 7.62
C PRO A 100 -8.58 -11.52 9.03
N GLU A 101 -7.31 -11.20 9.30
CA GLU A 101 -6.69 -11.38 10.62
C GLU A 101 -7.43 -10.56 11.68
N LEU A 102 -7.91 -9.37 11.31
CA LEU A 102 -8.64 -8.44 12.16
C LEU A 102 -10.14 -8.44 11.85
N ASP A 103 -10.61 -9.30 10.95
CA ASP A 103 -12.02 -9.35 10.59
C ASP A 103 -12.91 -9.74 11.77
N GLY A 104 -13.47 -8.75 12.45
CA GLY A 104 -14.34 -8.92 13.60
C GLY A 104 -13.77 -8.37 14.89
N LYS A 105 -12.50 -7.93 14.94
CA LYS A 105 -11.94 -7.36 16.17
C LYS A 105 -12.67 -6.07 16.46
N THR A 106 -12.55 -5.12 15.53
CA THR A 106 -13.21 -3.84 15.63
C THR A 106 -14.67 -4.03 15.15
N ALA A 107 -15.48 -2.98 15.25
CA ALA A 107 -16.88 -2.98 14.87
C ALA A 107 -17.10 -3.32 13.39
N LYS A 108 -18.28 -3.88 13.06
CA LYS A 108 -18.64 -4.22 11.70
C LYS A 108 -18.89 -2.88 11.01
N MET A 109 -17.93 -2.41 10.24
CA MET A 109 -18.02 -1.14 9.53
C MET A 109 -19.02 -1.26 8.38
N TYR A 110 -19.40 -0.12 7.81
CA TYR A 110 -20.30 0.03 6.70
C TYR A 110 -19.76 -0.71 5.46
N ARG A 111 -20.62 -0.97 4.47
CA ARG A 111 -20.23 -1.65 3.24
C ARG A 111 -19.44 -0.65 2.41
N GLY A 112 -18.13 -0.69 2.55
CA GLY A 112 -17.22 0.19 1.85
C GLY A 112 -16.27 0.81 2.86
N GLY A 113 -14.97 0.68 2.60
CA GLY A 113 -13.88 1.20 3.40
C GLY A 113 -13.82 0.69 4.83
N LYS A 114 -13.96 -0.63 5.06
CA LYS A 114 -13.91 -1.18 6.42
C LYS A 114 -12.61 -0.86 7.17
N ILE A 115 -11.48 -0.71 6.47
CA ILE A 115 -10.17 -0.33 7.05
C ILE A 115 -9.56 0.81 6.22
N CYS A 116 -10.19 1.19 5.11
CA CYS A 116 -9.73 2.26 4.26
C CYS A 116 -10.27 3.53 4.92
N LEU A 117 -9.48 4.03 5.88
CA LEU A 117 -9.78 5.22 6.68
C LEU A 117 -10.13 6.40 5.77
N THR A 118 -10.78 7.41 6.34
CA THR A 118 -11.21 8.58 5.59
C THR A 118 -10.85 9.93 6.19
N ASP A 119 -10.50 10.03 7.48
CA ASP A 119 -10.15 11.29 8.17
C ASP A 119 -9.42 12.28 7.28
N HIS A 120 -8.18 11.96 6.88
CA HIS A 120 -7.40 12.82 5.99
C HIS A 120 -7.18 12.12 4.65
N PHE A 121 -7.24 10.78 4.59
CA PHE A 121 -7.02 10.05 3.35
C PHE A 121 -8.10 10.37 2.31
N LYS A 122 -9.38 10.49 2.69
CA LYS A 122 -10.45 10.77 1.74
C LYS A 122 -10.26 12.12 1.04
N PRO A 123 -10.14 13.26 1.73
CA PRO A 123 -9.95 14.53 1.06
C PRO A 123 -8.60 14.57 0.33
N LEU A 124 -7.56 13.93 0.87
CA LEU A 124 -6.23 13.88 0.28
C LEU A 124 -6.26 13.17 -1.08
N TRP A 125 -6.80 11.94 -1.11
CA TRP A 125 -6.87 11.18 -2.35
C TRP A 125 -7.85 11.86 -3.30
N ALA A 126 -8.99 12.35 -2.80
CA ALA A 126 -9.98 12.99 -3.64
C ALA A 126 -9.44 14.25 -4.33
N ARG A 127 -8.72 15.11 -3.58
CA ARG A 127 -8.17 16.36 -4.11
C ARG A 127 -7.02 16.11 -5.06
N ASN A 128 -6.18 15.10 -4.78
CA ASN A 128 -5.04 14.82 -5.66
C ASN A 128 -4.83 13.34 -5.94
N VAL A 129 -5.24 12.93 -7.13
CA VAL A 129 -5.11 11.59 -7.67
C VAL A 129 -4.71 11.74 -9.16
N PRO A 130 -3.64 12.51 -9.48
CA PRO A 130 -3.22 12.68 -10.86
C PRO A 130 -2.66 11.39 -11.44
N LYS A 131 -1.73 10.77 -10.71
CA LYS A 131 -1.05 9.52 -11.07
C LYS A 131 -0.86 8.57 -9.88
N PHE A 132 -1.49 8.85 -8.73
CA PHE A 132 -1.39 8.04 -7.53
C PHE A 132 -1.60 6.56 -7.83
N GLY A 133 -0.72 5.75 -7.28
CA GLY A 133 -0.70 4.31 -7.43
C GLY A 133 -0.75 3.62 -6.08
N LEU A 134 -0.72 2.30 -6.11
CA LEU A 134 -0.77 1.45 -4.92
C LEU A 134 0.36 1.81 -3.94
N ALA A 135 1.49 2.32 -4.44
CA ALA A 135 2.61 2.74 -3.60
C ALA A 135 2.13 3.83 -2.64
N HIS A 136 1.53 4.89 -3.21
CA HIS A 136 0.99 6.03 -2.49
C HIS A 136 -0.17 5.56 -1.60
N LEU A 137 -1.03 4.66 -2.07
CA LEU A 137 -2.17 4.13 -1.32
C LEU A 137 -1.73 3.53 0.01
N MET A 138 -0.79 2.57 -0.03
CA MET A 138 -0.33 1.92 1.18
C MET A 138 0.43 2.90 2.08
N ALA A 139 1.28 3.75 1.51
CA ALA A 139 2.05 4.69 2.32
C ALA A 139 1.19 5.77 2.98
N LEU A 140 0.20 6.32 2.28
CA LEU A 140 -0.69 7.38 2.77
C LEU A 140 -1.97 6.87 3.43
N GLY A 141 -2.29 5.57 3.36
CA GLY A 141 -3.50 5.01 3.94
C GLY A 141 -3.20 3.87 4.91
N LEU A 142 -2.65 2.76 4.42
CA LEU A 142 -2.33 1.60 5.26
C LEU A 142 -1.38 1.97 6.42
N GLY A 143 -0.34 2.76 6.14
CA GLY A 143 0.63 3.18 7.14
C GLY A 143 0.01 3.96 8.29
N PRO A 144 -0.65 5.10 8.04
CA PRO A 144 -1.28 5.90 9.10
C PRO A 144 -2.44 5.15 9.79
N TRP A 145 -3.17 4.30 9.06
CA TRP A 145 -4.26 3.52 9.62
C TRP A 145 -3.66 2.69 10.75
N LEU A 146 -2.63 1.90 10.44
CA LEU A 146 -1.94 1.06 11.42
C LEU A 146 -1.31 1.93 12.52
N ALA A 147 -0.75 3.08 12.16
CA ALA A 147 -0.11 3.99 13.11
C ALA A 147 -1.06 4.45 14.21
N VAL A 148 -2.35 4.66 13.92
CA VAL A 148 -3.31 5.09 14.96
C VAL A 148 -4.09 3.90 15.52
N GLU A 149 -4.25 2.80 14.77
CA GLU A 149 -5.00 1.65 15.23
C GLU A 149 -4.20 0.84 16.23
N ILE A 150 -2.87 0.70 16.08
CA ILE A 150 -2.09 -0.06 17.05
C ILE A 150 -2.24 0.56 18.45
N PRO A 151 -1.93 1.85 18.68
CA PRO A 151 -2.06 2.43 20.00
C PRO A 151 -3.51 2.51 20.47
N ASP A 152 -4.50 2.66 19.58
CA ASP A 152 -5.90 2.73 20.00
C ASP A 152 -6.40 1.35 20.41
N LEU A 153 -6.19 0.33 19.57
CA LEU A 153 -6.66 -1.03 19.86
C LEU A 153 -5.94 -1.58 21.09
N ILE A 154 -4.70 -1.17 21.35
CA ILE A 154 -3.95 -1.62 22.51
C ILE A 154 -4.53 -0.94 23.77
N GLN A 155 -4.72 0.39 23.76
CA GLN A 155 -5.28 1.09 24.94
C GLN A 155 -6.72 0.64 25.23
N LYS A 156 -7.48 0.26 24.20
CA LYS A 156 -8.85 -0.21 24.29
C LYS A 156 -8.91 -1.68 24.71
N GLY A 157 -7.86 -2.46 24.42
CA GLY A 157 -7.79 -3.87 24.77
C GLY A 157 -8.56 -4.70 23.75
N VAL A 158 -8.09 -4.69 22.50
CA VAL A 158 -8.67 -5.42 21.39
C VAL A 158 -7.57 -6.29 20.80
N ILE A 159 -6.43 -5.69 20.46
CA ILE A 159 -5.26 -6.35 19.90
C ILE A 159 -4.30 -6.60 21.06
N GLN A 160 -3.59 -7.71 20.95
CA GLN A 160 -2.59 -8.17 21.86
C GLN A 160 -1.44 -8.72 21.02
N HIS A 161 -0.25 -8.82 21.59
CA HIS A 161 0.90 -9.37 20.89
C HIS A 161 0.72 -10.89 20.76
N LYS A 162 1.50 -11.55 19.90
CA LYS A 162 1.42 -13.00 19.73
C LYS A 162 2.74 -13.69 20.09
N GLU A 163 3.70 -12.96 20.68
CA GLU A 163 5.00 -13.49 21.08
C GLU A 163 4.89 -14.80 21.86
N LYS A 164 4.00 -14.82 22.86
CA LYS A 164 3.72 -15.95 23.76
C LYS A 164 3.41 -17.24 23.03
N CYS A 165 3.10 -17.23 21.73
CA CYS A 165 2.84 -18.48 21.02
C CYS A 165 4.10 -19.35 21.10
N ASN A 166 5.29 -18.75 20.97
CA ASN A 166 6.57 -19.47 21.01
C ASN A 166 7.57 -18.90 22.02
N GLN A 167 7.41 -17.66 22.48
CA GLN A 167 8.29 -17.02 23.43
C GLN A 167 7.44 -16.46 24.56
N GLY B 1 15.34 11.80 -20.71
CA GLY B 1 15.14 12.37 -19.38
C GLY B 1 13.90 11.78 -18.74
N MET B 2 13.85 11.73 -17.42
CA MET B 2 12.76 11.19 -16.62
C MET B 2 12.29 12.21 -15.58
N SER B 3 13.19 12.77 -14.77
CA SER B 3 12.86 13.76 -13.76
C SER B 3 12.88 15.13 -14.41
N VAL B 4 11.77 15.86 -14.38
CA VAL B 4 11.64 17.19 -14.98
C VAL B 4 11.13 18.19 -13.94
N THR B 5 10.19 17.78 -13.08
CA THR B 5 9.63 18.65 -12.05
C THR B 5 9.64 17.97 -10.68
N GLU B 6 9.22 16.71 -10.65
CA GLU B 6 9.13 15.86 -9.48
C GLU B 6 9.76 14.51 -9.86
N LEU B 7 9.56 13.49 -9.01
CA LEU B 7 10.08 12.15 -9.26
C LEU B 7 9.40 11.53 -10.49
N THR B 8 9.74 10.30 -10.83
CA THR B 8 9.19 9.54 -11.94
C THR B 8 9.59 8.09 -11.74
N VAL B 9 8.71 7.15 -12.13
CA VAL B 9 8.93 5.72 -12.05
C VAL B 9 10.23 5.37 -12.80
N GLU B 10 10.85 4.26 -12.45
CA GLU B 10 12.10 3.82 -13.06
C GLU B 10 11.86 3.14 -14.42
N ASP B 11 10.95 3.68 -15.22
CA ASP B 11 10.61 3.13 -16.54
C ASP B 11 11.85 3.21 -17.44
N SER B 12 12.72 2.19 -17.34
CA SER B 12 13.97 2.07 -18.05
C SER B 12 14.02 0.72 -18.79
N GLY B 13 13.04 0.49 -19.65
CA GLY B 13 12.92 -0.71 -20.46
C GLY B 13 12.74 -2.03 -19.71
N GLU B 14 12.52 -2.05 -18.40
CA GLU B 14 12.33 -3.31 -17.66
C GLU B 14 11.04 -3.97 -18.14
N SER B 15 10.82 -5.24 -17.80
CA SER B 15 9.62 -5.97 -18.20
C SER B 15 8.79 -6.31 -16.97
N LEU B 16 7.47 -6.41 -17.16
CA LEU B 16 6.50 -6.71 -16.11
C LEU B 16 6.83 -7.97 -15.30
N GLU B 17 7.13 -9.06 -16.00
CA GLU B 17 7.46 -10.34 -15.35
C GLU B 17 8.65 -10.18 -14.43
N ASP B 18 9.65 -9.43 -14.89
CA ASP B 18 10.86 -9.19 -14.11
C ASP B 18 10.50 -8.36 -12.89
N LEU B 19 9.72 -7.27 -13.08
CA LEU B 19 9.24 -6.37 -12.04
C LEU B 19 8.52 -7.16 -10.95
N MET B 20 7.42 -7.83 -11.28
CA MET B 20 6.67 -8.61 -10.29
C MET B 20 7.48 -9.76 -9.69
N ALA B 21 8.44 -10.36 -10.43
CA ALA B 21 9.24 -11.44 -9.90
C ALA B 21 10.14 -10.87 -8.81
N LYS B 22 10.89 -9.78 -9.07
CA LYS B 22 11.74 -9.22 -8.01
C LYS B 22 10.87 -8.81 -6.83
N MET B 23 9.68 -8.23 -7.10
CA MET B 23 8.77 -7.78 -6.06
C MET B 23 8.47 -8.92 -5.10
N LYS B 24 7.95 -10.04 -5.60
CA LYS B 24 7.62 -11.16 -4.73
C LYS B 24 8.85 -11.86 -4.16
N ASN B 25 9.92 -11.97 -4.96
CA ASN B 25 11.15 -12.61 -4.51
C ASN B 25 11.72 -11.90 -3.28
N MET B 26 11.46 -10.60 -3.09
CA MET B 26 11.93 -9.88 -1.90
C MET B 26 11.42 -10.50 -0.61
N TRP B 27 10.13 -10.87 -0.62
CA TRP B 27 9.38 -11.48 0.48
C TRP B 27 9.23 -10.47 1.64
#